data_8RKZ
#
_entry.id   8RKZ
#
_cell.length_a   81.340
_cell.length_b   218.350
_cell.length_c   101.590
_cell.angle_alpha   90.000
_cell.angle_beta   102.410
_cell.angle_gamma   90.000
#
_symmetry.space_group_name_H-M   'P 1 21 1'
#
loop_
_entity.id
_entity.type
_entity.pdbx_description
1 polymer 'Isochorismatase family'
2 water water
#
_entity_poly.entity_id   1
_entity_poly.type   'polypeptide(L)'
_entity_poly.pdbx_seq_one_letter_code
;MGLSTATKRLGHLLPQSSILFVCDVQEVFRGLTFQLPTVIHSTNTMVSAAKLLNLPVVVTTQYGSRLGSTVSEISKNLEN
VNDVKIFDKMKFSMLVPEVEHHLTSNMPQRKSVLLCGIETHVCVLQTCLDLLDKGYDVHVVSDAVSSSTSYNRSMALERM
RQSGAYITSVESAIFQLANDASNPEFKIISKLIKEHLKVGNGFDTGALI
;
_entity_poly.pdbx_strand_id   G,H,L,M,D,J,I,K,A,P,O,N,B,C,F,E
#
# COMPACT_ATOMS: atom_id res chain seq x y z
N LYS A 8 -37.27 17.77 -15.93
CA LYS A 8 -35.83 18.06 -15.86
C LYS A 8 -35.51 19.38 -16.55
N ARG A 9 -34.59 20.15 -15.95
CA ARG A 9 -34.11 21.41 -16.51
C ARG A 9 -32.59 21.31 -16.61
N LEU A 10 -32.10 20.71 -17.70
CA LEU A 10 -30.68 20.46 -17.85
C LEU A 10 -29.98 21.44 -18.78
N GLY A 11 -30.66 21.86 -19.85
CA GLY A 11 -30.04 22.79 -20.77
C GLY A 11 -28.87 22.21 -21.53
N HIS A 12 -28.99 20.97 -22.02
CA HIS A 12 -28.01 20.43 -22.93
C HIS A 12 -28.00 21.24 -24.22
N LEU A 13 -26.84 21.29 -24.87
CA LEU A 13 -26.66 22.06 -26.10
C LEU A 13 -26.14 21.14 -27.19
N LEU A 14 -26.89 21.02 -28.28
CA LEU A 14 -26.50 20.25 -29.44
C LEU A 14 -26.42 21.15 -30.66
N PRO A 15 -25.37 21.02 -31.48
CA PRO A 15 -25.24 21.93 -32.63
C PRO A 15 -26.41 21.88 -33.58
N GLN A 16 -27.00 20.72 -33.81
CA GLN A 16 -28.09 20.60 -34.75
C GLN A 16 -29.43 21.08 -34.19
N SER A 17 -29.49 21.37 -32.89
CA SER A 17 -30.73 21.81 -32.24
C SER A 17 -30.62 23.25 -31.74
N SER A 18 -29.62 23.99 -32.17
CA SER A 18 -29.30 25.28 -31.56
C SER A 18 -29.22 26.37 -32.62
N ILE A 19 -29.45 27.61 -32.17
CA ILE A 19 -29.39 28.77 -33.04
C ILE A 19 -28.92 29.95 -32.20
N LEU A 20 -28.14 30.84 -32.84
CA LEU A 20 -27.58 32.00 -32.17
C LEU A 20 -28.44 33.23 -32.43
N PHE A 21 -28.77 33.96 -31.36
CA PHE A 21 -29.51 35.21 -31.43
C PHE A 21 -28.61 36.36 -31.01
N VAL A 22 -28.51 37.38 -31.85
CA VAL A 22 -27.75 38.58 -31.56
C VAL A 22 -28.72 39.75 -31.57
N CYS A 23 -28.88 40.41 -30.42
CA CYS A 23 -29.93 41.39 -30.24
C CYS A 23 -29.35 42.81 -30.20
N ASP A 24 -29.74 43.62 -31.18
CA ASP A 24 -29.71 45.09 -31.12
C ASP A 24 -28.34 45.66 -30.77
N VAL A 25 -27.28 45.08 -31.33
CA VAL A 25 -25.92 45.60 -31.09
C VAL A 25 -25.68 46.67 -32.14
N GLN A 26 -26.13 47.89 -31.83
CA GLN A 26 -26.07 49.02 -32.73
C GLN A 26 -24.89 49.93 -32.38
N GLU A 27 -24.61 50.87 -33.28
CA GLU A 27 -23.50 51.81 -33.09
C GLU A 27 -23.83 52.95 -32.14
N VAL A 28 -25.12 53.26 -31.96
CA VAL A 28 -25.49 54.36 -31.06
C VAL A 28 -25.16 54.00 -29.62
N PHE A 29 -25.32 52.73 -29.25
CA PHE A 29 -25.07 52.27 -27.91
C PHE A 29 -23.57 52.07 -27.63
N ARG A 30 -22.71 52.47 -28.56
CA ARG A 30 -21.28 52.50 -28.30
C ARG A 30 -20.95 53.70 -27.40
N GLY A 31 -20.18 53.44 -26.35
CA GLY A 31 -19.86 54.47 -25.39
C GLY A 31 -20.89 54.67 -24.30
N LEU A 32 -22.02 53.96 -24.35
CA LEU A 32 -23.01 54.02 -23.30
C LEU A 32 -23.24 52.69 -22.60
N THR A 33 -22.96 51.57 -23.24
CA THR A 33 -23.17 50.26 -22.64
C THR A 33 -22.01 49.89 -21.73
N PHE A 34 -22.33 49.38 -20.55
CA PHE A 34 -21.32 48.93 -19.60
C PHE A 34 -20.52 47.77 -20.18
N GLN A 35 -19.20 47.95 -20.26
CA GLN A 35 -18.27 46.93 -20.78
C GLN A 35 -18.62 46.51 -22.20
N LEU A 36 -18.96 47.49 -23.05
CA LEU A 36 -19.29 47.16 -24.43
C LEU A 36 -18.19 46.42 -25.19
N PRO A 37 -16.90 46.76 -25.07
CA PRO A 37 -15.88 45.99 -25.80
C PRO A 37 -15.92 44.50 -25.51
N THR A 38 -16.20 44.12 -24.26
CA THR A 38 -16.36 42.71 -23.93
C THR A 38 -17.59 42.13 -24.59
N VAL A 39 -18.70 42.87 -24.60
CA VAL A 39 -19.91 42.41 -25.26
C VAL A 39 -19.64 42.16 -26.74
N ILE A 40 -18.96 43.09 -27.40
CA ILE A 40 -18.70 42.95 -28.83
C ILE A 40 -17.75 41.80 -29.10
N HIS A 41 -16.66 41.71 -28.34
CA HIS A 41 -15.68 40.64 -28.54
C HIS A 41 -16.30 39.27 -28.28
N SER A 42 -17.10 39.17 -27.21
CA SER A 42 -17.74 37.89 -26.89
C SER A 42 -18.76 37.49 -27.95
N THR A 43 -19.55 38.46 -28.44
CA THR A 43 -20.55 38.14 -29.45
C THR A 43 -19.89 37.66 -30.73
N ASN A 44 -18.75 38.27 -31.11
CA ASN A 44 -18.04 37.82 -32.30
C ASN A 44 -17.48 36.41 -32.12
N THR A 45 -17.05 36.06 -30.92
CA THR A 45 -16.64 34.68 -30.66
C THR A 45 -17.80 33.72 -30.86
N MET A 46 -18.99 34.09 -30.38
CA MET A 46 -20.17 33.27 -30.62
C MET A 46 -20.46 33.14 -32.11
N VAL A 47 -20.39 34.25 -32.84
CA VAL A 47 -20.65 34.21 -34.28
C VAL A 47 -19.64 33.34 -34.99
N SER A 48 -18.35 33.48 -34.62
CA SER A 48 -17.32 32.64 -35.22
C SER A 48 -17.54 31.18 -34.87
N ALA A 49 -18.02 30.91 -33.66
CA ALA A 49 -18.40 29.56 -33.29
C ALA A 49 -19.58 29.06 -34.12
N ALA A 50 -20.53 29.96 -34.43
CA ALA A 50 -21.70 29.56 -35.21
C ALA A 50 -21.30 29.03 -36.57
N LYS A 51 -20.27 29.62 -37.19
CA LYS A 51 -19.76 29.10 -38.45
C LYS A 51 -19.17 27.71 -38.26
N LEU A 52 -18.37 27.53 -37.21
CA LEU A 52 -17.59 26.31 -37.04
C LEU A 52 -18.49 25.11 -36.76
N LEU A 53 -19.63 25.30 -36.11
CA LEU A 53 -20.57 24.22 -35.85
C LEU A 53 -21.87 24.36 -36.65
N ASN A 54 -21.86 25.18 -37.71
CA ASN A 54 -23.01 25.32 -38.62
C ASN A 54 -24.28 25.74 -37.88
N LEU A 55 -24.16 26.73 -37.01
CA LEU A 55 -25.33 27.26 -36.32
C LEU A 55 -25.96 28.38 -37.15
N PRO A 56 -27.28 28.38 -37.33
CA PRO A 56 -27.94 29.56 -37.90
C PRO A 56 -27.88 30.74 -36.93
N VAL A 57 -27.78 31.94 -37.49
CA VAL A 57 -27.70 33.17 -36.71
C VAL A 57 -28.89 34.04 -37.07
N VAL A 58 -29.60 34.54 -36.05
CA VAL A 58 -30.66 35.52 -36.22
C VAL A 58 -30.17 36.82 -35.61
N VAL A 59 -30.04 37.86 -36.44
CA VAL A 59 -29.56 39.15 -36.00
C VAL A 59 -30.71 40.15 -36.13
N THR A 60 -30.79 41.07 -35.18
CA THR A 60 -31.92 41.98 -35.09
C THR A 60 -31.42 43.39 -34.83
N THR A 61 -32.15 44.37 -35.36
CA THR A 61 -31.88 45.78 -35.11
C THR A 61 -33.15 46.44 -34.62
N GLN A 62 -33.00 47.37 -33.68
CA GLN A 62 -34.11 48.13 -33.11
C GLN A 62 -34.09 49.55 -33.66
N TYR A 63 -35.15 49.93 -34.37
CA TYR A 63 -35.28 51.25 -34.99
C TYR A 63 -33.98 51.64 -35.70
N GLY A 64 -33.58 50.82 -36.67
CA GLY A 64 -32.31 51.00 -37.35
C GLY A 64 -32.18 52.33 -38.08
N SER A 65 -33.30 52.98 -38.39
CA SER A 65 -33.24 54.25 -39.10
C SER A 65 -32.57 55.33 -38.26
N ARG A 66 -33.01 55.51 -37.01
CA ARG A 66 -32.49 56.55 -36.15
C ARG A 66 -31.50 56.03 -35.11
N LEU A 67 -31.17 54.74 -35.14
CA LEU A 67 -30.23 54.14 -34.21
C LEU A 67 -29.10 53.39 -34.89
N GLY A 68 -29.06 53.36 -36.23
CA GLY A 68 -27.97 52.73 -36.95
C GLY A 68 -28.16 51.23 -37.11
N SER A 69 -27.14 50.62 -37.73
CA SER A 69 -27.13 49.19 -38.00
C SER A 69 -26.19 48.48 -37.02
N THR A 70 -26.02 47.17 -37.22
CA THR A 70 -25.11 46.40 -36.39
C THR A 70 -23.69 46.94 -36.54
N VAL A 71 -22.94 46.95 -35.44
CA VAL A 71 -21.60 47.50 -35.46
C VAL A 71 -20.72 46.70 -36.42
N SER A 72 -19.75 47.39 -37.02
CA SER A 72 -18.97 46.80 -38.10
C SER A 72 -18.16 45.60 -37.65
N GLU A 73 -17.81 45.50 -36.37
CA GLU A 73 -17.03 44.37 -35.88
C GLU A 73 -17.76 43.05 -36.11
N ILE A 74 -19.06 43.02 -35.78
CA ILE A 74 -19.83 41.80 -36.00
C ILE A 74 -20.31 41.70 -37.44
N SER A 75 -20.58 42.83 -38.10
CA SER A 75 -21.10 42.78 -39.47
C SER A 75 -20.11 42.12 -40.43
N LYS A 76 -18.82 42.45 -40.30
CA LYS A 76 -17.81 41.78 -41.12
C LYS A 76 -17.72 40.29 -40.78
N ASN A 77 -17.88 39.94 -39.51
CA ASN A 77 -17.83 38.53 -39.11
C ASN A 77 -19.02 37.76 -39.67
N LEU A 78 -20.17 38.41 -39.83
CA LEU A 78 -21.39 37.74 -40.26
C LEU A 78 -21.43 37.46 -41.76
N GLU A 79 -20.52 38.04 -42.54
CA GLU A 79 -20.56 37.83 -43.99
C GLU A 79 -20.29 36.37 -44.35
N ASN A 80 -19.38 35.73 -43.62
CA ASN A 80 -18.98 34.36 -43.95
C ASN A 80 -20.06 33.36 -43.56
N VAL A 81 -20.84 33.66 -42.51
CA VAL A 81 -21.77 32.66 -41.96
C VAL A 81 -22.77 32.23 -43.01
N ASN A 82 -23.03 30.92 -43.08
CA ASN A 82 -23.85 30.36 -44.15
C ASN A 82 -25.31 30.77 -44.03
N ASP A 83 -25.86 30.75 -42.82
CA ASP A 83 -27.29 30.96 -42.59
C ASP A 83 -27.47 32.13 -41.63
N VAL A 84 -27.60 33.34 -42.18
CA VAL A 84 -27.89 34.54 -41.39
C VAL A 84 -29.09 35.25 -42.01
N LYS A 85 -30.03 35.66 -41.16
CA LYS A 85 -31.13 36.53 -41.57
C LYS A 85 -31.22 37.67 -40.57
N ILE A 86 -31.18 38.90 -41.08
CA ILE A 86 -31.20 40.10 -40.26
C ILE A 86 -32.60 40.69 -40.29
N PHE A 87 -33.16 40.96 -39.11
CA PHE A 87 -34.51 41.48 -38.98
C PHE A 87 -34.46 42.88 -38.38
N ASP A 88 -35.09 43.83 -39.06
CA ASP A 88 -35.33 45.16 -38.50
C ASP A 88 -36.67 45.15 -37.79
N LYS A 89 -36.66 45.47 -36.50
CA LYS A 89 -37.86 45.38 -35.67
C LYS A 89 -38.01 46.66 -34.86
N MET A 90 -39.20 46.84 -34.29
CA MET A 90 -39.39 47.85 -33.26
C MET A 90 -40.05 47.32 -31.99
N LYS A 91 -40.58 46.09 -32.00
CA LYS A 91 -40.85 45.42 -30.74
C LYS A 91 -39.55 45.21 -29.99
N PHE A 92 -39.57 45.40 -28.67
CA PHE A 92 -38.36 45.17 -27.89
C PHE A 92 -37.93 43.70 -27.98
N SER A 93 -38.89 42.79 -27.89
CA SER A 93 -38.56 41.37 -28.03
C SER A 93 -38.18 41.05 -29.48
N MET A 94 -37.23 40.13 -29.63
CA MET A 94 -36.84 39.69 -30.97
C MET A 94 -37.89 38.82 -31.61
N LEU A 95 -38.80 38.26 -30.83
CA LEU A 95 -39.76 37.27 -31.33
C LEU A 95 -40.96 37.96 -31.99
N VAL A 96 -40.65 38.70 -33.06
CA VAL A 96 -41.66 39.29 -33.93
C VAL A 96 -42.23 38.18 -34.80
N PRO A 97 -43.44 38.34 -35.37
CA PRO A 97 -44.00 37.27 -36.20
C PRO A 97 -43.08 36.85 -37.34
N GLU A 98 -42.26 37.76 -37.85
CA GLU A 98 -41.33 37.40 -38.93
C GLU A 98 -40.25 36.45 -38.43
N VAL A 99 -39.66 36.75 -37.27
CA VAL A 99 -38.65 35.88 -36.69
C VAL A 99 -39.28 34.53 -36.33
N GLU A 100 -40.47 34.55 -35.72
CA GLU A 100 -41.14 33.32 -35.35
C GLU A 100 -41.39 32.45 -36.57
N HIS A 101 -41.83 33.06 -37.68
CA HIS A 101 -42.03 32.30 -38.90
C HIS A 101 -40.71 31.72 -39.41
N HIS A 102 -39.63 32.50 -39.33
CA HIS A 102 -38.32 32.00 -39.73
C HIS A 102 -37.98 30.73 -38.94
N LEU A 103 -38.18 30.77 -37.62
CA LEU A 103 -37.83 29.63 -36.79
C LEU A 103 -38.74 28.43 -37.06
N THR A 104 -40.03 28.67 -37.26
CA THR A 104 -41.00 27.59 -37.43
C THR A 104 -40.93 26.99 -38.83
N SER A 105 -40.71 27.81 -39.85
CA SER A 105 -40.75 27.37 -41.24
C SER A 105 -39.44 26.76 -41.72
N ASN A 106 -38.30 27.27 -41.24
CA ASN A 106 -37.01 26.85 -41.76
C ASN A 106 -36.18 26.02 -40.78
N MET A 107 -36.44 26.11 -39.49
CA MET A 107 -35.67 25.31 -38.54
C MET A 107 -36.52 24.90 -37.33
N PRO A 108 -37.61 24.14 -37.54
CA PRO A 108 -38.48 23.80 -36.40
C PRO A 108 -37.81 22.87 -35.40
N GLN A 109 -36.75 22.17 -35.77
CA GLN A 109 -36.10 21.23 -34.86
C GLN A 109 -35.13 21.89 -33.90
N ARG A 110 -34.84 23.19 -34.07
CA ARG A 110 -33.90 23.90 -33.20
C ARG A 110 -34.69 24.59 -32.10
N LYS A 111 -34.66 24.01 -30.90
CA LYS A 111 -35.36 24.56 -29.74
C LYS A 111 -34.42 25.15 -28.71
N SER A 112 -33.13 25.28 -29.02
CA SER A 112 -32.14 25.87 -28.12
C SER A 112 -31.64 27.18 -28.74
N VAL A 113 -31.77 28.28 -28.00
CA VAL A 113 -31.37 29.59 -28.47
C VAL A 113 -30.25 30.11 -27.58
N LEU A 114 -29.10 30.41 -28.19
CA LEU A 114 -28.00 31.09 -27.52
C LEU A 114 -28.19 32.59 -27.72
N LEU A 115 -28.39 33.32 -26.61
CA LEU A 115 -28.84 34.70 -26.66
C LEU A 115 -27.70 35.65 -26.28
N CYS A 116 -27.31 36.50 -27.22
CA CYS A 116 -26.34 37.57 -26.99
C CYS A 116 -26.97 38.91 -27.36
N GLY A 117 -26.36 39.98 -26.89
CA GLY A 117 -26.73 41.33 -27.30
C GLY A 117 -27.08 42.22 -26.11
N ILE A 118 -27.64 43.37 -26.45
CA ILE A 118 -27.98 44.40 -25.46
C ILE A 118 -29.34 44.97 -25.84
N GLU A 119 -30.08 45.48 -24.86
CA GLU A 119 -29.74 45.60 -23.43
C GLU A 119 -30.26 44.39 -22.65
N THR A 120 -29.50 43.97 -21.63
CA THR A 120 -29.85 42.78 -20.86
C THR A 120 -31.29 42.86 -20.38
N HIS A 121 -31.71 44.03 -19.91
CA HIS A 121 -32.98 44.16 -19.21
C HIS A 121 -34.09 44.67 -20.12
N VAL A 122 -33.83 44.89 -21.41
CA VAL A 122 -34.90 45.33 -22.31
C VAL A 122 -35.14 44.35 -23.44
N CYS A 123 -34.23 44.30 -24.43
CA CYS A 123 -34.48 43.44 -25.58
C CYS A 123 -34.13 41.98 -25.26
N VAL A 124 -33.00 41.77 -24.58
CA VAL A 124 -32.61 40.41 -24.22
C VAL A 124 -33.67 39.78 -23.34
N LEU A 125 -34.08 40.49 -22.28
CA LEU A 125 -35.04 39.93 -21.33
C LEU A 125 -36.37 39.61 -22.02
N GLN A 126 -36.88 40.53 -22.84
CA GLN A 126 -38.18 40.32 -23.45
C GLN A 126 -38.13 39.23 -24.51
N THR A 127 -37.03 39.17 -25.28
CA THR A 127 -36.82 38.04 -26.17
C THR A 127 -36.83 36.73 -25.39
N CYS A 128 -36.13 36.70 -24.26
CA CYS A 128 -36.02 35.49 -23.45
C CYS A 128 -37.39 35.00 -23.00
N LEU A 129 -38.20 35.89 -22.43
CA LEU A 129 -39.51 35.49 -21.92
C LEU A 129 -40.42 34.99 -23.04
N ASP A 130 -40.39 35.65 -24.20
CA ASP A 130 -41.19 35.19 -25.33
C ASP A 130 -40.70 33.84 -25.84
N LEU A 131 -39.37 33.65 -25.87
CA LEU A 131 -38.84 32.35 -26.26
C LEU A 131 -39.25 31.26 -25.28
N LEU A 132 -39.18 31.56 -23.98
CA LEU A 132 -39.64 30.59 -22.99
C LEU A 132 -41.12 30.29 -23.14
N ASP A 133 -41.91 31.33 -23.44
CA ASP A 133 -43.36 31.16 -23.62
C ASP A 133 -43.66 30.18 -24.75
N LYS A 134 -42.84 30.19 -25.80
CA LYS A 134 -43.06 29.34 -26.97
C LYS A 134 -42.41 27.97 -26.82
N GLY A 135 -41.86 27.65 -25.66
CA GLY A 135 -41.32 26.33 -25.41
C GLY A 135 -39.87 26.14 -25.77
N TYR A 136 -39.11 27.22 -25.95
CA TYR A 136 -37.70 27.14 -26.27
C TYR A 136 -36.85 27.10 -24.99
N ASP A 137 -35.68 26.50 -25.10
CA ASP A 137 -34.64 26.63 -24.08
C ASP A 137 -33.84 27.89 -24.38
N VAL A 138 -33.74 28.79 -23.42
CA VAL A 138 -33.00 30.04 -23.60
C VAL A 138 -31.68 29.95 -22.83
N HIS A 139 -30.58 30.16 -23.54
CA HIS A 139 -29.24 30.15 -22.97
C HIS A 139 -28.69 31.56 -23.11
N VAL A 140 -28.66 32.30 -22.01
CA VAL A 140 -28.14 33.66 -22.01
C VAL A 140 -26.63 33.59 -21.88
N VAL A 141 -25.92 34.13 -22.87
CA VAL A 141 -24.47 34.16 -22.84
C VAL A 141 -24.05 35.36 -22.01
N SER A 142 -23.84 35.14 -20.70
CA SER A 142 -23.61 36.25 -19.78
C SER A 142 -22.38 37.07 -20.16
N ASP A 143 -21.41 36.43 -20.83
CA ASP A 143 -20.24 37.15 -21.36
C ASP A 143 -20.62 38.20 -22.38
N ALA A 144 -21.74 38.03 -23.06
CA ALA A 144 -22.04 38.80 -24.26
C ALA A 144 -23.33 39.62 -24.14
N VAL A 145 -23.77 39.92 -22.92
CA VAL A 145 -24.93 40.76 -22.69
C VAL A 145 -24.54 41.85 -21.69
N SER A 146 -25.10 43.05 -21.86
CA SER A 146 -24.88 44.11 -20.90
C SER A 146 -25.94 45.18 -21.09
N SER A 147 -25.91 46.19 -20.21
CA SER A 147 -26.89 47.26 -20.21
C SER A 147 -26.16 48.59 -20.04
N SER A 148 -26.94 49.67 -19.99
CA SER A 148 -26.38 50.98 -19.68
C SER A 148 -25.72 51.00 -18.31
N THR A 149 -26.25 50.25 -17.34
CA THR A 149 -25.66 50.14 -16.02
C THR A 149 -25.41 48.67 -15.68
N SER A 150 -24.40 48.44 -14.83
CA SER A 150 -24.13 47.10 -14.35
C SER A 150 -25.26 46.57 -13.47
N TYR A 151 -25.94 47.45 -12.75
CA TYR A 151 -27.06 47.02 -11.93
C TYR A 151 -28.13 46.33 -12.77
N ASN A 152 -28.53 46.95 -13.88
CA ASN A 152 -29.57 46.37 -14.72
C ASN A 152 -29.11 45.11 -15.45
N ARG A 153 -27.80 44.95 -15.67
CA ARG A 153 -27.31 43.71 -16.25
C ARG A 153 -27.41 42.54 -15.26
N SER A 154 -26.91 42.74 -14.03
CA SER A 154 -26.96 41.68 -13.04
C SER A 154 -28.41 41.35 -12.67
N MET A 155 -29.26 42.37 -12.56
CA MET A 155 -30.68 42.14 -12.28
C MET A 155 -31.32 41.30 -13.37
N ALA A 156 -31.04 41.62 -14.64
CA ALA A 156 -31.70 40.93 -15.74
C ALA A 156 -31.26 39.47 -15.83
N LEU A 157 -29.98 39.20 -15.56
CA LEU A 157 -29.52 37.81 -15.57
C LEU A 157 -30.30 36.98 -14.57
N GLU A 158 -30.45 37.48 -13.34
CA GLU A 158 -31.19 36.73 -12.33
C GLU A 158 -32.69 36.72 -12.60
N ARG A 159 -33.22 37.80 -13.18
CA ARG A 159 -34.64 37.82 -13.53
C ARG A 159 -34.94 36.81 -14.62
N MET A 160 -34.06 36.68 -15.61
CA MET A 160 -34.21 35.63 -16.63
C MET A 160 -34.02 34.24 -16.02
N ARG A 161 -33.08 34.10 -15.07
CA ARG A 161 -32.84 32.78 -14.47
C ARG A 161 -34.08 32.26 -13.75
N GLN A 162 -34.74 33.12 -12.98
CA GLN A 162 -35.88 32.68 -12.18
C GLN A 162 -37.07 32.30 -13.05
N SER A 163 -37.04 32.63 -14.34
CA SER A 163 -38.07 32.22 -15.29
C SER A 163 -37.69 30.96 -16.05
N GLY A 164 -36.50 30.42 -15.83
CA GLY A 164 -36.07 29.17 -16.46
C GLY A 164 -34.92 29.29 -17.42
N ALA A 165 -34.39 30.48 -17.65
CA ALA A 165 -33.29 30.66 -18.60
C ALA A 165 -31.98 30.16 -18.01
N TYR A 166 -31.20 29.45 -18.82
CA TYR A 166 -29.87 28.98 -18.42
C TYR A 166 -28.85 30.08 -18.68
N ILE A 167 -28.10 30.47 -17.65
CA ILE A 167 -27.10 31.52 -17.78
C ILE A 167 -25.73 30.89 -17.90
N THR A 168 -25.18 31.00 -19.10
CA THR A 168 -23.92 30.37 -19.48
C THR A 168 -22.92 31.46 -19.82
N SER A 169 -21.79 31.05 -20.37
CA SER A 169 -20.75 31.95 -20.83
C SER A 169 -20.31 31.52 -22.21
N VAL A 170 -19.51 32.39 -22.85
CA VAL A 170 -19.02 32.08 -24.19
C VAL A 170 -18.31 30.73 -24.20
N GLU A 171 -17.34 30.55 -23.29
CA GLU A 171 -16.57 29.31 -23.27
C GLU A 171 -17.46 28.11 -22.91
N SER A 172 -18.30 28.27 -21.90
CA SER A 172 -19.11 27.14 -21.44
C SER A 172 -20.11 26.70 -22.50
N ALA A 173 -20.75 27.66 -23.18
CA ALA A 173 -21.68 27.31 -24.24
C ALA A 173 -20.96 26.61 -25.39
N ILE A 174 -19.78 27.10 -25.77
CA ILE A 174 -19.10 26.57 -26.95
C ILE A 174 -18.58 25.16 -26.67
N PHE A 175 -18.00 24.93 -25.50
CA PHE A 175 -17.57 23.57 -25.16
C PHE A 175 -18.77 22.65 -24.96
N GLN A 176 -19.91 23.21 -24.54
CA GLN A 176 -21.12 22.39 -24.49
C GLN A 176 -21.51 21.91 -25.88
N LEU A 177 -21.42 22.79 -26.87
CA LEU A 177 -21.75 22.40 -28.25
C LEU A 177 -20.69 21.49 -28.84
N ALA A 178 -19.44 21.58 -28.37
CA ALA A 178 -18.39 20.73 -28.92
C ALA A 178 -18.51 19.30 -28.39
N ASN A 179 -18.56 19.15 -27.07
CA ASN A 179 -18.96 17.93 -26.37
C ASN A 179 -17.89 16.82 -26.40
N ASP A 180 -16.86 16.97 -27.24
CA ASP A 180 -15.87 15.90 -27.39
C ASP A 180 -14.65 16.45 -28.12
N ALA A 181 -13.49 16.35 -27.48
CA ALA A 181 -12.25 16.82 -28.08
C ALA A 181 -11.80 15.96 -29.25
N SER A 182 -12.37 14.76 -29.40
CA SER A 182 -12.03 13.88 -30.51
C SER A 182 -12.87 14.15 -31.75
N ASN A 183 -13.80 15.12 -31.69
CA ASN A 183 -14.58 15.49 -32.86
C ASN A 183 -13.68 16.17 -33.89
N PRO A 184 -14.07 16.15 -35.16
CA PRO A 184 -13.23 16.77 -36.21
C PRO A 184 -13.06 18.26 -36.04
N GLU A 185 -13.99 18.95 -35.37
CA GLU A 185 -13.95 20.39 -35.25
C GLU A 185 -13.19 20.88 -34.02
N PHE A 186 -12.72 19.99 -33.15
CA PHE A 186 -12.17 20.45 -31.88
C PHE A 186 -10.93 21.31 -32.08
N LYS A 187 -10.07 20.93 -33.04
CA LYS A 187 -8.81 21.65 -33.26
C LYS A 187 -9.07 23.12 -33.58
N ILE A 188 -10.02 23.39 -34.47
CA ILE A 188 -10.32 24.78 -34.81
C ILE A 188 -11.14 25.45 -33.71
N ILE A 189 -11.92 24.69 -32.95
CA ILE A 189 -12.60 25.25 -31.77
C ILE A 189 -11.57 25.76 -30.77
N SER A 190 -10.50 24.97 -30.53
CA SER A 190 -9.48 25.36 -29.57
C SER A 190 -8.78 26.64 -29.99
N LYS A 191 -8.49 26.76 -31.29
CA LYS A 191 -7.87 27.99 -31.78
C LYS A 191 -8.74 29.20 -31.51
N LEU A 192 -10.05 29.07 -31.74
CA LEU A 192 -10.96 30.18 -31.47
C LEU A 192 -11.01 30.50 -29.98
N ILE A 193 -11.02 29.46 -29.13
CA ILE A 193 -11.01 29.69 -27.69
C ILE A 193 -9.69 30.33 -27.25
N LYS A 194 -8.57 29.85 -27.78
CA LYS A 194 -7.27 30.43 -27.44
C LYS A 194 -7.21 31.90 -27.86
N GLU A 195 -7.70 32.22 -29.05
CA GLU A 195 -7.71 33.61 -29.49
C GLU A 195 -8.67 34.44 -28.65
N HIS A 196 -9.79 33.85 -28.24
CA HIS A 196 -10.75 34.56 -27.40
C HIS A 196 -10.17 34.88 -26.03
N LEU A 197 -9.27 34.03 -25.54
CA LEU A 197 -8.64 34.25 -24.23
C LEU A 197 -7.56 35.30 -24.24
N LYS A 198 -7.11 35.75 -25.43
CA LYS A 198 -6.09 36.78 -25.49
C LYS A 198 -6.60 38.16 -25.10
N VAL A 199 -7.91 38.32 -24.94
CA VAL A 199 -8.51 39.57 -24.49
C VAL A 199 -9.20 39.30 -23.16
N GLY A 200 -9.00 40.18 -22.19
CA GLY A 200 -9.58 39.97 -20.88
C GLY A 200 -11.10 40.12 -20.88
N ASN A 201 -11.72 39.44 -19.94
CA ASN A 201 -13.15 39.61 -19.69
C ASN A 201 -13.37 40.83 -18.81
N GLY A 202 -14.14 41.79 -19.31
CA GLY A 202 -14.42 43.01 -18.56
C GLY A 202 -15.33 42.81 -17.37
N PHE A 203 -16.10 41.72 -17.35
CA PHE A 203 -17.00 41.42 -16.24
C PHE A 203 -16.33 40.60 -15.13
N ASP A 204 -15.06 40.19 -15.31
CA ASP A 204 -14.36 39.36 -14.33
C ASP A 204 -13.69 40.25 -13.29
N THR A 205 -14.51 40.78 -12.40
CA THR A 205 -14.05 41.73 -11.39
C THR A 205 -13.87 41.08 -10.01
N LYS B 8 -47.32 26.19 -3.76
CA LYS B 8 -46.85 27.52 -3.38
C LYS B 8 -45.97 27.48 -2.13
N ARG B 9 -44.93 28.32 -2.13
CA ARG B 9 -43.97 28.35 -1.03
C ARG B 9 -43.86 29.80 -0.53
N LEU B 10 -44.80 30.18 0.33
CA LEU B 10 -44.88 31.55 0.82
C LEU B 10 -44.08 31.77 2.09
N GLY B 11 -43.97 30.76 2.94
CA GLY B 11 -43.24 30.91 4.19
C GLY B 11 -43.85 31.92 5.16
N HIS B 12 -45.17 31.92 5.29
CA HIS B 12 -45.84 32.74 6.29
C HIS B 12 -45.47 32.28 7.70
N LEU B 13 -45.46 33.22 8.63
CA LEU B 13 -45.08 32.94 10.01
C LEU B 13 -46.22 33.35 10.94
N LEU B 14 -46.74 32.39 11.71
CA LEU B 14 -47.77 32.61 12.71
C LEU B 14 -47.28 32.15 14.08
N PRO B 15 -47.49 32.95 15.13
CA PRO B 15 -46.99 32.54 16.46
C PRO B 15 -47.58 31.23 16.95
N GLN B 16 -48.84 30.95 16.62
CA GLN B 16 -49.47 29.72 17.10
C GLN B 16 -48.81 28.47 16.52
N SER B 17 -48.19 28.58 15.34
CA SER B 17 -47.63 27.42 14.66
C SER B 17 -46.11 27.53 14.48
N SER B 18 -45.45 28.37 15.27
CA SER B 18 -44.02 28.60 15.13
C SER B 18 -43.29 28.15 16.38
N ILE B 19 -42.01 27.81 16.20
CA ILE B 19 -41.15 27.42 17.31
C ILE B 19 -39.73 27.83 16.96
N LEU B 20 -38.99 28.27 17.98
CA LEU B 20 -37.62 28.74 17.81
C LEU B 20 -36.64 27.61 18.11
N PHE B 21 -35.67 27.42 17.23
CA PHE B 21 -34.59 26.44 17.40
C PHE B 21 -33.28 27.18 17.57
N VAL B 22 -32.50 26.80 18.59
CA VAL B 22 -31.19 27.39 18.86
C VAL B 22 -30.17 26.26 18.84
N CYS B 23 -29.22 26.35 17.91
CA CYS B 23 -28.31 25.25 17.59
C CYS B 23 -26.91 25.53 18.15
N ASP B 24 -26.57 24.87 19.25
CA ASP B 24 -25.19 24.66 19.69
C ASP B 24 -24.38 25.95 19.76
N VAL B 25 -24.95 26.97 20.40
CA VAL B 25 -24.23 28.24 20.61
C VAL B 25 -23.47 28.07 21.92
N GLN B 26 -22.32 27.40 21.85
CA GLN B 26 -21.57 26.97 23.02
C GLN B 26 -20.25 27.73 23.12
N GLU B 27 -19.66 27.69 24.32
CA GLU B 27 -18.50 28.52 24.62
C GLU B 27 -17.29 28.19 23.76
N VAL B 28 -17.18 26.95 23.28
CA VAL B 28 -16.02 26.57 22.47
C VAL B 28 -15.95 27.43 21.22
N PHE B 29 -17.09 27.85 20.68
CA PHE B 29 -17.14 28.61 19.45
C PHE B 29 -16.81 30.09 19.65
N ARG B 30 -16.70 30.56 20.89
CA ARG B 30 -16.35 31.94 21.18
C ARG B 30 -14.85 32.14 20.94
N GLY B 31 -14.49 32.17 19.67
CA GLY B 31 -13.08 32.14 19.31
C GLY B 31 -12.84 31.40 18.02
N LEU B 32 -13.91 30.87 17.43
CA LEU B 32 -13.82 30.15 16.18
C LEU B 32 -14.79 30.64 15.10
N THR B 33 -15.88 31.33 15.45
CA THR B 33 -16.98 31.58 14.53
C THR B 33 -16.92 32.99 13.96
N PHE B 34 -17.04 33.08 12.64
CA PHE B 34 -17.12 34.35 11.95
C PHE B 34 -18.31 35.17 12.47
N GLN B 35 -18.04 36.43 12.84
CA GLN B 35 -19.08 37.35 13.31
C GLN B 35 -19.87 36.78 14.48
N LEU B 36 -19.16 36.12 15.39
CA LEU B 36 -19.83 35.49 16.53
C LEU B 36 -20.64 36.47 17.39
N PRO B 37 -20.16 37.66 17.74
CA PRO B 37 -20.99 38.55 18.59
C PRO B 37 -22.35 38.85 18.00
N THR B 38 -22.43 39.04 16.68
CA THR B 38 -23.73 39.24 16.05
C THR B 38 -24.60 37.99 16.18
N VAL B 39 -23.99 36.81 16.10
CA VAL B 39 -24.75 35.57 16.25
C VAL B 39 -25.40 35.52 17.62
N ILE B 40 -24.62 35.80 18.67
CA ILE B 40 -25.15 35.75 20.03
C ILE B 40 -26.23 36.82 20.20
N HIS B 41 -25.98 38.03 19.68
CA HIS B 41 -26.92 39.13 19.86
C HIS B 41 -28.22 38.87 19.12
N SER B 42 -28.14 38.47 17.85
CA SER B 42 -29.34 38.21 17.07
C SER B 42 -30.15 37.05 17.66
N THR B 43 -29.47 35.98 18.07
CA THR B 43 -30.15 34.86 18.71
C THR B 43 -30.86 35.30 19.99
N ASN B 44 -30.20 36.14 20.78
CA ASN B 44 -30.81 36.62 22.02
C ASN B 44 -32.07 37.44 21.73
N THR B 45 -32.06 38.19 20.63
CA THR B 45 -33.27 38.91 20.24
C THR B 45 -34.39 37.94 19.88
N MET B 46 -34.05 36.84 19.22
CA MET B 46 -35.06 35.83 18.89
C MET B 46 -35.64 35.20 20.15
N VAL B 47 -34.79 34.88 21.12
CA VAL B 47 -35.27 34.32 22.38
C VAL B 47 -36.18 35.31 23.09
N SER B 48 -35.79 36.59 23.10
CA SER B 48 -36.64 37.61 23.70
C SER B 48 -37.97 37.71 22.98
N ALA B 49 -37.96 37.64 21.64
CA ALA B 49 -39.21 37.67 20.89
C ALA B 49 -40.04 36.44 21.19
N ALA B 50 -39.40 35.28 21.34
CA ALA B 50 -40.13 34.07 21.68
C ALA B 50 -40.91 34.23 22.98
N LYS B 51 -40.38 35.03 23.92
CA LYS B 51 -41.09 35.27 25.17
C LYS B 51 -42.30 36.16 24.98
N LEU B 52 -42.18 37.22 24.18
CA LEU B 52 -43.30 38.12 23.97
C LEU B 52 -44.41 37.47 23.16
N LEU B 53 -44.07 36.57 22.25
CA LEU B 53 -45.05 35.95 21.36
C LEU B 53 -45.45 34.56 21.81
N ASN B 54 -44.98 34.11 22.98
CA ASN B 54 -45.30 32.78 23.51
C ASN B 54 -44.92 31.69 22.52
N LEU B 55 -43.66 31.69 22.16
CA LEU B 55 -43.13 30.68 21.25
C LEU B 55 -42.32 29.67 22.04
N PRO B 56 -42.56 28.37 21.87
CA PRO B 56 -41.68 27.37 22.49
C PRO B 56 -40.29 27.44 21.89
N VAL B 57 -39.29 27.09 22.70
CA VAL B 57 -37.89 27.15 22.30
C VAL B 57 -37.26 25.79 22.53
N VAL B 58 -36.51 25.32 21.55
CA VAL B 58 -35.73 24.09 21.67
C VAL B 58 -34.27 24.46 21.47
N VAL B 59 -33.45 24.20 22.50
CA VAL B 59 -32.02 24.48 22.47
C VAL B 59 -31.30 23.14 22.50
N THR B 60 -30.16 23.08 21.83
CA THR B 60 -29.31 21.89 21.86
C THR B 60 -27.86 22.28 22.11
N THR B 61 -27.12 21.30 22.64
CA THR B 61 -25.67 21.38 22.79
C THR B 61 -25.04 20.17 22.13
N GLN B 62 -23.96 20.40 21.41
CA GLN B 62 -23.19 19.33 20.78
C GLN B 62 -22.04 18.95 21.70
N TYR B 63 -22.07 17.73 22.23
CA TYR B 63 -21.02 17.19 23.09
C TYR B 63 -20.71 18.14 24.24
N GLY B 64 -21.76 18.43 25.02
CA GLY B 64 -21.65 19.46 26.05
C GLY B 64 -20.60 19.15 27.10
N SER B 65 -20.30 17.86 27.32
CA SER B 65 -19.29 17.49 28.30
C SER B 65 -17.91 18.03 27.92
N ARG B 66 -17.65 18.19 26.62
CA ARG B 66 -16.35 18.65 26.15
C ARG B 66 -16.39 20.04 25.52
N LEU B 67 -17.44 20.36 24.77
CA LEU B 67 -17.54 21.63 24.07
C LEU B 67 -18.17 22.74 24.91
N GLY B 68 -18.64 22.43 26.11
CA GLY B 68 -19.21 23.42 26.99
C GLY B 68 -20.70 23.63 26.77
N SER B 69 -21.30 24.38 27.68
CA SER B 69 -22.73 24.63 27.63
C SER B 69 -23.01 25.89 26.82
N THR B 70 -24.30 26.25 26.74
CA THR B 70 -24.69 27.44 25.99
C THR B 70 -24.04 28.69 26.58
N VAL B 71 -23.69 29.63 25.71
CA VAL B 71 -23.03 30.85 26.16
C VAL B 71 -23.89 31.57 27.20
N SER B 72 -23.21 32.18 28.17
CA SER B 72 -23.91 32.73 29.34
C SER B 72 -24.90 33.82 28.94
N GLU B 73 -24.61 34.58 27.88
CA GLU B 73 -25.53 35.62 27.45
C GLU B 73 -26.89 35.04 27.07
N ILE B 74 -26.88 33.89 26.39
CA ILE B 74 -28.13 33.27 25.97
C ILE B 74 -28.76 32.48 27.11
N SER B 75 -27.94 31.77 27.90
CA SER B 75 -28.48 30.96 28.98
C SER B 75 -29.21 31.81 30.01
N LYS B 76 -28.68 33.01 30.31
CA LYS B 76 -29.38 33.92 31.21
C LYS B 76 -30.72 34.34 30.63
N ASN B 77 -30.77 34.63 29.32
CA ASN B 77 -32.02 35.03 28.68
C ASN B 77 -33.03 33.90 28.61
N LEU B 78 -32.58 32.64 28.69
CA LEU B 78 -33.47 31.49 28.60
C LEU B 78 -34.21 31.20 29.91
N GLU B 79 -33.77 31.79 31.03
CA GLU B 79 -34.37 31.47 32.31
C GLU B 79 -35.85 31.86 32.35
N ASN B 80 -36.19 33.02 31.83
CA ASN B 80 -37.55 33.55 31.91
C ASN B 80 -38.47 33.04 30.80
N VAL B 81 -37.95 32.25 29.86
CA VAL B 81 -38.75 31.74 28.76
C VAL B 81 -39.65 30.61 29.26
N ASN B 82 -40.94 30.70 28.93
CA ASN B 82 -41.94 29.83 29.54
C ASN B 82 -41.74 28.36 29.16
N ASP B 83 -41.43 28.09 27.89
CA ASP B 83 -41.38 26.72 27.37
C ASP B 83 -40.03 26.48 26.70
N VAL B 84 -39.08 25.95 27.47
CA VAL B 84 -37.76 25.59 26.96
C VAL B 84 -37.49 24.13 27.26
N LYS B 85 -36.76 23.48 26.36
CA LYS B 85 -36.27 22.12 26.58
C LYS B 85 -34.90 22.02 25.92
N ILE B 86 -33.88 21.80 26.75
CA ILE B 86 -32.48 21.76 26.30
C ILE B 86 -32.07 20.30 26.18
N PHE B 87 -31.51 19.94 25.02
CA PHE B 87 -31.09 18.58 24.71
C PHE B 87 -29.59 18.56 24.42
N ASP B 88 -28.91 17.54 24.92
CA ASP B 88 -27.51 17.30 24.58
C ASP B 88 -27.44 16.16 23.56
N LYS B 89 -26.62 16.35 22.54
CA LYS B 89 -26.60 15.44 21.40
C LYS B 89 -25.18 15.21 20.92
N MET B 90 -25.00 14.10 20.23
CA MET B 90 -23.80 13.85 19.43
C MET B 90 -24.09 13.89 17.94
N LYS B 91 -25.32 13.55 17.54
CA LYS B 91 -25.73 13.70 16.14
C LYS B 91 -25.74 15.16 15.74
N PHE B 92 -25.19 15.44 14.56
CA PHE B 92 -25.04 16.84 14.14
C PHE B 92 -26.39 17.52 13.96
N SER B 93 -27.35 16.81 13.38
CA SER B 93 -28.70 17.35 13.27
C SER B 93 -29.32 17.52 14.65
N MET B 94 -30.13 18.57 14.80
CA MET B 94 -30.89 18.77 16.02
C MET B 94 -32.07 17.83 16.16
N LEU B 95 -32.44 17.12 15.10
CA LEU B 95 -33.64 16.30 15.10
C LEU B 95 -33.33 14.88 15.56
N VAL B 96 -32.81 14.79 16.78
CA VAL B 96 -32.60 13.50 17.44
C VAL B 96 -33.96 12.96 17.83
N PRO B 97 -34.11 11.64 18.02
CA PRO B 97 -35.45 11.10 18.35
C PRO B 97 -36.09 11.73 19.57
N GLU B 98 -35.29 12.09 20.60
CA GLU B 98 -35.85 12.74 21.77
C GLU B 98 -36.43 14.10 21.41
N VAL B 99 -35.72 14.87 20.59
CA VAL B 99 -36.23 16.16 20.13
C VAL B 99 -37.49 15.96 19.31
N GLU B 100 -37.43 15.05 18.33
CA GLU B 100 -38.57 14.84 17.45
C GLU B 100 -39.79 14.33 18.21
N HIS B 101 -39.57 13.55 19.27
CA HIS B 101 -40.70 13.14 20.10
C HIS B 101 -41.35 14.35 20.75
N HIS B 102 -40.55 15.31 21.19
CA HIS B 102 -41.09 16.50 21.85
C HIS B 102 -41.98 17.29 20.91
N LEU B 103 -41.56 17.48 19.65
CA LEU B 103 -42.39 18.21 18.69
C LEU B 103 -43.71 17.47 18.43
N THR B 104 -43.63 16.17 18.19
CA THR B 104 -44.81 15.41 17.79
C THR B 104 -45.81 15.27 18.94
N SER B 105 -45.30 14.94 20.13
CA SER B 105 -46.19 14.69 21.26
C SER B 105 -46.78 15.97 21.83
N ASN B 106 -45.99 17.04 21.90
CA ASN B 106 -46.38 18.22 22.66
C ASN B 106 -46.75 19.43 21.81
N MET B 107 -46.31 19.48 20.56
CA MET B 107 -46.72 20.61 19.71
C MET B 107 -46.81 20.21 18.24
N PRO B 108 -47.64 19.23 17.88
CA PRO B 108 -47.74 18.83 16.47
C PRO B 108 -48.29 19.91 15.56
N GLN B 109 -49.01 20.89 16.10
CA GLN B 109 -49.57 21.96 15.28
C GLN B 109 -48.51 22.95 14.81
N ARG B 110 -47.33 22.95 15.43
CA ARG B 110 -46.28 23.92 15.09
C ARG B 110 -45.34 23.30 14.08
N LYS B 111 -45.49 23.70 12.81
CA LYS B 111 -44.66 23.17 11.74
C LYS B 111 -43.77 24.22 11.10
N SER B 112 -43.68 25.41 11.70
CA SER B 112 -42.78 26.46 11.25
C SER B 112 -41.65 26.59 12.26
N VAL B 113 -40.41 26.43 11.80
CA VAL B 113 -39.24 26.41 12.68
C VAL B 113 -38.38 27.63 12.36
N LEU B 114 -38.07 28.41 13.40
CA LEU B 114 -37.11 29.50 13.29
C LEU B 114 -35.74 28.98 13.71
N LEU B 115 -34.76 29.05 12.81
CA LEU B 115 -33.49 28.35 12.96
C LEU B 115 -32.36 29.36 13.21
N CYS B 116 -31.71 29.23 14.38
CA CYS B 116 -30.54 30.01 14.74
C CYS B 116 -29.44 29.09 15.24
N GLY B 117 -28.20 29.56 15.18
CA GLY B 117 -27.10 28.85 15.80
C GLY B 117 -25.94 28.63 14.86
N ILE B 118 -25.06 27.72 15.26
CA ILE B 118 -23.80 27.46 14.56
C ILE B 118 -23.53 25.95 14.59
N GLU B 119 -22.80 25.46 13.58
CA GLU B 119 -22.33 26.18 12.40
C GLU B 119 -23.34 26.07 11.26
N THR B 120 -23.38 27.08 10.38
CA THR B 120 -24.34 27.07 9.29
C THR B 120 -24.26 25.79 8.48
N HIS B 121 -23.04 25.36 8.13
CA HIS B 121 -22.84 24.31 7.15
C HIS B 121 -22.79 22.92 7.75
N VAL B 122 -22.80 22.80 9.08
CA VAL B 122 -22.74 21.47 9.67
C VAL B 122 -24.04 21.17 10.43
N CYS B 123 -24.24 21.81 11.57
CA CYS B 123 -25.37 21.42 12.39
C CYS B 123 -26.66 22.14 12.02
N VAL B 124 -26.55 23.40 11.60
CA VAL B 124 -27.72 24.12 11.12
C VAL B 124 -28.27 23.48 9.86
N LEU B 125 -27.39 23.14 8.91
CA LEU B 125 -27.84 22.59 7.64
C LEU B 125 -28.46 21.20 7.82
N GLN B 126 -27.80 20.34 8.60
CA GLN B 126 -28.34 18.99 8.76
C GLN B 126 -29.66 19.01 9.52
N THR B 127 -29.82 19.95 10.46
CA THR B 127 -31.13 20.14 11.07
C THR B 127 -32.16 20.59 10.06
N CYS B 128 -31.77 21.54 9.20
CA CYS B 128 -32.70 22.07 8.21
C CYS B 128 -33.15 20.97 7.26
N LEU B 129 -32.23 20.14 6.77
CA LEU B 129 -32.59 19.09 5.84
C LEU B 129 -33.49 18.05 6.48
N ASP B 130 -33.22 17.70 7.74
CA ASP B 130 -34.07 16.72 8.43
C ASP B 130 -35.46 17.27 8.69
N LEU B 131 -35.56 18.55 9.04
CA LEU B 131 -36.87 19.15 9.29
C LEU B 131 -37.69 19.25 8.02
N LEU B 132 -37.04 19.63 6.91
CA LEU B 132 -37.73 19.66 5.62
C LEU B 132 -38.20 18.26 5.22
N ASP B 133 -37.45 17.23 5.59
CA ASP B 133 -37.86 15.87 5.29
C ASP B 133 -39.17 15.51 5.98
N LYS B 134 -39.42 16.04 7.17
CA LYS B 134 -40.62 15.72 7.92
C LYS B 134 -41.76 16.71 7.67
N GLY B 135 -41.67 17.52 6.62
CA GLY B 135 -42.74 18.42 6.26
C GLY B 135 -42.74 19.76 6.96
N TYR B 136 -41.68 20.10 7.70
CA TYR B 136 -41.63 21.38 8.37
C TYR B 136 -41.20 22.49 7.42
N ASP B 137 -41.72 23.69 7.66
CA ASP B 137 -41.20 24.89 7.05
C ASP B 137 -40.02 25.37 7.88
N VAL B 138 -38.85 25.53 7.26
CA VAL B 138 -37.65 25.95 7.97
C VAL B 138 -37.32 27.37 7.57
N HIS B 139 -37.26 28.26 8.56
CA HIS B 139 -36.86 29.65 8.37
C HIS B 139 -35.49 29.83 9.00
N VAL B 140 -34.46 29.94 8.16
CA VAL B 140 -33.11 30.13 8.66
C VAL B 140 -32.91 31.61 8.94
N VAL B 141 -32.56 31.94 10.20
CA VAL B 141 -32.35 33.32 10.61
C VAL B 141 -30.92 33.69 10.24
N SER B 142 -30.74 34.21 9.02
CA SER B 142 -29.40 34.50 8.51
C SER B 142 -28.65 35.46 9.43
N ASP B 143 -29.38 36.31 10.15
CA ASP B 143 -28.79 37.20 11.15
C ASP B 143 -28.16 36.45 12.31
N ALA B 144 -28.58 35.20 12.56
CA ALA B 144 -28.20 34.49 13.77
C ALA B 144 -27.59 33.13 13.47
N VAL B 145 -26.97 32.99 12.30
CA VAL B 145 -26.27 31.76 11.92
C VAL B 145 -24.94 32.13 11.31
N SER B 146 -23.90 31.35 11.59
CA SER B 146 -22.59 31.59 11.00
C SER B 146 -21.75 30.33 11.15
N SER B 147 -20.55 30.40 10.56
CA SER B 147 -19.61 29.31 10.56
C SER B 147 -18.24 29.84 10.95
N SER B 148 -17.27 28.94 11.02
CA SER B 148 -15.89 29.35 11.29
C SER B 148 -15.34 30.25 10.19
N THR B 149 -15.82 30.09 8.96
CA THR B 149 -15.41 30.92 7.84
C THR B 149 -16.63 31.52 7.16
N SER B 150 -16.47 32.73 6.63
CA SER B 150 -17.56 33.36 5.89
C SER B 150 -17.93 32.56 4.65
N TYR B 151 -16.96 31.83 4.08
CA TYR B 151 -17.25 31.03 2.89
C TYR B 151 -18.30 29.97 3.18
N ASN B 152 -18.14 29.23 4.28
CA ASN B 152 -19.08 28.15 4.55
C ASN B 152 -20.42 28.66 5.05
N ARG B 153 -20.48 29.88 5.60
CA ARG B 153 -21.77 30.45 5.96
C ARG B 153 -22.58 30.79 4.71
N SER B 154 -21.98 31.52 3.78
CA SER B 154 -22.68 31.91 2.56
C SER B 154 -23.06 30.69 1.73
N MET B 155 -22.12 29.73 1.62
CA MET B 155 -22.42 28.47 0.96
C MET B 155 -23.63 27.80 1.59
N ALA B 156 -23.62 27.66 2.93
CA ALA B 156 -24.69 26.94 3.60
C ALA B 156 -26.03 27.64 3.44
N LEU B 157 -26.03 28.98 3.45
CA LEU B 157 -27.28 29.72 3.30
C LEU B 157 -27.96 29.40 1.98
N GLU B 158 -27.20 29.47 0.89
CA GLU B 158 -27.77 29.14 -0.42
C GLU B 158 -28.05 27.65 -0.55
N ARG B 159 -27.20 26.81 0.06
CA ARG B 159 -27.42 25.37 0.00
C ARG B 159 -28.73 24.99 0.67
N MET B 160 -29.07 25.65 1.77
CA MET B 160 -30.36 25.41 2.42
C MET B 160 -31.52 25.99 1.60
N ARG B 161 -31.35 27.19 1.05
CA ARG B 161 -32.41 27.80 0.25
C ARG B 161 -32.74 26.94 -0.96
N GLN B 162 -31.71 26.36 -1.58
CA GLN B 162 -31.89 25.50 -2.75
C GLN B 162 -32.80 24.31 -2.45
N SER B 163 -32.86 23.88 -1.19
CA SER B 163 -33.73 22.80 -0.78
C SER B 163 -35.10 23.27 -0.30
N GLY B 164 -35.35 24.58 -0.25
CA GLY B 164 -36.64 25.12 0.13
C GLY B 164 -36.66 25.90 1.43
N ALA B 165 -35.53 26.00 2.14
CA ALA B 165 -35.51 26.75 3.39
C ALA B 165 -35.64 28.24 3.13
N TYR B 166 -36.48 28.90 3.93
CA TYR B 166 -36.68 30.34 3.82
C TYR B 166 -35.56 31.07 4.54
N ILE B 167 -34.84 31.92 3.81
CA ILE B 167 -33.72 32.68 4.36
C ILE B 167 -34.25 34.05 4.79
N THR B 168 -34.39 34.24 6.10
CA THR B 168 -34.96 35.45 6.67
C THR B 168 -33.93 36.14 7.57
N SER B 169 -34.39 37.13 8.33
CA SER B 169 -33.54 37.88 9.25
C SER B 169 -34.29 38.12 10.55
N VAL B 170 -33.57 38.65 11.54
CA VAL B 170 -34.14 38.86 12.86
C VAL B 170 -35.30 39.83 12.80
N GLU B 171 -35.10 40.99 12.15
CA GLU B 171 -36.18 41.95 12.00
C GLU B 171 -37.33 41.37 11.19
N SER B 172 -37.01 40.71 10.07
CA SER B 172 -38.03 40.26 9.14
C SER B 172 -38.91 39.18 9.75
N ALA B 173 -38.29 38.19 10.40
CA ALA B 173 -39.07 37.11 11.01
C ALA B 173 -39.94 37.64 12.14
N ILE B 174 -39.40 38.54 12.96
CA ILE B 174 -40.16 39.05 14.09
C ILE B 174 -41.39 39.82 13.61
N PHE B 175 -41.21 40.67 12.59
CA PHE B 175 -42.33 41.48 12.11
C PHE B 175 -43.35 40.63 11.35
N GLN B 176 -42.94 39.51 10.78
CA GLN B 176 -43.91 38.59 10.20
C GLN B 176 -44.82 38.03 11.30
N LEU B 177 -44.23 37.69 12.45
CA LEU B 177 -45.01 37.14 13.55
C LEU B 177 -45.91 38.20 14.18
N ALA B 178 -45.37 39.40 14.40
CA ALA B 178 -46.18 40.54 14.86
C ALA B 178 -46.87 41.14 13.64
N ASN B 179 -48.00 40.54 13.28
CA ASN B 179 -48.64 40.84 12.00
C ASN B 179 -49.16 42.28 11.95
N ASP B 180 -49.69 42.79 13.06
CA ASP B 180 -50.41 44.05 13.07
C ASP B 180 -49.87 44.97 14.15
N ALA B 181 -49.68 46.25 13.81
CA ALA B 181 -49.22 47.23 14.77
C ALA B 181 -50.30 47.60 15.79
N SER B 182 -51.56 47.28 15.51
CA SER B 182 -52.64 47.50 16.46
C SER B 182 -52.83 46.33 17.41
N ASN B 183 -52.00 45.29 17.30
CA ASN B 183 -52.07 44.16 18.20
C ASN B 183 -51.64 44.57 19.61
N PRO B 184 -52.10 43.85 20.63
CA PRO B 184 -51.64 44.17 22.00
C PRO B 184 -50.17 43.90 22.25
N GLU B 185 -49.45 43.28 21.31
CA GLU B 185 -48.05 42.96 21.50
C GLU B 185 -47.11 43.97 20.87
N PHE B 186 -47.61 44.89 20.04
CA PHE B 186 -46.72 45.70 19.21
C PHE B 186 -45.80 46.59 20.04
N LYS B 187 -46.33 47.18 21.12
CA LYS B 187 -45.54 48.17 21.86
C LYS B 187 -44.29 47.55 22.46
N ILE B 188 -44.41 46.38 23.09
CA ILE B 188 -43.24 45.73 23.66
C ILE B 188 -42.32 45.18 22.56
N ILE B 189 -42.91 44.71 21.44
CA ILE B 189 -42.10 44.23 20.33
C ILE B 189 -41.24 45.36 19.76
N SER B 190 -41.80 46.56 19.67
CA SER B 190 -41.03 47.70 19.18
C SER B 190 -39.86 48.02 20.10
N LYS B 191 -40.09 47.96 21.42
CA LYS B 191 -39.00 48.17 22.37
C LYS B 191 -37.87 47.16 22.16
N LEU B 192 -38.21 45.95 21.72
CA LEU B 192 -37.17 44.95 21.45
C LEU B 192 -36.38 45.29 20.19
N ILE B 193 -37.07 45.72 19.13
CA ILE B 193 -36.39 45.99 17.87
C ILE B 193 -35.49 47.22 18.00
N LYS B 194 -35.96 48.26 18.69
CA LYS B 194 -35.13 49.44 18.89
C LYS B 194 -33.90 49.12 19.73
N GLU B 195 -34.05 48.25 20.74
CA GLU B 195 -32.89 47.79 21.49
C GLU B 195 -31.97 46.94 20.62
N HIS B 196 -32.56 46.10 19.75
CA HIS B 196 -31.75 45.25 18.88
C HIS B 196 -30.91 46.09 17.93
N LEU B 197 -31.48 47.17 17.39
CA LEU B 197 -30.78 48.01 16.43
C LEU B 197 -29.70 48.89 17.05
N LYS B 198 -29.62 48.98 18.38
CA LYS B 198 -28.64 49.85 19.01
C LYS B 198 -27.22 49.40 18.69
N VAL B 199 -26.98 48.09 18.61
CA VAL B 199 -25.68 47.56 18.22
C VAL B 199 -25.77 47.09 16.77
N GLY B 200 -24.82 47.52 15.95
CA GLY B 200 -24.92 47.28 14.52
C GLY B 200 -24.83 45.81 14.16
N ASN B 201 -25.51 45.46 13.07
CA ASN B 201 -25.42 44.12 12.52
C ASN B 201 -24.07 43.97 11.82
N GLY B 202 -23.22 43.08 12.35
CA GLY B 202 -21.90 42.91 11.79
C GLY B 202 -21.92 42.40 10.37
N PHE B 203 -23.00 41.73 9.97
CA PHE B 203 -23.11 41.24 8.61
C PHE B 203 -23.44 42.34 7.61
N ASP B 204 -23.94 43.48 8.08
CA ASP B 204 -24.27 44.61 7.20
C ASP B 204 -22.97 45.27 6.75
N THR B 205 -22.38 44.70 5.71
CA THR B 205 -21.09 45.18 5.20
C THR B 205 -21.22 45.68 3.77
N LYS C 8 -39.17 16.13 -3.24
CA LYS C 8 -38.27 16.88 -2.38
C LYS C 8 -36.87 16.94 -2.98
N ARG C 9 -36.13 18.00 -2.65
CA ARG C 9 -34.74 18.16 -3.06
C ARG C 9 -33.91 18.43 -1.82
N LEU C 10 -33.52 17.38 -1.13
CA LEU C 10 -32.82 17.50 0.14
C LEU C 10 -31.31 17.41 0.01
N GLY C 11 -30.83 16.55 -0.88
CA GLY C 11 -29.39 16.35 -1.02
C GLY C 11 -28.74 15.72 0.20
N HIS C 12 -29.43 14.80 0.86
CA HIS C 12 -28.82 14.04 1.94
C HIS C 12 -27.67 13.20 1.39
N LEU C 13 -26.66 12.97 2.22
CA LEU C 13 -25.49 12.20 1.82
C LEU C 13 -25.32 11.02 2.77
N LEU C 14 -25.39 9.82 2.20
CA LEU C 14 -25.12 8.60 2.94
C LEU C 14 -23.89 7.92 2.35
N PRO C 15 -22.92 7.50 3.17
CA PRO C 15 -21.73 6.84 2.62
C PRO C 15 -22.01 5.59 1.83
N GLN C 16 -23.06 4.85 2.16
CA GLN C 16 -23.39 3.62 1.42
C GLN C 16 -23.72 3.93 -0.04
N SER C 17 -24.33 5.08 -0.33
CA SER C 17 -24.82 5.38 -1.66
C SER C 17 -24.13 6.60 -2.27
N SER C 18 -22.92 6.91 -1.82
CA SER C 18 -22.18 8.06 -2.31
C SER C 18 -20.95 7.58 -3.07
N ILE C 19 -20.45 8.43 -3.96
CA ILE C 19 -19.22 8.16 -4.71
C ILE C 19 -18.55 9.47 -5.06
N LEU C 20 -17.22 9.47 -5.05
CA LEU C 20 -16.40 10.64 -5.31
C LEU C 20 -15.89 10.65 -6.75
N PHE C 21 -16.14 11.74 -7.47
CA PHE C 21 -15.63 11.96 -8.82
C PHE C 21 -14.52 13.00 -8.78
N VAL C 22 -13.40 12.72 -9.45
CA VAL C 22 -12.28 13.65 -9.54
C VAL C 22 -12.04 13.89 -11.02
N CYS C 23 -12.29 15.11 -11.50
CA CYS C 23 -12.30 15.41 -12.92
C CYS C 23 -11.05 16.20 -13.30
N ASP C 24 -10.14 15.54 -14.03
CA ASP C 24 -9.15 16.20 -14.88
C ASP C 24 -8.25 17.19 -14.15
N VAL C 25 -7.81 16.85 -12.94
CA VAL C 25 -6.88 17.75 -12.25
C VAL C 25 -5.47 17.41 -12.72
N GLN C 26 -5.07 17.98 -13.85
CA GLN C 26 -3.90 17.54 -14.59
C GLN C 26 -2.80 18.59 -14.57
N GLU C 27 -1.59 18.15 -14.91
CA GLU C 27 -0.37 18.93 -14.68
C GLU C 27 -0.39 20.26 -15.43
N VAL C 28 -0.85 20.27 -16.68
CA VAL C 28 -0.71 21.46 -17.51
C VAL C 28 -1.49 22.65 -16.94
N PHE C 29 -2.47 22.40 -16.08
CA PHE C 29 -3.26 23.46 -15.48
C PHE C 29 -2.57 24.07 -14.26
N ARG C 30 -1.41 23.57 -13.88
CA ARG C 30 -0.65 24.17 -12.79
C ARG C 30 -0.19 25.57 -13.20
N GLY C 31 -0.54 26.57 -12.40
CA GLY C 31 -0.19 27.93 -12.69
C GLY C 31 -1.15 28.68 -13.59
N LEU C 32 -2.18 28.01 -14.11
CA LEU C 32 -3.18 28.64 -14.97
C LEU C 32 -4.56 28.74 -14.33
N THR C 33 -4.93 27.78 -13.49
CA THR C 33 -6.28 27.72 -12.94
C THR C 33 -6.40 28.60 -11.69
N PHE C 34 -7.54 29.26 -11.57
CA PHE C 34 -7.81 30.14 -10.44
C PHE C 34 -7.81 29.35 -9.14
N GLN C 35 -6.86 29.69 -8.25
CA GLN C 35 -6.73 29.05 -6.94
C GLN C 35 -6.61 27.54 -7.06
N LEU C 36 -5.80 27.07 -8.01
CA LEU C 36 -5.59 25.64 -8.16
C LEU C 36 -5.05 24.97 -6.90
N PRO C 37 -4.10 25.54 -6.15
CA PRO C 37 -3.66 24.87 -4.92
C PRO C 37 -4.80 24.59 -3.94
N THR C 38 -5.78 25.49 -3.86
CA THR C 38 -6.95 25.21 -3.02
C THR C 38 -7.77 24.06 -3.59
N VAL C 39 -7.87 23.99 -4.93
CA VAL C 39 -8.57 22.87 -5.57
C VAL C 39 -7.86 21.55 -5.26
N ILE C 40 -6.54 21.52 -5.41
CA ILE C 40 -5.78 20.29 -5.16
C ILE C 40 -5.90 19.87 -3.70
N HIS C 41 -5.73 20.84 -2.78
CA HIS C 41 -5.79 20.53 -1.36
C HIS C 41 -7.18 20.04 -0.96
N SER C 42 -8.24 20.72 -1.44
CA SER C 42 -9.60 20.32 -1.10
C SER C 42 -9.95 18.96 -1.71
N THR C 43 -9.52 18.71 -2.95
CA THR C 43 -9.78 17.40 -3.55
C THR C 43 -9.07 16.30 -2.78
N ASN C 44 -7.84 16.56 -2.34
CA ASN C 44 -7.12 15.56 -1.56
C ASN C 44 -7.83 15.27 -0.25
N THR C 45 -8.41 16.28 0.38
CA THR C 45 -9.18 16.03 1.60
C THR C 45 -10.37 15.12 1.30
N MET C 46 -11.07 15.38 0.19
CA MET C 46 -12.19 14.53 -0.20
C MET C 46 -11.74 13.10 -0.47
N VAL C 47 -10.60 12.93 -1.16
CA VAL C 47 -10.07 11.60 -1.41
C VAL C 47 -9.71 10.90 -0.10
N SER C 48 -9.01 11.61 0.79
CA SER C 48 -8.73 11.03 2.10
C SER C 48 -10.01 10.73 2.86
N ALA C 49 -11.04 11.56 2.69
CA ALA C 49 -12.32 11.28 3.33
C ALA C 49 -12.97 10.03 2.77
N ALA C 50 -12.85 9.81 1.46
CA ALA C 50 -13.45 8.64 0.84
C ALA C 50 -12.80 7.35 1.36
N LYS C 51 -11.52 7.39 1.70
CA LYS C 51 -10.88 6.23 2.32
C LYS C 51 -11.49 5.95 3.69
N LEU C 52 -11.72 7.00 4.48
CA LEU C 52 -12.22 6.81 5.84
C LEU C 52 -13.64 6.25 5.83
N LEU C 53 -14.50 6.78 4.97
CA LEU C 53 -15.89 6.34 4.90
C LEU C 53 -16.11 5.28 3.83
N ASN C 54 -15.04 4.79 3.20
CA ASN C 54 -15.12 3.68 2.25
C ASN C 54 -15.95 4.04 1.02
N LEU C 55 -15.72 5.22 0.48
CA LEU C 55 -16.38 5.68 -0.74
C LEU C 55 -15.57 5.26 -1.96
N PRO C 56 -16.19 4.68 -2.99
CA PRO C 56 -15.48 4.46 -4.25
C PRO C 56 -15.12 5.77 -4.92
N VAL C 57 -13.98 5.78 -5.60
CA VAL C 57 -13.46 6.96 -6.27
C VAL C 57 -13.33 6.67 -7.76
N VAL C 58 -13.85 7.57 -8.59
CA VAL C 58 -13.69 7.52 -10.03
C VAL C 58 -12.86 8.74 -10.45
N VAL C 59 -11.72 8.49 -11.09
CA VAL C 59 -10.81 9.53 -11.53
C VAL C 59 -10.77 9.52 -13.04
N THR C 60 -10.62 10.70 -13.63
CA THR C 60 -10.63 10.83 -15.07
C THR C 60 -9.50 11.76 -15.51
N THR C 61 -9.03 11.54 -16.73
CA THR C 61 -8.01 12.38 -17.35
C THR C 61 -8.47 12.75 -18.75
N GLN C 62 -8.25 14.01 -19.13
CA GLN C 62 -8.67 14.53 -20.42
C GLN C 62 -7.45 14.67 -21.32
N TYR C 63 -7.40 13.85 -22.38
CA TYR C 63 -6.35 13.90 -23.41
C TYR C 63 -4.97 13.93 -22.74
N GLY C 64 -4.67 12.82 -22.07
CA GLY C 64 -3.50 12.79 -21.20
C GLY C 64 -2.19 13.05 -21.92
N SER C 65 -2.12 12.76 -23.21
CA SER C 65 -0.85 12.89 -23.92
C SER C 65 -0.51 14.32 -24.30
N ARG C 66 -1.40 15.28 -24.05
CA ARG C 66 -1.10 16.69 -24.20
C ARG C 66 -1.26 17.49 -22.91
N LEU C 67 -2.33 17.25 -22.15
CA LEU C 67 -2.55 17.95 -20.90
C LEU C 67 -1.85 17.29 -19.71
N GLY C 68 -1.21 16.16 -19.93
CA GLY C 68 -0.48 15.49 -18.86
C GLY C 68 -1.38 14.61 -18.00
N SER C 69 -0.73 13.93 -17.06
CA SER C 69 -1.42 13.04 -16.14
C SER C 69 -1.94 13.83 -14.95
N THR C 70 -2.63 13.14 -14.04
CA THR C 70 -3.11 13.77 -12.83
C THR C 70 -1.93 14.30 -12.01
N VAL C 71 -2.12 15.47 -11.39
CA VAL C 71 -1.10 16.11 -10.57
C VAL C 71 -0.57 15.13 -9.55
N SER C 72 0.71 15.26 -9.18
CA SER C 72 1.36 14.27 -8.34
C SER C 72 0.71 14.19 -6.96
N GLU C 73 0.33 15.34 -6.39
CA GLU C 73 -0.22 15.36 -5.04
C GLU C 73 -1.46 14.49 -4.93
N ILE C 74 -2.33 14.53 -5.94
CA ILE C 74 -3.56 13.75 -5.89
C ILE C 74 -3.27 12.30 -6.24
N SER C 75 -2.43 12.06 -7.24
CA SER C 75 -2.13 10.70 -7.67
C SER C 75 -1.45 9.91 -6.55
N LYS C 76 -0.61 10.57 -5.74
CA LYS C 76 -0.02 9.92 -4.58
C LYS C 76 -1.09 9.52 -3.56
N ASN C 77 -2.03 10.42 -3.30
CA ASN C 77 -3.11 10.14 -2.35
C ASN C 77 -4.03 9.04 -2.84
N LEU C 78 -4.14 8.88 -4.17
CA LEU C 78 -5.00 7.85 -4.74
C LEU C 78 -4.38 6.47 -4.67
N GLU C 79 -3.12 6.34 -4.23
CA GLU C 79 -2.51 5.03 -4.13
C GLU C 79 -3.19 4.18 -3.07
N ASN C 80 -3.57 4.79 -1.94
CA ASN C 80 -4.01 4.01 -0.78
C ASN C 80 -5.49 3.60 -0.84
N VAL C 81 -6.28 4.18 -1.72
CA VAL C 81 -7.73 3.97 -1.71
C VAL C 81 -8.08 2.59 -2.26
N ASN C 82 -9.03 1.92 -1.60
CA ASN C 82 -9.36 0.53 -1.94
C ASN C 82 -10.04 0.44 -3.30
N ASP C 83 -11.00 1.29 -3.56
CA ASP C 83 -11.85 1.19 -4.75
C ASP C 83 -11.66 2.46 -5.59
N VAL C 84 -10.69 2.41 -6.51
CA VAL C 84 -10.42 3.50 -7.43
C VAL C 84 -10.14 2.91 -8.81
N LYS C 85 -10.69 3.55 -9.83
CA LYS C 85 -10.32 3.26 -11.21
C LYS C 85 -10.14 4.59 -11.94
N ILE C 86 -9.06 4.68 -12.72
CA ILE C 86 -8.72 5.89 -13.45
C ILE C 86 -9.03 5.65 -14.93
N PHE C 87 -9.71 6.61 -15.55
CA PHE C 87 -10.14 6.51 -16.93
C PHE C 87 -9.53 7.65 -17.75
N ASP C 88 -9.13 7.33 -18.97
CA ASP C 88 -8.65 8.32 -19.94
C ASP C 88 -9.75 8.56 -20.96
N LYS C 89 -10.04 9.83 -21.23
CA LYS C 89 -11.24 10.19 -21.98
C LYS C 89 -10.97 11.37 -22.90
N MET C 90 -11.78 11.46 -23.96
CA MET C 90 -11.80 12.59 -24.89
C MET C 90 -13.07 13.42 -24.77
N LYS C 91 -14.19 12.79 -24.41
CA LYS C 91 -15.41 13.52 -24.12
C LYS C 91 -15.23 14.41 -22.91
N PHE C 92 -15.78 15.62 -22.96
CA PHE C 92 -15.67 16.55 -21.84
C PHE C 92 -16.35 15.99 -20.61
N SER C 93 -17.56 15.46 -20.76
CA SER C 93 -18.25 14.84 -19.65
C SER C 93 -17.52 13.58 -19.19
N MET C 94 -17.63 13.29 -17.89
CA MET C 94 -17.01 12.09 -17.33
C MET C 94 -17.81 10.83 -17.61
N LEU C 95 -19.08 10.97 -18.00
CA LEU C 95 -19.94 9.81 -18.20
C LEU C 95 -19.69 9.15 -19.54
N VAL C 96 -18.44 8.79 -19.82
CA VAL C 96 -18.08 8.03 -21.01
C VAL C 96 -18.57 6.60 -20.78
N PRO C 97 -18.82 5.80 -21.84
CA PRO C 97 -19.45 4.49 -21.61
C PRO C 97 -18.65 3.57 -20.69
N GLU C 98 -17.33 3.67 -20.69
CA GLU C 98 -16.54 2.85 -19.77
C GLU C 98 -16.82 3.23 -18.32
N VAL C 99 -16.96 4.53 -18.04
CA VAL C 99 -17.28 4.97 -16.68
C VAL C 99 -18.70 4.57 -16.31
N GLU C 100 -19.64 4.79 -17.21
CA GLU C 100 -21.04 4.45 -16.94
C GLU C 100 -21.21 2.94 -16.74
N HIS C 101 -20.48 2.14 -17.52
CA HIS C 101 -20.51 0.70 -17.31
C HIS C 101 -20.04 0.34 -15.91
N HIS C 102 -19.07 1.09 -15.38
CA HIS C 102 -18.60 0.85 -14.02
C HIS C 102 -19.71 1.13 -13.01
N LEU C 103 -20.36 2.29 -13.15
CA LEU C 103 -21.39 2.67 -12.18
C LEU C 103 -22.53 1.66 -12.15
N THR C 104 -23.01 1.25 -13.32
CA THR C 104 -24.18 0.39 -13.38
C THR C 104 -23.86 -1.05 -12.97
N SER C 105 -22.74 -1.59 -13.44
CA SER C 105 -22.40 -2.98 -13.17
C SER C 105 -21.71 -3.20 -11.83
N ASN C 106 -21.12 -2.16 -11.24
CA ASN C 106 -20.41 -2.31 -9.98
C ASN C 106 -21.12 -1.70 -8.77
N MET C 107 -21.88 -0.61 -8.93
CA MET C 107 -22.52 0.05 -7.79
C MET C 107 -23.82 0.71 -8.23
N PRO C 108 -24.82 -0.08 -8.64
CA PRO C 108 -26.12 0.52 -8.97
C PRO C 108 -26.78 1.21 -7.79
N GLN C 109 -26.43 0.86 -6.56
CA GLN C 109 -27.05 1.43 -5.38
C GLN C 109 -26.54 2.83 -5.05
N ARG C 110 -25.39 3.23 -5.59
CA ARG C 110 -24.81 4.53 -5.31
C ARG C 110 -25.33 5.54 -6.33
N LYS C 111 -26.20 6.45 -5.90
CA LYS C 111 -26.77 7.45 -6.78
C LYS C 111 -26.44 8.88 -6.34
N SER C 112 -25.50 9.04 -5.42
CA SER C 112 -25.05 10.36 -4.98
C SER C 112 -23.60 10.52 -5.41
N VAL C 113 -23.32 11.55 -6.20
CA VAL C 113 -21.99 11.80 -6.73
C VAL C 113 -21.47 13.11 -6.14
N LEU C 114 -20.37 13.03 -5.40
CA LEU C 114 -19.60 14.20 -4.97
C LEU C 114 -18.59 14.52 -6.06
N LEU C 115 -18.67 15.73 -6.62
CA LEU C 115 -17.91 16.09 -7.81
C LEU C 115 -16.84 17.14 -7.47
N CYS C 116 -15.60 16.83 -7.81
CA CYS C 116 -14.47 17.75 -7.69
C CYS C 116 -13.73 17.81 -9.01
N GLY C 117 -12.95 18.88 -9.20
CA GLY C 117 -12.03 18.92 -10.32
C GLY C 117 -12.17 20.20 -11.12
N ILE C 118 -11.53 20.22 -12.28
CA ILE C 118 -11.49 21.37 -13.17
C ILE C 118 -11.82 20.91 -14.58
N GLU C 119 -12.38 21.81 -15.39
CA GLU C 119 -12.82 23.17 -15.09
C GLU C 119 -14.30 23.17 -14.73
N THR C 120 -14.69 24.11 -13.88
CA THR C 120 -16.09 24.18 -13.44
C THR C 120 -17.04 24.25 -14.61
N HIS C 121 -16.67 25.00 -15.64
CA HIS C 121 -17.58 25.29 -16.74
C HIS C 121 -17.43 24.36 -17.93
N VAL C 122 -16.49 23.40 -17.90
CA VAL C 122 -16.37 22.51 -19.06
C VAL C 122 -16.61 21.06 -18.72
N CYS C 123 -15.69 20.43 -17.97
N CYS C 123 -15.72 20.44 -17.96
CA CYS C 123 -15.84 19.00 -17.65
CA CYS C 123 -15.88 19.02 -17.69
C CYS C 123 -16.74 18.81 -16.45
C CYS C 123 -16.67 18.75 -16.41
N VAL C 124 -16.54 19.62 -15.41
CA VAL C 124 -17.36 19.51 -14.22
C VAL C 124 -18.83 19.75 -14.58
N LEU C 125 -19.08 20.80 -15.36
CA LEU C 125 -20.44 21.13 -15.76
C LEU C 125 -21.07 20.02 -16.57
N GLN C 126 -20.37 19.54 -17.60
CA GLN C 126 -20.97 18.54 -18.48
C GLN C 126 -21.12 17.20 -17.79
N THR C 127 -20.20 16.86 -16.89
CA THR C 127 -20.39 15.69 -16.04
C THR C 127 -21.65 15.86 -15.20
N CYS C 128 -21.82 17.05 -14.61
CA CYS C 128 -22.95 17.30 -13.73
C CYS C 128 -24.28 17.16 -14.47
N LEU C 129 -24.35 17.71 -15.69
CA LEU C 129 -25.58 17.62 -16.46
C LEU C 129 -25.92 16.18 -16.84
N ASP C 130 -24.91 15.42 -17.28
CA ASP C 130 -25.16 14.03 -17.69
C ASP C 130 -25.54 13.16 -16.49
N LEU C 131 -24.89 13.38 -15.34
CA LEU C 131 -25.26 12.64 -14.14
C LEU C 131 -26.69 12.93 -13.72
N LEU C 132 -27.09 14.21 -13.73
CA LEU C 132 -28.47 14.55 -13.40
C LEU C 132 -29.44 13.95 -14.39
N ASP C 133 -29.01 13.78 -15.64
CA ASP C 133 -29.85 13.16 -16.66
C ASP C 133 -30.20 11.73 -16.29
N LYS C 134 -29.26 11.01 -15.69
CA LYS C 134 -29.44 9.60 -15.36
C LYS C 134 -29.98 9.38 -13.95
N GLY C 135 -30.51 10.42 -13.31
CA GLY C 135 -31.13 10.28 -12.02
C GLY C 135 -30.21 10.34 -10.83
N TYR C 136 -28.95 10.74 -11.02
CA TYR C 136 -28.01 10.86 -9.93
C TYR C 136 -28.21 12.18 -9.18
N ASP C 137 -27.87 12.17 -7.90
CA ASP C 137 -27.75 13.40 -7.12
C ASP C 137 -26.31 13.88 -7.25
N VAL C 138 -26.13 15.13 -7.69
CA VAL C 138 -24.80 15.70 -7.91
C VAL C 138 -24.56 16.74 -6.83
N HIS C 139 -23.52 16.53 -6.03
CA HIS C 139 -23.06 17.51 -5.04
C HIS C 139 -21.75 18.10 -5.53
N VAL C 140 -21.77 19.36 -5.94
CA VAL C 140 -20.56 20.03 -6.40
C VAL C 140 -19.80 20.55 -5.19
N VAL C 141 -18.60 20.00 -4.97
CA VAL C 141 -17.74 20.49 -3.90
C VAL C 141 -17.17 21.83 -4.31
N SER C 142 -17.79 22.91 -3.85
CA SER C 142 -17.54 24.23 -4.46
C SER C 142 -16.12 24.69 -4.22
N ASP C 143 -15.54 24.39 -3.06
CA ASP C 143 -14.15 24.76 -2.83
C ASP C 143 -13.17 23.72 -3.37
N ALA C 144 -13.64 22.76 -4.18
CA ALA C 144 -12.76 21.82 -4.86
C ALA C 144 -12.96 21.83 -6.37
N VAL C 145 -13.60 22.87 -6.92
CA VAL C 145 -13.74 23.05 -8.36
C VAL C 145 -13.29 24.46 -8.70
N SER C 146 -12.76 24.64 -9.90
CA SER C 146 -12.35 25.97 -10.33
C SER C 146 -12.08 25.96 -11.84
N SER C 147 -11.87 27.15 -12.38
CA SER C 147 -11.68 27.39 -13.81
C SER C 147 -10.50 28.33 -13.99
N SER C 148 -10.17 28.62 -15.26
CA SER C 148 -9.06 29.51 -15.55
C SER C 148 -9.32 30.93 -15.08
N THR C 149 -10.59 31.36 -15.05
CA THR C 149 -10.99 32.64 -14.48
C THR C 149 -11.99 32.40 -13.36
N SER C 150 -11.96 33.30 -12.37
CA SER C 150 -12.98 33.26 -11.33
C SER C 150 -14.38 33.44 -11.92
N TYR C 151 -14.49 34.19 -13.02
CA TYR C 151 -15.80 34.45 -13.61
C TYR C 151 -16.49 33.16 -14.05
N ASN C 152 -15.77 32.30 -14.76
CA ASN C 152 -16.39 31.06 -15.23
C ASN C 152 -16.67 30.10 -14.09
N ARG C 153 -15.89 30.17 -13.00
CA ARG C 153 -16.17 29.33 -11.85
C ARG C 153 -17.51 29.71 -11.21
N SER C 154 -17.69 30.99 -10.89
CA SER C 154 -18.91 31.42 -10.22
C SER C 154 -20.13 31.19 -11.12
N MET C 155 -19.99 31.50 -12.41
CA MET C 155 -21.07 31.25 -13.35
C MET C 155 -21.45 29.78 -13.37
N ALA C 156 -20.45 28.91 -13.43
CA ALA C 156 -20.71 27.48 -13.56
C ALA C 156 -21.41 26.91 -12.33
N LEU C 157 -21.05 27.40 -11.14
CA LEU C 157 -21.68 26.91 -9.92
C LEU C 157 -23.17 27.21 -9.91
N GLU C 158 -23.54 28.44 -10.26
CA GLU C 158 -24.96 28.79 -10.33
C GLU C 158 -25.62 28.11 -11.52
N ARG C 159 -24.88 27.88 -12.60
CA ARG C 159 -25.46 27.19 -13.75
C ARG C 159 -25.79 25.74 -13.41
N MET C 160 -24.95 25.09 -12.59
CA MET C 160 -25.26 23.73 -12.15
C MET C 160 -26.37 23.72 -11.11
N ARG C 161 -26.36 24.68 -10.19
CA ARG C 161 -27.39 24.75 -9.15
C ARG C 161 -28.77 24.95 -9.77
N GLN C 162 -28.85 25.75 -10.83
CA GLN C 162 -30.11 25.98 -11.53
C GLN C 162 -30.66 24.73 -12.19
N SER C 163 -29.80 23.74 -12.47
CA SER C 163 -30.24 22.46 -13.01
C SER C 163 -30.58 21.44 -11.93
N GLY C 164 -30.34 21.75 -10.67
CA GLY C 164 -30.64 20.85 -9.57
C GLY C 164 -29.43 20.37 -8.77
N ALA C 165 -28.21 20.64 -9.21
CA ALA C 165 -27.04 20.20 -8.45
C ALA C 165 -26.96 20.92 -7.11
N TYR C 166 -26.61 20.17 -6.07
CA TYR C 166 -26.40 20.75 -4.76
C TYR C 166 -24.99 21.31 -4.68
N ILE C 167 -24.88 22.56 -4.24
CA ILE C 167 -23.59 23.23 -4.09
C ILE C 167 -23.19 23.16 -2.63
N THR C 168 -22.21 22.31 -2.34
CA THR C 168 -21.71 22.08 -0.99
C THR C 168 -20.24 22.48 -0.93
N SER C 169 -19.59 22.11 0.18
CA SER C 169 -18.17 22.37 0.39
C SER C 169 -17.54 21.13 1.02
N VAL C 170 -16.22 21.18 1.18
CA VAL C 170 -15.50 20.03 1.75
C VAL C 170 -16.00 19.71 3.15
N GLU C 171 -16.08 20.73 4.02
CA GLU C 171 -16.51 20.47 5.39
C GLU C 171 -17.97 20.04 5.45
N SER C 172 -18.83 20.76 4.73
CA SER C 172 -20.26 20.49 4.81
C SER C 172 -20.60 19.08 4.32
N ALA C 173 -19.98 18.67 3.21
CA ALA C 173 -20.24 17.34 2.66
C ALA C 173 -19.67 16.24 3.54
N ILE C 174 -18.45 16.42 4.06
CA ILE C 174 -17.85 15.40 4.91
C ILE C 174 -18.66 15.23 6.18
N PHE C 175 -19.04 16.35 6.82
CA PHE C 175 -19.84 16.24 8.04
C PHE C 175 -21.22 15.65 7.75
N GLN C 176 -21.76 15.88 6.55
CA GLN C 176 -23.01 15.23 6.16
C GLN C 176 -22.84 13.71 6.13
N LEU C 177 -21.75 13.23 5.54
CA LEU C 177 -21.51 11.80 5.50
C LEU C 177 -21.32 11.21 6.89
N ALA C 178 -20.64 11.94 7.78
CA ALA C 178 -20.37 11.44 9.12
C ALA C 178 -21.66 11.32 9.94
N ASN C 179 -22.45 12.41 9.96
CA ASN C 179 -23.84 12.45 10.42
C ASN C 179 -23.98 12.34 11.94
N ASP C 180 -22.92 11.96 12.64
CA ASP C 180 -23.01 11.75 14.08
C ASP C 180 -21.62 11.59 14.69
N ALA C 181 -21.33 12.39 15.72
CA ALA C 181 -20.01 12.33 16.33
C ALA C 181 -19.79 11.06 17.14
N SER C 182 -20.88 10.35 17.49
CA SER C 182 -20.77 9.11 18.23
C SER C 182 -20.39 7.91 17.35
N ASN C 183 -20.43 8.06 16.03
CA ASN C 183 -20.01 6.98 15.15
C ASN C 183 -18.52 6.67 15.37
N PRO C 184 -18.12 5.41 15.22
CA PRO C 184 -16.73 5.04 15.52
C PRO C 184 -15.70 5.63 14.56
N GLU C 185 -16.12 6.13 13.40
CA GLU C 185 -15.19 6.71 12.45
C GLU C 185 -14.92 8.20 12.69
N PHE C 186 -15.64 8.82 13.64
CA PHE C 186 -15.54 10.26 13.77
C PHE C 186 -14.19 10.71 14.31
N LYS C 187 -13.52 9.86 15.09
CA LYS C 187 -12.24 10.27 15.68
C LYS C 187 -11.21 10.56 14.59
N ILE C 188 -11.17 9.73 13.54
CA ILE C 188 -10.17 9.92 12.50
C ILE C 188 -10.67 10.91 11.45
N ILE C 189 -11.99 11.04 11.28
CA ILE C 189 -12.53 12.08 10.42
C ILE C 189 -12.24 13.46 11.02
N SER C 190 -12.33 13.58 12.35
CA SER C 190 -11.95 14.83 13.01
C SER C 190 -10.50 15.19 12.72
N LYS C 191 -9.60 14.21 12.80
CA LYS C 191 -8.19 14.46 12.52
C LYS C 191 -8.00 15.00 11.10
N LEU C 192 -8.73 14.42 10.14
CA LEU C 192 -8.64 14.91 8.77
C LEU C 192 -9.10 16.35 8.65
N ILE C 193 -10.24 16.69 9.28
CA ILE C 193 -10.75 18.05 9.20
C ILE C 193 -9.76 19.02 9.85
N LYS C 194 -9.20 18.63 11.00
CA LYS C 194 -8.25 19.50 11.68
C LYS C 194 -7.04 19.78 10.80
N GLU C 195 -6.52 18.75 10.11
CA GLU C 195 -5.40 18.97 9.20
C GLU C 195 -5.82 19.84 8.03
N HIS C 196 -7.02 19.60 7.50
CA HIS C 196 -7.53 20.38 6.38
C HIS C 196 -7.59 21.86 6.71
N LEU C 197 -7.85 22.20 7.97
CA LEU C 197 -8.02 23.59 8.39
C LEU C 197 -6.70 24.29 8.64
N LYS C 198 -5.58 23.58 8.56
CA LYS C 198 -4.26 24.20 8.75
C LYS C 198 -3.87 25.12 7.61
N VAL C 199 -4.56 25.06 6.47
CA VAL C 199 -4.32 25.99 5.38
C VAL C 199 -5.62 26.74 5.09
N GLY C 200 -5.47 27.96 4.59
CA GLY C 200 -6.62 28.78 4.27
C GLY C 200 -7.36 28.32 3.02
N ASN C 201 -8.50 28.98 2.77
CA ASN C 201 -9.32 28.75 1.60
C ASN C 201 -9.06 29.87 0.59
N GLY C 202 -8.57 29.49 -0.59
CA GLY C 202 -8.30 30.50 -1.62
C GLY C 202 -9.53 31.17 -2.16
N PHE C 203 -10.71 30.59 -1.97
CA PHE C 203 -11.95 31.18 -2.43
C PHE C 203 -12.63 32.06 -1.38
N ASP C 204 -12.10 32.10 -0.16
CA ASP C 204 -12.74 32.79 0.96
C ASP C 204 -12.28 34.25 0.98
N THR C 205 -13.10 35.11 0.38
CA THR C 205 -12.79 36.54 0.34
C THR C 205 -14.06 37.38 0.51
N LYS D 8 -45.57 28.02 -16.15
CA LYS D 8 -44.55 28.95 -16.61
C LYS D 8 -44.46 30.19 -15.74
N ARG D 9 -43.29 30.42 -15.15
CA ARG D 9 -43.05 31.58 -14.31
C ARG D 9 -42.34 32.68 -15.11
N LEU D 10 -43.03 33.17 -16.14
CA LEU D 10 -42.45 34.17 -17.03
C LEU D 10 -42.56 35.58 -16.47
N GLY D 11 -43.72 35.91 -15.89
CA GLY D 11 -43.94 37.25 -15.37
C GLY D 11 -44.04 38.34 -16.41
N HIS D 12 -44.77 38.09 -17.50
CA HIS D 12 -45.11 39.14 -18.45
C HIS D 12 -45.89 40.25 -17.74
N LEU D 13 -45.67 41.49 -18.18
CA LEU D 13 -46.36 42.66 -17.62
C LEU D 13 -47.17 43.33 -18.71
N LEU D 14 -48.49 43.42 -18.50
CA LEU D 14 -49.41 44.05 -19.42
C LEU D 14 -50.06 45.26 -18.76
N PRO D 15 -50.05 46.44 -19.39
CA PRO D 15 -50.62 47.63 -18.74
C PRO D 15 -52.08 47.48 -18.36
N GLN D 16 -52.86 46.70 -19.14
CA GLN D 16 -54.27 46.56 -18.86
C GLN D 16 -54.54 45.74 -17.60
N SER D 17 -53.62 44.86 -17.21
CA SER D 17 -53.80 44.00 -16.05
C SER D 17 -52.80 44.28 -14.95
N SER D 18 -52.17 45.45 -14.94
CA SER D 18 -51.12 45.77 -14.00
C SER D 18 -51.57 46.92 -13.09
N ILE D 19 -51.04 46.93 -11.86
CA ILE D 19 -51.29 47.96 -10.87
C ILE D 19 -50.02 48.24 -10.09
N LEU D 20 -49.85 49.51 -9.70
CA LEU D 20 -48.65 49.96 -9.00
C LEU D 20 -48.95 50.14 -7.51
N PHE D 21 -48.08 49.57 -6.67
CA PHE D 21 -48.17 49.69 -5.22
C PHE D 21 -47.00 50.51 -4.69
N VAL D 22 -47.28 51.48 -3.82
CA VAL D 22 -46.25 52.27 -3.17
C VAL D 22 -46.40 52.09 -1.67
N CYS D 23 -45.43 51.45 -1.04
CA CYS D 23 -45.55 51.04 0.36
C CYS D 23 -44.82 52.03 1.26
N ASP D 24 -45.61 52.88 1.93
CA ASP D 24 -45.22 53.50 3.21
C ASP D 24 -43.92 54.32 3.12
N VAL D 25 -43.81 55.13 2.08
CA VAL D 25 -42.64 56.02 1.93
C VAL D 25 -42.99 57.31 2.66
N GLN D 26 -42.81 57.29 3.98
CA GLN D 26 -43.30 58.33 4.87
C GLN D 26 -42.15 59.21 5.38
N GLU D 27 -42.51 60.24 6.15
CA GLU D 27 -41.61 61.34 6.44
C GLU D 27 -40.62 61.06 7.58
N VAL D 28 -40.79 59.99 8.36
CA VAL D 28 -39.85 59.73 9.44
C VAL D 28 -38.67 58.90 8.97
N PHE D 29 -38.85 58.10 7.92
CA PHE D 29 -37.78 57.25 7.43
C PHE D 29 -36.72 58.03 6.64
N ARG D 30 -36.88 59.34 6.52
CA ARG D 30 -35.81 60.16 5.97
C ARG D 30 -34.64 60.17 6.94
N GLY D 31 -33.44 59.87 6.43
CA GLY D 31 -32.28 59.71 7.27
C GLY D 31 -32.13 58.33 7.88
N LEU D 32 -33.15 57.48 7.81
CA LEU D 32 -33.10 56.12 8.33
C LEU D 32 -33.01 55.06 7.25
N THR D 33 -33.65 55.27 6.10
CA THR D 33 -33.67 54.28 5.04
C THR D 33 -32.39 54.35 4.22
N PHE D 34 -31.80 53.18 3.96
CA PHE D 34 -30.60 53.08 3.13
C PHE D 34 -30.92 53.50 1.70
N GLN D 35 -30.19 54.50 1.20
CA GLN D 35 -30.36 55.05 -0.15
C GLN D 35 -31.80 55.50 -0.41
N LEU D 36 -32.38 56.21 0.56
CA LEU D 36 -33.74 56.73 0.39
C LEU D 36 -33.90 57.61 -0.86
N PRO D 37 -32.99 58.53 -1.20
CA PRO D 37 -33.21 59.34 -2.42
C PRO D 37 -33.43 58.50 -3.67
N THR D 38 -32.70 57.39 -3.82
CA THR D 38 -32.92 56.52 -4.97
C THR D 38 -34.30 55.90 -4.94
N VAL D 39 -34.75 55.49 -3.74
CA VAL D 39 -36.09 54.93 -3.58
C VAL D 39 -37.14 55.94 -3.98
N ILE D 40 -36.95 57.21 -3.60
CA ILE D 40 -37.94 58.23 -3.94
C ILE D 40 -37.96 58.49 -5.44
N HIS D 41 -36.79 58.69 -6.04
CA HIS D 41 -36.72 58.96 -7.48
C HIS D 41 -37.30 57.81 -8.28
N SER D 42 -36.92 56.58 -7.93
CA SER D 42 -37.38 55.40 -8.67
C SER D 42 -38.90 55.26 -8.58
N THR D 43 -39.46 55.47 -7.39
CA THR D 43 -40.91 55.38 -7.22
C THR D 43 -41.63 56.46 -8.03
N ASN D 44 -41.07 57.67 -8.08
CA ASN D 44 -41.69 58.73 -8.87
C ASN D 44 -41.68 58.40 -10.35
N THR D 45 -40.62 57.75 -10.83
CA THR D 45 -40.61 57.29 -12.21
C THR D 45 -41.70 56.24 -12.44
N MET D 46 -41.89 55.34 -11.46
CA MET D 46 -42.97 54.36 -11.57
C MET D 46 -44.32 55.05 -11.59
N VAL D 47 -44.50 56.05 -10.71
CA VAL D 47 -45.78 56.75 -10.60
C VAL D 47 -46.09 57.47 -11.91
N SER D 48 -45.09 58.13 -12.50
CA SER D 48 -45.29 58.80 -13.78
C SER D 48 -45.57 57.79 -14.88
N ALA D 49 -44.87 56.65 -14.87
CA ALA D 49 -45.13 55.62 -15.87
C ALA D 49 -46.55 55.08 -15.74
N ALA D 50 -47.05 54.95 -14.51
CA ALA D 50 -48.42 54.50 -14.30
C ALA D 50 -49.40 55.49 -14.92
N LYS D 51 -49.16 56.79 -14.76
CA LYS D 51 -50.03 57.78 -15.38
C LYS D 51 -50.02 57.64 -16.90
N LEU D 52 -48.83 57.51 -17.49
CA LEU D 52 -48.72 57.44 -18.95
C LEU D 52 -49.39 56.19 -19.49
N LEU D 53 -49.27 55.07 -18.78
CA LEU D 53 -49.79 53.79 -19.22
C LEU D 53 -51.15 53.48 -18.61
N ASN D 54 -51.76 54.44 -17.91
CA ASN D 54 -53.09 54.28 -17.33
C ASN D 54 -53.13 53.12 -16.35
N LEU D 55 -52.11 53.03 -15.51
CA LEU D 55 -52.07 52.03 -14.46
C LEU D 55 -52.63 52.62 -13.17
N PRO D 56 -53.55 51.95 -12.49
CA PRO D 56 -53.99 52.46 -11.18
C PRO D 56 -52.86 52.39 -10.17
N VAL D 57 -52.89 53.33 -9.22
CA VAL D 57 -51.87 53.43 -8.18
C VAL D 57 -52.55 53.29 -6.83
N VAL D 58 -51.98 52.46 -5.97
CA VAL D 58 -52.41 52.28 -4.59
C VAL D 58 -51.24 52.65 -3.68
N VAL D 59 -51.49 53.58 -2.75
CA VAL D 59 -50.48 54.06 -1.83
C VAL D 59 -50.97 53.79 -0.41
N THR D 60 -50.07 53.37 0.46
CA THR D 60 -50.41 53.18 1.86
C THR D 60 -49.46 53.97 2.75
N THR D 61 -49.95 54.28 3.95
CA THR D 61 -49.15 54.83 5.02
C THR D 61 -49.36 53.97 6.25
N GLN D 62 -48.28 53.65 6.94
CA GLN D 62 -48.33 52.88 8.18
C GLN D 62 -48.34 53.86 9.35
N TYR D 63 -49.35 53.74 10.22
CA TYR D 63 -49.49 54.59 11.41
C TYR D 63 -49.21 56.05 11.06
N GLY D 64 -50.02 56.57 10.14
CA GLY D 64 -49.71 57.86 9.54
C GLY D 64 -49.63 59.01 10.52
N SER D 65 -50.46 58.99 11.57
CA SER D 65 -50.50 60.12 12.50
C SER D 65 -49.17 60.34 13.20
N ARG D 66 -48.42 59.26 13.49
CA ARG D 66 -47.15 59.38 14.19
C ARG D 66 -45.94 59.17 13.30
N LEU D 67 -46.10 58.52 12.15
CA LEU D 67 -44.98 58.34 11.24
C LEU D 67 -44.95 59.37 10.12
N GLY D 68 -46.01 60.17 9.98
CA GLY D 68 -46.07 61.22 8.98
C GLY D 68 -46.76 60.77 7.72
N SER D 69 -46.97 61.73 6.82
CA SER D 69 -47.60 61.47 5.54
C SER D 69 -46.54 60.99 4.54
N THR D 70 -46.99 60.65 3.34
CA THR D 70 -46.07 60.32 2.26
C THR D 70 -45.18 61.52 1.94
N VAL D 71 -43.90 61.23 1.65
CA VAL D 71 -42.91 62.29 1.45
C VAL D 71 -43.37 63.23 0.34
N SER D 72 -43.08 64.52 0.52
CA SER D 72 -43.60 65.55 -0.37
C SER D 72 -43.15 65.35 -1.82
N GLU D 73 -41.96 64.77 -2.03
CA GLU D 73 -41.50 64.51 -3.39
C GLU D 73 -42.47 63.60 -4.13
N ILE D 74 -42.90 62.52 -3.48
CA ILE D 74 -43.85 61.62 -4.10
C ILE D 74 -45.26 62.16 -4.00
N SER D 75 -45.57 62.88 -2.91
CA SER D 75 -46.90 63.43 -2.73
C SER D 75 -47.26 64.39 -3.86
N LYS D 76 -46.33 65.29 -4.22
CA LYS D 76 -46.59 66.23 -5.29
C LYS D 76 -46.80 65.52 -6.63
N ASN D 77 -46.04 64.46 -6.88
CA ASN D 77 -46.19 63.73 -8.15
C ASN D 77 -47.53 63.01 -8.23
N LEU D 78 -48.04 62.52 -7.08
CA LEU D 78 -49.35 61.88 -7.08
C LEU D 78 -50.46 62.85 -7.46
N GLU D 79 -50.21 64.16 -7.38
CA GLU D 79 -51.20 65.16 -7.77
C GLU D 79 -51.50 65.13 -9.27
N ASN D 80 -50.60 64.57 -10.08
CA ASN D 80 -50.78 64.52 -11.52
C ASN D 80 -51.48 63.27 -12.00
N VAL D 81 -51.52 62.22 -11.18
CA VAL D 81 -52.13 60.95 -11.56
C VAL D 81 -53.59 60.97 -11.15
N ASN D 82 -54.47 60.57 -12.06
CA ASN D 82 -55.90 60.60 -11.76
C ASN D 82 -56.33 59.39 -10.93
N ASP D 83 -55.81 58.21 -11.25
CA ASP D 83 -56.26 56.96 -10.64
C ASP D 83 -55.32 56.61 -9.48
N VAL D 84 -55.53 57.27 -8.34
CA VAL D 84 -54.74 57.04 -7.14
C VAL D 84 -55.67 56.84 -5.96
N LYS D 85 -55.38 55.83 -5.14
CA LYS D 85 -56.07 55.63 -3.88
C LYS D 85 -55.04 55.52 -2.77
N ILE D 86 -55.21 56.33 -1.73
CA ILE D 86 -54.28 56.41 -0.61
C ILE D 86 -54.99 55.93 0.65
N PHE D 87 -54.38 54.97 1.35
CA PHE D 87 -54.99 54.39 2.53
C PHE D 87 -54.01 54.43 3.70
N ASP D 88 -54.56 54.53 4.91
CA ASP D 88 -53.79 54.40 6.14
C ASP D 88 -54.08 53.05 6.75
N LYS D 89 -53.04 52.40 7.28
CA LYS D 89 -53.15 51.03 7.76
C LYS D 89 -52.35 50.85 9.03
N MET D 90 -52.78 49.88 9.83
CA MET D 90 -52.01 49.38 10.96
C MET D 90 -51.27 48.09 10.60
N LYS D 91 -51.91 47.23 9.83
CA LYS D 91 -51.28 45.99 9.37
C LYS D 91 -50.05 46.31 8.52
N PHE D 92 -49.00 45.52 8.72
CA PHE D 92 -47.77 45.73 7.95
C PHE D 92 -48.00 45.45 6.47
N SER D 93 -48.73 44.39 6.14
CA SER D 93 -49.06 44.11 4.76
C SER D 93 -50.00 45.17 4.20
N MET D 94 -49.85 45.45 2.91
CA MET D 94 -50.74 46.38 2.24
C MET D 94 -52.14 45.81 2.01
N LEU D 95 -52.29 44.50 2.02
CA LEU D 95 -53.55 43.83 1.66
C LEU D 95 -54.55 43.86 2.83
N VAL D 96 -54.87 45.07 3.28
CA VAL D 96 -55.90 45.27 4.29
C VAL D 96 -57.25 45.11 3.58
N PRO D 97 -58.34 44.84 4.31
CA PRO D 97 -59.63 44.66 3.62
C PRO D 97 -60.05 45.86 2.78
N GLU D 98 -59.74 47.08 3.20
CA GLU D 98 -60.08 48.25 2.41
C GLU D 98 -59.35 48.25 1.08
N VAL D 99 -58.06 47.92 1.10
CA VAL D 99 -57.28 47.85 -0.15
C VAL D 99 -57.74 46.67 -0.99
N GLU D 100 -57.96 45.51 -0.37
CA GLU D 100 -58.37 44.33 -1.13
C GLU D 100 -59.72 44.55 -1.79
N HIS D 101 -60.65 45.18 -1.07
CA HIS D 101 -61.95 45.48 -1.67
C HIS D 101 -61.82 46.43 -2.85
N HIS D 102 -60.88 47.38 -2.77
CA HIS D 102 -60.64 48.27 -3.90
C HIS D 102 -60.17 47.48 -5.12
N LEU D 103 -59.26 46.52 -4.91
CA LEU D 103 -58.83 45.65 -6.01
C LEU D 103 -59.98 44.83 -6.55
N THR D 104 -60.74 44.20 -5.66
CA THR D 104 -61.75 43.22 -6.08
C THR D 104 -62.91 43.89 -6.80
N SER D 105 -63.48 44.94 -6.22
CA SER D 105 -64.69 45.54 -6.75
C SER D 105 -64.43 46.64 -7.78
N ASN D 106 -63.16 47.00 -8.02
CA ASN D 106 -62.85 48.03 -8.99
C ASN D 106 -61.87 47.60 -10.07
N MET D 107 -61.06 46.57 -9.82
CA MET D 107 -60.14 46.10 -10.86
C MET D 107 -59.85 44.62 -10.71
N PRO D 108 -60.85 43.74 -10.75
CA PRO D 108 -60.59 42.31 -10.56
C PRO D 108 -59.77 41.69 -11.67
N GLN D 109 -59.68 42.34 -12.84
CA GLN D 109 -58.93 41.82 -13.97
C GLN D 109 -57.44 42.11 -13.88
N ARG D 110 -57.00 42.96 -12.97
CA ARG D 110 -55.59 43.30 -12.83
C ARG D 110 -54.97 42.41 -11.77
N LYS D 111 -54.14 41.45 -12.21
CA LYS D 111 -53.51 40.48 -11.31
C LYS D 111 -51.99 40.58 -11.32
N SER D 112 -51.43 41.62 -11.92
CA SER D 112 -50.00 41.89 -11.88
C SER D 112 -49.77 43.14 -11.04
N VAL D 113 -48.84 43.06 -10.07
CA VAL D 113 -48.57 44.17 -9.16
C VAL D 113 -47.10 44.56 -9.24
N LEU D 114 -46.85 45.84 -9.46
CA LEU D 114 -45.51 46.41 -9.37
C LEU D 114 -45.37 47.04 -7.99
N LEU D 115 -44.39 46.58 -7.22
CA LEU D 115 -44.28 46.89 -5.81
C LEU D 115 -43.09 47.82 -5.56
N CYS D 116 -43.34 48.95 -4.93
CA CYS D 116 -42.29 49.86 -4.50
C CYS D 116 -42.48 50.19 -3.02
N GLY D 117 -41.43 50.73 -2.40
CA GLY D 117 -41.54 51.36 -1.11
C GLY D 117 -40.64 50.73 -0.08
N ILE D 118 -40.95 51.03 1.18
CA ILE D 118 -40.12 50.65 2.32
C ILE D 118 -41.04 50.16 3.43
N GLU D 119 -40.57 49.18 4.20
CA GLU D 119 -39.27 48.54 4.13
C GLU D 119 -39.33 47.20 3.41
N THR D 120 -38.21 46.85 2.75
CA THR D 120 -38.18 45.64 1.93
C THR D 120 -38.59 44.42 2.72
N HIS D 121 -38.13 44.32 3.97
CA HIS D 121 -38.27 43.10 4.75
C HIS D 121 -39.47 43.11 5.68
N VAL D 122 -40.19 44.22 5.81
CA VAL D 122 -41.33 44.30 6.72
C VAL D 122 -42.63 44.50 5.94
N CYS D 123 -42.77 45.64 5.28
N CYS D 123 -42.78 45.63 5.28
CA CYS D 123 -44.01 45.98 4.59
CA CYS D 123 -44.04 45.92 4.62
C CYS D 123 -44.04 45.41 3.19
C CYS D 123 -44.07 45.47 3.16
N VAL D 124 -42.97 45.63 2.42
CA VAL D 124 -42.90 45.14 1.06
C VAL D 124 -43.02 43.61 1.05
N LEU D 125 -42.30 42.94 1.95
CA LEU D 125 -42.31 41.48 1.99
C LEU D 125 -43.70 40.95 2.31
N GLN D 126 -44.32 41.43 3.38
CA GLN D 126 -45.62 40.89 3.77
C GLN D 126 -46.69 41.21 2.74
N THR D 127 -46.59 42.36 2.08
CA THR D 127 -47.49 42.64 0.96
C THR D 127 -47.28 41.63 -0.17
N CYS D 128 -46.02 41.34 -0.49
CA CYS D 128 -45.74 40.39 -1.56
C CYS D 128 -46.23 39.00 -1.22
N LEU D 129 -46.05 38.55 0.03
CA LEU D 129 -46.50 37.23 0.41
C LEU D 129 -48.03 37.13 0.34
N ASP D 130 -48.74 38.15 0.85
CA ASP D 130 -50.20 38.12 0.80
C ASP D 130 -50.69 38.18 -0.64
N LEU D 131 -50.04 38.99 -1.48
CA LEU D 131 -50.42 39.07 -2.89
C LEU D 131 -50.19 37.75 -3.61
N LEU D 132 -49.06 37.09 -3.35
CA LEU D 132 -48.80 35.80 -3.95
C LEU D 132 -49.84 34.77 -3.51
N ASP D 133 -50.26 34.86 -2.24
CA ASP D 133 -51.26 33.92 -1.73
C ASP D 133 -52.60 34.07 -2.46
N LYS D 134 -52.90 35.28 -2.93
CA LYS D 134 -54.16 35.55 -3.61
C LYS D 134 -54.08 35.35 -5.12
N GLY D 135 -53.02 34.73 -5.62
CA GLY D 135 -52.92 34.46 -7.04
C GLY D 135 -52.47 35.62 -7.89
N TYR D 136 -51.74 36.58 -7.32
CA TYR D 136 -51.21 37.72 -8.06
C TYR D 136 -49.76 37.43 -8.46
N ASP D 137 -49.36 37.98 -9.61
CA ASP D 137 -47.95 38.10 -9.93
C ASP D 137 -47.40 39.34 -9.24
N VAL D 138 -46.33 39.17 -8.47
CA VAL D 138 -45.69 40.26 -7.76
C VAL D 138 -44.37 40.58 -8.42
N HIS D 139 -44.20 41.82 -8.86
CA HIS D 139 -42.96 42.29 -9.46
C HIS D 139 -42.37 43.34 -8.53
N VAL D 140 -41.29 43.00 -7.85
CA VAL D 140 -40.65 43.91 -6.92
C VAL D 140 -39.71 44.82 -7.71
N VAL D 141 -39.99 46.12 -7.69
CA VAL D 141 -39.12 47.07 -8.36
C VAL D 141 -37.91 47.31 -7.47
N SER D 142 -36.87 46.48 -7.64
CA SER D 142 -35.72 46.51 -6.76
C SER D 142 -35.06 47.89 -6.72
N ASP D 143 -35.13 48.62 -7.84
CA ASP D 143 -34.75 50.03 -7.87
C ASP D 143 -35.48 50.87 -6.83
N ALA D 144 -36.68 50.46 -6.44
CA ALA D 144 -37.59 51.33 -5.69
C ALA D 144 -37.97 50.74 -4.34
N VAL D 145 -37.11 49.88 -3.77
CA VAL D 145 -37.32 49.36 -2.43
C VAL D 145 -36.01 49.45 -1.66
N SER D 146 -36.12 49.65 -0.34
CA SER D 146 -34.95 49.65 0.52
C SER D 146 -35.41 49.43 1.96
N SER D 147 -34.44 49.16 2.83
CA SER D 147 -34.67 48.98 4.25
C SER D 147 -33.76 49.90 5.06
N SER D 148 -33.78 49.77 6.40
CA SER D 148 -32.89 50.58 7.23
C SER D 148 -31.42 50.20 7.02
N THR D 149 -31.15 48.94 6.71
CA THR D 149 -29.81 48.50 6.38
C THR D 149 -29.81 47.87 5.00
N SER D 150 -28.67 48.00 4.31
CA SER D 150 -28.47 47.30 3.05
C SER D 150 -28.70 45.80 3.21
N TYR D 151 -28.26 45.24 4.34
CA TYR D 151 -28.37 43.80 4.55
C TYR D 151 -29.80 43.32 4.46
N ASN D 152 -30.74 44.04 5.07
CA ASN D 152 -32.12 43.57 5.11
C ASN D 152 -32.81 43.74 3.76
N ARG D 153 -32.43 44.75 2.98
CA ARG D 153 -32.96 44.88 1.63
C ARG D 153 -32.51 43.73 0.73
N SER D 154 -31.21 43.42 0.75
CA SER D 154 -30.70 42.32 -0.06
C SER D 154 -31.33 41.00 0.36
N MET D 155 -31.43 40.76 1.67
CA MET D 155 -32.07 39.54 2.14
C MET D 155 -33.49 39.43 1.59
N ALA D 156 -34.28 40.49 1.77
CA ALA D 156 -35.70 40.45 1.44
C ALA D 156 -35.92 40.24 -0.07
N LEU D 157 -35.07 40.86 -0.89
CA LEU D 157 -35.18 40.66 -2.34
C LEU D 157 -35.11 39.18 -2.69
N GLU D 158 -34.12 38.47 -2.15
CA GLU D 158 -34.03 37.03 -2.43
C GLU D 158 -35.08 36.25 -1.66
N ARG D 159 -35.50 36.74 -0.48
CA ARG D 159 -36.55 36.07 0.27
C ARG D 159 -37.88 36.11 -0.49
N MET D 160 -38.09 37.16 -1.29
CA MET D 160 -39.30 37.29 -2.08
C MET D 160 -39.18 36.54 -3.40
N ARG D 161 -38.02 36.63 -4.06
CA ARG D 161 -37.79 35.84 -5.27
C ARG D 161 -37.95 34.36 -4.98
N GLN D 162 -37.49 33.93 -3.80
CA GLN D 162 -37.58 32.53 -3.42
C GLN D 162 -39.03 32.06 -3.35
N SER D 163 -39.97 32.95 -3.08
CA SER D 163 -41.39 32.61 -3.00
C SER D 163 -42.12 32.81 -4.32
N GLY D 164 -41.42 33.21 -5.39
CA GLY D 164 -42.05 33.35 -6.69
C GLY D 164 -42.16 34.76 -7.21
N ALA D 165 -41.74 35.77 -6.45
CA ALA D 165 -41.83 37.14 -6.90
C ALA D 165 -40.76 37.44 -7.93
N TYR D 166 -41.11 38.21 -8.96
CA TYR D 166 -40.17 38.60 -9.99
C TYR D 166 -39.41 39.84 -9.51
N ILE D 167 -38.08 39.75 -9.52
CA ILE D 167 -37.24 40.87 -9.10
C ILE D 167 -36.87 41.65 -10.35
N THR D 168 -37.46 42.82 -10.52
CA THR D 168 -37.30 43.64 -11.71
C THR D 168 -36.65 44.97 -11.31
N SER D 169 -36.60 45.92 -12.25
CA SER D 169 -36.10 47.26 -12.01
C SER D 169 -37.03 48.26 -12.67
N VAL D 170 -36.82 49.55 -12.35
CA VAL D 170 -37.67 50.60 -12.90
C VAL D 170 -37.62 50.58 -14.43
N GLU D 171 -36.43 50.57 -15.00
CA GLU D 171 -36.29 50.62 -16.45
C GLU D 171 -36.81 49.35 -17.09
N SER D 172 -36.50 48.19 -16.50
CA SER D 172 -36.88 46.92 -17.10
C SER D 172 -38.39 46.72 -17.04
N ALA D 173 -39.00 47.07 -15.91
CA ALA D 173 -40.45 46.91 -15.78
C ALA D 173 -41.20 47.85 -16.73
N ILE D 174 -40.74 49.09 -16.85
CA ILE D 174 -41.43 50.05 -17.70
C ILE D 174 -41.35 49.64 -19.16
N PHE D 175 -40.17 49.22 -19.61
CA PHE D 175 -40.01 48.90 -21.03
C PHE D 175 -40.81 47.68 -21.43
N GLN D 176 -40.99 46.72 -20.52
CA GLN D 176 -41.83 45.59 -20.88
C GLN D 176 -43.31 45.91 -20.77
N LEU D 177 -43.68 46.89 -19.95
CA LEU D 177 -45.05 47.40 -20.01
C LEU D 177 -45.34 48.07 -21.35
N ALA D 178 -44.37 48.84 -21.87
CA ALA D 178 -44.57 49.53 -23.15
C ALA D 178 -44.58 48.59 -24.36
N ASN D 179 -43.78 47.53 -24.33
CA ASN D 179 -43.84 46.35 -25.21
C ASN D 179 -43.42 46.56 -26.66
N ASP D 180 -43.45 47.81 -27.11
CA ASP D 180 -43.31 48.15 -28.52
C ASP D 180 -42.92 49.61 -28.67
N ALA D 181 -41.90 49.87 -29.46
CA ALA D 181 -41.46 51.23 -29.69
C ALA D 181 -42.36 51.99 -30.66
N SER D 182 -43.25 51.30 -31.37
CA SER D 182 -44.18 51.95 -32.29
C SER D 182 -45.49 52.33 -31.62
N ASN D 183 -45.67 51.99 -30.34
CA ASN D 183 -46.87 52.40 -29.61
C ASN D 183 -46.92 53.92 -29.50
N PRO D 184 -48.12 54.51 -29.49
CA PRO D 184 -48.20 55.98 -29.47
C PRO D 184 -47.59 56.63 -28.23
N GLU D 185 -47.60 55.94 -27.09
CA GLU D 185 -47.11 56.50 -25.85
C GLU D 185 -45.60 56.35 -25.67
N PHE D 186 -44.91 55.73 -26.61
CA PHE D 186 -43.49 55.46 -26.44
C PHE D 186 -42.68 56.75 -26.35
N LYS D 187 -43.07 57.78 -27.12
CA LYS D 187 -42.30 59.02 -27.16
C LYS D 187 -42.22 59.67 -25.78
N ILE D 188 -43.36 59.80 -25.10
CA ILE D 188 -43.35 60.38 -23.76
C ILE D 188 -42.73 59.41 -22.77
N ILE D 189 -42.85 58.10 -23.01
CA ILE D 189 -42.19 57.12 -22.15
C ILE D 189 -40.67 57.23 -22.29
N SER D 190 -40.19 57.38 -23.53
CA SER D 190 -38.76 57.51 -23.77
C SER D 190 -38.20 58.75 -23.08
N LYS D 191 -38.94 59.85 -23.11
CA LYS D 191 -38.53 61.04 -22.37
C LYS D 191 -38.43 60.73 -20.88
N LEU D 192 -39.43 60.03 -20.34
CA LEU D 192 -39.41 59.66 -18.93
C LEU D 192 -38.22 58.78 -18.61
N ILE D 193 -37.94 57.81 -19.48
CA ILE D 193 -36.78 56.94 -19.29
C ILE D 193 -35.48 57.74 -19.40
N LYS D 194 -35.43 58.66 -20.36
CA LYS D 194 -34.22 59.46 -20.55
C LYS D 194 -33.89 60.26 -19.28
N GLU D 195 -34.91 60.88 -18.68
CA GLU D 195 -34.68 61.58 -17.42
C GLU D 195 -34.24 60.63 -16.33
N HIS D 196 -34.87 59.45 -16.26
CA HIS D 196 -34.50 58.49 -15.23
C HIS D 196 -33.08 58.00 -15.39
N LEU D 197 -32.60 57.85 -16.63
CA LEU D 197 -31.24 57.36 -16.79
C LEU D 197 -30.20 58.35 -16.31
N LYS D 198 -30.58 59.63 -16.16
CA LYS D 198 -29.62 60.64 -15.75
C LYS D 198 -29.37 60.67 -14.25
N VAL D 199 -30.16 59.98 -13.44
CA VAL D 199 -30.00 59.99 -11.99
C VAL D 199 -29.21 58.76 -11.57
N GLY D 200 -28.18 58.97 -10.75
CA GLY D 200 -27.36 57.86 -10.32
C GLY D 200 -28.15 56.86 -9.48
N ASN D 201 -27.81 55.59 -9.65
CA ASN D 201 -28.46 54.53 -8.90
C ASN D 201 -27.69 54.31 -7.60
N GLY D 202 -28.35 54.55 -6.47
CA GLY D 202 -27.70 54.37 -5.18
C GLY D 202 -27.32 52.93 -4.87
N PHE D 203 -28.00 51.97 -5.49
CA PHE D 203 -27.67 50.56 -5.28
C PHE D 203 -26.67 50.03 -6.29
N ASP D 204 -26.27 50.83 -7.27
CA ASP D 204 -25.28 50.43 -8.26
C ASP D 204 -23.90 50.75 -7.68
N THR D 205 -23.25 49.73 -7.10
CA THR D 205 -21.93 49.93 -6.50
C THR D 205 -21.09 48.65 -6.55
N LYS E 8 46.42 -36.66 -21.17
CA LYS E 8 46.27 -35.33 -20.60
C LYS E 8 45.26 -34.51 -21.39
N ARG E 9 44.40 -33.77 -20.69
CA ARG E 9 43.38 -32.95 -21.34
C ARG E 9 43.53 -31.51 -20.87
N LEU E 10 44.46 -30.77 -21.48
CA LEU E 10 44.75 -29.41 -21.04
C LEU E 10 43.91 -28.38 -21.77
N GLY E 11 43.70 -28.55 -23.07
CA GLY E 11 42.96 -27.56 -23.82
C GLY E 11 43.68 -26.23 -23.98
N HIS E 12 44.99 -26.27 -24.23
CA HIS E 12 45.71 -25.06 -24.61
C HIS E 12 45.20 -24.56 -25.96
N LEU E 13 45.24 -23.23 -26.14
CA LEU E 13 44.76 -22.59 -27.35
C LEU E 13 45.90 -21.79 -27.97
N LEU E 14 46.30 -22.16 -29.18
CA LEU E 14 47.34 -21.46 -29.91
C LEU E 14 46.77 -20.87 -31.18
N PRO E 15 47.06 -19.60 -31.49
CA PRO E 15 46.45 -18.97 -32.68
C PRO E 15 46.72 -19.71 -33.97
N GLN E 16 47.91 -20.28 -34.14
CA GLN E 16 48.30 -20.88 -35.41
C GLN E 16 47.57 -22.17 -35.73
N SER E 17 46.85 -22.75 -34.77
CA SER E 17 46.19 -24.03 -34.97
C SER E 17 44.74 -23.99 -34.49
N SER E 18 44.15 -22.80 -34.47
CA SER E 18 42.81 -22.60 -33.95
C SER E 18 41.89 -22.09 -35.06
N ILE E 19 40.61 -22.47 -34.97
CA ILE E 19 39.58 -22.04 -35.92
C ILE E 19 38.35 -21.60 -35.14
N LEU E 20 37.71 -20.54 -35.62
CA LEU E 20 36.44 -20.08 -35.04
C LEU E 20 35.29 -20.59 -35.89
N PHE E 21 34.35 -21.30 -35.24
CA PHE E 21 33.13 -21.78 -35.87
C PHE E 21 31.94 -20.95 -35.36
N VAL E 22 31.12 -20.47 -36.29
CA VAL E 22 29.89 -19.76 -35.95
C VAL E 22 28.74 -20.56 -36.53
N CYS E 23 27.89 -21.12 -35.66
CA CYS E 23 26.86 -22.08 -36.05
C CYS E 23 25.49 -21.41 -36.06
N ASP E 24 24.95 -21.21 -37.27
CA ASP E 24 23.50 -21.04 -37.50
C ASP E 24 22.87 -19.91 -36.67
N VAL E 25 23.58 -18.79 -36.54
CA VAL E 25 23.02 -17.63 -35.86
C VAL E 25 22.22 -16.88 -36.93
N GLN E 26 20.98 -17.31 -37.12
CA GLN E 26 20.13 -16.85 -38.22
C GLN E 26 18.95 -16.06 -37.69
N GLU E 27 18.36 -15.26 -38.59
CA GLU E 27 17.42 -14.22 -38.16
C GLU E 27 16.14 -14.81 -37.58
N VAL E 28 15.72 -15.98 -38.03
CA VAL E 28 14.46 -16.53 -37.55
C VAL E 28 14.50 -16.86 -36.06
N PHE E 29 15.70 -17.02 -35.48
CA PHE E 29 15.88 -17.29 -34.06
C PHE E 29 15.73 -16.04 -33.18
N ARG E 30 15.56 -14.86 -33.79
CA ARG E 30 15.32 -13.65 -33.01
C ARG E 30 14.03 -13.78 -32.21
N GLY E 31 14.11 -13.51 -30.91
CA GLY E 31 12.98 -13.65 -30.03
C GLY E 31 12.72 -15.04 -29.50
N LEU E 32 13.37 -16.06 -30.04
CA LEU E 32 13.21 -17.42 -29.53
C LEU E 32 14.39 -17.88 -28.68
N THR E 33 15.61 -17.64 -29.15
CA THR E 33 16.78 -18.13 -28.43
C THR E 33 16.93 -17.40 -27.10
N PHE E 34 17.16 -18.19 -26.03
CA PHE E 34 17.30 -17.64 -24.69
C PHE E 34 18.56 -16.80 -24.60
N GLN E 35 18.41 -15.54 -24.22
CA GLN E 35 19.53 -14.59 -24.11
C GLN E 35 20.27 -14.42 -25.43
N LEU E 36 19.51 -14.40 -26.53
CA LEU E 36 20.12 -14.22 -27.84
C LEU E 36 20.98 -12.96 -27.95
N PRO E 37 20.61 -11.78 -27.42
CA PRO E 37 21.51 -10.61 -27.52
C PRO E 37 22.91 -10.87 -26.98
N THR E 38 23.03 -11.62 -25.88
CA THR E 38 24.36 -11.98 -25.39
C THR E 38 25.07 -12.94 -26.34
N VAL E 39 24.32 -13.86 -26.96
CA VAL E 39 24.92 -14.77 -27.93
C VAL E 39 25.49 -13.99 -29.11
N ILE E 40 24.71 -13.06 -29.65
CA ILE E 40 25.15 -12.29 -30.81
C ILE E 40 26.36 -11.44 -30.46
N HIS E 41 26.29 -10.73 -29.32
CA HIS E 41 27.39 -9.87 -28.91
C HIS E 41 28.66 -10.69 -28.66
N SER E 42 28.54 -11.80 -27.94
CA SER E 42 29.69 -12.62 -27.61
C SER E 42 30.34 -13.20 -28.86
N THR E 43 29.52 -13.68 -29.80
CA THR E 43 30.06 -14.20 -31.05
C THR E 43 30.86 -13.12 -31.78
N ASN E 44 30.35 -11.89 -31.80
CA ASN E 44 31.03 -10.80 -32.52
C ASN E 44 32.38 -10.48 -31.89
N THR E 45 32.48 -10.56 -30.56
CA THR E 45 33.78 -10.39 -29.92
C THR E 45 34.75 -11.48 -30.35
N MET E 46 34.27 -12.73 -30.45
CA MET E 46 35.12 -13.79 -30.99
C MET E 46 35.49 -13.51 -32.43
N VAL E 47 34.54 -13.03 -33.23
CA VAL E 47 34.83 -12.71 -34.62
C VAL E 47 35.88 -11.62 -34.71
N SER E 48 35.72 -10.56 -33.90
CA SER E 48 36.70 -9.49 -33.86
C SER E 48 38.06 -10.01 -33.36
N ALA E 49 38.04 -10.88 -32.36
CA ALA E 49 39.29 -11.46 -31.86
C ALA E 49 39.99 -12.28 -32.93
N ALA E 50 39.23 -12.98 -33.76
CA ALA E 50 39.81 -13.78 -34.83
C ALA E 50 40.60 -12.90 -35.80
N LYS E 51 40.07 -11.72 -36.14
CA LYS E 51 40.80 -10.81 -37.01
C LYS E 51 42.11 -10.36 -36.38
N LEU E 52 42.08 -10.04 -35.09
CA LEU E 52 43.29 -9.59 -34.40
C LEU E 52 44.35 -10.69 -34.28
N LEU E 53 43.95 -11.95 -34.31
CA LEU E 53 44.88 -13.07 -34.14
C LEU E 53 45.05 -13.89 -35.42
N ASN E 54 44.49 -13.42 -36.54
CA ASN E 54 44.58 -14.10 -37.84
C ASN E 54 44.04 -15.52 -37.75
N LEU E 55 42.84 -15.64 -37.21
CA LEU E 55 42.17 -16.93 -37.08
C LEU E 55 41.18 -17.11 -38.21
N PRO E 56 41.20 -18.23 -38.92
CA PRO E 56 40.15 -18.50 -39.90
C PRO E 56 38.82 -18.67 -39.17
N VAL E 57 37.75 -18.19 -39.78
CA VAL E 57 36.42 -18.41 -39.23
C VAL E 57 35.60 -19.19 -40.25
N VAL E 58 34.84 -20.15 -39.75
CA VAL E 58 33.94 -20.96 -40.55
C VAL E 58 32.53 -20.68 -40.04
N VAL E 59 31.67 -20.22 -40.95
CA VAL E 59 30.30 -19.86 -40.62
C VAL E 59 29.37 -20.78 -41.39
N THR E 60 28.29 -21.18 -40.74
CA THR E 60 27.32 -22.08 -41.36
C THR E 60 25.91 -21.51 -41.17
N THR E 61 25.04 -21.83 -42.12
CA THR E 61 23.63 -21.49 -42.03
C THR E 61 22.81 -22.76 -42.26
N GLN E 62 21.73 -22.89 -41.50
CA GLN E 62 20.82 -24.04 -41.61
C GLN E 62 19.60 -23.59 -42.41
N TYR E 63 19.42 -24.20 -43.58
CA TYR E 63 18.24 -23.97 -44.41
C TYR E 63 17.97 -22.48 -44.60
N GLY E 64 18.98 -21.79 -45.13
CA GLY E 64 18.90 -20.35 -45.31
C GLY E 64 17.80 -19.92 -46.26
N SER E 65 17.29 -20.85 -47.07
CA SER E 65 16.18 -20.53 -47.97
C SER E 65 14.93 -20.16 -47.18
N ARG E 66 14.70 -20.79 -46.03
CA ARG E 66 13.56 -20.48 -45.19
C ARG E 66 13.92 -19.82 -43.87
N LEU E 67 15.05 -20.18 -43.27
CA LEU E 67 15.40 -19.67 -41.95
C LEU E 67 16.17 -18.36 -42.00
N GLY E 68 16.44 -17.83 -43.18
CA GLY E 68 17.18 -16.60 -43.31
C GLY E 68 18.68 -16.79 -43.22
N SER E 69 19.41 -15.72 -43.52
CA SER E 69 20.85 -15.72 -43.47
C SER E 69 21.32 -15.35 -42.07
N THR E 70 22.64 -15.31 -41.89
CA THR E 70 23.22 -14.93 -40.60
C THR E 70 22.77 -13.53 -40.21
N VAL E 71 22.57 -13.32 -38.90
CA VAL E 71 22.01 -12.06 -38.42
C VAL E 71 22.89 -10.88 -38.82
N SER E 72 22.25 -9.73 -39.02
CA SER E 72 22.94 -8.57 -39.58
C SER E 72 24.15 -8.16 -38.77
N GLU E 73 24.05 -8.21 -37.44
CA GLU E 73 25.14 -7.73 -36.60
C GLU E 73 26.41 -8.58 -36.80
N ILE E 74 26.26 -9.89 -36.94
CA ILE E 74 27.42 -10.74 -37.20
C ILE E 74 27.87 -10.62 -38.65
N SER E 75 26.90 -10.49 -39.57
CA SER E 75 27.24 -10.41 -40.99
C SER E 75 28.09 -9.19 -41.29
N LYS E 76 27.79 -8.06 -40.67
CA LYS E 76 28.60 -6.86 -40.87
C LYS E 76 30.01 -7.05 -40.34
N ASN E 77 30.15 -7.73 -39.21
CA ASN E 77 31.47 -7.95 -38.63
C ASN E 77 32.30 -8.93 -39.45
N LEU E 78 31.66 -9.84 -40.19
CA LEU E 78 32.40 -10.85 -40.94
C LEU E 78 33.02 -10.33 -42.22
N GLU E 79 32.55 -9.18 -42.73
CA GLU E 79 33.04 -8.68 -44.01
C GLU E 79 34.52 -8.36 -43.98
N ASN E 80 35.06 -8.03 -42.79
CA ASN E 80 36.45 -7.65 -42.61
C ASN E 80 37.38 -8.82 -42.36
N VAL E 81 36.84 -10.03 -42.19
CA VAL E 81 37.67 -11.18 -41.81
C VAL E 81 38.50 -11.63 -43.01
N ASN E 82 39.79 -11.85 -42.78
CA ASN E 82 40.70 -12.20 -43.87
C ASN E 82 40.37 -13.59 -44.44
N ASP E 83 40.00 -14.54 -43.58
CA ASP E 83 39.72 -15.92 -44.00
C ASP E 83 38.37 -16.37 -43.44
N VAL E 84 37.30 -16.05 -44.17
CA VAL E 84 35.94 -16.41 -43.79
C VAL E 84 35.28 -17.16 -44.92
N LYS E 85 34.64 -18.29 -44.59
CA LYS E 85 33.86 -19.08 -45.53
C LYS E 85 32.51 -19.38 -44.92
N ILE E 86 31.45 -19.24 -45.70
CA ILE E 86 30.08 -19.42 -45.24
C ILE E 86 29.46 -20.57 -46.03
N PHE E 87 28.84 -21.50 -45.32
CA PHE E 87 28.26 -22.69 -45.93
C PHE E 87 26.81 -22.85 -45.52
N ASP E 88 25.96 -23.22 -46.49
CA ASP E 88 24.59 -23.61 -46.21
C ASP E 88 24.55 -25.14 -46.03
N LYS E 89 23.72 -25.60 -45.10
CA LYS E 89 23.71 -27.02 -44.78
C LYS E 89 22.32 -27.49 -44.40
N MET E 90 22.05 -28.76 -44.71
CA MET E 90 20.88 -29.47 -44.23
C MET E 90 21.19 -30.38 -43.04
N LYS E 91 22.43 -30.83 -42.93
CA LYS E 91 22.85 -31.62 -41.78
C LYS E 91 22.98 -30.72 -40.56
N PHE E 92 22.54 -31.23 -39.41
CA PHE E 92 22.59 -30.40 -38.19
C PHE E 92 24.03 -30.09 -37.81
N SER E 93 24.90 -31.09 -37.82
CA SER E 93 26.31 -30.86 -37.56
C SER E 93 26.92 -29.97 -38.64
N MET E 94 27.89 -29.15 -38.23
CA MET E 94 28.59 -28.30 -39.19
C MET E 94 29.53 -29.09 -40.09
N LEU E 95 29.94 -30.29 -39.65
CA LEU E 95 30.91 -31.10 -40.40
C LEU E 95 30.23 -31.75 -41.61
N VAL E 96 29.81 -30.91 -42.54
CA VAL E 96 29.28 -31.35 -43.83
C VAL E 96 30.47 -31.56 -44.76
N PRO E 97 30.34 -32.32 -45.85
CA PRO E 97 31.51 -32.59 -46.70
C PRO E 97 32.21 -31.35 -47.21
N GLU E 98 31.47 -30.30 -47.56
CA GLU E 98 32.10 -29.08 -48.05
C GLU E 98 32.96 -28.42 -46.96
N VAL E 99 32.46 -28.42 -45.72
CA VAL E 99 33.24 -27.85 -44.62
C VAL E 99 34.44 -28.73 -44.30
N GLU E 100 34.23 -30.04 -44.25
CA GLU E 100 35.32 -30.96 -43.98
C GLU E 100 36.41 -30.84 -45.05
N HIS E 101 36.00 -30.74 -46.32
CA HIS E 101 36.98 -30.54 -47.38
C HIS E 101 37.71 -29.22 -47.21
N HIS E 102 37.00 -28.18 -46.79
CA HIS E 102 37.63 -26.90 -46.53
C HIS E 102 38.66 -27.00 -45.40
N LEU E 103 38.30 -27.70 -44.32
CA LEU E 103 39.22 -27.87 -43.19
C LEU E 103 40.46 -28.66 -43.61
N THR E 104 40.27 -29.75 -44.34
CA THR E 104 41.39 -30.64 -44.66
C THR E 104 42.31 -30.05 -45.72
N SER E 105 41.75 -29.47 -46.78
CA SER E 105 42.60 -28.98 -47.86
C SER E 105 43.27 -27.66 -47.53
N ASN E 106 42.63 -26.78 -46.76
CA ASN E 106 43.17 -25.45 -46.53
C ASN E 106 43.82 -25.26 -45.16
N MET E 107 43.44 -26.04 -44.15
CA MET E 107 44.09 -25.89 -42.85
C MET E 107 44.19 -27.21 -42.11
N PRO E 108 44.85 -28.23 -42.69
CA PRO E 108 44.94 -29.52 -41.98
C PRO E 108 45.70 -29.44 -40.66
N GLN E 109 46.51 -28.39 -40.47
CA GLN E 109 47.30 -28.22 -39.26
C GLN E 109 46.51 -27.62 -38.10
N ARG E 110 45.27 -27.17 -38.31
CA ARG E 110 44.47 -26.54 -37.28
C ARG E 110 43.50 -27.56 -36.71
N LYS E 111 43.72 -27.95 -35.45
CA LYS E 111 42.91 -28.98 -34.81
C LYS E 111 42.19 -28.50 -33.56
N SER E 112 42.12 -27.19 -33.33
CA SER E 112 41.41 -26.62 -32.19
C SER E 112 40.29 -25.74 -32.71
N VAL E 113 39.05 -26.07 -32.33
CA VAL E 113 37.87 -25.37 -32.80
C VAL E 113 37.23 -24.62 -31.63
N LEU E 114 37.03 -23.32 -31.81
CA LEU E 114 36.26 -22.49 -30.91
C LEU E 114 34.82 -22.42 -31.44
N LEU E 115 33.87 -22.92 -30.68
CA LEU E 115 32.52 -23.17 -31.17
C LEU E 115 31.54 -22.17 -30.56
N CYS E 116 30.90 -21.39 -31.42
CA CYS E 116 29.85 -20.45 -31.03
C CYS E 116 28.59 -20.77 -31.80
N GLY E 117 27.50 -20.15 -31.42
CA GLY E 117 26.26 -20.24 -32.18
C GLY E 117 25.18 -20.98 -31.43
N ILE E 118 24.14 -21.36 -32.17
CA ILE E 118 22.95 -21.96 -31.60
C ILE E 118 22.42 -22.99 -32.61
N GLU E 119 21.65 -23.96 -32.12
CA GLU E 119 21.25 -24.24 -30.74
C GLU E 119 22.26 -25.14 -30.03
N THR E 120 22.41 -24.93 -28.71
CA THR E 120 23.44 -25.65 -27.95
C THR E 120 23.24 -27.15 -28.06
N HIS E 121 22.00 -27.60 -27.99
CA HIS E 121 21.69 -29.02 -27.88
C HIS E 121 21.41 -29.68 -29.21
N VAL E 122 21.39 -28.94 -30.31
CA VAL E 122 21.14 -29.58 -31.59
C VAL E 122 22.34 -29.43 -32.51
N CYS E 123 22.55 -28.23 -33.04
CA CYS E 123 23.57 -28.10 -34.07
C CYS E 123 24.95 -27.89 -33.47
N VAL E 124 25.04 -27.12 -32.38
CA VAL E 124 26.31 -26.97 -31.67
C VAL E 124 26.79 -28.33 -31.16
N LEU E 125 25.89 -29.06 -30.49
CA LEU E 125 26.29 -30.33 -29.89
C LEU E 125 26.73 -31.34 -30.95
N GLN E 126 25.96 -31.47 -32.03
CA GLN E 126 26.31 -32.45 -33.06
C GLN E 126 27.59 -32.06 -33.77
N THR E 127 27.81 -30.76 -33.98
CA THR E 127 29.10 -30.30 -34.48
C THR E 127 30.22 -30.70 -33.52
N CYS E 128 30.01 -30.52 -32.22
CA CYS E 128 31.03 -30.87 -31.24
C CYS E 128 31.36 -32.36 -31.31
N LEU E 129 30.32 -33.21 -31.29
CA LEU E 129 30.55 -34.65 -31.28
C LEU E 129 31.29 -35.11 -32.54
N ASP E 130 30.89 -34.58 -33.70
CA ASP E 130 31.54 -34.95 -34.95
C ASP E 130 33.00 -34.49 -34.98
N LEU E 131 33.27 -33.29 -34.47
CA LEU E 131 34.65 -32.81 -34.42
C LEU E 131 35.51 -33.66 -33.50
N LEU E 132 34.97 -34.06 -32.34
CA LEU E 132 35.72 -34.92 -31.42
C LEU E 132 36.08 -36.24 -32.08
N ASP E 133 35.17 -36.81 -32.86
CA ASP E 133 35.46 -38.08 -33.53
C ASP E 133 36.62 -37.95 -34.50
N LYS E 134 36.85 -36.75 -35.03
CA LYS E 134 37.92 -36.50 -36.00
C LYS E 134 39.19 -35.99 -35.35
N GLY E 135 39.30 -36.07 -34.03
CA GLY E 135 40.51 -35.67 -33.35
C GLY E 135 40.67 -34.19 -33.10
N TYR E 136 39.62 -33.40 -33.29
CA TYR E 136 39.69 -31.97 -33.00
C TYR E 136 39.51 -31.74 -31.51
N ASP E 137 40.17 -30.70 -31.01
CA ASP E 137 39.86 -30.15 -29.69
C ASP E 137 38.73 -29.14 -29.87
N VAL E 138 37.64 -29.33 -29.13
CA VAL E 138 36.46 -28.46 -29.22
C VAL E 138 36.38 -27.61 -27.97
N HIS E 139 36.37 -26.29 -28.15
CA HIS E 139 36.23 -25.33 -27.07
C HIS E 139 34.90 -24.63 -27.24
N VAL E 140 33.94 -24.97 -26.38
CA VAL E 140 32.60 -24.38 -26.44
C VAL E 140 32.64 -23.04 -25.71
N VAL E 141 32.38 -21.96 -26.43
CA VAL E 141 32.34 -20.62 -25.85
C VAL E 141 31.00 -20.45 -25.18
N SER E 142 30.94 -20.73 -23.87
CA SER E 142 29.66 -20.92 -23.20
C SER E 142 28.80 -19.67 -23.24
N ASP E 143 29.40 -18.49 -23.15
CA ASP E 143 28.60 -17.27 -23.20
C ASP E 143 28.31 -16.82 -24.63
N ALA E 144 28.62 -17.66 -25.64
CA ALA E 144 28.25 -17.39 -27.03
C ALA E 144 27.45 -18.54 -27.63
N VAL E 145 26.79 -19.35 -26.81
CA VAL E 145 25.92 -20.44 -27.26
C VAL E 145 24.68 -20.45 -26.39
N SER E 146 23.54 -20.78 -27.00
CA SER E 146 22.28 -20.83 -26.26
C SER E 146 21.28 -21.67 -27.05
N SER E 147 20.11 -21.87 -26.44
CA SER E 147 19.02 -22.62 -27.03
C SER E 147 17.73 -21.85 -26.81
N SER E 148 16.62 -22.45 -27.25
CA SER E 148 15.32 -21.85 -27.01
C SER E 148 15.00 -21.78 -25.52
N THR E 149 15.45 -22.76 -24.75
CA THR E 149 15.23 -22.77 -23.31
C THR E 149 16.57 -22.78 -22.59
N SER E 150 16.57 -22.19 -21.39
CA SER E 150 17.75 -22.23 -20.54
C SER E 150 18.11 -23.68 -20.17
N TYR E 151 17.08 -24.52 -19.97
CA TYR E 151 17.33 -25.91 -19.59
C TYR E 151 18.19 -26.63 -20.62
N ASN E 152 17.88 -26.44 -21.90
CA ASN E 152 18.59 -27.19 -22.94
C ASN E 152 19.99 -26.65 -23.18
N ARG E 153 20.23 -25.37 -22.91
CA ARG E 153 21.59 -24.84 -22.99
C ARG E 153 22.46 -25.42 -21.88
N SER E 154 21.96 -25.40 -20.65
CA SER E 154 22.73 -25.95 -19.53
C SER E 154 22.96 -27.45 -19.71
N MET E 155 21.96 -28.17 -20.21
CA MET E 155 22.11 -29.60 -20.44
C MET E 155 23.19 -29.86 -21.49
N ALA E 156 23.16 -29.13 -22.60
CA ALA E 156 24.10 -29.40 -23.69
C ALA E 156 25.53 -29.07 -23.29
N LEU E 157 25.73 -28.02 -22.48
CA LEU E 157 27.08 -27.68 -22.04
C LEU E 157 27.70 -28.81 -21.24
N GLU E 158 26.95 -29.42 -20.33
CA GLU E 158 27.48 -30.55 -19.58
C GLU E 158 27.52 -31.82 -20.41
N ARG E 159 26.58 -31.99 -21.35
CA ARG E 159 26.62 -33.13 -22.25
C ARG E 159 27.86 -33.07 -23.15
N MET E 160 28.25 -31.88 -23.60
CA MET E 160 29.47 -31.75 -24.39
C MET E 160 30.71 -31.89 -23.51
N ARG E 161 30.70 -31.31 -22.31
CA ARG E 161 31.84 -31.48 -21.40
C ARG E 161 32.04 -32.95 -21.05
N GLN E 162 30.93 -33.67 -20.84
CA GLN E 162 30.98 -35.09 -20.51
C GLN E 162 31.69 -35.91 -21.58
N SER E 163 31.71 -35.41 -22.82
CA SER E 163 32.36 -36.10 -23.93
C SER E 163 33.78 -35.58 -24.19
N GLY E 164 34.28 -34.66 -23.37
CA GLY E 164 35.64 -34.15 -23.53
C GLY E 164 35.74 -32.75 -24.10
N ALA E 165 34.64 -32.11 -24.48
CA ALA E 165 34.67 -30.72 -24.91
C ALA E 165 35.07 -29.81 -23.76
N TYR E 166 35.83 -28.75 -24.09
CA TYR E 166 36.27 -27.77 -23.11
C TYR E 166 35.26 -26.62 -23.06
N ILE E 167 34.59 -26.46 -21.93
CA ILE E 167 33.62 -25.39 -21.74
C ILE E 167 34.39 -24.14 -21.30
N THR E 168 34.50 -23.16 -22.20
CA THR E 168 35.23 -21.92 -21.97
C THR E 168 34.26 -20.73 -22.04
N SER E 169 34.83 -19.52 -22.11
CA SER E 169 34.06 -18.30 -22.26
C SER E 169 34.82 -17.35 -23.17
N VAL E 170 34.18 -16.23 -23.51
CA VAL E 170 34.77 -15.30 -24.48
C VAL E 170 36.12 -14.79 -23.96
N GLU E 171 36.13 -14.26 -22.73
CA GLU E 171 37.36 -13.74 -22.14
C GLU E 171 38.39 -14.84 -21.98
N SER E 172 37.97 -15.97 -21.38
CA SER E 172 38.92 -17.02 -21.05
C SER E 172 39.61 -17.54 -22.30
N ALA E 173 38.86 -17.78 -23.37
CA ALA E 173 39.45 -18.26 -24.61
C ALA E 173 40.34 -17.21 -25.26
N ILE E 174 39.91 -15.95 -25.25
CA ILE E 174 40.69 -14.92 -25.95
C ILE E 174 42.04 -14.70 -25.28
N PHE E 175 42.06 -14.68 -23.94
CA PHE E 175 43.33 -14.53 -23.24
C PHE E 175 44.19 -15.78 -23.35
N GLN E 176 43.58 -16.97 -23.41
CA GLN E 176 44.35 -18.18 -23.69
C GLN E 176 45.12 -18.05 -24.99
N LEU E 177 44.50 -17.42 -26.00
CA LEU E 177 45.14 -17.25 -27.29
C LEU E 177 46.25 -16.20 -27.26
N ALA E 178 46.21 -15.28 -26.30
CA ALA E 178 47.18 -14.19 -26.25
C ALA E 178 48.41 -14.58 -25.45
N ASN E 179 48.22 -15.15 -24.26
CA ASN E 179 49.24 -15.81 -23.45
C ASN E 179 50.26 -14.87 -22.83
N ASP E 180 50.33 -13.63 -23.31
CA ASP E 180 51.35 -12.66 -22.89
C ASP E 180 50.86 -11.27 -23.19
N ALA E 181 50.97 -10.36 -22.23
CA ALA E 181 50.75 -8.95 -22.53
C ALA E 181 51.92 -8.34 -23.29
N SER E 182 53.04 -9.04 -23.40
CA SER E 182 54.21 -8.56 -24.12
C SER E 182 54.09 -8.69 -25.64
N ASN E 183 53.19 -9.54 -26.13
CA ASN E 183 52.98 -9.66 -27.57
C ASN E 183 52.43 -8.36 -28.15
N PRO E 184 52.79 -8.03 -29.39
CA PRO E 184 52.40 -6.73 -29.95
C PRO E 184 50.90 -6.56 -30.15
N GLU E 185 50.10 -7.61 -29.97
CA GLU E 185 48.66 -7.54 -30.14
C GLU E 185 47.90 -7.37 -28.83
N PHE E 186 48.59 -7.26 -27.69
CA PHE E 186 47.89 -7.21 -26.42
C PHE E 186 47.08 -5.93 -26.28
N LYS E 187 47.64 -4.80 -26.69
CA LYS E 187 46.94 -3.52 -26.54
C LYS E 187 45.62 -3.54 -27.30
N ILE E 188 45.63 -4.00 -28.55
CA ILE E 188 44.40 -4.01 -29.33
C ILE E 188 43.44 -5.06 -28.82
N ILE E 189 43.95 -6.18 -28.29
CA ILE E 189 43.08 -7.22 -27.74
C ILE E 189 42.44 -6.73 -26.44
N SER E 190 43.22 -6.02 -25.60
CA SER E 190 42.66 -5.48 -24.37
C SER E 190 41.59 -4.45 -24.64
N LYS E 191 41.78 -3.60 -25.65
CA LYS E 191 40.75 -2.64 -26.01
C LYS E 191 39.47 -3.35 -26.41
N LEU E 192 39.59 -4.48 -27.12
CA LEU E 192 38.42 -5.27 -27.48
C LEU E 192 37.73 -5.86 -26.25
N ILE E 193 38.52 -6.37 -25.30
CA ILE E 193 37.93 -6.99 -24.11
C ILE E 193 37.23 -5.94 -23.24
N LYS E 194 37.85 -4.78 -23.08
CA LYS E 194 37.24 -3.73 -22.28
C LYS E 194 36.00 -3.18 -22.97
N GLU E 195 36.04 -3.09 -24.30
CA GLU E 195 34.83 -2.79 -25.06
C GLU E 195 33.78 -3.87 -24.84
N HIS E 196 34.21 -5.14 -24.84
CA HIS E 196 33.28 -6.25 -24.68
C HIS E 196 32.60 -6.22 -23.32
N LEU E 197 33.36 -5.90 -22.28
CA LEU E 197 32.80 -5.93 -20.92
C LEU E 197 31.81 -4.81 -20.64
N LYS E 198 31.67 -3.84 -21.56
CA LYS E 198 30.78 -2.71 -21.32
C LYS E 198 29.31 -3.15 -21.24
N VAL E 199 28.90 -4.10 -22.06
CA VAL E 199 27.51 -4.58 -22.03
C VAL E 199 27.44 -5.79 -21.12
N GLY E 200 26.29 -5.97 -20.48
CA GLY E 200 26.15 -7.03 -19.51
C GLY E 200 26.11 -8.40 -20.17
N ASN E 201 26.54 -9.40 -19.40
CA ASN E 201 26.46 -10.80 -19.80
C ASN E 201 25.11 -11.35 -19.32
N GLY E 202 24.21 -11.59 -20.26
CA GLY E 202 22.86 -12.04 -19.92
C GLY E 202 22.80 -13.38 -19.22
N PHE E 203 23.90 -14.15 -19.24
CA PHE E 203 23.96 -15.42 -18.53
C PHE E 203 24.48 -15.29 -17.10
N ASP E 204 24.93 -14.10 -16.68
CA ASP E 204 25.50 -13.92 -15.35
C ASP E 204 24.37 -13.70 -14.34
N THR E 205 23.77 -14.80 -13.92
CA THR E 205 22.68 -14.78 -12.95
C THR E 205 23.22 -14.65 -11.53
N LYS F 8 45.11 -43.14 -10.57
CA LYS F 8 44.41 -42.62 -9.40
C LYS F 8 44.53 -41.11 -9.32
N ARG F 9 43.40 -40.44 -9.08
CA ARG F 9 43.39 -38.99 -8.89
C ARG F 9 42.82 -38.71 -7.51
N LEU F 10 43.66 -38.87 -6.49
CA LEU F 10 43.23 -38.71 -5.11
C LEU F 10 43.46 -37.31 -4.60
N GLY F 11 44.55 -36.67 -5.02
CA GLY F 11 44.86 -35.33 -4.57
C GLY F 11 45.17 -35.23 -3.09
N HIS F 12 45.94 -36.18 -2.55
CA HIS F 12 46.42 -36.06 -1.17
C HIS F 12 47.31 -34.83 -1.05
N LEU F 13 47.42 -34.30 0.17
CA LEU F 13 48.19 -33.09 0.41
C LEU F 13 49.18 -33.35 1.54
N LEU F 14 50.47 -33.21 1.24
CA LEU F 14 51.55 -33.42 2.21
C LEU F 14 52.38 -32.15 2.34
N PRO F 15 52.63 -31.67 3.56
CA PRO F 15 53.35 -30.40 3.71
C PRO F 15 54.73 -30.40 3.07
N GLN F 16 55.43 -31.53 3.12
CA GLN F 16 56.80 -31.58 2.60
C GLN F 16 56.86 -31.49 1.07
N SER F 17 55.75 -31.71 0.38
CA SER F 17 55.75 -31.67 -1.09
C SER F 17 54.71 -30.70 -1.63
N SER F 18 54.34 -29.69 -0.84
CA SER F 18 53.33 -28.74 -1.23
C SER F 18 53.89 -27.32 -1.20
N ILE F 19 53.33 -26.47 -2.06
CA ILE F 19 53.74 -25.09 -2.16
C ILE F 19 52.51 -24.25 -2.49
N LEU F 20 52.47 -23.04 -1.95
CA LEU F 20 51.35 -22.12 -2.13
C LEU F 20 51.68 -21.11 -3.23
N PHE F 21 50.76 -20.97 -4.18
CA PHE F 21 50.87 -20.03 -5.29
C PHE F 21 49.84 -18.94 -5.11
N VAL F 22 50.28 -17.68 -5.12
CA VAL F 22 49.41 -16.51 -5.02
C VAL F 22 49.48 -15.75 -6.33
N CYS F 23 48.35 -15.66 -7.03
CA CYS F 23 48.30 -15.16 -8.40
C CYS F 23 47.65 -13.77 -8.44
N ASP F 24 48.50 -12.74 -8.56
CA ASP F 24 48.07 -11.40 -9.00
C ASP F 24 46.94 -10.83 -8.13
N VAL F 25 47.07 -10.93 -6.82
CA VAL F 25 46.10 -10.28 -5.92
C VAL F 25 46.64 -8.85 -5.73
N GLN F 26 46.34 -8.01 -6.72
CA GLN F 26 46.95 -6.71 -6.90
C GLN F 26 45.99 -5.58 -6.57
N GLU F 27 46.56 -4.40 -6.38
CA GLU F 27 45.76 -3.22 -6.03
C GLU F 27 44.80 -2.82 -7.14
N VAL F 28 45.19 -3.02 -8.41
CA VAL F 28 44.36 -2.57 -9.53
C VAL F 28 43.03 -3.32 -9.61
N PHE F 29 42.91 -4.45 -8.94
CA PHE F 29 41.68 -5.23 -8.95
C PHE F 29 40.73 -4.85 -7.82
N ARG F 30 41.10 -3.87 -6.99
CA ARG F 30 40.23 -3.46 -5.90
C ARG F 30 38.95 -2.84 -6.47
N GLY F 31 37.81 -3.33 -5.97
CA GLY F 31 36.52 -2.87 -6.43
C GLY F 31 36.04 -3.47 -7.73
N LEU F 32 36.87 -4.27 -8.41
CA LEU F 32 36.52 -4.84 -9.71
C LEU F 32 36.29 -6.34 -9.69
N THR F 33 36.75 -7.03 -8.65
CA THR F 33 36.67 -8.48 -8.60
C THR F 33 35.50 -8.91 -7.71
N PHE F 34 34.74 -9.89 -8.18
CA PHE F 34 33.63 -10.45 -7.41
C PHE F 34 34.13 -11.01 -6.08
N GLN F 35 33.54 -10.53 -4.98
CA GLN F 35 33.88 -10.98 -3.62
C GLN F 35 35.37 -10.86 -3.34
N LEU F 36 35.96 -9.73 -3.73
CA LEU F 36 37.39 -9.54 -3.51
C LEU F 36 37.81 -9.64 -2.05
N PRO F 37 37.10 -9.07 -1.07
CA PRO F 37 37.55 -9.26 0.33
C PRO F 37 37.67 -10.71 0.73
N THR F 38 36.78 -11.59 0.25
CA THR F 38 36.89 -13.00 0.59
C THR F 38 38.11 -13.63 -0.08
N VAL F 39 38.43 -13.22 -1.30
CA VAL F 39 39.66 -13.69 -1.94
C VAL F 39 40.88 -13.29 -1.13
N ILE F 40 40.92 -12.02 -0.71
CA ILE F 40 42.07 -11.51 0.03
C ILE F 40 42.17 -12.19 1.39
N HIS F 41 41.03 -12.31 2.09
CA HIS F 41 41.04 -12.93 3.40
C HIS F 41 41.38 -14.42 3.32
N SER F 42 40.78 -15.13 2.35
CA SER F 42 41.08 -16.56 2.19
C SER F 42 42.56 -16.77 1.89
N THR F 43 43.12 -15.98 0.96
CA THR F 43 44.53 -16.10 0.64
C THR F 43 45.41 -15.83 1.85
N ASN F 44 45.04 -14.85 2.68
CA ASN F 44 45.81 -14.55 3.88
C ASN F 44 45.81 -15.72 4.86
N THR F 45 44.67 -16.41 5.00
CA THR F 45 44.65 -17.61 5.83
C THR F 45 45.57 -18.69 5.25
N MET F 46 45.56 -18.83 3.92
CA MET F 46 46.47 -19.76 3.26
C MET F 46 47.92 -19.41 3.55
N VAL F 47 48.27 -18.11 3.44
CA VAL F 47 49.64 -17.68 3.66
C VAL F 47 50.05 -17.92 5.11
N SER F 48 49.17 -17.59 6.06
CA SER F 48 49.46 -17.85 7.47
C SER F 48 49.59 -19.35 7.72
N ALA F 49 48.81 -20.17 7.02
CA ALA F 49 48.94 -21.61 7.14
C ALA F 49 50.25 -22.11 6.56
N ALA F 50 50.74 -21.46 5.51
CA ALA F 50 52.00 -21.87 4.89
C ALA F 50 53.17 -21.67 5.85
N LYS F 51 53.17 -20.55 6.58
CA LYS F 51 54.21 -20.31 7.57
C LYS F 51 54.18 -21.35 8.68
N LEU F 52 52.98 -21.72 9.14
CA LEU F 52 52.87 -22.68 10.23
C LEU F 52 53.33 -24.07 9.81
N LEU F 53 53.06 -24.46 8.57
CA LEU F 53 53.43 -25.79 8.08
C LEU F 53 54.71 -25.77 7.26
N ASN F 54 55.43 -24.66 7.26
CA ASN F 54 56.71 -24.51 6.54
C ASN F 54 56.55 -24.83 5.06
N LEU F 55 55.52 -24.25 4.47
CA LEU F 55 55.28 -24.34 3.04
C LEU F 55 55.89 -23.15 2.33
N PRO F 56 56.65 -23.35 1.26
CA PRO F 56 57.14 -22.21 0.47
C PRO F 56 55.99 -21.49 -0.22
N VAL F 57 56.20 -20.19 -0.46
CA VAL F 57 55.21 -19.36 -1.10
C VAL F 57 55.83 -18.73 -2.35
N VAL F 58 55.12 -18.82 -3.46
CA VAL F 58 55.49 -18.16 -4.72
C VAL F 58 54.38 -17.17 -5.05
N VAL F 59 54.74 -15.90 -5.20
CA VAL F 59 53.79 -14.82 -5.46
C VAL F 59 54.15 -14.15 -6.77
N THR F 60 53.13 -13.66 -7.45
CA THR F 60 53.32 -12.99 -8.72
C THR F 60 52.39 -11.78 -8.81
N THR F 61 52.78 -10.80 -9.62
CA THR F 61 51.87 -9.71 -9.99
C THR F 61 52.01 -9.45 -11.48
N GLN F 62 50.92 -8.98 -12.09
CA GLN F 62 50.89 -8.60 -13.48
C GLN F 62 51.19 -7.11 -13.59
N TYR F 63 52.17 -6.76 -14.43
CA TYR F 63 52.56 -5.38 -14.64
C TYR F 63 52.30 -4.98 -16.09
N GLY F 64 51.77 -3.77 -16.28
CA GLY F 64 51.60 -3.20 -17.59
C GLY F 64 52.36 -1.90 -17.74
N SER F 65 51.63 -0.79 -17.79
CA SER F 65 52.27 0.53 -17.76
C SER F 65 52.91 0.82 -16.41
N ARG F 66 52.49 0.10 -15.36
CA ARG F 66 53.03 0.27 -14.03
C ARG F 66 53.36 -1.11 -13.46
N LEU F 67 54.30 -1.13 -12.52
CA LEU F 67 54.61 -2.37 -11.82
C LEU F 67 53.46 -2.75 -10.91
N GLY F 68 53.05 -4.01 -10.97
CA GLY F 68 51.98 -4.48 -10.11
C GLY F 68 52.39 -4.48 -8.65
N SER F 69 51.40 -4.36 -7.77
CA SER F 69 51.66 -4.36 -6.34
C SER F 69 50.63 -5.24 -5.64
N THR F 70 51.12 -6.20 -4.86
CA THR F 70 50.23 -7.04 -4.06
C THR F 70 49.47 -6.20 -3.04
N VAL F 71 48.23 -6.58 -2.77
CA VAL F 71 47.41 -5.83 -1.83
C VAL F 71 48.07 -5.84 -0.45
N SER F 72 48.00 -4.70 0.24
CA SER F 72 48.77 -4.50 1.46
C SER F 72 48.41 -5.51 2.55
N GLU F 73 47.16 -5.97 2.58
CA GLU F 73 46.77 -6.96 3.57
C GLU F 73 47.63 -8.21 3.46
N ILE F 74 47.88 -8.67 2.25
CA ILE F 74 48.72 -9.85 2.04
C ILE F 74 50.20 -9.48 2.15
N SER F 75 50.58 -8.31 1.64
CA SER F 75 51.97 -7.86 1.72
C SER F 75 52.43 -7.78 3.17
N LYS F 76 51.59 -7.26 4.06
CA LYS F 76 51.92 -7.20 5.47
C LYS F 76 52.10 -8.60 6.05
N ASN F 77 51.25 -9.54 5.65
CA ASN F 77 51.36 -10.90 6.19
C ASN F 77 52.61 -11.61 5.68
N LEU F 78 53.07 -11.26 4.48
CA LEU F 78 54.23 -11.92 3.88
C LEU F 78 55.54 -11.50 4.52
N GLU F 79 55.56 -10.43 5.32
CA GLU F 79 56.81 -9.96 5.91
C GLU F 79 57.40 -10.97 6.88
N ASN F 80 56.56 -11.75 7.56
CA ASN F 80 57.00 -12.73 8.54
C ASN F 80 57.24 -14.11 7.96
N VAL F 81 56.93 -14.34 6.68
CA VAL F 81 57.07 -15.65 6.07
C VAL F 81 58.47 -15.76 5.47
N ASN F 82 59.19 -16.81 5.85
CA ASN F 82 60.60 -16.92 5.51
C ASN F 82 60.79 -17.22 4.03
N ASP F 83 60.21 -18.33 3.56
CA ASP F 83 60.41 -18.81 2.20
C ASP F 83 59.33 -18.21 1.30
N VAL F 84 59.61 -17.04 0.75
CA VAL F 84 58.72 -16.35 -0.18
C VAL F 84 59.54 -15.82 -1.33
N LYS F 85 59.03 -15.97 -2.55
CA LYS F 85 59.62 -15.33 -3.74
C LYS F 85 58.51 -14.65 -4.52
N ILE F 86 58.68 -13.35 -4.81
CA ILE F 86 57.68 -12.53 -5.46
C ILE F 86 58.20 -12.11 -6.83
N PHE F 87 57.46 -12.45 -7.89
CA PHE F 87 57.91 -12.26 -9.27
C PHE F 87 56.98 -11.30 -10.01
N ASP F 88 57.55 -10.58 -10.98
CA ASP F 88 56.79 -9.75 -11.89
C ASP F 88 56.67 -10.47 -13.24
N LYS F 89 55.53 -10.30 -13.91
CA LYS F 89 55.31 -11.02 -15.15
C LYS F 89 54.34 -10.25 -16.05
N MET F 90 54.45 -10.51 -17.35
CA MET F 90 53.42 -10.18 -18.33
C MET F 90 52.71 -11.40 -18.88
N LYS F 91 53.33 -12.58 -18.78
CA LYS F 91 52.62 -13.83 -19.00
C LYS F 91 51.41 -13.91 -18.09
N PHE F 92 50.27 -14.35 -18.63
CA PHE F 92 49.13 -14.61 -17.77
C PHE F 92 49.41 -15.75 -16.80
N SER F 93 50.02 -16.83 -17.29
CA SER F 93 50.39 -17.92 -16.39
C SER F 93 51.57 -17.50 -15.51
N MET F 94 51.56 -18.02 -14.27
CA MET F 94 52.67 -17.78 -13.36
C MET F 94 53.94 -18.52 -13.76
N LEU F 95 53.84 -19.57 -14.58
CA LEU F 95 54.99 -20.42 -14.88
C LEU F 95 55.86 -19.73 -15.94
N VAL F 96 56.50 -18.65 -15.52
CA VAL F 96 57.48 -17.93 -16.33
C VAL F 96 58.84 -18.62 -16.13
N PRO F 97 59.83 -18.39 -17.00
CA PRO F 97 61.10 -19.12 -16.85
C PRO F 97 61.76 -18.92 -15.48
N GLU F 98 61.69 -17.72 -14.91
CA GLU F 98 62.34 -17.48 -13.62
C GLU F 98 61.63 -18.24 -12.50
N VAL F 99 60.30 -18.30 -12.54
CA VAL F 99 59.58 -19.09 -11.54
C VAL F 99 59.88 -20.57 -11.72
N GLU F 100 59.90 -21.04 -12.97
CA GLU F 100 60.20 -22.44 -13.23
C GLU F 100 61.60 -22.81 -12.72
N HIS F 101 62.58 -21.94 -12.93
CA HIS F 101 63.92 -22.20 -12.41
C HIS F 101 63.93 -22.25 -10.89
N HIS F 102 63.22 -21.33 -10.24
CA HIS F 102 63.17 -21.30 -8.78
C HIS F 102 62.60 -22.60 -8.22
N LEU F 103 61.59 -23.17 -8.88
CA LEU F 103 61.01 -24.43 -8.44
C LEU F 103 61.99 -25.59 -8.61
N THR F 104 62.64 -25.68 -9.78
CA THR F 104 63.53 -26.80 -10.04
C THR F 104 64.80 -26.72 -9.20
N SER F 105 65.39 -25.52 -9.09
CA SER F 105 66.66 -25.39 -8.41
C SER F 105 66.53 -25.59 -6.91
N ASN F 106 65.38 -25.23 -6.34
CA ASN F 106 65.26 -25.14 -4.89
C ASN F 106 64.22 -26.07 -4.28
N MET F 107 63.27 -26.58 -5.05
CA MET F 107 62.26 -27.45 -4.47
C MET F 107 61.66 -28.40 -5.50
N PRO F 108 62.48 -29.22 -6.16
CA PRO F 108 61.92 -30.12 -7.19
C PRO F 108 61.00 -31.19 -6.62
N GLN F 109 61.08 -31.45 -5.32
CA GLN F 109 60.24 -32.48 -4.69
C GLN F 109 58.83 -31.99 -4.38
N ARG F 110 58.56 -30.70 -4.48
CA ARG F 110 57.23 -30.16 -4.18
C ARG F 110 56.43 -30.09 -5.47
N LYS F 111 55.59 -31.10 -5.70
CA LYS F 111 54.77 -31.19 -6.92
C LYS F 111 53.27 -30.99 -6.64
N SER F 112 52.90 -30.61 -5.42
CA SER F 112 51.51 -30.29 -5.08
C SER F 112 51.41 -28.78 -4.92
N VAL F 113 50.54 -28.15 -5.72
CA VAL F 113 50.42 -26.71 -5.76
C VAL F 113 49.03 -26.31 -5.28
N LEU F 114 48.98 -25.46 -4.26
CA LEU F 114 47.75 -24.81 -3.82
C LEU F 114 47.70 -23.44 -4.48
N LEU F 115 46.66 -23.20 -5.28
CA LEU F 115 46.57 -22.05 -6.17
C LEU F 115 45.47 -21.10 -5.70
N CYS F 116 45.85 -19.85 -5.42
CA CYS F 116 44.92 -18.76 -5.11
C CYS F 116 45.20 -17.60 -6.05
N GLY F 117 44.19 -16.72 -6.21
CA GLY F 117 44.43 -15.45 -6.85
C GLY F 117 43.34 -15.09 -7.83
N ILE F 118 43.67 -14.18 -8.75
CA ILE F 118 42.72 -13.65 -9.72
C ILE F 118 43.46 -13.40 -11.03
N GLU F 119 42.75 -13.49 -12.15
CA GLU F 119 41.36 -13.90 -12.32
C GLU F 119 41.27 -15.40 -12.55
N THR F 120 40.19 -16.01 -12.05
CA THR F 120 40.02 -17.47 -12.18
C THR F 120 40.18 -17.92 -13.62
N HIS F 121 39.61 -17.17 -14.56
CA HIS F 121 39.56 -17.57 -15.95
C HIS F 121 40.70 -17.03 -16.80
N VAL F 122 41.65 -16.28 -16.23
CA VAL F 122 42.77 -15.84 -17.05
C VAL F 122 44.09 -16.32 -16.46
N CYS F 123 44.51 -15.74 -15.34
CA CYS F 123 45.84 -16.06 -14.85
C CYS F 123 45.83 -17.34 -14.02
N VAL F 124 44.77 -17.53 -13.24
CA VAL F 124 44.63 -18.74 -12.43
C VAL F 124 44.47 -19.96 -13.34
N LEU F 125 43.62 -19.87 -14.37
CA LEU F 125 43.41 -21.00 -15.26
C LEU F 125 44.68 -21.33 -16.04
N GLN F 126 45.32 -20.32 -16.64
CA GLN F 126 46.50 -20.59 -17.45
C GLN F 126 47.65 -21.11 -16.61
N THR F 127 47.81 -20.59 -15.38
CA THR F 127 48.78 -21.16 -14.45
C THR F 127 48.46 -22.62 -14.16
N CYS F 128 47.18 -22.91 -13.91
CA CYS F 128 46.77 -24.26 -13.59
C CYS F 128 47.04 -25.23 -14.74
N LEU F 129 46.75 -24.81 -15.98
CA LEU F 129 47.00 -25.69 -17.12
C LEU F 129 48.49 -25.92 -17.33
N ASP F 130 49.33 -24.91 -17.07
CA ASP F 130 50.77 -25.06 -17.26
C ASP F 130 51.38 -25.99 -16.21
N LEU F 131 50.90 -25.91 -14.97
CA LEU F 131 51.41 -26.81 -13.93
C LEU F 131 50.98 -28.25 -14.19
N LEU F 132 49.75 -28.44 -14.69
CA LEU F 132 49.28 -29.79 -15.02
C LEU F 132 50.11 -30.38 -16.16
N ASP F 133 50.49 -29.55 -17.14
CA ASP F 133 51.32 -30.05 -18.24
C ASP F 133 52.68 -30.52 -17.73
N LYS F 134 53.22 -29.89 -16.70
CA LYS F 134 54.53 -30.25 -16.16
C LYS F 134 54.48 -31.39 -15.17
N GLY F 135 53.31 -31.92 -14.84
CA GLY F 135 53.17 -33.04 -13.95
C GLY F 135 52.80 -32.70 -12.52
N TYR F 136 52.55 -31.42 -12.22
CA TYR F 136 52.20 -31.05 -10.86
C TYR F 136 50.73 -31.36 -10.60
N ASP F 137 50.42 -31.57 -9.32
CA ASP F 137 49.04 -31.60 -8.86
C ASP F 137 48.61 -30.18 -8.52
N VAL F 138 47.49 -29.75 -9.08
CA VAL F 138 46.98 -28.40 -8.88
C VAL F 138 45.74 -28.48 -8.00
N HIS F 139 45.78 -27.77 -6.87
CA HIS F 139 44.67 -27.67 -5.94
C HIS F 139 44.17 -26.23 -5.98
N VAL F 140 43.03 -26.02 -6.64
CA VAL F 140 42.45 -24.68 -6.73
C VAL F 140 41.68 -24.39 -5.44
N VAL F 141 42.14 -23.39 -4.70
CA VAL F 141 41.48 -23.00 -3.45
C VAL F 141 40.28 -22.15 -3.85
N SER F 142 39.10 -22.77 -3.87
CA SER F 142 37.93 -22.13 -4.47
C SER F 142 37.53 -20.84 -3.73
N ASP F 143 37.68 -20.79 -2.40
CA ASP F 143 37.36 -19.56 -1.68
C ASP F 143 38.35 -18.44 -1.95
N ALA F 144 39.45 -18.72 -2.64
CA ALA F 144 40.53 -17.75 -2.78
C ALA F 144 40.76 -17.36 -4.24
N VAL F 145 39.81 -17.67 -5.12
CA VAL F 145 39.89 -17.29 -6.52
C VAL F 145 38.57 -16.62 -6.91
N SER F 146 38.66 -15.66 -7.82
CA SER F 146 37.46 -15.02 -8.35
C SER F 146 37.83 -14.26 -9.61
N SER F 147 36.80 -13.81 -10.30
CA SER F 147 36.95 -13.04 -11.53
C SER F 147 36.14 -11.76 -11.39
N SER F 148 36.18 -10.94 -12.44
CA SER F 148 35.35 -9.74 -12.46
C SER F 148 33.87 -10.08 -12.38
N THR F 149 33.48 -11.26 -12.86
CA THR F 149 32.10 -11.70 -12.81
C THR F 149 32.01 -13.08 -12.15
N SER F 150 30.93 -13.30 -11.41
CA SER F 150 30.66 -14.62 -10.86
C SER F 150 30.60 -15.69 -11.96
N TYR F 151 30.13 -15.31 -13.15
CA TYR F 151 29.97 -16.26 -14.24
C TYR F 151 31.32 -16.86 -14.67
N ASN F 152 32.33 -16.00 -14.79
CA ASN F 152 33.64 -16.49 -15.22
C ASN F 152 34.36 -17.23 -14.09
N ARG F 153 34.04 -16.90 -12.83
CA ARG F 153 34.61 -17.64 -11.72
C ARG F 153 34.12 -19.08 -11.72
N SER F 154 32.80 -19.27 -11.80
CA SER F 154 32.23 -20.61 -11.82
C SER F 154 32.68 -21.38 -13.05
N MET F 155 32.67 -20.71 -14.22
CA MET F 155 33.14 -21.34 -15.44
C MET F 155 34.55 -21.86 -15.28
N ALA F 156 35.46 -21.02 -14.80
CA ALA F 156 36.87 -21.39 -14.69
C ALA F 156 37.09 -22.52 -13.70
N LEU F 157 36.30 -22.59 -12.63
CA LEU F 157 36.44 -23.69 -11.68
C LEU F 157 36.16 -25.03 -12.33
N GLU F 158 35.10 -25.11 -13.14
CA GLU F 158 34.77 -26.36 -13.84
C GLU F 158 35.70 -26.61 -15.01
N ARG F 159 36.19 -25.56 -15.66
CA ARG F 159 37.16 -25.74 -16.74
C ARG F 159 38.45 -26.34 -16.21
N MET F 160 38.89 -25.89 -15.04
CA MET F 160 40.10 -26.45 -14.42
C MET F 160 39.85 -27.86 -13.90
N ARG F 161 38.67 -28.09 -13.30
CA ARG F 161 38.35 -29.43 -12.81
C ARG F 161 38.33 -30.44 -13.93
N GLN F 162 37.77 -30.05 -15.08
CA GLN F 162 37.70 -30.92 -16.24
C GLN F 162 39.08 -31.33 -16.74
N SER F 163 40.10 -30.53 -16.45
CA SER F 163 41.47 -30.81 -16.87
C SER F 163 42.27 -31.58 -15.83
N GLY F 164 41.67 -31.90 -14.68
CA GLY F 164 42.34 -32.65 -13.64
C GLY F 164 42.65 -31.87 -12.37
N ALA F 165 42.38 -30.57 -12.33
CA ALA F 165 42.64 -29.80 -11.12
C ALA F 165 41.67 -30.19 -10.03
N TYR F 166 42.15 -30.18 -8.79
CA TYR F 166 41.31 -30.47 -7.64
C TYR F 166 40.72 -29.17 -7.10
N ILE F 167 39.40 -29.11 -6.98
CA ILE F 167 38.73 -27.93 -6.46
C ILE F 167 38.50 -28.13 -4.97
N THR F 168 39.27 -27.42 -4.16
CA THR F 168 39.28 -27.56 -2.72
C THR F 168 38.85 -26.25 -2.08
N SER F 169 38.99 -26.16 -0.75
CA SER F 169 38.65 -24.95 -0.02
C SER F 169 39.75 -24.64 0.99
N VAL F 170 39.69 -23.44 1.56
CA VAL F 170 40.67 -23.01 2.54
C VAL F 170 40.72 -23.99 3.71
N GLU F 171 39.55 -24.30 4.28
CA GLU F 171 39.51 -25.19 5.44
C GLU F 171 39.87 -26.61 5.05
N SER F 172 39.37 -27.08 3.90
CA SER F 172 39.59 -28.46 3.51
C SER F 172 41.07 -28.74 3.23
N ALA F 173 41.75 -27.80 2.56
CA ALA F 173 43.14 -28.01 2.22
C ALA F 173 44.04 -27.92 3.46
N ILE F 174 43.74 -26.99 4.36
CA ILE F 174 44.57 -26.85 5.56
C ILE F 174 44.49 -28.10 6.42
N PHE F 175 43.26 -28.61 6.64
CA PHE F 175 43.11 -29.83 7.42
C PHE F 175 43.61 -31.05 6.67
N GLN F 176 43.68 -31.00 5.34
CA GLN F 176 44.36 -32.06 4.60
C GLN F 176 45.84 -32.08 4.94
N LEU F 177 46.46 -30.89 5.06
CA LEU F 177 47.88 -30.82 5.39
C LEU F 177 48.14 -31.17 6.84
N ALA F 178 47.23 -30.78 7.75
CA ALA F 178 47.41 -31.10 9.16
C ALA F 178 47.33 -32.60 9.41
N ASN F 179 46.26 -33.24 8.89
CA ASN F 179 46.10 -34.68 8.78
C ASN F 179 45.87 -35.39 10.13
N ASP F 180 46.08 -34.69 11.24
CA ASP F 180 46.01 -35.35 12.55
C ASP F 180 46.04 -34.34 13.68
N ALA F 181 45.13 -34.50 14.65
CA ALA F 181 45.04 -33.57 15.76
C ALA F 181 46.14 -33.76 16.78
N SER F 182 46.74 -34.95 16.86
CA SER F 182 47.82 -35.18 17.80
C SER F 182 49.12 -34.52 17.36
N ASN F 183 49.21 -34.06 16.12
CA ASN F 183 50.41 -33.39 15.66
C ASN F 183 50.64 -32.11 16.47
N PRO F 184 51.91 -31.72 16.68
CA PRO F 184 52.16 -30.60 17.61
C PRO F 184 51.67 -29.26 17.09
N GLU F 185 51.42 -29.11 15.79
CA GLU F 185 50.98 -27.85 15.22
C GLU F 185 49.46 -27.72 15.15
N PHE F 186 48.71 -28.71 15.62
CA PHE F 186 47.26 -28.68 15.45
C PHE F 186 46.63 -27.56 16.26
N LYS F 187 47.10 -27.33 17.48
CA LYS F 187 46.50 -26.30 18.32
C LYS F 187 46.61 -24.93 17.67
N ILE F 188 47.79 -24.61 17.14
CA ILE F 188 47.98 -23.29 16.54
C ILE F 188 47.28 -23.22 15.19
N ILE F 189 47.15 -24.35 14.48
CA ILE F 189 46.39 -24.38 13.25
C ILE F 189 44.90 -24.19 13.54
N SER F 190 44.41 -24.83 14.61
CA SER F 190 43.03 -24.64 15.02
C SER F 190 42.76 -23.19 15.38
N LYS F 191 43.73 -22.52 16.00
CA LYS F 191 43.57 -21.10 16.30
C LYS F 191 43.38 -20.30 15.03
N LEU F 192 44.18 -20.60 14.01
CA LEU F 192 44.07 -19.89 12.73
C LEU F 192 42.71 -20.13 12.09
N ILE F 193 42.21 -21.38 12.15
CA ILE F 193 40.95 -21.70 11.50
C ILE F 193 39.79 -20.96 12.15
N LYS F 194 39.78 -20.88 13.49
CA LYS F 194 38.71 -20.13 14.16
C LYS F 194 38.84 -18.64 13.91
N GLU F 195 40.06 -18.14 13.78
CA GLU F 195 40.27 -16.77 13.30
C GLU F 195 39.66 -16.58 11.92
N HIS F 196 39.92 -17.54 11.02
CA HIS F 196 39.41 -17.44 9.66
C HIS F 196 37.88 -17.44 9.64
N LEU F 197 37.26 -18.22 10.52
CA LEU F 197 35.81 -18.43 10.46
C LEU F 197 34.99 -17.29 11.04
N LYS F 198 35.62 -16.28 11.66
CA LYS F 198 34.87 -15.15 12.19
C LYS F 198 34.22 -14.34 11.07
N VAL F 199 34.93 -14.13 9.96
CA VAL F 199 34.41 -13.37 8.82
C VAL F 199 33.66 -14.32 7.90
N GLY F 200 32.50 -13.86 7.41
CA GLY F 200 31.68 -14.71 6.57
C GLY F 200 32.33 -14.97 5.22
N ASN F 201 32.02 -16.14 4.67
CA ASN F 201 32.51 -16.52 3.34
C ASN F 201 31.64 -15.82 2.30
N GLY F 202 32.24 -14.90 1.54
CA GLY F 202 31.48 -14.15 0.57
C GLY F 202 30.81 -15.02 -0.48
N PHE F 203 31.39 -16.19 -0.76
CA PHE F 203 30.85 -17.11 -1.75
C PHE F 203 29.77 -18.05 -1.19
N ASP F 204 29.56 -18.07 0.13
CA ASP F 204 28.58 -18.96 0.75
C ASP F 204 27.19 -18.35 0.62
N THR F 205 26.58 -18.56 -0.55
CA THR F 205 25.28 -17.98 -0.89
C THR F 205 24.17 -18.99 -1.11
N LYS G 8 35.51 -49.72 -15.74
CA LYS G 8 34.11 -49.58 -15.35
C LYS G 8 33.98 -49.00 -13.94
N ARG G 9 33.26 -47.89 -13.83
CA ARG G 9 33.04 -47.21 -12.55
C ARG G 9 31.54 -47.16 -12.31
N LEU G 10 30.98 -48.24 -11.77
CA LEU G 10 29.54 -48.43 -11.69
C LEU G 10 28.98 -48.19 -10.29
N GLY G 11 29.70 -48.59 -9.25
CA GLY G 11 29.20 -48.39 -7.91
C GLY G 11 27.97 -49.21 -7.58
N HIS G 12 27.93 -50.48 -7.98
CA HIS G 12 26.90 -51.38 -7.51
C HIS G 12 27.05 -51.60 -6.00
N LEU G 13 25.92 -51.81 -5.34
CA LEU G 13 25.90 -52.01 -3.89
C LEU G 13 25.22 -53.34 -3.59
N LEU G 14 25.94 -54.23 -2.90
CA LEU G 14 25.42 -55.51 -2.49
C LEU G 14 25.60 -55.68 -0.98
N PRO G 15 24.57 -56.17 -0.28
CA PRO G 15 24.65 -56.24 1.19
C PRO G 15 25.84 -57.03 1.70
N GLN G 16 26.16 -58.17 1.08
CA GLN G 16 27.24 -59.00 1.60
C GLN G 16 28.61 -58.39 1.40
N SER G 17 28.71 -57.31 0.61
CA SER G 17 29.99 -56.67 0.34
C SER G 17 30.00 -55.20 0.71
N SER G 18 29.08 -54.75 1.57
CA SER G 18 28.98 -53.35 1.92
C SER G 18 29.14 -53.16 3.41
N ILE G 19 29.51 -51.94 3.80
CA ILE G 19 29.69 -51.58 5.20
C ILE G 19 29.35 -50.10 5.35
N LEU G 20 28.75 -49.75 6.49
CA LEU G 20 28.37 -48.38 6.79
C LEU G 20 29.40 -47.74 7.72
N PHE G 21 29.88 -46.55 7.35
CA PHE G 21 30.76 -45.73 8.17
C PHE G 21 29.97 -44.52 8.68
N VAL G 22 30.06 -44.27 9.99
CA VAL G 22 29.47 -43.09 10.62
C VAL G 22 30.61 -42.27 11.21
N CYS G 23 30.78 -41.04 10.72
CA CYS G 23 31.97 -40.24 10.99
C CYS G 23 31.67 -39.08 11.93
N ASP G 24 32.12 -39.21 13.19
CA ASP G 24 32.35 -38.08 14.10
C ASP G 24 31.12 -37.20 14.31
N VAL G 25 29.96 -37.80 14.48
CA VAL G 25 28.73 -37.03 14.74
C VAL G 25 28.65 -36.87 16.26
N GLN G 26 29.30 -35.84 16.77
CA GLN G 26 29.45 -35.64 18.20
C GLN G 26 28.70 -34.40 18.65
N GLU G 27 28.45 -34.32 19.96
CA GLU G 27 27.56 -33.29 20.51
C GLU G 27 28.12 -31.89 20.34
N VAL G 28 29.43 -31.73 20.19
CA VAL G 28 30.01 -30.39 20.07
C VAL G 28 29.63 -29.73 18.75
N PHE G 29 29.17 -30.50 17.76
CA PHE G 29 28.74 -29.94 16.49
C PHE G 29 27.28 -29.52 16.50
N ARG G 30 26.56 -29.75 17.60
CA ARG G 30 25.16 -29.35 17.69
C ARG G 30 25.05 -27.83 17.59
N GLY G 31 24.24 -27.37 16.64
CA GLY G 31 24.04 -25.95 16.43
C GLY G 31 25.03 -25.29 15.49
N LEU G 32 26.12 -25.96 15.13
CA LEU G 32 27.10 -25.40 14.20
C LEU G 32 27.04 -26.03 12.81
N THR G 33 26.70 -27.31 12.72
CA THR G 33 26.71 -28.00 11.44
C THR G 33 25.47 -27.60 10.62
N PHE G 34 25.70 -27.30 9.35
CA PHE G 34 24.63 -26.90 8.44
C PHE G 34 23.62 -28.03 8.28
N GLN G 35 22.35 -27.75 8.59
CA GLN G 35 21.26 -28.72 8.49
C GLN G 35 21.56 -30.00 9.27
N LEU G 36 22.10 -29.83 10.47
CA LEU G 36 22.42 -30.99 11.32
C LEU G 36 21.24 -31.92 11.56
N PRO G 37 20.01 -31.45 11.81
CA PRO G 37 18.90 -32.40 12.01
C PRO G 37 18.68 -33.34 10.82
N THR G 38 18.84 -32.84 9.60
CA THR G 38 18.74 -33.73 8.44
C THR G 38 19.85 -34.77 8.45
N VAL G 39 21.08 -34.37 8.80
CA VAL G 39 22.20 -35.30 8.81
C VAL G 39 21.98 -36.38 9.87
N ILE G 40 21.56 -35.97 11.06
CA ILE G 40 21.35 -36.93 12.14
C ILE G 40 20.24 -37.91 11.78
N HIS G 41 19.14 -37.38 11.23
CA HIS G 41 18.02 -38.25 10.84
C HIS G 41 18.44 -39.21 9.73
N SER G 42 19.13 -38.69 8.70
CA SER G 42 19.51 -39.54 7.57
C SER G 42 20.47 -40.63 8.01
N THR G 43 21.43 -40.29 8.89
CA THR G 43 22.34 -41.30 9.40
C THR G 43 21.59 -42.41 10.13
N ASN G 44 20.59 -42.03 10.92
CA ASN G 44 19.82 -43.03 11.65
C ASN G 44 19.09 -43.97 10.71
N THR G 45 18.52 -43.42 9.63
CA THR G 45 17.88 -44.27 8.63
C THR G 45 18.88 -45.28 8.04
N MET G 46 20.09 -44.82 7.73
CA MET G 46 21.13 -45.74 7.25
C MET G 46 21.46 -46.79 8.30
N VAL G 47 21.62 -46.38 9.56
CA VAL G 47 21.90 -47.34 10.62
C VAL G 47 20.77 -48.36 10.73
N SER G 48 19.53 -47.88 10.64
CA SER G 48 18.40 -48.79 10.71
C SER G 48 18.36 -49.73 9.51
N ALA G 49 18.70 -49.22 8.33
CA ALA G 49 18.81 -50.09 7.16
C ALA G 49 19.91 -51.13 7.35
N ALA G 50 21.00 -50.76 8.01
CA ALA G 50 22.10 -51.71 8.22
C ALA G 50 21.63 -52.91 9.02
N LYS G 51 20.81 -52.69 10.05
CA LYS G 51 20.26 -53.82 10.80
C LYS G 51 19.39 -54.71 9.91
N LEU G 52 18.53 -54.10 9.09
CA LEU G 52 17.64 -54.90 8.26
C LEU G 52 18.41 -55.72 7.23
N LEU G 53 19.52 -55.17 6.71
CA LEU G 53 20.33 -55.85 5.71
C LEU G 53 21.57 -56.53 6.30
N ASN G 54 21.71 -56.53 7.62
CA ASN G 54 22.86 -57.14 8.32
C ASN G 54 24.18 -56.61 7.76
N LEU G 55 24.31 -55.29 7.76
CA LEU G 55 25.56 -54.64 7.37
C LEU G 55 26.35 -54.26 8.61
N PRO G 56 27.64 -54.57 8.66
CA PRO G 56 28.45 -54.10 9.79
C PRO G 56 28.60 -52.60 9.75
N VAL G 57 28.69 -52.00 10.94
CA VAL G 57 28.75 -50.55 11.10
C VAL G 57 30.05 -50.20 11.83
N VAL G 58 30.76 -49.21 11.30
CA VAL G 58 31.97 -48.68 11.93
C VAL G 58 31.69 -47.22 12.30
N VAL G 59 31.82 -46.92 13.60
CA VAL G 59 31.54 -45.59 14.12
C VAL G 59 32.83 -45.03 14.70
N THR G 60 33.08 -43.75 14.43
CA THR G 60 34.28 -43.11 14.91
C THR G 60 33.94 -41.85 15.70
N THR G 61 34.82 -41.50 16.63
CA THR G 61 34.74 -40.24 17.36
C THR G 61 36.11 -39.57 17.29
N GLN G 62 36.08 -38.24 17.22
CA GLN G 62 37.30 -37.45 17.11
C GLN G 62 37.54 -36.72 18.43
N TYR G 63 38.65 -37.07 19.10
CA TYR G 63 39.03 -36.45 20.36
C TYR G 63 37.87 -36.49 21.37
N GLY G 64 37.41 -37.71 21.62
CA GLY G 64 36.22 -37.90 22.42
C GLY G 64 36.36 -37.39 23.85
N SER G 65 37.59 -37.34 24.37
CA SER G 65 37.82 -36.86 25.72
C SER G 65 37.50 -35.37 25.87
N ARG G 66 37.44 -34.62 24.78
CA ARG G 66 37.17 -33.19 24.85
C ARG G 66 35.99 -32.80 23.97
N LEU G 67 35.75 -33.55 22.89
CA LEU G 67 34.70 -33.22 21.94
C LEU G 67 33.41 -33.99 22.15
N GLY G 68 33.39 -34.94 23.08
CA GLY G 68 32.18 -35.66 23.40
C GLY G 68 31.97 -36.90 22.58
N SER G 69 30.98 -37.69 23.01
CA SER G 69 30.64 -38.95 22.36
C SER G 69 29.63 -38.71 21.23
N THR G 70 29.29 -39.80 20.53
CA THR G 70 28.29 -39.73 19.47
C THR G 70 26.96 -39.23 20.04
N VAL G 71 26.25 -38.41 19.25
CA VAL G 71 25.01 -37.82 19.71
C VAL G 71 24.02 -38.92 20.09
N SER G 72 23.20 -38.62 21.11
CA SER G 72 22.38 -39.65 21.72
C SER G 72 21.36 -40.23 20.75
N GLU G 73 20.93 -39.45 19.76
CA GLU G 73 19.98 -39.96 18.77
C GLU G 73 20.55 -41.15 18.02
N ILE G 74 21.81 -41.07 17.62
CA ILE G 74 22.40 -42.16 16.84
C ILE G 74 22.86 -43.30 17.74
N SER G 75 23.45 -42.98 18.91
CA SER G 75 23.99 -44.03 19.75
C SER G 75 22.90 -44.97 20.25
N LYS G 76 21.71 -44.42 20.56
CA LYS G 76 20.59 -45.28 20.93
C LYS G 76 20.21 -46.20 19.78
N ASN G 77 20.23 -45.69 18.55
CA ASN G 77 19.90 -46.51 17.38
C ASN G 77 20.93 -47.62 17.18
N LEU G 78 22.19 -47.39 17.58
CA LEU G 78 23.25 -48.38 17.41
C LEU G 78 23.14 -49.55 18.39
N GLU G 79 22.27 -49.46 19.39
CA GLU G 79 22.24 -50.48 20.44
C GLU G 79 21.81 -51.84 19.91
N ASN G 80 20.85 -51.87 18.99
CA ASN G 80 20.30 -53.13 18.49
C ASN G 80 21.10 -53.74 17.34
N VAL G 81 22.17 -53.09 16.88
CA VAL G 81 22.89 -53.56 15.70
C VAL G 81 23.85 -54.68 16.08
N ASN G 82 23.93 -55.69 15.21
CA ASN G 82 24.64 -56.91 15.55
C ASN G 82 26.16 -56.76 15.49
N ASP G 83 26.66 -55.97 14.54
CA ASP G 83 28.10 -55.82 14.33
C ASP G 83 28.44 -54.34 14.29
N VAL G 84 28.76 -53.76 15.45
CA VAL G 84 29.19 -52.38 15.56
C VAL G 84 30.52 -52.33 16.28
N LYS G 85 31.46 -51.56 15.74
CA LYS G 85 32.71 -51.27 16.44
C LYS G 85 32.89 -49.76 16.45
N ILE G 86 33.10 -49.19 17.64
CA ILE G 86 33.31 -47.77 17.80
C ILE G 86 34.79 -47.53 18.06
N PHE G 87 35.40 -46.65 17.29
CA PHE G 87 36.81 -46.34 17.42
C PHE G 87 36.96 -44.86 17.76
N ASP G 88 37.84 -44.57 18.71
CA ASP G 88 38.24 -43.21 19.01
C ASP G 88 39.54 -42.91 18.27
N LYS G 89 39.59 -41.77 17.60
CA LYS G 89 40.73 -41.42 16.78
C LYS G 89 41.14 -39.96 17.02
N MET G 90 42.41 -39.68 16.75
CA MET G 90 42.89 -38.30 16.65
C MET G 90 43.13 -37.91 15.20
N LYS G 91 43.41 -38.88 14.33
CA LYS G 91 43.58 -38.62 12.91
C LYS G 91 42.24 -38.22 12.29
N PHE G 92 42.29 -37.31 11.32
CA PHE G 92 41.03 -36.85 10.71
C PHE G 92 40.35 -37.96 9.90
N SER G 93 41.12 -38.73 9.13
CA SER G 93 40.53 -39.82 8.37
C SER G 93 40.14 -40.97 9.30
N MET G 94 39.05 -41.63 8.95
CA MET G 94 38.58 -42.77 9.74
C MET G 94 39.53 -43.96 9.62
N LEU G 95 40.25 -44.06 8.52
CA LEU G 95 41.07 -45.24 8.22
C LEU G 95 42.40 -45.22 8.99
N VAL G 96 42.28 -45.23 10.31
CA VAL G 96 43.45 -45.42 11.18
C VAL G 96 43.81 -46.90 11.10
N PRO G 97 45.06 -47.29 11.39
CA PRO G 97 45.44 -48.70 11.18
C PRO G 97 44.55 -49.70 11.89
N GLU G 98 44.11 -49.39 13.11
CA GLU G 98 43.21 -50.31 13.81
C GLU G 98 41.89 -50.45 13.07
N VAL G 99 41.40 -49.37 12.46
CA VAL G 99 40.18 -49.45 11.66
C VAL G 99 40.43 -50.25 10.39
N GLU G 100 41.54 -49.97 9.69
CA GLU G 100 41.87 -50.70 8.48
C GLU G 100 42.06 -52.19 8.77
N HIS G 101 42.62 -52.52 9.94
CA HIS G 101 42.80 -53.93 10.28
C HIS G 101 41.47 -54.60 10.63
N HIS G 102 40.53 -53.84 11.18
CA HIS G 102 39.21 -54.41 11.46
C HIS G 102 38.54 -54.86 10.17
N LEU G 103 38.64 -54.06 9.11
CA LEU G 103 38.09 -54.46 7.82
C LEU G 103 38.85 -55.63 7.22
N THR G 104 40.19 -55.55 7.22
CA THR G 104 41.01 -56.55 6.56
C THR G 104 40.82 -57.93 7.19
N SER G 105 40.87 -57.99 8.52
CA SER G 105 40.89 -59.27 9.22
C SER G 105 39.51 -59.88 9.38
N ASN G 106 38.45 -59.07 9.50
CA ASN G 106 37.12 -59.58 9.80
C ASN G 106 36.17 -59.58 8.62
N MET G 107 36.39 -58.72 7.61
CA MET G 107 35.48 -58.66 6.47
C MET G 107 36.21 -58.21 5.21
N PRO G 108 37.19 -58.98 4.73
CA PRO G 108 37.92 -58.55 3.52
C PRO G 108 37.05 -58.51 2.27
N GLN G 109 35.90 -59.18 2.28
CA GLN G 109 35.00 -59.21 1.14
C GLN G 109 34.13 -57.97 1.02
N ARG G 110 34.13 -57.12 2.04
CA ARG G 110 33.27 -55.93 2.06
C ARG G 110 34.12 -54.74 1.57
N LYS G 111 33.97 -54.40 0.30
CA LYS G 111 34.77 -53.33 -0.30
C LYS G 111 33.92 -52.15 -0.76
N SER G 112 32.63 -52.13 -0.44
CA SER G 112 31.77 -50.97 -0.66
C SER G 112 31.53 -50.31 0.69
N VAL G 113 31.89 -49.03 0.80
CA VAL G 113 31.79 -48.31 2.07
C VAL G 113 30.76 -47.20 1.91
N LEU G 114 29.72 -47.25 2.74
CA LEU G 114 28.72 -46.19 2.79
C LEU G 114 29.14 -45.19 3.86
N LEU G 115 29.37 -43.95 3.46
CA LEU G 115 30.00 -42.94 4.30
C LEU G 115 28.99 -41.88 4.73
N CYS G 116 28.79 -41.75 6.03
CA CYS G 116 27.99 -40.69 6.63
C CYS G 116 28.84 -39.91 7.63
N GLY G 117 28.36 -38.74 8.03
CA GLY G 117 28.93 -38.02 9.16
C GLY G 117 29.43 -36.63 8.80
N ILE G 118 30.17 -36.04 9.75
CA ILE G 118 30.65 -34.68 9.64
C ILE G 118 32.12 -34.63 10.03
N GLU G 119 32.86 -33.70 9.43
CA GLU G 119 32.43 -32.73 8.42
C GLU G 119 32.72 -33.24 7.02
N THR G 120 31.90 -32.81 6.05
CA THR G 120 32.07 -33.26 4.67
C THR G 120 33.49 -33.04 4.18
N HIS G 121 34.04 -31.87 4.47
CA HIS G 121 35.29 -31.43 3.87
C HIS G 121 36.50 -31.73 4.73
N VAL G 122 36.33 -32.30 5.92
CA VAL G 122 37.49 -32.59 6.74
C VAL G 122 37.63 -34.08 6.97
N CYS G 123 36.75 -34.65 7.80
CA CYS G 123 36.93 -36.04 8.17
C CYS G 123 36.27 -36.99 7.19
N VAL G 124 35.14 -36.59 6.60
CA VAL G 124 34.52 -37.39 5.54
C VAL G 124 35.41 -37.41 4.30
N LEU G 125 35.90 -36.23 3.90
CA LEU G 125 36.75 -36.13 2.71
C LEU G 125 38.00 -36.98 2.86
N GLN G 126 38.73 -36.81 3.97
CA GLN G 126 40.00 -37.51 4.13
C GLN G 126 39.80 -39.02 4.25
N THR G 127 38.72 -39.43 4.91
CA THR G 127 38.36 -40.84 4.97
C THR G 127 38.10 -41.38 3.57
N CYS G 128 37.33 -40.63 2.78
CA CYS G 128 37.02 -41.04 1.41
C CYS G 128 38.29 -41.20 0.58
N LEU G 129 39.21 -40.24 0.68
CA LEU G 129 40.46 -40.32 -0.10
C LEU G 129 41.31 -41.51 0.31
N ASP G 130 41.41 -41.79 1.62
CA ASP G 130 42.18 -42.93 2.06
C ASP G 130 41.56 -44.24 1.58
N LEU G 131 40.24 -44.36 1.67
CA LEU G 131 39.58 -45.58 1.21
C LEU G 131 39.79 -45.79 -0.29
N LEU G 132 39.67 -44.72 -1.07
CA LEU G 132 39.92 -44.82 -2.51
C LEU G 132 41.35 -45.27 -2.78
N ASP G 133 42.31 -44.79 -1.98
CA ASP G 133 43.69 -45.21 -2.15
C ASP G 133 43.84 -46.71 -1.96
N LYS G 134 43.10 -47.28 -1.02
CA LYS G 134 43.21 -48.69 -0.67
C LYS G 134 42.34 -49.58 -1.55
N GLY G 135 41.70 -49.03 -2.58
CA GLY G 135 40.92 -49.83 -3.50
C GLY G 135 39.48 -50.10 -3.09
N TYR G 136 38.93 -49.32 -2.18
CA TYR G 136 37.54 -49.45 -1.80
C TYR G 136 36.66 -48.62 -2.73
N ASP G 137 35.40 -49.03 -2.85
CA ASP G 137 34.36 -48.17 -3.41
C ASP G 137 33.79 -47.33 -2.28
N VAL G 138 33.74 -46.01 -2.50
CA VAL G 138 33.20 -45.07 -1.52
C VAL G 138 31.88 -44.51 -2.04
N HIS G 139 30.82 -44.73 -1.28
CA HIS G 139 29.49 -44.22 -1.58
C HIS G 139 29.16 -43.16 -0.53
N VAL G 140 29.30 -41.89 -0.90
CA VAL G 140 29.00 -40.81 0.03
C VAL G 140 27.49 -40.61 0.07
N VAL G 141 26.90 -40.83 1.23
CA VAL G 141 25.47 -40.61 1.43
C VAL G 141 25.29 -39.10 1.54
N SER G 142 24.93 -38.45 0.44
CA SER G 142 25.01 -36.99 0.36
C SER G 142 24.11 -36.33 1.41
N ASP G 143 22.88 -36.82 1.57
CA ASP G 143 21.98 -36.16 2.52
C ASP G 143 22.23 -36.57 3.95
N ALA G 144 23.34 -37.26 4.22
CA ALA G 144 23.73 -37.66 5.57
C ALA G 144 25.11 -37.11 5.95
N VAL G 145 25.59 -36.08 5.24
CA VAL G 145 26.86 -35.43 5.51
C VAL G 145 26.66 -33.93 5.41
N SER G 146 27.42 -33.18 6.22
CA SER G 146 27.37 -31.73 6.13
C SER G 146 28.58 -31.13 6.84
N SER G 147 28.70 -29.80 6.73
CA SER G 147 29.82 -29.04 7.28
C SER G 147 29.32 -27.84 8.06
N SER G 148 30.24 -26.99 8.51
CA SER G 148 29.84 -25.75 9.19
C SER G 148 29.07 -24.84 8.24
N THR G 149 29.38 -24.90 6.95
CA THR G 149 28.75 -24.05 5.95
C THR G 149 28.26 -24.91 4.80
N SER G 150 27.16 -24.48 4.18
CA SER G 150 26.72 -25.08 2.94
C SER G 150 27.82 -25.10 1.90
N TYR G 151 28.67 -24.07 1.88
CA TYR G 151 29.71 -23.96 0.87
C TYR G 151 30.65 -25.16 0.93
N ASN G 152 31.15 -25.48 2.12
CA ASN G 152 32.12 -26.56 2.25
C ASN G 152 31.48 -27.94 2.09
N ARG G 153 30.17 -28.06 2.29
CA ARG G 153 29.51 -29.33 2.02
C ARG G 153 29.42 -29.58 0.51
N SER G 154 28.94 -28.59 -0.24
CA SER G 154 28.83 -28.75 -1.69
C SER G 154 30.21 -28.95 -2.31
N MET G 155 31.20 -28.18 -1.86
CA MET G 155 32.54 -28.32 -2.41
C MET G 155 33.07 -29.73 -2.20
N ALA G 156 32.88 -30.27 -0.99
CA ALA G 156 33.45 -31.57 -0.65
C ALA G 156 32.81 -32.69 -1.45
N LEU G 157 31.50 -32.59 -1.70
CA LEU G 157 30.83 -33.60 -2.49
C LEU G 157 31.44 -33.71 -3.89
N GLU G 158 31.65 -32.56 -4.53
CA GLU G 158 32.24 -32.57 -5.86
C GLU G 158 33.72 -32.91 -5.81
N ARG G 159 34.40 -32.51 -4.74
CA ARG G 159 35.82 -32.86 -4.60
C ARG G 159 36.00 -34.36 -4.48
N MET G 160 35.10 -35.04 -3.75
CA MET G 160 35.18 -36.49 -3.66
C MET G 160 34.76 -37.17 -4.95
N ARG G 161 33.64 -36.73 -5.54
CA ARG G 161 33.21 -37.32 -6.81
C ARG G 161 34.31 -37.21 -7.86
N GLN G 162 35.02 -36.08 -7.86
CA GLN G 162 36.14 -35.86 -8.76
C GLN G 162 37.22 -36.92 -8.61
N SER G 163 37.37 -37.47 -7.40
CA SER G 163 38.37 -38.50 -7.17
C SER G 163 37.83 -39.91 -7.41
N GLY G 164 36.55 -40.06 -7.70
CA GLY G 164 35.94 -41.34 -7.97
C GLY G 164 34.90 -41.78 -6.96
N ALA G 165 34.64 -41.04 -5.88
CA ALA G 165 33.60 -41.42 -4.95
C ALA G 165 32.23 -41.33 -5.61
N TYR G 166 31.34 -42.24 -5.25
CA TYR G 166 29.98 -42.21 -5.76
C TYR G 166 29.12 -41.35 -4.84
N ILE G 167 28.46 -40.36 -5.42
CA ILE G 167 27.59 -39.45 -4.65
C ILE G 167 26.18 -39.99 -4.75
N THR G 168 25.72 -40.62 -3.67
CA THR G 168 24.41 -41.24 -3.62
C THR G 168 23.55 -40.53 -2.54
N SER G 169 22.43 -41.14 -2.20
CA SER G 169 21.54 -40.60 -1.20
C SER G 169 21.03 -41.74 -0.32
N VAL G 170 20.35 -41.37 0.77
CA VAL G 170 19.81 -42.35 1.70
C VAL G 170 18.89 -43.33 0.96
N GLU G 171 17.93 -42.79 0.22
CA GLU G 171 16.95 -43.64 -0.44
C GLU G 171 17.56 -44.41 -1.60
N SER G 172 18.39 -43.74 -2.39
CA SER G 172 18.98 -44.38 -3.57
C SER G 172 19.89 -45.53 -3.18
N ALA G 173 20.70 -45.34 -2.15
CA ALA G 173 21.61 -46.41 -1.70
C ALA G 173 20.82 -47.58 -1.14
N ILE G 174 19.84 -47.31 -0.26
CA ILE G 174 19.10 -48.39 0.38
C ILE G 174 18.39 -49.25 -0.65
N PHE G 175 17.73 -48.61 -1.62
CA PHE G 175 17.04 -49.37 -2.66
C PHE G 175 18.03 -50.13 -3.53
N GLN G 176 19.22 -49.58 -3.75
CA GLN G 176 20.28 -50.32 -4.42
C GLN G 176 20.61 -51.60 -3.68
N LEU G 177 20.73 -51.53 -2.35
CA LEU G 177 20.97 -52.73 -1.56
C LEU G 177 19.78 -53.67 -1.56
N ALA G 178 18.56 -53.13 -1.61
CA ALA G 178 17.37 -53.98 -1.56
C ALA G 178 17.16 -54.74 -2.87
N ASN G 179 17.33 -54.06 -4.01
CA ASN G 179 17.53 -54.63 -5.34
C ASN G 179 16.29 -55.28 -5.96
N ASP G 180 15.29 -55.62 -5.15
CA ASP G 180 14.17 -56.41 -5.65
C ASP G 180 13.03 -56.42 -4.65
N ALA G 181 11.83 -56.07 -5.11
CA ALA G 181 10.67 -55.98 -4.23
C ALA G 181 10.15 -57.34 -3.77
N SER G 182 10.64 -58.43 -4.38
CA SER G 182 10.22 -59.78 -4.00
C SER G 182 11.11 -60.40 -2.94
N ASN G 183 12.20 -59.73 -2.55
CA ASN G 183 13.03 -60.21 -1.46
C ASN G 183 12.26 -60.16 -0.14
N PRO G 184 12.57 -61.06 0.81
CA PRO G 184 11.79 -61.08 2.06
C PRO G 184 11.92 -59.82 2.89
N GLU G 185 13.02 -59.07 2.74
CA GLU G 185 13.26 -57.87 3.52
C GLU G 185 12.58 -56.62 2.94
N PHE G 186 11.95 -56.72 1.78
CA PHE G 186 11.44 -55.51 1.11
C PHE G 186 10.33 -54.84 1.91
N LYS G 187 9.43 -55.64 2.50
CA LYS G 187 8.30 -55.07 3.22
C LYS G 187 8.77 -54.19 4.36
N ILE G 188 9.71 -54.69 5.17
CA ILE G 188 10.20 -53.91 6.30
C ILE G 188 11.07 -52.74 5.81
N ILE G 189 11.82 -52.95 4.71
CA ILE G 189 12.59 -51.85 4.14
C ILE G 189 11.66 -50.77 3.60
N SER G 190 10.54 -51.17 3.00
CA SER G 190 9.58 -50.19 2.50
C SER G 190 9.05 -49.32 3.64
N LYS G 191 8.79 -49.94 4.80
CA LYS G 191 8.31 -49.17 5.94
C LYS G 191 9.35 -48.16 6.40
N LEU G 192 10.62 -48.57 6.41
CA LEU G 192 11.68 -47.65 6.82
C LEU G 192 11.77 -46.45 5.89
N ILE G 193 11.75 -46.70 4.57
CA ILE G 193 11.79 -45.61 3.59
C ILE G 193 10.56 -44.72 3.77
N LYS G 194 9.39 -45.32 3.98
CA LYS G 194 8.17 -44.55 4.19
C LYS G 194 8.30 -43.67 5.43
N GLU G 195 8.89 -44.19 6.50
CA GLU G 195 9.11 -43.39 7.71
C GLU G 195 10.10 -42.27 7.44
N HIS G 196 11.18 -42.56 6.71
CA HIS G 196 12.20 -41.54 6.45
C HIS G 196 11.65 -40.38 5.62
N LEU G 197 10.72 -40.68 4.71
CA LEU G 197 10.19 -39.65 3.81
C LEU G 197 9.23 -38.69 4.50
N LYS G 198 8.76 -39.00 5.71
CA LYS G 198 7.77 -38.14 6.37
C LYS G 198 8.35 -36.79 6.80
N VAL G 199 9.67 -36.69 7.00
CA VAL G 199 10.29 -35.47 7.48
C VAL G 199 11.07 -34.82 6.35
N GLY G 200 10.95 -33.50 6.26
CA GLY G 200 11.54 -32.79 5.13
C GLY G 200 13.04 -32.91 5.10
N ASN G 201 13.57 -32.99 3.88
CA ASN G 201 15.00 -32.95 3.66
C ASN G 201 15.47 -31.49 3.65
N GLY G 202 16.33 -31.14 4.60
CA GLY G 202 16.84 -29.78 4.68
C GLY G 202 17.76 -29.39 3.54
N PHE G 203 18.31 -30.36 2.82
CA PHE G 203 19.19 -30.09 1.70
C PHE G 203 18.44 -29.92 0.38
N ASP G 204 17.12 -30.13 0.37
CA ASP G 204 16.33 -30.07 -0.86
C ASP G 204 15.92 -28.62 -1.13
N THR G 205 16.78 -27.91 -1.85
CA THR G 205 16.57 -26.49 -2.11
C THR G 205 16.51 -26.16 -3.60
N LYS H 8 36.81 -43.11 -26.61
CA LYS H 8 36.11 -41.83 -26.71
C LYS H 8 34.67 -41.97 -26.22
N ARG H 9 34.25 -41.03 -25.37
CA ARG H 9 32.90 -41.06 -24.82
C ARG H 9 32.02 -40.06 -25.58
N LEU H 10 31.70 -40.41 -26.82
CA LEU H 10 30.98 -39.47 -27.68
C LEU H 10 29.46 -39.59 -27.53
N GLY H 11 28.94 -40.81 -27.44
CA GLY H 11 27.50 -40.98 -27.30
C GLY H 11 26.70 -40.61 -28.52
N HIS H 12 27.18 -40.96 -29.71
CA HIS H 12 26.37 -40.80 -30.91
C HIS H 12 25.13 -41.69 -30.81
N LEU H 13 24.10 -41.31 -31.58
CA LEU H 13 22.81 -42.01 -31.59
C LEU H 13 22.41 -42.28 -33.03
N LEU H 14 22.27 -43.56 -33.36
CA LEU H 14 21.82 -44.00 -34.67
C LEU H 14 20.52 -44.80 -34.50
N PRO H 15 19.49 -44.56 -35.33
CA PRO H 15 18.21 -45.26 -35.11
C PRO H 15 18.31 -46.78 -35.19
N GLN H 16 19.09 -47.31 -36.13
CA GLN H 16 19.17 -48.76 -36.29
C GLN H 16 19.88 -49.45 -35.13
N SER H 17 20.52 -48.70 -34.23
CA SER H 17 21.21 -49.27 -33.09
C SER H 17 20.75 -48.69 -31.75
N SER H 18 19.64 -47.97 -31.73
CA SER H 18 19.10 -47.37 -30.52
C SER H 18 17.81 -48.08 -30.11
N ILE H 19 17.45 -47.92 -28.84
CA ILE H 19 16.21 -48.49 -28.33
C ILE H 19 15.71 -47.61 -27.19
N LEU H 20 14.39 -47.47 -27.09
CA LEU H 20 13.76 -46.64 -26.06
C LEU H 20 13.33 -47.51 -24.88
N PHE H 21 13.72 -47.09 -23.68
CA PHE H 21 13.30 -47.71 -22.43
C PHE H 21 12.36 -46.76 -21.69
N VAL H 22 11.24 -47.29 -21.22
CA VAL H 22 10.29 -46.50 -20.42
C VAL H 22 10.15 -47.18 -19.06
N CYS H 23 10.67 -46.53 -18.03
CA CYS H 23 10.78 -47.12 -16.70
C CYS H 23 9.58 -46.69 -15.85
N ASP H 24 8.62 -47.60 -15.71
CA ASP H 24 7.68 -47.61 -14.58
C ASP H 24 6.95 -46.28 -14.40
N VAL H 25 6.15 -45.91 -15.40
CA VAL H 25 5.34 -44.72 -15.22
C VAL H 25 3.92 -45.15 -14.89
N GLN H 26 3.64 -45.34 -13.59
CA GLN H 26 2.37 -45.89 -13.13
C GLN H 26 1.43 -44.79 -12.65
N GLU H 27 0.18 -45.20 -12.42
CA GLU H 27 -0.87 -44.25 -12.08
C GLU H 27 -0.68 -43.67 -10.68
N VAL H 28 -0.30 -44.51 -9.71
CA VAL H 28 -0.23 -44.03 -8.33
C VAL H 28 0.86 -42.99 -8.14
N PHE H 29 1.85 -42.94 -9.03
CA PHE H 29 2.88 -41.92 -8.90
C PHE H 29 2.39 -40.54 -9.31
N ARG H 30 1.20 -40.44 -9.91
CA ARG H 30 0.60 -39.14 -10.16
C ARG H 30 0.38 -38.42 -8.84
N GLY H 31 0.78 -37.16 -8.78
CA GLY H 31 0.69 -36.41 -7.54
C GLY H 31 1.72 -36.76 -6.49
N LEU H 32 2.63 -37.68 -6.79
CA LEU H 32 3.72 -38.02 -5.89
C LEU H 32 5.10 -37.66 -6.43
N THR H 33 5.25 -37.63 -7.75
CA THR H 33 6.56 -37.43 -8.38
C THR H 33 6.73 -35.96 -8.76
N PHE H 34 7.89 -35.41 -8.44
CA PHE H 34 8.21 -34.02 -8.76
C PHE H 34 8.13 -33.80 -10.27
N GLN H 35 7.31 -32.84 -10.68
CA GLN H 35 7.16 -32.47 -12.10
C GLN H 35 6.76 -33.66 -12.97
N LEU H 36 5.91 -34.54 -12.43
CA LEU H 36 5.46 -35.68 -13.22
C LEU H 36 4.76 -35.32 -14.52
N PRO H 37 3.89 -34.30 -14.60
CA PRO H 37 3.28 -33.98 -15.90
C PRO H 37 4.28 -33.76 -17.02
N THR H 38 5.44 -33.18 -16.73
CA THR H 38 6.45 -33.02 -17.78
C THR H 38 7.08 -34.35 -18.13
N VAL H 39 7.34 -35.20 -17.13
CA VAL H 39 7.90 -36.53 -17.39
C VAL H 39 6.97 -37.33 -18.28
N ILE H 40 5.66 -37.25 -18.00
CA ILE H 40 4.68 -37.97 -18.82
C ILE H 40 4.71 -37.47 -20.26
N HIS H 41 4.62 -36.14 -20.43
CA HIS H 41 4.58 -35.60 -21.79
C HIS H 41 5.91 -35.81 -22.52
N SER H 42 7.03 -35.65 -21.81
CA SER H 42 8.33 -35.86 -22.42
C SER H 42 8.51 -37.31 -22.88
N THR H 43 8.09 -38.27 -22.06
CA THR H 43 8.16 -39.66 -22.46
C THR H 43 7.27 -39.92 -23.68
N ASN H 44 6.09 -39.31 -23.71
CA ASN H 44 5.21 -39.48 -24.86
C ASN H 44 5.85 -38.98 -26.14
N THR H 45 6.50 -37.80 -26.09
CA THR H 45 7.22 -37.33 -27.26
C THR H 45 8.34 -38.31 -27.64
N MET H 46 8.95 -38.95 -26.64
CA MET H 46 9.96 -39.97 -26.92
C MET H 46 9.34 -41.19 -27.61
N VAL H 47 8.17 -41.63 -27.15
CA VAL H 47 7.52 -42.79 -27.73
C VAL H 47 7.06 -42.51 -29.16
N SER H 48 6.51 -41.31 -29.40
CA SER H 48 6.13 -40.94 -30.75
C SER H 48 7.35 -40.88 -31.67
N ALA H 49 8.44 -40.30 -31.19
CA ALA H 49 9.67 -40.26 -31.99
C ALA H 49 10.21 -41.66 -32.26
N ALA H 50 10.06 -42.57 -31.29
CA ALA H 50 10.50 -43.94 -31.50
C ALA H 50 9.77 -44.58 -32.66
N LYS H 51 8.47 -44.26 -32.80
CA LYS H 51 7.68 -44.86 -33.87
C LYS H 51 8.13 -44.35 -35.24
N LEU H 52 8.27 -43.04 -35.38
CA LEU H 52 8.64 -42.47 -36.69
C LEU H 52 10.07 -42.84 -37.09
N LEU H 53 10.92 -43.18 -36.14
CA LEU H 53 12.30 -43.56 -36.41
C LEU H 53 12.53 -45.06 -36.37
N ASN H 54 11.47 -45.85 -36.19
CA ASN H 54 11.57 -47.32 -36.15
C ASN H 54 12.52 -47.77 -35.04
N LEU H 55 12.27 -47.28 -33.84
CA LEU H 55 13.01 -47.69 -32.66
C LEU H 55 12.15 -48.64 -31.83
N PRO H 56 12.66 -49.81 -31.46
CA PRO H 56 11.91 -50.67 -30.53
C PRO H 56 11.75 -49.99 -29.18
N VAL H 57 10.67 -50.34 -28.48
CA VAL H 57 10.35 -49.74 -27.20
C VAL H 57 10.16 -50.85 -26.17
N VAL H 58 10.84 -50.73 -25.04
CA VAL H 58 10.71 -51.66 -23.92
C VAL H 58 10.06 -50.90 -22.78
N VAL H 59 8.84 -51.28 -22.43
CA VAL H 59 8.09 -50.65 -21.36
C VAL H 59 7.99 -51.63 -20.19
N THR H 60 8.15 -51.12 -18.99
CA THR H 60 8.12 -51.93 -17.79
C THR H 60 7.16 -51.36 -16.77
N THR H 61 6.58 -52.24 -15.96
CA THR H 61 5.78 -51.84 -14.82
C THR H 61 6.26 -52.59 -13.59
N GLN H 62 6.39 -51.87 -12.48
CA GLN H 62 6.85 -52.42 -11.21
C GLN H 62 5.63 -52.68 -10.33
N TYR H 63 5.40 -53.96 -10.03
CA TYR H 63 4.31 -54.41 -9.15
C TYR H 63 3.00 -53.69 -9.48
N GLY H 64 2.47 -54.03 -10.65
CA GLY H 64 1.23 -53.42 -11.13
C GLY H 64 0.04 -53.67 -10.23
N SER H 65 0.24 -54.51 -9.21
CA SER H 65 -0.86 -54.84 -8.31
C SER H 65 -1.19 -53.69 -7.36
N ARG H 66 -0.17 -53.03 -6.80
CA ARG H 66 -0.40 -51.90 -5.92
C ARG H 66 -0.03 -50.55 -6.53
N LEU H 67 0.96 -50.52 -7.42
CA LEU H 67 1.35 -49.26 -8.05
C LEU H 67 0.52 -48.94 -9.29
N GLY H 68 -0.33 -49.86 -9.74
CA GLY H 68 -1.20 -49.59 -10.86
C GLY H 68 -0.56 -49.85 -12.20
N SER H 69 -1.30 -49.49 -13.24
CA SER H 69 -0.86 -49.67 -14.62
C SER H 69 -0.21 -48.39 -15.16
N THR H 70 0.35 -48.50 -16.36
CA THR H 70 0.95 -47.35 -17.01
C THR H 70 -0.10 -46.27 -17.24
N VAL H 71 0.33 -45.01 -17.13
CA VAL H 71 -0.59 -43.89 -17.25
C VAL H 71 -1.24 -43.88 -18.64
N SER H 72 -2.48 -43.40 -18.70
CA SER H 72 -3.28 -43.51 -19.91
C SER H 72 -2.64 -42.76 -21.08
N GLU H 73 -2.06 -41.58 -20.81
CA GLU H 73 -1.45 -40.80 -21.88
C GLU H 73 -0.42 -41.61 -22.65
N ILE H 74 0.43 -42.35 -21.92
CA ILE H 74 1.45 -43.15 -22.57
C ILE H 74 0.87 -44.46 -23.13
N SER H 75 -0.12 -45.05 -22.45
CA SER H 75 -0.68 -46.32 -22.92
C SER H 75 -1.32 -46.17 -24.29
N LYS H 76 -2.11 -45.12 -24.50
CA LYS H 76 -2.75 -44.92 -25.80
C LYS H 76 -1.71 -44.62 -26.88
N ASN H 77 -0.66 -43.88 -26.55
CA ASN H 77 0.40 -43.64 -27.52
C ASN H 77 1.11 -44.94 -27.89
N LEU H 78 1.15 -45.91 -26.97
CA LEU H 78 1.78 -47.19 -27.25
C LEU H 78 0.91 -48.12 -28.09
N GLU H 79 -0.38 -47.80 -28.26
CA GLU H 79 -1.25 -48.60 -29.12
C GLU H 79 -0.81 -48.55 -30.58
N ASN H 80 -0.10 -47.50 -30.98
CA ASN H 80 0.33 -47.34 -32.37
C ASN H 80 1.63 -48.10 -32.65
N ASP H 83 7.08 -52.56 -32.63
CA ASP H 83 8.11 -53.04 -31.71
C ASP H 83 7.96 -52.47 -30.31
N VAL H 84 6.92 -52.87 -29.59
CA VAL H 84 6.71 -52.46 -28.21
C VAL H 84 6.48 -53.71 -27.39
N LYS H 85 7.31 -53.92 -26.37
CA LYS H 85 7.18 -55.05 -25.47
C LYS H 85 7.04 -54.53 -24.04
N ILE H 86 6.03 -55.04 -23.34
CA ILE H 86 5.69 -54.59 -21.99
C ILE H 86 5.94 -55.74 -21.03
N PHE H 87 6.70 -55.46 -19.96
CA PHE H 87 7.07 -56.46 -18.96
C PHE H 87 6.66 -55.97 -17.57
N ASP H 88 6.16 -56.88 -16.75
CA ASP H 88 6.01 -56.61 -15.32
C ASP H 88 7.19 -57.20 -14.57
N LYS H 89 7.63 -56.51 -13.53
CA LYS H 89 8.84 -56.91 -12.82
C LYS H 89 8.72 -56.57 -11.35
N MET H 90 9.47 -57.31 -10.53
CA MET H 90 9.67 -57.00 -9.12
C MET H 90 11.05 -56.42 -8.85
N LYS H 91 12.04 -56.79 -9.66
CA LYS H 91 13.36 -56.20 -9.55
C LYS H 91 13.31 -54.73 -9.95
N PHE H 92 14.06 -53.90 -9.22
CA PHE H 92 14.03 -52.46 -9.48
C PHE H 92 14.60 -52.14 -10.86
N SER H 93 15.68 -52.81 -11.25
CA SER H 93 16.24 -52.60 -12.58
C SER H 93 15.35 -53.23 -13.65
N MET H 94 15.31 -52.61 -14.83
CA MET H 94 14.52 -53.18 -15.92
C MET H 94 15.20 -54.39 -16.53
N LEU H 95 16.49 -54.57 -16.33
CA LEU H 95 17.25 -55.63 -16.99
C LEU H 95 17.05 -56.96 -16.26
N VAL H 96 15.79 -57.40 -16.25
CA VAL H 96 15.43 -58.73 -15.74
C VAL H 96 15.76 -59.74 -16.82
N PRO H 97 15.94 -61.02 -16.48
CA PRO H 97 16.36 -62.00 -17.50
C PRO H 97 15.47 -62.05 -18.74
N GLU H 98 14.15 -61.93 -18.58
CA GLU H 98 13.27 -61.94 -19.75
C GLU H 98 13.51 -60.73 -20.64
N VAL H 99 13.79 -59.57 -20.04
CA VAL H 99 14.09 -58.38 -20.85
C VAL H 99 15.47 -58.53 -21.49
N GLU H 100 16.45 -59.05 -20.75
CA GLU H 100 17.79 -59.21 -21.28
C GLU H 100 17.80 -60.14 -22.49
N HIS H 101 17.06 -61.25 -22.41
CA HIS H 101 17.00 -62.17 -23.55
C HIS H 101 16.28 -61.55 -24.73
N HIS H 102 15.34 -60.64 -24.48
CA HIS H 102 14.71 -59.89 -25.56
C HIS H 102 15.76 -59.07 -26.31
N LEU H 103 16.60 -58.35 -25.58
CA LEU H 103 17.65 -57.56 -26.23
C LEU H 103 18.65 -58.44 -26.95
N THR H 104 19.10 -59.52 -26.31
CA THR H 104 20.18 -60.32 -26.86
C THR H 104 19.74 -61.08 -28.10
N SER H 105 18.57 -61.70 -28.05
CA SER H 105 18.14 -62.56 -29.15
C SER H 105 17.42 -61.79 -30.24
N ASN H 106 16.68 -60.73 -29.90
CA ASN H 106 15.86 -60.02 -30.87
C ASN H 106 16.48 -58.73 -31.39
N MET H 107 17.49 -58.19 -30.72
CA MET H 107 18.09 -56.95 -31.21
C MET H 107 19.52 -56.79 -30.69
N PRO H 108 20.42 -57.71 -31.04
CA PRO H 108 21.78 -57.64 -30.47
C PRO H 108 22.53 -56.38 -30.84
N GLN H 109 22.21 -55.75 -31.98
CA GLN H 109 22.96 -54.60 -32.45
C GLN H 109 22.53 -53.29 -31.79
N ARG H 110 21.45 -53.30 -31.02
CA ARG H 110 20.96 -52.10 -30.34
C ARG H 110 21.71 -51.96 -29.01
N LYS H 111 22.83 -51.25 -29.04
CA LYS H 111 23.63 -51.01 -27.84
C LYS H 111 23.47 -49.60 -27.28
N SER H 112 22.58 -48.78 -27.83
CA SER H 112 22.29 -47.44 -27.33
C SER H 112 20.87 -47.43 -26.77
N VAL H 113 20.74 -47.12 -25.49
CA VAL H 113 19.44 -47.18 -24.81
C VAL H 113 19.07 -45.77 -24.36
N LEU H 114 17.90 -45.30 -24.81
CA LEU H 114 17.33 -44.06 -24.31
C LEU H 114 16.43 -44.38 -23.12
N LEU H 115 16.74 -43.79 -21.97
CA LEU H 115 16.11 -44.15 -20.71
C LEU H 115 15.17 -43.05 -20.25
N CYS H 116 13.91 -43.40 -20.00
CA CYS H 116 12.89 -42.50 -19.51
C CYS H 116 12.13 -43.18 -18.38
N GLY H 117 11.54 -42.37 -17.51
CA GLY H 117 10.63 -42.90 -16.53
C GLY H 117 11.01 -42.47 -15.13
N ILE H 118 10.46 -43.18 -14.16
CA ILE H 118 10.65 -42.88 -12.74
C ILE H 118 10.93 -44.20 -12.02
N GLU H 119 11.57 -44.09 -10.86
CA GLU H 119 12.13 -42.89 -10.25
C GLU H 119 13.60 -42.77 -10.63
N THR H 120 14.11 -41.54 -10.71
CA THR H 120 15.48 -41.34 -11.17
C THR H 120 16.47 -42.13 -10.36
N HIS H 121 16.28 -42.17 -9.04
CA HIS H 121 17.25 -42.71 -8.10
C HIS H 121 16.99 -44.16 -7.73
N VAL H 122 15.93 -44.78 -8.24
CA VAL H 122 15.70 -46.18 -7.90
C VAL H 122 15.68 -47.05 -9.16
N CYS H 123 14.63 -46.94 -9.96
CA CYS H 123 14.55 -47.90 -11.05
C CYS H 123 15.30 -47.40 -12.28
N VAL H 124 15.29 -46.09 -12.52
CA VAL H 124 16.07 -45.56 -13.63
C VAL H 124 17.56 -45.79 -13.38
N LEU H 125 18.02 -45.43 -12.17
CA LEU H 125 19.44 -45.52 -11.86
C LEU H 125 19.94 -46.96 -11.90
N GLN H 126 19.18 -47.88 -11.31
CA GLN H 126 19.61 -49.27 -11.28
C GLN H 126 19.56 -49.90 -12.66
N THR H 127 18.58 -49.51 -13.49
CA THR H 127 18.58 -49.90 -14.89
C THR H 127 19.80 -49.36 -15.60
N CYS H 128 20.17 -48.11 -15.32
CA CYS H 128 21.31 -47.50 -15.97
C CYS H 128 22.60 -48.26 -15.68
N LEU H 129 22.82 -48.65 -14.42
CA LEU H 129 24.07 -49.32 -14.05
C LEU H 129 24.12 -50.73 -14.62
N ASP H 130 23.00 -51.47 -14.58
CA ASP H 130 22.97 -52.81 -15.15
C ASP H 130 23.24 -52.77 -16.65
N LEU H 131 22.67 -51.78 -17.35
CA LEU H 131 22.91 -51.64 -18.78
C LEU H 131 24.38 -51.33 -19.06
N LEU H 132 24.96 -50.40 -18.31
CA LEU H 132 26.36 -50.06 -18.51
C LEU H 132 27.28 -51.24 -18.21
N ASP H 133 26.91 -52.06 -17.23
CA ASP H 133 27.67 -53.27 -16.95
C ASP H 133 27.72 -54.19 -18.15
N LYS H 134 26.69 -54.18 -18.99
CA LYS H 134 26.58 -55.09 -20.12
C LYS H 134 27.14 -54.48 -21.40
N GLY H 135 27.78 -53.33 -21.33
CA GLY H 135 28.36 -52.70 -22.49
C GLY H 135 27.44 -51.79 -23.27
N TYR H 136 26.30 -51.43 -22.73
CA TYR H 136 25.36 -50.55 -23.42
C TYR H 136 25.73 -49.10 -23.17
N ASP H 137 25.49 -48.26 -24.19
CA ASP H 137 25.45 -46.83 -23.98
C ASP H 137 24.09 -46.45 -23.41
N VAL H 138 24.08 -45.69 -22.33
CA VAL H 138 22.85 -45.27 -21.66
C VAL H 138 22.70 -43.76 -21.83
N HIS H 139 21.62 -43.34 -22.49
CA HIS H 139 21.29 -41.93 -22.68
C HIS H 139 20.08 -41.62 -21.80
N VAL H 140 20.31 -40.88 -20.72
CA VAL H 140 19.23 -40.53 -19.80
C VAL H 140 18.54 -39.27 -20.31
N VAL H 141 17.26 -39.38 -20.64
CA VAL H 141 16.48 -38.23 -21.08
C VAL H 141 16.08 -37.46 -19.83
N SER H 142 16.85 -36.41 -19.51
CA SER H 142 16.77 -35.80 -18.19
C SER H 142 15.42 -35.12 -17.97
N ASP H 143 14.85 -34.51 -19.00
CA ASP H 143 13.54 -33.90 -18.85
C ASP H 143 12.40 -34.92 -18.94
N ALA H 144 12.72 -36.21 -18.97
CA ALA H 144 11.71 -37.27 -18.93
C ALA H 144 11.93 -38.23 -17.75
N VAL H 145 12.71 -37.82 -16.74
CA VAL H 145 12.89 -38.60 -15.52
C VAL H 145 12.70 -37.69 -14.32
N SER H 146 12.25 -38.26 -13.21
CA SER H 146 12.07 -37.49 -11.99
C SER H 146 11.85 -38.46 -10.83
N SER H 147 11.86 -37.91 -9.61
CA SER H 147 11.73 -38.67 -8.38
C SER H 147 10.69 -38.02 -7.48
N SER H 148 10.51 -38.62 -6.31
CA SER H 148 9.57 -38.06 -5.32
C SER H 148 9.98 -36.66 -4.90
N THR H 149 11.27 -36.41 -4.75
CA THR H 149 11.80 -35.10 -4.40
C THR H 149 12.73 -34.61 -5.49
N SER H 150 12.81 -33.29 -5.64
CA SER H 150 13.75 -32.70 -6.57
C SER H 150 15.18 -33.07 -6.22
N TYR H 151 15.49 -33.21 -4.92
CA TYR H 151 16.84 -33.55 -4.49
C TYR H 151 17.30 -34.87 -5.09
N ASN H 152 16.45 -35.89 -5.05
CA ASN H 152 16.88 -37.19 -5.52
C ASN H 152 16.94 -37.28 -7.05
N ARG H 153 16.14 -36.48 -7.77
CA ARG H 153 16.28 -36.45 -9.22
C ARG H 153 17.61 -35.85 -9.62
N SER H 154 17.96 -34.68 -9.07
CA SER H 154 19.23 -34.04 -9.41
C SER H 154 20.41 -34.92 -8.98
N MET H 155 20.31 -35.53 -7.81
CA MET H 155 21.35 -36.44 -7.34
C MET H 155 21.57 -37.56 -8.34
N ALA H 156 20.47 -38.19 -8.80
CA ALA H 156 20.60 -39.37 -9.65
C ALA H 156 21.17 -39.04 -11.02
N LEU H 157 20.85 -37.88 -11.58
CA LEU H 157 21.43 -37.50 -12.86
C LEU H 157 22.96 -37.47 -12.79
N GLU H 158 23.51 -36.77 -11.81
CA GLU H 158 24.97 -36.73 -11.68
C GLU H 158 25.54 -38.07 -11.25
N ARG H 159 24.79 -38.84 -10.46
CA ARG H 159 25.25 -40.17 -10.07
C ARG H 159 25.37 -41.08 -11.28
N MET H 160 24.43 -40.98 -12.23
CA MET H 160 24.53 -41.76 -13.45
C MET H 160 25.58 -41.21 -14.40
N ARG H 161 25.66 -39.88 -14.55
CA ARG H 161 26.65 -39.30 -15.45
C ARG H 161 28.07 -39.71 -15.04
N GLN H 162 28.32 -39.74 -13.73
CA GLN H 162 29.62 -40.12 -13.21
C GLN H 162 29.97 -41.58 -13.52
N SER H 163 28.98 -42.41 -13.81
CA SER H 163 29.23 -43.80 -14.17
C SER H 163 29.34 -44.00 -15.68
N GLY H 164 29.27 -42.92 -16.46
CA GLY H 164 29.41 -42.97 -17.90
C GLY H 164 28.14 -42.68 -18.68
N ALA H 165 26.99 -42.65 -18.03
CA ALA H 165 25.73 -42.41 -18.73
C ALA H 165 25.71 -41.02 -19.33
N TYR H 166 25.10 -40.90 -20.51
CA TYR H 166 24.96 -39.62 -21.20
C TYR H 166 23.67 -38.94 -20.76
N ILE H 167 23.79 -37.72 -20.26
CA ILE H 167 22.64 -36.94 -19.81
C ILE H 167 22.18 -36.06 -20.96
N THR H 168 21.07 -36.44 -21.58
CA THR H 168 20.54 -35.79 -22.77
C THR H 168 19.18 -35.20 -22.42
N SER H 169 18.46 -34.75 -23.46
CA SER H 169 17.13 -34.21 -23.30
C SER H 169 16.26 -34.69 -24.45
N VAL H 170 14.96 -34.39 -24.36
CA VAL H 170 14.02 -34.84 -25.37
C VAL H 170 14.39 -34.31 -26.74
N GLU H 171 14.59 -32.99 -26.83
CA GLU H 171 14.92 -32.39 -28.12
C GLU H 171 16.28 -32.85 -28.61
N SER H 172 17.27 -32.84 -27.72
CA SER H 172 18.63 -33.17 -28.12
C SER H 172 18.73 -34.58 -28.69
N ALA H 173 18.10 -35.54 -28.01
CA ALA H 173 18.20 -36.93 -28.43
C ALA H 173 17.49 -37.16 -29.77
N ILE H 174 16.32 -36.55 -29.96
CA ILE H 174 15.58 -36.75 -31.20
C ILE H 174 16.35 -36.18 -32.38
N PHE H 175 16.85 -34.95 -32.24
CA PHE H 175 17.61 -34.35 -33.35
C PHE H 175 18.90 -35.10 -33.59
N GLN H 176 19.47 -35.71 -32.54
CA GLN H 176 20.63 -36.56 -32.72
C GLN H 176 20.29 -37.76 -33.60
N LEU H 177 19.15 -38.40 -33.35
CA LEU H 177 18.69 -39.49 -34.20
C LEU H 177 18.37 -39.02 -35.62
N ALA H 178 17.74 -37.86 -35.76
CA ALA H 178 17.34 -37.37 -37.08
C ALA H 178 18.54 -37.01 -37.94
N ASN H 179 19.49 -36.26 -37.38
CA ASN H 179 20.84 -36.07 -37.91
C ASN H 179 20.91 -35.23 -39.18
N ASP H 180 19.78 -35.00 -39.85
CA ASP H 180 19.82 -34.32 -41.15
C ASP H 180 18.42 -33.88 -41.57
N ALA H 181 18.28 -32.61 -41.95
CA ALA H 181 16.99 -32.07 -42.33
C ALA H 181 16.56 -32.48 -43.73
N SER H 182 17.47 -32.99 -44.55
CA SER H 182 17.12 -33.47 -45.87
C SER H 182 16.70 -34.93 -45.87
N ASN H 183 16.75 -35.60 -44.73
CA ASN H 183 16.31 -36.98 -44.63
C ASN H 183 14.79 -37.06 -44.79
N PRO H 184 14.27 -38.19 -45.27
CA PRO H 184 12.81 -38.27 -45.51
C PRO H 184 11.98 -38.13 -44.25
N GLU H 185 12.52 -38.46 -43.08
CA GLU H 185 11.77 -38.41 -41.84
C GLU H 185 11.76 -37.03 -41.18
N PHE H 186 12.50 -36.06 -41.72
CA PHE H 186 12.68 -34.79 -41.02
C PHE H 186 11.37 -34.03 -40.89
N LYS H 187 10.58 -33.97 -41.96
CA LYS H 187 9.40 -33.11 -41.97
C LYS H 187 8.41 -33.53 -40.90
N ILE H 188 8.13 -34.84 -40.80
CA ILE H 188 7.19 -35.32 -39.79
C ILE H 188 7.80 -35.22 -38.39
N ILE H 189 9.12 -35.41 -38.27
CA ILE H 189 9.77 -35.23 -36.98
C ILE H 189 9.65 -33.78 -36.53
N SER H 190 9.86 -32.84 -37.45
CA SER H 190 9.72 -31.42 -37.11
C SER H 190 8.33 -31.12 -36.57
N LYS H 191 7.30 -31.74 -37.17
CA LYS H 191 5.94 -31.54 -36.66
C LYS H 191 5.83 -32.01 -35.23
N LEU H 192 6.42 -33.17 -34.92
CA LEU H 192 6.41 -33.66 -33.54
C LEU H 192 7.16 -32.71 -32.61
N ILE H 193 8.33 -32.22 -33.05
CA ILE H 193 9.07 -31.28 -32.23
C ILE H 193 8.33 -29.94 -32.13
N LYS H 194 7.70 -29.52 -33.23
CA LYS H 194 6.89 -28.31 -33.19
C LYS H 194 5.74 -28.44 -32.21
N GLU H 195 5.04 -29.58 -32.23
CA GLU H 195 4.01 -29.83 -31.23
C GLU H 195 4.60 -29.88 -29.83
N HIS H 196 5.77 -30.52 -29.68
CA HIS H 196 6.37 -30.65 -28.36
C HIS H 196 6.75 -29.29 -27.79
N LEU H 197 7.30 -28.40 -28.61
CA LEU H 197 7.72 -27.08 -28.15
C LEU H 197 6.57 -26.18 -27.76
N LYS H 198 5.33 -26.53 -28.13
CA LYS H 198 4.18 -25.71 -27.77
C LYS H 198 3.77 -25.84 -26.32
N VAL H 199 4.32 -26.81 -25.59
CA VAL H 199 3.88 -27.10 -24.23
C VAL H 199 4.97 -26.66 -23.27
N GLY H 200 4.56 -26.32 -22.06
CA GLY H 200 5.50 -25.85 -21.06
C GLY H 200 6.36 -26.98 -20.54
N ASN H 201 7.64 -26.68 -20.36
CA ASN H 201 8.57 -27.60 -19.71
C ASN H 201 8.57 -27.29 -18.21
N GLY H 202 8.09 -28.24 -17.41
CA GLY H 202 8.05 -28.02 -15.97
C GLY H 202 9.41 -27.92 -15.33
N PHE H 203 10.46 -28.41 -15.99
CA PHE H 203 11.82 -28.27 -15.52
C PHE H 203 12.48 -26.96 -15.95
N ASP H 204 11.85 -26.20 -16.86
CA ASP H 204 12.42 -24.92 -17.27
C ASP H 204 11.54 -23.74 -16.83
N THR H 205 10.34 -23.60 -17.39
CA THR H 205 9.63 -22.34 -17.21
C THR H 205 8.15 -22.42 -17.61
N LYS I 8 22.84 37.96 26.47
CA LYS I 8 21.87 36.91 26.79
C LYS I 8 20.48 37.23 26.25
N ARG I 9 19.98 36.36 25.37
CA ARG I 9 18.67 36.54 24.75
C ARG I 9 17.63 35.70 25.49
N LEU I 10 17.33 36.12 26.72
CA LEU I 10 16.42 35.38 27.60
C LEU I 10 14.95 35.74 27.35
N GLY I 11 14.64 37.04 27.32
CA GLY I 11 13.28 37.47 27.02
C GLY I 11 12.32 37.37 28.19
N HIS I 12 12.76 37.82 29.36
CA HIS I 12 11.87 37.88 30.51
C HIS I 12 10.80 38.96 30.30
N LEU I 13 9.65 38.76 30.94
CA LEU I 13 8.53 39.69 30.85
C LEU I 13 8.18 40.17 32.24
N LEU I 14 8.39 41.46 32.50
CA LEU I 14 7.94 42.07 33.73
C LEU I 14 6.86 43.09 33.41
N PRO I 15 5.74 43.09 34.13
CA PRO I 15 4.68 44.07 33.82
C PRO I 15 5.18 45.50 33.85
N GLN I 16 6.07 45.83 34.78
CA GLN I 16 6.56 47.20 34.90
C GLN I 16 7.28 47.66 33.64
N SER I 17 7.89 46.75 32.88
CA SER I 17 8.67 47.11 31.71
C SER I 17 8.03 46.62 30.41
N SER I 18 6.74 46.30 30.44
CA SER I 18 6.07 45.70 29.29
C SER I 18 4.92 46.58 28.81
N ILE I 19 4.62 46.46 27.52
CA ILE I 19 3.54 47.23 26.89
C ILE I 19 2.93 46.36 25.80
N LEU I 20 1.61 46.52 25.59
CA LEU I 20 0.86 45.73 24.63
C LEU I 20 0.63 46.51 23.35
N PHE I 21 0.89 45.88 22.22
CA PHE I 21 0.70 46.47 20.90
C PHE I 21 -0.39 45.69 20.15
N VAL I 22 -1.41 46.40 19.68
CA VAL I 22 -2.50 45.79 18.92
C VAL I 22 -2.45 46.34 17.50
N CYS I 23 -2.19 45.47 16.52
CA CYS I 23 -1.87 45.88 15.16
C CYS I 23 -3.05 45.66 14.21
N ASP I 24 -3.81 46.73 13.95
CA ASP I 24 -4.66 46.84 12.75
C ASP I 24 -5.73 45.75 12.67
N VAL I 25 -6.33 45.38 13.79
CA VAL I 25 -7.35 44.30 13.79
C VAL I 25 -8.68 44.96 13.47
N GLN I 26 -8.91 45.19 12.18
CA GLN I 26 -9.98 46.05 11.71
C GLN I 26 -11.11 45.24 11.09
N GLU I 27 -12.26 45.90 10.93
CA GLU I 27 -13.50 45.20 10.58
C GLU I 27 -13.47 44.63 9.17
N VAL I 28 -12.85 45.34 8.21
CA VAL I 28 -12.88 44.88 6.83
C VAL I 28 -12.06 43.61 6.62
N PHE I 29 -11.11 43.33 7.52
CA PHE I 29 -10.31 42.12 7.44
C PHE I 29 -11.05 40.88 7.93
N ARG I 30 -12.16 41.06 8.64
CA ARG I 30 -13.01 39.94 9.06
C ARG I 30 -13.51 39.18 7.83
N GLY I 31 -13.40 37.86 7.87
CA GLY I 31 -13.74 37.07 6.70
C GLY I 31 -12.67 37.00 5.64
N LEU I 32 -11.53 37.67 5.85
CA LEU I 32 -10.42 37.65 4.91
C LEU I 32 -9.14 37.08 5.49
N THR I 33 -9.03 36.94 6.81
CA THR I 33 -7.79 36.56 7.46
C THR I 33 -7.88 35.14 7.99
N PHE I 34 -6.84 34.35 7.73
CA PHE I 34 -6.77 32.98 8.21
C PHE I 34 -6.90 32.94 9.73
N GLN I 35 -7.90 32.20 10.22
CA GLN I 35 -8.11 31.98 11.65
C GLN I 35 -8.31 33.30 12.43
N LEU I 36 -8.91 34.31 11.79
CA LEU I 36 -9.12 35.58 12.49
C LEU I 36 -9.93 35.46 13.78
N PRO I 37 -10.97 34.61 13.89
CA PRO I 37 -11.68 34.52 15.18
C PRO I 37 -10.78 34.19 16.37
N THR I 38 -9.78 33.32 16.19
CA THR I 38 -8.84 33.04 17.27
C THR I 38 -7.92 34.23 17.52
N VAL I 39 -7.53 34.95 16.45
CA VAL I 39 -6.72 36.15 16.61
C VAL I 39 -7.45 37.20 17.43
N ILE I 40 -8.75 37.38 17.18
CA ILE I 40 -9.52 38.40 17.90
C ILE I 40 -9.65 38.03 19.38
N HIS I 41 -10.06 36.80 19.67
CA HIS I 41 -10.23 36.39 21.06
C HIS I 41 -8.90 36.40 21.80
N SER I 42 -7.82 35.95 21.14
CA SER I 42 -6.51 35.94 21.80
C SER I 42 -6.04 37.35 22.13
N THR I 43 -6.29 38.30 21.22
CA THR I 43 -5.92 39.68 21.51
C THR I 43 -6.76 40.25 22.64
N ASN I 44 -8.03 39.87 22.72
CA ASN I 44 -8.88 40.32 23.83
C ASN I 44 -8.37 39.80 25.17
N THR I 45 -7.88 38.55 25.20
CA THR I 45 -7.32 38.03 26.45
C THR I 45 -6.08 38.83 26.87
N MET I 46 -5.23 39.20 25.91
CA MET I 46 -4.11 40.08 26.24
C MET I 46 -4.60 41.43 26.72
N VAL I 47 -5.64 41.98 26.09
CA VAL I 47 -6.17 43.28 26.51
C VAL I 47 -6.69 43.19 27.94
N SER I 48 -7.45 42.14 28.23
CA SER I 48 -7.95 41.94 29.59
C SER I 48 -6.80 41.79 30.58
N ALA I 49 -5.74 41.07 30.19
CA ALA I 49 -4.58 40.94 31.06
C ALA I 49 -3.84 42.27 31.21
N ALA I 50 -3.83 43.11 30.17
CA ALA I 50 -3.15 44.39 30.28
C ALA I 50 -3.80 45.27 31.35
N LYS I 51 -5.13 45.20 31.46
CA LYS I 51 -5.83 45.93 32.51
C LYS I 51 -5.34 45.50 33.89
N LEU I 52 -5.30 44.20 34.14
CA LEU I 52 -4.98 43.70 35.46
C LEU I 52 -3.53 43.99 35.84
N LEU I 53 -2.63 43.94 34.87
CA LEU I 53 -1.21 44.12 35.10
C LEU I 53 -0.73 45.54 34.78
N ASN I 54 -1.66 46.47 34.53
CA ASN I 54 -1.33 47.88 34.29
C ASN I 54 -0.40 48.06 33.09
N LEU I 55 -0.63 47.27 32.05
CA LEU I 55 0.15 47.41 30.83
C LEU I 55 -0.45 48.50 29.97
N PRO I 56 0.31 49.52 29.58
CA PRO I 56 -0.19 50.46 28.56
C PRO I 56 -0.46 49.74 27.25
N VAL I 57 -1.48 50.21 26.54
CA VAL I 57 -1.92 49.58 25.29
C VAL I 57 -1.78 50.59 24.16
N VAL I 58 -1.09 50.19 23.11
CA VAL I 58 -0.97 50.99 21.89
C VAL I 58 -1.75 50.27 20.80
N VAL I 59 -2.78 50.94 20.28
CA VAL I 59 -3.64 50.38 19.24
C VAL I 59 -3.47 51.20 17.98
N THR I 60 -3.47 50.53 16.84
CA THR I 60 -3.20 51.15 15.57
C THR I 60 -4.25 50.72 14.54
N THR I 61 -4.57 51.64 13.62
CA THR I 61 -5.45 51.35 12.50
C THR I 61 -4.81 51.83 11.21
N GLN I 62 -4.96 51.04 10.15
CA GLN I 62 -4.46 51.38 8.83
C GLN I 62 -5.63 51.75 7.93
N TYR I 63 -5.48 52.85 7.18
CA TYR I 63 -6.55 53.38 6.32
C TYR I 63 -7.90 53.33 7.02
N GLY I 64 -7.99 54.01 8.15
CA GLY I 64 -9.21 53.92 8.95
C GLY I 64 -10.46 54.29 8.17
N SER I 65 -10.33 55.21 7.21
CA SER I 65 -11.49 55.67 6.45
C SER I 65 -12.09 54.55 5.60
N ARG I 66 -11.26 53.80 4.88
CA ARG I 66 -11.77 52.77 3.98
C ARG I 66 -11.61 51.35 4.53
N LEU I 67 -10.67 51.11 5.42
CA LEU I 67 -10.51 49.76 5.97
C LEU I 67 -11.27 49.57 7.28
N GLY I 68 -11.96 50.60 7.78
CA GLY I 68 -12.77 50.48 8.98
C GLY I 68 -11.97 50.69 10.25
N SER I 69 -12.68 50.58 11.37
CA SER I 69 -12.10 50.73 12.68
C SER I 69 -11.82 49.36 13.29
N THR I 70 -11.21 49.37 14.48
CA THR I 70 -10.92 48.15 15.21
C THR I 70 -12.20 47.37 15.46
N VAL I 71 -12.09 46.03 15.38
CA VAL I 71 -13.26 45.17 15.55
C VAL I 71 -13.95 45.47 16.87
N SER I 72 -15.28 45.44 16.86
CA SER I 72 -16.06 45.89 18.00
C SER I 72 -15.74 45.11 19.26
N GLU I 73 -15.38 43.82 19.12
CA GLU I 73 -15.01 43.02 20.27
C GLU I 73 -13.89 43.68 21.06
N ILE I 74 -12.80 44.03 20.37
CA ILE I 74 -11.65 44.63 21.04
C ILE I 74 -11.96 46.06 21.47
N SER I 75 -12.71 46.81 20.65
CA SER I 75 -13.01 48.19 20.98
C SER I 75 -13.78 48.29 22.29
N LYS I 76 -14.78 47.42 22.48
CA LYS I 76 -15.51 47.42 23.75
C LYS I 76 -14.60 47.06 24.92
N ASN I 77 -13.71 46.08 24.73
CA ASN I 77 -12.82 45.66 25.80
C ASN I 77 -11.84 46.77 26.18
N LEU I 78 -11.37 47.52 25.18
CA LEU I 78 -10.42 48.60 25.44
C LEU I 78 -11.03 49.77 26.18
N GLU I 79 -12.37 49.87 26.23
CA GLU I 79 -13.01 51.09 26.70
C GLU I 79 -12.59 51.46 28.12
N ASN I 80 -12.53 50.47 29.02
CA ASN I 80 -12.21 50.71 30.41
C ASN I 80 -10.72 50.63 30.72
N VAL I 81 -9.88 50.29 29.74
CA VAL I 81 -8.44 50.21 29.98
C VAL I 81 -7.91 51.61 30.27
N ASN I 82 -7.05 51.70 31.29
CA ASN I 82 -6.64 53.00 31.81
C ASN I 82 -5.80 53.77 30.80
N ASP I 83 -4.79 53.12 30.22
CA ASP I 83 -3.80 53.78 29.38
C ASP I 83 -3.85 53.18 27.97
N VAL I 84 -4.73 53.73 27.13
CA VAL I 84 -4.86 53.30 25.74
C VAL I 84 -4.73 54.51 24.83
N LYS I 85 -3.86 54.40 23.82
CA LYS I 85 -3.74 55.42 22.78
C LYS I 85 -3.92 54.75 21.43
N ILE I 86 -4.90 55.22 20.67
CA ILE I 86 -5.22 54.66 19.35
C ILE I 86 -4.70 55.61 18.29
N PHE I 87 -3.91 55.07 17.37
CA PHE I 87 -3.27 55.84 16.30
C PHE I 87 -3.75 55.32 14.95
N ASP I 88 -4.14 56.24 14.06
CA ASP I 88 -4.41 55.90 12.67
C ASP I 88 -3.17 56.18 11.84
N LYS I 89 -2.84 55.27 10.93
CA LYS I 89 -1.53 55.33 10.29
C LYS I 89 -1.64 54.93 8.82
N MET I 90 -0.59 55.28 8.10
CA MET I 90 -0.37 54.97 6.70
C MET I 90 0.83 54.08 6.49
N LYS I 91 1.89 54.31 7.26
CA LYS I 91 3.04 53.41 7.31
C LYS I 91 2.60 52.05 7.83
N PHE I 92 3.13 50.99 7.23
CA PHE I 92 2.78 49.65 7.69
C PHE I 92 3.27 49.40 9.11
N SER I 93 4.48 49.85 9.42
CA SER I 93 4.99 49.73 10.79
C SER I 93 4.24 50.65 11.74
N MET I 94 4.01 50.18 12.97
CA MET I 94 3.34 51.03 13.96
C MET I 94 4.26 52.10 14.49
N LEU I 95 5.57 51.96 14.29
CA LEU I 95 6.54 52.89 14.88
C LEU I 95 6.61 54.17 14.04
N VAL I 96 5.45 54.78 13.86
CA VAL I 96 5.34 56.10 13.24
C VAL I 96 5.84 57.10 14.28
N PRO I 97 6.27 58.29 13.87
CA PRO I 97 6.92 59.21 14.82
C PRO I 97 6.09 59.53 16.06
N GLU I 98 4.78 59.64 15.95
CA GLU I 98 3.98 59.97 17.13
C GLU I 98 3.86 58.79 18.08
N VAL I 99 3.90 57.57 17.55
CA VAL I 99 3.94 56.39 18.42
C VAL I 99 5.30 56.30 19.12
N GLU I 100 6.39 56.54 18.39
CA GLU I 100 7.72 56.47 18.99
C GLU I 100 7.89 57.54 20.06
N HIS I 101 7.41 58.76 19.79
CA HIS I 101 7.45 59.82 20.78
C HIS I 101 6.64 59.45 22.01
N HIS I 102 5.46 58.83 21.80
CA HIS I 102 4.68 58.34 22.93
C HIS I 102 5.47 57.33 23.74
N LEU I 103 6.16 56.41 23.07
CA LEU I 103 6.95 55.41 23.79
C LEU I 103 8.13 56.05 24.50
N THR I 104 8.86 56.94 23.81
CA THR I 104 10.13 57.44 24.34
C THR I 104 9.92 58.39 25.51
N SER I 105 9.03 59.36 25.37
CA SER I 105 8.91 60.40 26.38
C SER I 105 7.89 60.09 27.46
N ASN I 106 6.88 59.25 27.18
CA ASN I 106 5.90 58.89 28.21
C ASN I 106 6.23 57.60 28.96
N MET I 107 7.04 56.72 28.38
CA MET I 107 7.35 55.44 29.01
C MET I 107 8.71 54.90 28.58
N PRO I 108 9.79 55.65 28.80
CA PRO I 108 11.12 55.16 28.38
C PRO I 108 11.56 53.89 29.09
N GLN I 109 10.99 53.58 30.25
CA GLN I 109 11.38 52.38 30.99
C GLN I 109 10.78 51.10 30.42
N ARG I 110 9.73 51.20 29.59
CA ARG I 110 9.07 50.02 29.03
C ARG I 110 9.77 49.63 27.73
N LYS I 111 10.55 48.54 27.77
CA LYS I 111 11.32 48.07 26.62
C LYS I 111 10.92 46.69 26.13
N SER I 112 9.89 46.07 26.70
CA SER I 112 9.35 44.81 26.23
C SER I 112 7.96 45.07 25.62
N VAL I 113 7.78 44.66 24.37
CA VAL I 113 6.52 44.89 23.66
C VAL I 113 5.92 43.53 23.31
N LEU I 114 4.68 43.32 23.73
CA LEU I 114 3.91 42.15 23.33
C LEU I 114 3.09 42.53 22.11
N LEU I 115 3.34 41.83 21.00
CA LEU I 115 2.79 42.20 19.69
C LEU I 115 1.67 41.25 19.30
N CYS I 116 0.51 41.81 18.99
CA CYS I 116 -0.61 41.09 18.43
C CYS I 116 -1.13 41.83 17.20
N GLY I 117 -1.85 41.11 16.34
CA GLY I 117 -2.55 41.77 15.26
C GLY I 117 -2.25 41.16 13.91
N ILE I 118 -2.63 41.89 12.87
CA ILE I 118 -2.55 41.42 11.49
C ILE I 118 -1.95 42.52 10.62
N GLU I 119 -1.33 42.13 9.51
CA GLU I 119 -1.02 40.75 9.12
C GLU I 119 0.38 40.41 9.60
N THR I 120 0.63 39.10 9.81
CA THR I 120 1.92 38.68 10.34
C THR I 120 3.07 39.18 9.47
N HIS I 121 2.92 39.10 8.16
CA HIS I 121 4.02 39.33 7.23
C HIS I 121 4.11 40.77 6.72
N VAL I 122 3.19 41.66 7.12
CA VAL I 122 3.27 43.03 6.61
C VAL I 122 3.39 44.04 7.74
N CYS I 123 2.30 44.28 8.47
CA CYS I 123 2.34 45.34 9.47
C CYS I 123 2.92 44.86 10.79
N VAL I 124 2.58 43.64 11.19
CA VAL I 124 3.19 43.04 12.36
C VAL I 124 4.70 42.91 12.18
N LEU I 125 5.13 42.41 11.02
CA LEU I 125 6.55 42.17 10.80
C LEU I 125 7.33 43.48 10.79
N GLN I 126 6.83 44.49 10.08
CA GLN I 126 7.58 45.74 9.97
C GLN I 126 7.63 46.47 11.30
N THR I 127 6.55 46.36 12.10
CA THR I 127 6.59 46.88 13.46
C THR I 127 7.67 46.19 14.27
N CYS I 128 7.72 44.85 14.18
CA CYS I 128 8.69 44.09 14.97
C CYS I 128 10.12 44.48 14.63
N LEU I 129 10.42 44.61 13.33
CA LEU I 129 11.77 45.00 12.92
C LEU I 129 12.11 46.40 13.44
N ASP I 130 11.17 47.34 13.37
CA ASP I 130 11.46 48.71 13.81
C ASP I 130 11.67 48.77 15.31
N LEU I 131 10.92 47.99 16.07
CA LEU I 131 11.09 47.99 17.52
C LEU I 131 12.45 47.41 17.91
N LEU I 132 12.86 46.33 17.24
CA LEU I 132 14.17 45.74 17.52
C LEU I 132 15.29 46.72 17.19
N ASP I 133 15.16 47.45 16.08
CA ASP I 133 16.15 48.47 15.74
C ASP I 133 16.28 49.52 16.83
N LYS I 134 15.20 49.85 17.53
CA LYS I 134 15.22 50.85 18.57
C LYS I 134 15.61 50.29 19.93
N GLY I 135 16.03 49.03 19.99
CA GLY I 135 16.49 48.42 21.22
C GLY I 135 15.44 47.72 22.05
N TYR I 136 14.24 47.49 21.51
CA TYR I 136 13.16 46.87 22.25
C TYR I 136 13.24 45.35 22.15
N ASP I 137 12.69 44.68 23.16
CA ASP I 137 12.38 43.26 23.09
C ASP I 137 10.97 43.10 22.52
N VAL I 138 10.83 42.31 21.47
CA VAL I 138 9.55 42.09 20.81
C VAL I 138 9.12 40.65 21.08
N HIS I 139 7.97 40.49 21.73
CA HIS I 139 7.40 39.18 22.04
C HIS I 139 6.16 39.00 21.18
N VAL I 140 6.27 38.17 20.14
CA VAL I 140 5.18 38.00 19.19
C VAL I 140 4.20 36.97 19.76
N VAL I 141 2.97 37.41 20.04
CA VAL I 141 1.97 36.51 20.57
C VAL I 141 1.41 35.71 19.39
N SER I 142 1.96 34.50 19.19
CA SER I 142 1.79 33.83 17.90
C SER I 142 0.33 33.43 17.66
N ASP I 143 -0.38 32.98 18.70
CA ASP I 143 -1.79 32.67 18.52
C ASP I 143 -2.67 33.92 18.54
N ALA I 144 -2.09 35.11 18.44
CA ALA I 144 -2.84 36.34 18.26
C ALA I 144 -2.37 37.12 17.03
N VAL I 145 -1.71 36.46 16.08
CA VAL I 145 -1.30 37.07 14.83
C VAL I 145 -1.65 36.12 13.70
N SER I 146 -2.08 36.68 12.56
CA SER I 146 -2.33 35.85 11.40
C SER I 146 -2.23 36.70 10.14
N SER I 147 -2.33 36.04 8.99
CA SER I 147 -2.24 36.67 7.69
C SER I 147 -3.41 36.19 6.84
N SER I 148 -3.51 36.77 5.64
CA SER I 148 -4.51 36.32 4.68
C SER I 148 -4.30 34.84 4.31
N THR I 149 -3.06 34.39 4.25
CA THR I 149 -2.76 33.00 3.96
C THR I 149 -1.99 32.36 5.11
N SER I 150 -2.17 31.05 5.27
CA SER I 150 -1.41 30.32 6.26
C SER I 150 0.09 30.39 5.97
N TYR I 151 0.48 30.34 4.69
CA TYR I 151 1.89 30.36 4.32
C TYR I 151 2.59 31.62 4.82
N ASN I 152 1.97 32.78 4.66
CA ASN I 152 2.66 34.01 5.05
C ASN I 152 2.67 34.20 6.56
N ARG I 153 1.70 33.65 7.28
CA ARG I 153 1.78 33.70 8.74
C ARG I 153 2.94 32.85 9.26
N SER I 154 3.02 31.61 8.79
CA SER I 154 4.11 30.73 9.20
C SER I 154 5.46 31.31 8.82
N MET I 155 5.58 31.81 7.59
CA MET I 155 6.84 32.42 7.17
C MET I 155 7.20 33.57 8.10
N ALA I 156 6.24 34.45 8.38
CA ALA I 156 6.52 35.65 9.15
C ALA I 156 7.00 35.32 10.55
N LEU I 157 6.38 34.32 11.20
CA LEU I 157 6.76 33.97 12.55
C LEU I 157 8.26 33.64 12.64
N GLU I 158 8.75 32.81 11.72
CA GLU I 158 10.17 32.47 11.73
C GLU I 158 11.03 33.61 11.21
N ARG I 159 10.50 34.42 10.28
CA ARG I 159 11.26 35.59 9.82
C ARG I 159 11.50 36.57 10.96
N MET I 160 10.55 36.69 11.89
CA MET I 160 10.72 37.52 13.06
C MET I 160 11.64 36.87 14.08
N ARG I 161 11.47 35.56 14.32
CA ARG I 161 12.35 34.87 15.26
C ARG I 161 13.80 34.97 14.82
N GLN I 162 14.03 34.85 13.52
CA GLN I 162 15.39 34.91 12.97
C GLN I 162 16.07 36.24 13.31
N SER I 163 15.29 37.30 13.50
CA SER I 163 15.84 38.60 13.85
C SER I 163 15.95 38.83 15.35
N GLY I 164 15.60 37.83 16.16
CA GLY I 164 15.69 37.96 17.60
C GLY I 164 14.38 38.18 18.31
N ALA I 165 13.24 38.14 17.61
CA ALA I 165 11.96 38.29 18.29
C ALA I 165 11.59 37.00 19.00
N TYR I 166 11.00 37.12 20.18
CA TYR I 166 10.57 35.97 20.96
C TYR I 166 9.17 35.56 20.53
N ILE I 167 9.04 34.32 20.05
CA ILE I 167 7.75 33.79 19.63
C ILE I 167 7.11 33.10 20.83
N THR I 168 6.11 33.76 21.42
CA THR I 168 5.42 33.26 22.61
C THR I 168 3.95 33.04 22.27
N SER I 169 3.14 32.80 23.30
CA SER I 169 1.70 32.61 23.14
C SER I 169 0.96 33.35 24.25
N VAL I 170 -0.38 33.32 24.16
CA VAL I 170 -1.22 34.06 25.10
C VAL I 170 -0.98 33.58 26.53
N GLU I 171 -1.04 32.27 26.75
CA GLU I 171 -0.81 31.73 28.08
C GLU I 171 0.62 31.98 28.53
N SER I 172 1.59 31.71 27.65
CA SER I 172 2.98 31.79 28.07
C SER I 172 3.35 33.21 28.46
N ALA I 173 3.00 34.19 27.64
CA ALA I 173 3.31 35.57 27.96
C ALA I 173 2.66 36.01 29.26
N ILE I 174 1.37 35.68 29.44
CA ILE I 174 0.65 36.11 30.63
C ILE I 174 1.24 35.48 31.88
N PHE I 175 1.53 34.17 31.83
CA PHE I 175 2.07 33.52 33.02
C PHE I 175 3.50 33.96 33.30
N GLN I 176 4.24 34.37 32.28
CA GLN I 176 5.52 35.05 32.53
C GLN I 176 5.30 36.33 33.32
N LEU I 177 4.32 37.13 32.93
CA LEU I 177 4.06 38.39 33.62
C LEU I 177 3.57 38.15 35.04
N ALA I 178 2.71 37.14 35.24
CA ALA I 178 2.20 36.87 36.58
C ALA I 178 3.30 36.38 37.51
N ASN I 179 4.06 35.38 37.08
CA ASN I 179 5.36 35.01 37.65
C ASN I 179 5.29 34.32 39.01
N ASP I 180 4.15 34.37 39.69
CA ASP I 180 4.06 33.84 41.04
C ASP I 180 2.62 33.68 41.49
N ALA I 181 2.25 32.46 41.87
CA ALA I 181 0.87 32.17 42.25
C ALA I 181 0.47 32.84 43.56
N SER I 182 1.43 33.21 44.40
CA SER I 182 1.11 33.83 45.68
C SER I 182 0.88 35.33 45.57
N ASN I 183 1.18 35.95 44.44
CA ASN I 183 0.98 37.38 44.29
C ASN I 183 -0.51 37.70 44.23
N PRO I 184 -0.91 38.88 44.71
CA PRO I 184 -2.35 39.22 44.77
C PRO I 184 -3.02 39.26 43.40
N GLU I 185 -2.28 39.54 42.33
CA GLU I 185 -2.88 39.59 41.01
C GLU I 185 -3.16 38.21 40.43
N PHE I 186 -2.66 37.14 41.06
CA PHE I 186 -2.72 35.83 40.41
C PHE I 186 -4.14 35.29 40.34
N LYS I 187 -4.93 35.51 41.39
CA LYS I 187 -6.26 34.92 41.45
C LYS I 187 -7.10 35.33 40.25
N ILE I 188 -7.14 36.63 39.95
CA ILE I 188 -7.94 37.11 38.83
C ILE I 188 -7.28 36.83 37.49
N ILE I 189 -5.95 36.67 37.45
CA ILE I 189 -5.31 36.21 36.22
C ILE I 189 -5.69 34.76 35.95
N SER I 190 -5.72 33.93 37.00
CA SER I 190 -6.09 32.53 36.83
C SER I 190 -7.51 32.40 36.28
N LYS I 191 -8.44 33.22 36.79
CA LYS I 191 -9.79 33.20 36.26
C LYS I 191 -9.82 33.56 34.79
N LEU I 192 -9.05 34.57 34.38
CA LEU I 192 -8.99 34.96 32.98
C LEU I 192 -8.41 33.83 32.12
N ILE I 193 -7.35 33.18 32.59
CA ILE I 193 -6.74 32.09 31.82
C ILE I 193 -7.72 30.93 31.68
N LYS I 194 -8.35 30.53 32.78
CA LYS I 194 -9.30 29.43 32.73
C LYS I 194 -10.45 29.73 31.79
N GLU I 195 -10.95 30.97 31.80
CA GLU I 195 -11.99 31.36 30.85
C GLU I 195 -11.47 31.28 29.41
N HIS I 196 -10.26 31.80 29.18
CA HIS I 196 -9.67 31.75 27.84
C HIS I 196 -9.53 30.31 27.35
N LEU I 197 -9.26 29.38 28.26
CA LEU I 197 -9.11 27.97 27.89
C LEU I 197 -10.44 27.29 27.61
N LYS I 198 -11.57 27.94 27.90
CA LYS I 198 -12.86 27.33 27.60
C LYS I 198 -13.20 27.39 26.11
N VAL I 199 -12.53 28.24 25.34
CA VAL I 199 -12.87 28.46 23.95
C VAL I 199 -11.87 27.73 23.05
N GLY I 200 -12.33 27.38 21.85
CA GLY I 200 -11.48 26.66 20.92
C GLY I 200 -10.38 27.53 20.34
N ASN I 201 -9.25 26.88 20.05
CA ASN I 201 -8.09 27.51 19.44
C ASN I 201 -8.02 27.06 17.98
N GLY I 202 -8.14 28.01 17.05
CA GLY I 202 -8.14 27.70 15.64
C GLY I 202 -6.80 27.23 15.12
N PHE I 203 -5.71 27.60 15.79
CA PHE I 203 -4.38 27.10 15.47
C PHE I 203 -4.10 25.74 16.10
N ASP I 204 -5.11 25.12 16.68
CA ASP I 204 -4.99 23.85 17.40
C ASP I 204 -6.22 23.02 17.07
N THR I 205 -6.57 22.08 17.95
CA THR I 205 -7.72 21.19 17.73
C THR I 205 -8.99 21.96 17.36
N GLY I 206 -9.14 23.19 17.82
CA GLY I 206 -10.35 23.94 17.54
C GLY I 206 -11.56 23.38 18.26
N ALA I 207 -12.61 23.05 17.51
CA ALA I 207 -13.83 22.51 18.09
C ALA I 207 -13.89 20.98 17.97
N LEU I 208 -12.78 20.34 17.64
CA LEU I 208 -12.79 18.91 17.38
C LEU I 208 -11.97 18.14 18.41
N LYS J 8 30.78 29.10 21.63
CA LYS J 8 30.73 27.64 21.77
C LYS J 8 29.54 27.21 22.61
N ARG J 9 28.54 26.60 21.96
CA ARG J 9 27.33 26.11 22.62
C ARG J 9 27.10 24.68 22.17
N LEU J 10 27.73 23.73 22.88
CA LEU J 10 27.71 22.33 22.47
C LEU J 10 26.74 21.48 23.28
N GLY J 11 26.51 21.82 24.54
CA GLY J 11 25.61 21.04 25.36
C GLY J 11 26.07 19.62 25.62
N HIS J 12 27.34 19.45 25.97
CA HIS J 12 27.81 18.15 26.44
C HIS J 12 27.15 17.81 27.78
N LEU J 13 27.03 16.50 28.05
CA LEU J 13 26.37 16.01 29.25
C LEU J 13 27.27 15.01 29.95
N LEU J 14 27.69 15.35 31.16
CA LEU J 14 28.57 14.50 31.97
C LEU J 14 27.85 14.15 33.26
N PRO J 15 27.85 12.88 33.67
CA PRO J 15 27.01 12.48 34.82
C PRO J 15 27.31 13.22 36.12
N GLN J 16 28.57 13.52 36.41
CA GLN J 16 28.93 14.18 37.66
C GLN J 16 28.62 15.67 37.66
N SER J 17 28.27 16.26 36.52
CA SER J 17 27.91 17.68 36.46
C SER J 17 26.46 17.87 36.00
N SER J 18 25.65 16.82 36.06
CA SER J 18 24.28 16.87 35.57
C SER J 18 23.30 16.59 36.70
N ILE J 19 22.09 17.12 36.55
CA ILE J 19 21.05 16.97 37.56
C ILE J 19 19.70 16.90 36.85
N LEU J 20 18.81 16.07 37.38
CA LEU J 20 17.48 15.87 36.82
C LEU J 20 16.48 16.76 37.55
N PHE J 21 15.72 17.54 36.78
CA PHE J 21 14.72 18.47 37.30
C PHE J 21 13.36 18.01 36.82
N VAL J 22 12.39 17.89 37.73
CA VAL J 22 11.03 17.45 37.43
C VAL J 22 10.06 18.54 37.84
N CYS J 23 9.21 18.97 36.92
CA CYS J 23 8.42 20.20 37.05
C CYS J 23 6.95 19.81 37.16
N ASP J 24 6.43 19.73 38.38
CA ASP J 24 5.00 19.74 38.68
C ASP J 24 4.19 18.73 37.86
N VAL J 25 4.59 17.47 37.92
CA VAL J 25 3.80 16.38 37.33
C VAL J 25 2.85 15.90 38.43
N GLN J 26 1.70 16.55 38.53
CA GLN J 26 0.80 16.35 39.66
C GLN J 26 -0.53 15.77 39.18
N GLU J 27 -1.31 15.28 40.15
CA GLU J 27 -2.48 14.45 39.84
C GLU J 27 -3.55 15.23 39.09
N VAL J 28 -3.74 16.51 39.41
CA VAL J 28 -4.83 17.28 38.80
C VAL J 28 -4.63 17.38 37.28
N PHE J 29 -3.39 17.33 36.82
CA PHE J 29 -3.10 17.45 35.39
C PHE J 29 -3.47 16.21 34.61
N ARG J 30 -3.86 15.12 35.28
CA ARG J 30 -4.31 13.94 34.58
C ARG J 30 -5.57 14.25 33.78
N GLY J 31 -5.56 13.85 32.51
CA GLY J 31 -6.68 14.13 31.61
C GLY J 31 -6.69 15.51 31.01
N LEU J 32 -5.77 16.38 31.40
CA LEU J 32 -5.65 17.73 30.84
C LEU J 32 -4.41 17.90 29.98
N THR J 33 -3.28 17.32 30.38
CA THR J 33 -2.05 17.48 29.63
C THR J 33 -2.09 16.64 28.35
N PHE J 34 -1.71 17.28 27.23
CA PHE J 34 -1.65 16.61 25.95
C PHE J 34 -0.65 15.46 25.98
N GLN J 35 -1.14 14.24 25.77
CA GLN J 35 -0.32 13.04 25.77
C GLN J 35 0.48 12.89 27.07
N LEU J 36 -0.20 13.13 28.19
CA LEU J 36 0.44 12.98 29.51
C LEU J 36 1.07 11.60 29.73
N PRO J 37 0.48 10.47 29.30
CA PRO J 37 1.14 9.17 29.55
C PRO J 37 2.56 9.09 29.02
N THR J 38 2.84 9.66 27.85
CA THR J 38 4.21 9.70 27.36
C THR J 38 5.10 10.52 28.30
N VAL J 39 4.58 11.64 28.80
CA VAL J 39 5.36 12.48 29.71
C VAL J 39 5.70 11.71 30.98
N ILE J 40 4.72 11.03 31.57
CA ILE J 40 4.96 10.29 32.80
C ILE J 40 5.94 9.15 32.57
N HIS J 41 5.75 8.41 31.48
CA HIS J 41 6.67 7.31 31.18
C HIS J 41 8.07 7.82 30.88
N SER J 42 8.17 8.87 30.05
CA SER J 42 9.48 9.41 29.72
C SER J 42 10.19 9.96 30.95
N THR J 43 9.45 10.62 31.83
CA THR J 43 10.04 11.08 33.09
C THR J 43 10.51 9.90 33.94
N ASN J 44 9.71 8.83 33.99
CA ASN J 44 10.10 7.66 34.77
C ASN J 44 11.33 6.99 34.18
N THR J 45 11.46 6.98 32.85
CA THR J 45 12.71 6.52 32.25
C THR J 45 13.87 7.44 32.64
N MET J 46 13.61 8.74 32.79
CA MET J 46 14.67 9.66 33.15
C MET J 46 15.16 9.43 34.57
N VAL J 47 14.25 9.30 35.53
CA VAL J 47 14.67 9.04 36.91
C VAL J 47 15.29 7.65 37.02
N SER J 48 14.80 6.69 36.24
CA SER J 48 15.41 5.37 36.23
C SER J 48 16.87 5.45 35.79
N ALA J 49 17.16 6.27 34.79
CA ALA J 49 18.54 6.52 34.40
C ALA J 49 19.30 7.30 35.46
N ALA J 50 18.60 8.18 36.19
CA ALA J 50 19.27 8.97 37.22
C ALA J 50 19.84 8.08 38.32
N LYS J 51 19.12 7.00 38.66
CA LYS J 51 19.66 6.04 39.63
C LYS J 51 20.91 5.35 39.09
N LEU J 52 20.82 4.84 37.85
CA LEU J 52 21.93 4.08 37.29
C LEU J 52 23.17 4.94 37.06
N LEU J 53 23.01 6.26 36.91
CA LEU J 53 24.14 7.15 36.73
C LEU J 53 24.42 7.99 37.97
N ASN J 54 23.70 7.73 39.07
CA ASN J 54 23.88 8.45 40.34
C ASN J 54 23.64 9.95 40.17
N LEU J 55 22.61 10.31 39.40
CA LEU J 55 22.29 11.72 39.22
C LEU J 55 21.33 12.20 40.31
N PRO J 56 21.53 13.40 40.85
CA PRO J 56 20.53 13.97 41.76
C PRO J 56 19.24 14.30 41.01
N VAL J 57 18.12 14.24 41.73
CA VAL J 57 16.82 14.55 41.18
C VAL J 57 16.15 15.60 42.06
N VAL J 58 15.66 16.67 41.43
CA VAL J 58 14.92 17.72 42.13
C VAL J 58 13.50 17.70 41.61
N VAL J 59 12.58 17.22 42.44
CA VAL J 59 11.16 17.16 42.11
C VAL J 59 10.48 18.31 42.83
N THR J 60 9.50 18.93 42.18
CA THR J 60 8.78 20.05 42.77
C THR J 60 7.29 19.88 42.54
N THR J 61 6.50 20.54 43.40
CA THR J 61 5.06 20.56 43.31
C THR J 61 4.58 22.01 43.34
N GLN J 62 3.65 22.34 42.43
CA GLN J 62 3.08 23.68 42.35
C GLN J 62 1.75 23.69 43.11
N TYR J 63 1.73 24.41 44.23
CA TYR J 63 0.53 24.59 45.06
C TYR J 63 -0.10 23.24 45.41
N GLY J 64 0.68 22.43 46.13
CA GLY J 64 0.26 21.07 46.44
C GLY J 64 -1.05 20.98 47.20
N SER J 65 -1.42 22.05 47.90
CA SER J 65 -2.68 22.06 48.64
C SER J 65 -3.90 22.08 47.72
N ARG J 66 -3.73 22.49 46.47
CA ARG J 66 -4.84 22.51 45.52
C ARG J 66 -4.61 21.58 44.34
N LEU J 67 -3.42 21.62 43.73
CA LEU J 67 -3.12 20.80 42.56
C LEU J 67 -2.61 19.40 42.91
N GLY J 68 -2.49 19.08 44.20
CA GLY J 68 -2.11 17.74 44.61
C GLY J 68 -0.62 17.47 44.51
N SER J 69 -0.25 16.26 44.92
CA SER J 69 1.14 15.84 44.95
C SER J 69 1.55 15.25 43.60
N THR J 70 2.79 14.76 43.54
CA THR J 70 3.28 14.15 42.32
C THR J 70 2.51 12.86 42.00
N VAL J 71 2.29 12.61 40.71
CA VAL J 71 1.53 11.44 40.30
C VAL J 71 2.21 10.17 40.80
N SER J 72 1.40 9.16 41.10
CA SER J 72 1.88 7.98 41.82
C SER J 72 2.85 7.15 41.00
N GLU J 73 2.75 7.18 39.66
CA GLU J 73 3.67 6.43 38.82
C GLU J 73 5.10 6.90 39.04
N ILE J 74 5.32 8.22 39.01
CA ILE J 74 6.67 8.75 39.18
C ILE J 74 7.12 8.63 40.62
N SER J 75 6.25 9.02 41.57
CA SER J 75 6.64 9.07 42.97
C SER J 75 7.10 7.72 43.49
N LYS J 76 6.50 6.62 43.01
CA LYS J 76 6.95 5.30 43.42
C LYS J 76 8.34 4.99 42.90
N ASN J 77 8.68 5.47 41.70
CA ASN J 77 10.03 5.28 41.17
C ASN J 77 11.05 6.15 41.89
N LEU J 78 10.62 7.21 42.58
CA LEU J 78 11.55 8.04 43.33
C LEU J 78 12.04 7.40 44.62
N GLU J 79 11.37 6.33 45.08
CA GLU J 79 11.73 5.74 46.37
C GLU J 79 13.14 5.20 46.35
N ASN J 80 13.55 4.58 45.25
CA ASN J 80 14.87 3.95 45.16
C ASN J 80 15.99 4.92 44.84
N VAL J 81 15.66 6.14 44.40
CA VAL J 81 16.70 7.10 44.02
C VAL J 81 17.46 7.56 45.27
N ASN J 82 18.75 7.83 45.10
CA ASN J 82 19.62 8.14 46.23
C ASN J 82 19.36 9.54 46.75
N ASP J 83 19.53 10.55 45.90
CA ASP J 83 19.47 11.96 46.30
C ASP J 83 18.29 12.64 45.61
N VAL J 84 17.16 12.72 46.31
CA VAL J 84 15.97 13.40 45.82
C VAL J 84 15.44 14.30 46.93
N LYS J 85 15.19 15.56 46.60
CA LYS J 85 14.48 16.47 47.50
C LYS J 85 13.28 17.03 46.76
N ILE J 86 12.13 17.05 47.43
CA ILE J 86 10.87 17.51 46.86
C ILE J 86 10.54 18.86 47.49
N PHE J 87 10.28 19.86 46.66
CA PHE J 87 10.00 21.22 47.10
C PHE J 87 8.60 21.62 46.65
N ASP J 88 7.81 22.14 47.58
CA ASP J 88 6.56 22.80 47.23
C ASP J 88 6.84 24.27 46.96
N LYS J 89 6.14 24.83 45.97
CA LYS J 89 6.44 26.18 45.52
C LYS J 89 5.16 26.88 45.10
N MET J 90 5.24 28.20 45.02
CA MET J 90 4.21 29.03 44.42
C MET J 90 4.69 29.80 43.21
N LYS J 91 5.97 30.20 43.19
CA LYS J 91 6.57 30.75 41.99
C LYS J 91 6.55 29.71 40.87
N PHE J 92 6.37 30.16 39.63
CA PHE J 92 6.32 29.24 38.51
C PHE J 92 7.68 28.62 38.24
N SER J 93 8.74 29.44 38.22
CA SER J 93 10.08 28.92 38.01
C SER J 93 10.51 28.06 39.19
N MET J 94 11.14 26.92 38.89
CA MET J 94 11.64 26.04 39.94
C MET J 94 12.86 26.61 40.65
N LEU J 95 13.52 27.59 40.05
CA LEU J 95 14.67 28.24 40.68
C LEU J 95 14.19 29.24 41.74
N VAL J 96 13.56 28.68 42.77
CA VAL J 96 13.14 29.43 43.96
C VAL J 96 14.32 29.47 44.92
N PRO J 97 14.33 30.38 45.91
CA PRO J 97 15.51 30.49 46.78
C PRO J 97 15.87 29.18 47.47
N GLU J 98 14.87 28.42 47.93
CA GLU J 98 15.16 27.16 48.62
C GLU J 98 15.80 26.14 47.68
N VAL J 99 15.43 26.17 46.40
CA VAL J 99 16.04 25.27 45.42
C VAL J 99 17.41 25.77 45.01
N GLU J 100 17.55 27.09 44.79
CA GLU J 100 18.85 27.64 44.41
C GLU J 100 19.88 27.45 45.53
N HIS J 101 19.47 27.63 46.79
CA HIS J 101 20.38 27.38 47.89
C HIS J 101 20.80 25.92 47.94
N HIS J 102 19.86 25.01 47.70
CA HIS J 102 20.19 23.59 47.62
C HIS J 102 21.18 23.32 46.49
N LEU J 103 21.00 23.99 45.35
CA LEU J 103 21.91 23.81 44.22
C LEU J 103 23.32 24.29 44.57
N THR J 104 23.43 25.46 45.21
CA THR J 104 24.74 26.08 45.40
C THR J 104 25.49 25.52 46.60
N SER J 105 24.79 25.13 47.66
CA SER J 105 25.45 24.68 48.88
C SER J 105 25.69 23.18 48.93
N ASN J 106 25.19 22.42 47.96
CA ASN J 106 25.36 20.98 48.01
C ASN J 106 25.98 20.39 46.74
N MET J 107 25.65 20.92 45.58
CA MET J 107 26.21 20.46 44.31
C MET J 107 26.56 21.63 43.40
N PRO J 108 27.46 22.51 43.85
CA PRO J 108 27.84 23.66 43.01
C PRO J 108 28.46 23.26 41.68
N GLN J 109 28.93 22.02 41.55
CA GLN J 109 29.57 21.58 40.30
C GLN J 109 28.56 21.21 39.22
N ARG J 110 27.29 21.02 39.57
CA ARG J 110 26.26 20.60 38.62
C ARG J 110 25.78 21.82 37.84
N LYS J 111 26.32 22.01 36.64
CA LYS J 111 25.96 23.12 35.77
C LYS J 111 25.11 22.70 34.58
N SER J 112 24.67 21.44 34.55
CA SER J 112 23.85 20.90 33.47
C SER J 112 22.56 20.38 34.06
N VAL J 113 21.43 20.84 33.53
CA VAL J 113 20.12 20.51 34.10
C VAL J 113 19.28 19.82 33.03
N LEU J 114 18.79 18.61 33.35
CA LEU J 114 17.86 17.90 32.49
C LEU J 114 16.43 18.22 32.95
N LEU J 115 15.62 18.75 32.06
CA LEU J 115 14.33 19.35 32.41
C LEU J 115 13.18 18.52 31.86
N CYS J 116 12.35 18.01 32.76
CA CYS J 116 11.13 17.29 32.41
C CYS J 116 9.97 17.86 33.21
N GLY J 117 8.75 17.64 32.70
CA GLY J 117 7.57 17.96 33.45
C GLY J 117 6.59 18.78 32.64
N ILE J 118 5.69 19.46 33.36
CA ILE J 118 4.60 20.23 32.76
C ILE J 118 4.38 21.49 33.60
N GLU J 119 3.91 22.56 32.94
CA GLU J 119 3.64 22.65 31.51
C GLU J 119 4.84 23.25 30.80
N THR J 120 5.05 22.82 29.54
CA THR J 120 6.19 23.29 28.77
C THR J 120 6.26 24.81 28.75
N HIS J 121 5.12 25.47 28.58
CA HIS J 121 5.09 26.90 28.34
C HIS J 121 4.89 27.73 29.60
N VAL J 122 4.74 27.11 30.78
CA VAL J 122 4.64 27.91 32.00
C VAL J 122 5.72 27.55 33.01
N CYS J 123 5.66 26.35 33.58
N CYS J 123 5.60 26.34 33.58
CA CYS J 123 6.65 26.06 34.61
CA CYS J 123 6.53 25.81 34.59
C CYS J 123 7.98 25.57 34.06
C CYS J 123 7.92 25.64 33.99
N VAL J 124 7.97 24.83 32.93
CA VAL J 124 9.23 24.45 32.32
C VAL J 124 9.93 25.65 31.70
N LEU J 125 9.16 26.50 31.00
CA LEU J 125 9.74 27.65 30.32
C LEU J 125 10.40 28.60 31.30
N GLN J 126 9.70 28.95 32.38
CA GLN J 126 10.25 29.93 33.31
C GLN J 126 11.39 29.35 34.11
N THR J 127 11.33 28.05 34.43
CA THR J 127 12.49 27.42 35.04
C THR J 127 13.68 27.44 34.11
N CYS J 128 13.46 27.18 32.82
CA CYS J 128 14.53 27.21 31.85
C CYS J 128 15.17 28.58 31.77
N LEU J 129 14.35 29.63 31.64
CA LEU J 129 14.88 30.98 31.46
C LEU J 129 15.70 31.42 32.67
N ASP J 130 15.24 31.09 33.88
CA ASP J 130 15.97 31.47 35.09
C ASP J 130 17.26 30.68 35.21
N LEU J 131 17.24 29.40 34.84
CA LEU J 131 18.46 28.60 34.86
C LEU J 131 19.49 29.12 33.87
N LEU J 132 19.05 29.58 32.70
CA LEU J 132 19.99 30.17 31.75
C LEU J 132 20.59 31.47 32.30
N ASP J 133 19.80 32.23 33.07
CA ASP J 133 20.28 33.49 33.62
C ASP J 133 21.38 33.31 34.65
N LYS J 134 21.47 32.13 35.27
CA LYS J 134 22.47 31.87 36.29
C LYS J 134 23.66 31.06 35.77
N GLY J 135 23.75 30.86 34.45
CA GLY J 135 24.87 30.17 33.86
C GLY J 135 24.71 28.67 33.69
N TYR J 136 23.55 28.11 34.03
CA TYR J 136 23.32 26.68 33.86
C TYR J 136 23.05 26.35 32.40
N ASP J 137 23.43 25.14 32.00
CA ASP J 137 23.02 24.58 30.73
C ASP J 137 21.71 23.86 30.91
N VAL J 138 20.72 24.19 30.08
CA VAL J 138 19.38 23.61 30.18
C VAL J 138 19.18 22.65 29.02
N HIS J 139 18.86 21.41 29.33
CA HIS J 139 18.59 20.36 28.35
C HIS J 139 17.14 19.94 28.52
N VAL J 140 16.29 20.36 27.59
CA VAL J 140 14.86 20.05 27.68
C VAL J 140 14.62 18.67 27.07
N VAL J 141 14.11 17.74 27.89
CA VAL J 141 13.79 16.40 27.41
C VAL J 141 12.44 16.52 26.70
N SER J 142 12.49 16.65 25.37
CA SER J 142 11.31 17.07 24.62
C SER J 142 10.20 16.04 24.68
N ASP J 143 10.53 14.76 24.80
CA ASP J 143 9.49 13.74 24.92
C ASP J 143 9.07 13.51 26.37
N ALA J 144 9.55 14.34 27.30
CA ALA J 144 9.13 14.32 28.69
C ALA J 144 8.53 15.65 29.14
N VAL J 145 8.09 16.48 28.21
CA VAL J 145 7.40 17.73 28.51
C VAL J 145 6.16 17.83 27.62
N SER J 146 5.14 18.50 28.14
CA SER J 146 3.91 18.74 27.37
C SER J 146 3.14 19.87 28.03
N SER J 147 2.04 20.26 27.38
CA SER J 147 1.16 21.31 27.83
C SER J 147 -0.28 20.83 27.72
N SER J 148 -1.22 21.70 28.09
CA SER J 148 -2.64 21.39 27.90
C SER J 148 -2.96 21.19 26.43
N THR J 149 -2.26 21.89 25.53
CA THR J 149 -2.47 21.77 24.09
C THR J 149 -1.14 21.49 23.40
N SER J 150 -1.21 20.79 22.27
CA SER J 150 -0.02 20.56 21.47
C SER J 150 0.61 21.86 20.98
N TYR J 151 -0.22 22.89 20.77
CA TYR J 151 0.30 24.18 20.29
C TYR J 151 1.32 24.76 21.26
N ASN J 152 0.96 24.83 22.54
CA ASN J 152 1.84 25.49 23.50
C ASN J 152 3.07 24.66 23.82
N ARG J 153 2.99 23.33 23.65
CA ARG J 153 4.20 22.52 23.79
C ARG J 153 5.17 22.80 22.66
N SER J 154 4.67 22.84 21.42
CA SER J 154 5.54 23.09 20.28
C SER J 154 6.13 24.49 20.32
N MET J 155 5.32 25.49 20.69
CA MET J 155 5.82 26.85 20.81
C MET J 155 6.93 26.92 21.85
N ALA J 156 6.70 26.32 23.01
CA ALA J 156 7.64 26.45 24.12
C ALA J 156 8.99 25.85 23.77
N LEU J 157 9.00 24.71 23.08
CA LEU J 157 10.27 24.08 22.76
C LEU J 157 11.14 25.02 21.93
N GLU J 158 10.56 25.63 20.90
CA GLU J 158 11.32 26.59 20.09
C GLU J 158 11.60 27.87 20.85
N ARG J 159 10.68 28.29 21.73
CA ARG J 159 10.91 29.48 22.53
C ARG J 159 12.11 29.31 23.45
N MET J 160 12.27 28.11 24.02
CA MET J 160 13.45 27.82 24.83
C MET J 160 14.70 27.71 23.96
N ARG J 161 14.60 26.99 22.84
CA ARG J 161 15.74 26.83 21.94
C ARG J 161 16.27 28.19 21.49
N GLN J 162 15.37 29.13 21.24
CA GLN J 162 15.74 30.46 20.80
C GLN J 162 16.59 31.18 21.85
N SER J 163 16.39 30.84 23.13
CA SER J 163 17.13 31.46 24.23
C SER J 163 18.37 30.66 24.63
N GLY J 164 18.64 29.53 23.97
CA GLY J 164 19.85 28.77 24.24
C GLY J 164 19.65 27.43 24.90
N ALA J 165 18.41 27.03 25.19
CA ALA J 165 18.18 25.70 25.75
C ALA J 165 18.39 24.63 24.69
N TYR J 166 18.96 23.49 25.10
CA TYR J 166 19.16 22.37 24.20
C TYR J 166 17.92 21.49 24.22
N ILE J 167 17.33 21.28 23.04
CA ILE J 167 16.14 20.44 22.91
C ILE J 167 16.64 19.04 22.58
N THR J 168 16.62 18.16 23.59
CA THR J 168 17.08 16.79 23.49
C THR J 168 15.89 15.84 23.65
N SER J 169 16.19 14.55 23.74
CA SER J 169 15.18 13.52 23.93
C SER J 169 15.64 12.56 25.01
N VAL J 170 14.74 11.64 25.39
CA VAL J 170 15.04 10.68 26.44
C VAL J 170 16.26 9.84 26.05
N GLU J 171 16.24 9.26 24.85
CA GLU J 171 17.36 8.43 24.40
C GLU J 171 18.63 9.25 24.25
N SER J 172 18.50 10.42 23.61
CA SER J 172 19.69 11.19 23.26
C SER J 172 20.45 11.62 24.51
N ALA J 173 19.74 12.18 25.49
CA ALA J 173 20.38 12.64 26.71
C ALA J 173 20.99 11.48 27.49
N ILE J 174 20.28 10.35 27.56
CA ILE J 174 20.77 9.21 28.33
C ILE J 174 22.06 8.67 27.71
N PHE J 175 22.05 8.46 26.38
CA PHE J 175 23.27 7.99 25.71
C PHE J 175 24.37 9.04 25.76
N GLN J 176 24.02 10.32 25.83
CA GLN J 176 25.03 11.35 26.04
C GLN J 176 25.73 11.17 27.38
N LEU J 177 24.95 10.93 28.43
CA LEU J 177 25.53 10.76 29.77
C LEU J 177 26.40 9.52 29.85
N ALA J 178 25.97 8.42 29.24
CA ALA J 178 26.78 7.21 29.16
C ALA J 178 27.69 7.37 27.95
N ASN J 179 28.90 7.85 28.18
CA ASN J 179 29.78 8.20 27.06
C ASN J 179 30.19 6.95 26.28
N ASP J 180 30.64 5.90 26.97
CA ASP J 180 31.18 4.71 26.33
C ASP J 180 30.23 3.52 26.48
N ALA J 181 30.30 2.62 25.50
CA ALA J 181 29.61 1.34 25.60
C ALA J 181 30.41 0.32 26.40
N SER J 182 31.68 0.60 26.68
CA SER J 182 32.48 -0.25 27.55
C SER J 182 32.37 0.11 29.02
N ASN J 183 31.57 1.13 29.35
CA ASN J 183 31.34 1.48 30.74
C ASN J 183 30.53 0.40 31.44
N PRO J 184 30.75 0.18 32.74
CA PRO J 184 30.05 -0.92 33.44
C PRO J 184 28.54 -0.78 33.45
N GLU J 185 28.00 0.44 33.29
CA GLU J 185 26.58 0.66 33.39
C GLU J 185 25.84 0.46 32.07
N PHE J 186 26.56 0.16 30.99
CA PHE J 186 25.94 0.12 29.67
C PHE J 186 24.86 -0.95 29.57
N LYS J 187 25.12 -2.13 30.13
CA LYS J 187 24.21 -3.25 29.94
C LYS J 187 22.83 -2.95 30.54
N ILE J 188 22.79 -2.51 31.80
CA ILE J 188 21.51 -2.24 32.44
C ILE J 188 20.85 -1.01 31.80
N ILE J 189 21.65 -0.04 31.35
CA ILE J 189 21.08 1.12 30.68
C ILE J 189 20.47 0.73 29.34
N SER J 190 21.13 -0.18 28.62
CA SER J 190 20.61 -0.62 27.32
C SER J 190 19.27 -1.32 27.47
N LYS J 191 19.10 -2.12 28.52
CA LYS J 191 17.81 -2.76 28.76
C LYS J 191 16.76 -1.71 29.10
N LEU J 192 17.16 -0.65 29.82
CA LEU J 192 16.21 0.42 30.14
C LEU J 192 15.70 1.09 28.87
N ILE J 193 16.58 1.35 27.91
CA ILE J 193 16.16 1.97 26.66
C ILE J 193 15.32 1.01 25.82
N LYS J 194 15.73 -0.26 25.76
CA LYS J 194 15.03 -1.24 24.95
C LYS J 194 13.58 -1.42 25.42
N GLU J 195 13.37 -1.44 26.73
CA GLU J 195 12.01 -1.45 27.26
C GLU J 195 11.30 -0.12 26.99
N HIS J 196 12.03 0.99 27.12
CA HIS J 196 11.44 2.30 26.88
C HIS J 196 10.95 2.42 25.44
N LEU J 197 11.69 1.87 24.48
CA LEU J 197 11.33 2.05 23.08
C LEU J 197 10.06 1.32 22.68
N LYS J 198 9.76 0.21 23.34
CA LYS J 198 8.63 -0.64 23.00
C LYS J 198 7.28 -0.03 23.35
N VAL J 199 7.23 1.04 24.17
CA VAL J 199 6.00 1.80 24.37
C VAL J 199 6.03 2.96 23.41
N GLY J 200 4.88 3.26 22.82
CA GLY J 200 4.84 4.25 21.76
C GLY J 200 5.13 5.66 22.27
N ASN J 201 5.88 6.41 21.47
CA ASN J 201 6.10 7.83 21.74
C ASN J 201 4.89 8.61 21.24
N GLY J 202 4.12 9.18 22.16
CA GLY J 202 2.92 9.90 21.80
C GLY J 202 3.17 11.13 20.95
N PHE J 203 4.41 11.62 20.92
CA PHE J 203 4.76 12.79 20.12
C PHE J 203 5.29 12.42 18.74
N ASP J 204 5.48 11.12 18.45
CA ASP J 204 6.00 10.65 17.16
C ASP J 204 4.84 10.50 16.17
N THR J 205 4.46 11.63 15.58
CA THR J 205 3.36 11.65 14.62
C THR J 205 3.88 11.87 13.19
N LYS K 8 31.68 34.71 11.00
CA LYS K 8 30.61 34.35 10.08
C LYS K 8 30.41 32.84 10.05
N ARG K 9 29.19 32.40 9.68
CA ARG K 9 28.84 30.98 9.64
C ARG K 9 28.31 30.67 8.24
N LEU K 10 29.21 30.45 7.29
CA LEU K 10 28.84 30.18 5.91
C LEU K 10 28.77 28.71 5.58
N GLY K 11 29.72 27.92 6.08
CA GLY K 11 29.78 26.51 5.73
C GLY K 11 30.11 26.24 4.27
N HIS K 12 31.10 26.95 3.73
CA HIS K 12 31.60 26.63 2.40
C HIS K 12 32.27 25.27 2.42
N LEU K 13 32.26 24.59 1.26
CA LEU K 13 32.83 23.25 1.14
C LEU K 13 33.86 23.24 0.01
N LEU K 14 35.12 23.01 0.36
CA LEU K 14 36.20 22.86 -0.60
C LEU K 14 36.77 21.44 -0.52
N PRO K 15 36.99 20.79 -1.67
CA PRO K 15 37.48 19.39 -1.61
C PRO K 15 38.84 19.25 -0.94
N GLN K 16 39.71 20.27 -1.04
CA GLN K 16 41.05 20.16 -0.49
C GLN K 16 41.06 20.12 1.04
N SER K 17 39.95 20.50 1.69
CA SER K 17 39.92 20.55 3.15
C SER K 17 38.69 19.84 3.73
N SER K 18 38.14 18.88 3.00
CA SER K 18 36.93 18.17 3.40
C SER K 18 37.21 16.69 3.60
N ILE K 19 36.53 16.09 4.60
CA ILE K 19 36.63 14.66 4.89
C ILE K 19 35.22 14.10 4.98
N LEU K 20 35.06 12.83 4.63
CA LEU K 20 33.79 12.13 4.71
C LEU K 20 33.82 11.14 5.87
N PHE K 21 32.86 11.27 6.78
CA PHE K 21 32.72 10.38 7.93
C PHE K 21 31.48 9.51 7.74
N VAL K 22 31.63 8.20 7.95
CA VAL K 22 30.53 7.25 7.88
C VAL K 22 30.41 6.57 9.24
N CYS K 23 29.33 6.89 9.98
CA CYS K 23 29.17 6.39 11.35
C CYS K 23 28.33 5.11 11.39
N ASP K 24 28.98 4.00 11.74
CA ASP K 24 28.32 2.79 12.27
C ASP K 24 27.14 2.30 11.45
N VAL K 25 27.28 2.28 10.13
CA VAL K 25 26.21 1.72 9.30
C VAL K 25 26.34 0.21 9.31
N GLN K 26 25.73 -0.45 10.31
CA GLN K 26 25.93 -1.86 10.59
C GLN K 26 24.74 -2.71 10.20
N GLU K 27 25.02 -4.01 9.99
CA GLU K 27 23.97 -4.96 9.63
C GLU K 27 22.91 -5.08 10.70
N VAL K 28 23.28 -4.84 11.97
CA VAL K 28 22.34 -5.03 13.08
C VAL K 28 21.13 -4.11 12.94
N PHE K 29 21.31 -2.95 12.33
CA PHE K 29 20.24 -1.96 12.24
C PHE K 29 19.29 -2.23 11.09
N ARG K 30 19.48 -3.35 10.39
CA ARG K 30 18.55 -3.75 9.33
C ARG K 30 17.21 -4.10 9.94
N GLY K 31 16.14 -3.52 9.39
CA GLY K 31 14.83 -3.70 9.96
C GLY K 31 14.57 -2.91 11.22
N LEU K 32 15.46 -1.99 11.61
CA LEU K 32 15.30 -1.19 12.80
C LEU K 32 15.38 0.30 12.57
N THR K 33 16.19 0.76 11.62
CA THR K 33 16.39 2.18 11.39
C THR K 33 15.33 2.75 10.46
N PHE K 34 14.79 3.90 10.85
CA PHE K 34 13.81 4.60 10.02
C PHE K 34 14.41 4.95 8.66
N GLN K 35 13.76 4.49 7.58
CA GLN K 35 14.19 4.77 6.21
C GLN K 35 15.64 4.32 5.95
N LEU K 36 16.00 3.15 6.47
CA LEU K 36 17.36 2.66 6.29
C LEU K 36 17.80 2.57 4.83
N PRO K 37 16.97 2.08 3.88
CA PRO K 37 17.47 2.00 2.49
C PRO K 37 17.93 3.34 1.92
N THR K 38 17.25 4.44 2.28
CA THR K 38 17.69 5.74 1.82
C THR K 38 19.00 6.15 2.48
N VAL K 39 19.19 5.77 3.75
CA VAL K 39 20.46 6.05 4.42
C VAL K 39 21.60 5.33 3.71
N ILE K 40 21.39 4.06 3.38
CA ILE K 40 22.43 3.27 2.72
C ILE K 40 22.73 3.81 1.32
N HIS K 41 21.67 4.08 0.54
CA HIS K 41 21.87 4.59 -0.81
C HIS K 41 22.52 5.96 -0.80
N SER K 42 22.04 6.87 0.06
CA SER K 42 22.61 8.22 0.12
C SER K 42 24.07 8.20 0.55
N THR K 43 24.40 7.38 1.56
CA THR K 43 25.79 7.27 1.99
C THR K 43 26.67 6.76 0.86
N ASN K 44 26.16 5.81 0.06
CA ASN K 44 26.94 5.31 -1.06
C ASN K 44 27.16 6.38 -2.13
N THR K 45 26.19 7.27 -2.33
CA THR K 45 26.42 8.39 -3.23
C THR K 45 27.54 9.30 -2.72
N MET K 46 27.56 9.54 -1.40
CA MET K 46 28.63 10.34 -0.80
C MET K 46 29.98 9.65 -0.99
N VAL K 47 30.03 8.34 -0.74
CA VAL K 47 31.26 7.58 -0.92
C VAL K 47 31.72 7.64 -2.37
N SER K 48 30.78 7.48 -3.32
CA SER K 48 31.13 7.59 -4.73
C SER K 48 31.64 9.00 -5.06
N ALA K 49 31.01 10.03 -4.48
CA ALA K 49 31.46 11.40 -4.72
C ALA K 49 32.85 11.63 -4.13
N ALA K 50 33.12 11.04 -2.96
CA ALA K 50 34.43 11.18 -2.34
C ALA K 50 35.53 10.64 -3.23
N LYS K 51 35.25 9.57 -3.99
CA LYS K 51 36.22 9.10 -4.99
C LYS K 51 36.46 10.16 -6.04
N LEU K 52 35.38 10.75 -6.57
CA LEU K 52 35.52 11.64 -7.71
C LEU K 52 36.23 12.94 -7.36
N LEU K 53 36.16 13.36 -6.09
CA LEU K 53 36.76 14.63 -5.68
C LEU K 53 37.98 14.42 -4.77
N ASN K 54 38.51 13.21 -4.69
CA ASN K 54 39.69 12.91 -3.87
C ASN K 54 39.46 13.28 -2.41
N LEU K 55 38.34 12.85 -1.89
CA LEU K 55 38.02 13.09 -0.49
C LEU K 55 38.37 11.86 0.33
N PRO K 56 39.17 12.00 1.38
CA PRO K 56 39.42 10.86 2.27
C PRO K 56 38.16 10.47 3.02
N VAL K 57 38.09 9.21 3.38
CA VAL K 57 36.90 8.64 4.01
C VAL K 57 37.31 7.98 5.32
N VAL K 58 36.55 8.26 6.37
CA VAL K 58 36.75 7.63 7.67
C VAL K 58 35.48 6.86 8.01
N VAL K 59 35.63 5.55 8.19
CA VAL K 59 34.52 4.67 8.50
C VAL K 59 34.72 4.14 9.91
N THR K 60 33.63 4.00 10.65
CA THR K 60 33.70 3.53 12.02
C THR K 60 32.69 2.41 12.23
N THR K 61 33.01 1.53 13.17
CA THR K 61 32.10 0.44 13.55
C THR K 61 31.99 0.41 15.06
N GLN K 62 30.76 0.26 15.55
CA GLN K 62 30.50 0.21 16.99
C GLN K 62 30.30 -1.24 17.41
N TYR K 63 31.18 -1.73 18.29
CA TYR K 63 31.15 -3.11 18.79
C TYR K 63 30.98 -4.11 17.65
N GLY K 64 31.94 -4.07 16.71
CA GLY K 64 31.86 -4.91 15.53
C GLY K 64 31.80 -6.39 15.82
N SER K 65 32.33 -6.82 16.98
CA SER K 65 32.23 -8.23 17.34
C SER K 65 30.79 -8.65 17.57
N ARG K 66 29.95 -7.76 18.08
CA ARG K 66 28.57 -8.08 18.42
C ARG K 66 27.55 -7.52 17.45
N LEU K 67 27.73 -6.28 16.99
CA LEU K 67 26.72 -5.61 16.19
C LEU K 67 26.96 -5.75 14.69
N GLY K 68 27.96 -6.55 14.30
CA GLY K 68 28.26 -6.76 12.89
C GLY K 68 29.19 -5.69 12.33
N SER K 69 29.50 -5.85 11.04
CA SER K 69 30.38 -4.93 10.34
C SER K 69 29.56 -4.00 9.46
N THR K 70 30.25 -3.11 8.74
CA THR K 70 29.56 -2.21 7.82
C THR K 70 28.79 -3.02 6.78
N VAL K 71 27.59 -2.55 6.45
CA VAL K 71 26.74 -3.28 5.52
C VAL K 71 27.45 -3.46 4.19
N SER K 72 27.24 -4.61 3.56
CA SER K 72 28.04 -4.99 2.39
C SER K 72 27.82 -4.05 1.20
N GLU K 73 26.65 -3.40 1.12
CA GLU K 73 26.40 -2.48 0.02
C GLU K 73 27.39 -1.33 0.05
N ILE K 74 27.71 -0.81 1.24
CA ILE K 74 28.69 0.26 1.34
C ILE K 74 30.11 -0.30 1.34
N SER K 75 30.32 -1.46 1.96
CA SER K 75 31.65 -2.07 1.98
C SER K 75 32.24 -2.21 0.59
N LYS K 76 31.42 -2.67 -0.37
CA LYS K 76 31.92 -2.88 -1.73
C LYS K 76 32.30 -1.55 -2.38
N ASN K 77 31.52 -0.50 -2.11
CA ASN K 77 31.81 0.83 -2.66
C ASN K 77 33.12 1.38 -2.12
N LEU K 78 33.46 1.06 -0.88
CA LEU K 78 34.65 1.61 -0.24
C LEU K 78 35.94 0.95 -0.70
N GLU K 79 35.88 -0.14 -1.46
CA GLU K 79 37.09 -0.86 -1.83
C GLU K 79 37.98 -0.02 -2.74
N ASN K 80 37.38 0.73 -3.66
CA ASN K 80 38.13 1.46 -4.68
C ASN K 80 38.56 2.86 -4.23
N VAL K 81 38.17 3.30 -3.03
CA VAL K 81 38.49 4.66 -2.62
C VAL K 81 39.97 4.77 -2.28
N ASN K 82 40.61 5.83 -2.76
CA ASN K 82 42.06 5.96 -2.62
C ASN K 82 42.47 6.01 -1.15
N ASP K 83 41.75 6.77 -0.32
CA ASP K 83 42.15 7.01 1.06
C ASP K 83 40.98 6.70 2.00
N VAL K 84 41.00 5.49 2.57
CA VAL K 84 40.01 5.06 3.56
C VAL K 84 40.74 4.52 4.77
N LYS K 85 40.20 4.78 5.96
CA LYS K 85 40.62 4.13 7.19
C LYS K 85 39.36 3.71 7.94
N ILE K 86 39.33 2.46 8.39
CA ILE K 86 38.20 1.90 9.13
C ILE K 86 38.65 1.66 10.57
N PHE K 87 37.86 2.13 11.52
CA PHE K 87 38.18 2.01 12.93
C PHE K 87 37.01 1.39 13.69
N ASP K 88 37.32 0.46 14.58
CA ASP K 88 36.33 -0.07 15.50
C ASP K 88 36.42 0.66 16.84
N LYS K 89 35.28 0.88 17.48
CA LYS K 89 35.24 1.68 18.69
C LYS K 89 34.16 1.17 19.63
N MET K 90 34.32 1.52 20.91
CA MET K 90 33.27 1.36 21.91
C MET K 90 32.64 2.69 22.32
N LYS K 91 33.38 3.79 22.23
CA LYS K 91 32.81 5.11 22.47
C LYS K 91 31.81 5.47 21.39
N PHE K 92 30.69 6.07 21.79
CA PHE K 92 29.65 6.42 20.83
C PHE K 92 30.16 7.42 19.80
N SER K 93 30.90 8.43 20.24
CA SER K 93 31.45 9.40 19.31
C SER K 93 32.56 8.77 18.47
N MET K 94 32.70 9.27 17.24
CA MET K 94 33.75 8.78 16.36
C MET K 94 35.13 9.30 16.76
N LEU K 95 35.20 10.41 17.50
CA LEU K 95 36.47 11.02 17.85
C LEU K 95 37.16 10.26 18.99
N VAL K 96 37.45 8.99 18.72
CA VAL K 96 38.27 8.14 19.58
C VAL K 96 39.73 8.48 19.32
N PRO K 97 40.66 8.17 20.23
CA PRO K 97 42.05 8.62 20.05
C PRO K 97 42.72 8.14 18.77
N GLU K 98 42.35 6.95 18.28
CA GLU K 98 42.95 6.47 17.03
C GLU K 98 42.51 7.30 15.84
N VAL K 99 41.23 7.70 15.80
CA VAL K 99 40.71 8.57 14.75
C VAL K 99 41.29 9.97 14.86
N GLU K 100 41.35 10.52 16.08
CA GLU K 100 41.86 11.87 16.25
C GLU K 100 43.34 11.94 15.87
N HIS K 101 44.11 10.91 16.22
CA HIS K 101 45.51 10.86 15.81
C HIS K 101 45.62 10.82 14.28
N HIS K 102 44.80 10.00 13.63
CA HIS K 102 44.84 9.92 12.17
C HIS K 102 44.48 11.26 11.55
N LEU K 103 43.52 11.97 12.16
CA LEU K 103 43.15 13.28 11.64
C LEU K 103 44.28 14.30 11.82
N THR K 104 44.87 14.35 13.01
CA THR K 104 45.86 15.38 13.27
C THR K 104 47.19 15.08 12.61
N SER K 105 47.59 13.80 12.55
CA SER K 105 48.88 13.45 11.96
C SER K 105 48.84 13.43 10.44
N ASN K 106 47.74 13.00 9.84
CA ASN K 106 47.69 12.81 8.40
C ASN K 106 46.92 13.90 7.65
N MET K 107 46.01 14.61 8.32
CA MET K 107 45.25 15.63 7.61
C MET K 107 44.82 16.79 8.52
N PRO K 108 45.75 17.46 9.21
CA PRO K 108 45.33 18.60 10.06
C PRO K 108 44.76 19.77 9.27
N GLN K 109 45.02 19.86 7.96
CA GLN K 109 44.52 20.98 7.17
C GLN K 109 43.03 20.86 6.88
N ARG K 110 42.49 19.65 6.83
CA ARG K 110 41.09 19.44 6.51
C ARG K 110 40.27 19.53 7.80
N LYS K 111 39.50 20.60 7.95
CA LYS K 111 38.69 20.84 9.13
C LYS K 111 37.20 20.91 8.82
N SER K 112 36.79 20.36 7.68
CA SER K 112 35.39 20.31 7.30
C SER K 112 34.99 18.86 7.09
N VAL K 113 33.95 18.42 7.80
CA VAL K 113 33.55 17.02 7.85
C VAL K 113 32.12 16.88 7.35
N LEU K 114 31.92 15.98 6.39
CA LEU K 114 30.58 15.57 5.96
C LEU K 114 30.21 14.31 6.73
N LEU K 115 29.12 14.38 7.50
CA LEU K 115 28.78 13.34 8.46
C LEU K 115 27.57 12.56 7.97
N CYS K 116 27.75 11.26 7.77
CA CYS K 116 26.67 10.32 7.47
C CYS K 116 26.64 9.22 8.51
N GLY K 117 25.57 8.44 8.49
CA GLY K 117 25.49 7.25 9.31
C GLY K 117 24.34 7.29 10.26
N ILE K 118 24.39 6.38 11.25
CA ILE K 118 23.31 6.19 12.20
C ILE K 118 23.92 5.80 13.54
N GLU K 119 23.25 6.17 14.64
CA GLU K 119 21.99 6.90 14.71
C GLU K 119 22.21 8.41 14.79
N THR K 120 21.22 9.17 14.31
CA THR K 120 21.30 10.63 14.32
C THR K 120 21.51 11.15 15.73
N HIS K 121 20.83 10.56 16.71
CA HIS K 121 20.77 11.11 18.05
C HIS K 121 21.75 10.46 19.02
N VAL K 122 22.58 9.52 18.57
CA VAL K 122 23.52 8.91 19.50
C VAL K 122 24.97 9.09 19.06
N CYS K 123 25.37 8.44 17.95
N CYS K 123 25.35 8.48 17.94
CA CYS K 123 26.75 8.58 17.49
CA CYS K 123 26.74 8.53 17.51
C CYS K 123 26.92 9.81 16.64
C CYS K 123 27.01 9.66 16.51
N VAL K 124 26.03 9.99 15.65
CA VAL K 124 26.14 11.16 14.77
C VAL K 124 26.15 12.43 15.60
N LEU K 125 25.25 12.53 16.59
CA LEU K 125 25.21 13.70 17.44
C LEU K 125 26.49 13.86 18.24
N GLN K 126 26.95 12.78 18.87
CA GLN K 126 28.12 12.90 19.74
C GLN K 126 29.39 13.10 18.94
N THR K 127 29.49 12.50 17.76
CA THR K 127 30.60 12.81 16.86
C THR K 127 30.58 14.28 16.50
N CYS K 128 29.39 14.80 16.17
CA CYS K 128 29.26 16.18 15.74
C CYS K 128 29.67 17.14 16.86
N LEU K 129 29.19 16.90 18.08
CA LEU K 129 29.55 17.77 19.19
C LEU K 129 31.05 17.69 19.49
N ASP K 130 31.62 16.49 19.45
CA ASP K 130 33.06 16.35 19.69
C ASP K 130 33.87 17.04 18.60
N LEU K 131 33.42 16.94 17.34
CA LEU K 131 34.13 17.59 16.25
C LEU K 131 34.09 19.10 16.38
N LEU K 132 32.93 19.66 16.74
CA LEU K 132 32.83 21.11 16.91
C LEU K 132 33.73 21.60 18.04
N ASP K 133 33.81 20.84 19.13
CA ASP K 133 34.67 21.23 20.24
C ASP K 133 36.12 21.40 19.79
N LYS K 134 36.51 20.73 18.72
CA LYS K 134 37.87 20.80 18.20
C LYS K 134 38.02 21.76 17.02
N GLY K 135 37.00 22.59 16.76
CA GLY K 135 37.11 23.58 15.71
C GLY K 135 36.76 23.09 14.32
N TYR K 136 36.04 21.98 14.20
CA TYR K 136 35.66 21.42 12.91
C TYR K 136 34.33 21.99 12.46
N ASP K 137 34.20 22.21 11.15
CA ASP K 137 32.91 22.51 10.54
C ASP K 137 32.22 21.18 10.23
N VAL K 138 31.05 20.96 10.80
CA VAL K 138 30.32 19.71 10.63
C VAL K 138 29.17 19.94 9.67
N HIS K 139 29.19 19.22 8.54
CA HIS K 139 28.12 19.24 7.55
C HIS K 139 27.37 17.92 7.64
N VAL K 140 26.15 17.98 8.16
CA VAL K 140 25.34 16.79 8.37
C VAL K 140 24.57 16.49 7.09
N VAL K 141 24.81 15.31 6.52
CA VAL K 141 24.10 14.89 5.31
C VAL K 141 22.74 14.35 5.74
N SER K 142 21.71 15.22 5.73
CA SER K 142 20.47 14.92 6.43
C SER K 142 19.74 13.72 5.83
N ASP K 143 19.84 13.51 4.51
CA ASP K 143 19.20 12.35 3.90
C ASP K 143 20.09 11.11 3.95
N ALA K 144 21.21 11.16 4.68
CA ALA K 144 22.05 9.99 4.89
C ALA K 144 22.22 9.66 6.38
N VAL K 145 21.35 10.20 7.24
CA VAL K 145 21.36 9.86 8.65
C VAL K 145 19.94 9.54 9.09
N SER K 146 19.82 8.65 10.09
CA SER K 146 18.50 8.31 10.61
C SER K 146 18.65 7.65 11.98
N SER K 147 17.51 7.31 12.57
CA SER K 147 17.44 6.71 13.90
C SER K 147 16.37 5.64 13.90
N SER K 148 16.20 4.98 15.05
CA SER K 148 15.17 3.96 15.19
C SER K 148 13.77 4.53 15.04
N THR K 149 13.59 5.82 15.36
CA THR K 149 12.31 6.50 15.21
C THR K 149 12.50 7.79 14.44
N SER K 150 11.47 8.18 13.71
CA SER K 150 11.48 9.48 13.02
C SER K 150 11.66 10.63 14.01
N TYR K 151 11.07 10.51 15.19
CA TYR K 151 11.15 11.58 16.19
C TYR K 151 12.59 11.88 16.57
N ASN K 152 13.39 10.84 16.79
CA ASN K 152 14.77 11.07 17.24
C ASN K 152 15.67 11.55 16.11
N ARG K 153 15.34 11.23 14.86
CA ARG K 153 16.12 11.77 13.76
C ARG K 153 15.89 13.27 13.61
N SER K 154 14.62 13.70 13.59
CA SER K 154 14.31 15.12 13.44
C SER K 154 14.86 15.94 14.60
N MET K 155 14.69 15.43 15.82
CA MET K 155 15.24 16.10 16.99
C MET K 155 16.73 16.32 16.84
N ALA K 156 17.46 15.28 16.44
CA ALA K 156 18.92 15.36 16.38
C ALA K 156 19.37 16.36 15.33
N LEU K 157 18.66 16.45 14.20
CA LEU K 157 19.03 17.41 13.17
C LEU K 157 18.97 18.84 13.70
N GLU K 158 17.88 19.18 14.39
CA GLU K 158 17.78 20.53 14.96
C GLU K 158 18.66 20.70 16.20
N ARG K 159 18.87 19.62 16.96
CA ARG K 159 19.78 19.71 18.09
C ARG K 159 21.20 19.97 17.63
N MET K 160 21.58 19.45 16.48
CA MET K 160 22.94 19.66 15.97
C MET K 160 23.06 21.01 15.27
N ARG K 161 22.05 21.39 14.46
CA ARG K 161 22.04 22.74 13.89
C ARG K 161 22.10 23.80 14.97
N GLN K 162 21.51 23.52 16.12
CA GLN K 162 21.51 24.46 17.24
C GLN K 162 22.92 24.70 17.77
N SER K 163 23.79 23.71 17.65
CA SER K 163 25.17 23.82 18.12
C SER K 163 26.12 24.34 17.05
N GLY K 164 25.63 24.63 15.84
CA GLY K 164 26.45 25.18 14.79
C GLY K 164 26.62 24.29 13.57
N ALA K 165 26.12 23.06 13.61
CA ALA K 165 26.31 22.15 12.49
C ALA K 165 25.46 22.57 11.30
N TYR K 166 26.03 22.45 10.10
CA TYR K 166 25.33 22.76 8.87
C TYR K 166 24.52 21.56 8.44
N ILE K 167 23.20 21.72 8.36
CA ILE K 167 22.31 20.65 7.94
C ILE K 167 22.13 20.76 6.43
N THR K 168 22.76 19.84 5.70
CA THR K 168 22.76 19.83 4.25
C THR K 168 22.15 18.51 3.75
N SER K 169 22.26 18.27 2.45
CA SER K 169 21.77 17.06 1.82
C SER K 169 22.83 16.52 0.88
N VAL K 170 22.55 15.35 0.28
CA VAL K 170 23.51 14.69 -0.60
C VAL K 170 23.83 15.57 -1.80
N GLU K 171 22.80 15.98 -2.55
CA GLU K 171 23.03 16.78 -3.75
C GLU K 171 23.62 18.14 -3.41
N SER K 172 23.10 18.78 -2.36
CA SER K 172 23.57 20.13 -2.04
C SER K 172 25.03 20.11 -1.61
N ALA K 173 25.41 19.16 -0.76
CA ALA K 173 26.80 19.06 -0.34
C ALA K 173 27.71 18.74 -1.52
N ILE K 174 27.29 17.81 -2.39
CA ILE K 174 28.12 17.41 -3.52
C ILE K 174 28.34 18.58 -4.46
N PHE K 175 27.26 19.31 -4.79
CA PHE K 175 27.37 20.46 -5.68
C PHE K 175 28.14 21.62 -5.04
N GLN K 176 28.14 21.71 -3.70
CA GLN K 176 29.00 22.68 -3.06
C GLN K 176 30.47 22.37 -3.29
N LEU K 177 30.84 21.09 -3.25
CA LEU K 177 32.24 20.70 -3.41
C LEU K 177 32.74 20.97 -4.82
N ALA K 178 31.85 20.91 -5.82
CA ALA K 178 32.18 21.24 -7.21
C ALA K 178 31.46 22.53 -7.57
N ASN K 179 32.13 23.67 -7.36
CA ASN K 179 31.49 24.97 -7.52
C ASN K 179 31.33 25.40 -8.98
N ASP K 180 32.09 24.85 -9.91
CA ASP K 180 31.99 25.18 -11.32
C ASP K 180 31.73 23.95 -12.17
N ALA K 181 31.01 24.16 -13.27
CA ALA K 181 30.80 23.15 -14.30
C ALA K 181 31.94 23.07 -15.31
N SER K 182 32.83 24.06 -15.35
CA SER K 182 33.99 23.99 -16.23
C SER K 182 35.05 23.02 -15.72
N ASN K 183 34.95 22.56 -14.48
CA ASN K 183 35.91 21.61 -13.95
C ASN K 183 35.72 20.26 -14.63
N PRO K 184 36.81 19.48 -14.79
CA PRO K 184 36.68 18.19 -15.49
C PRO K 184 35.71 17.22 -14.85
N GLU K 185 35.53 17.30 -13.52
CA GLU K 185 34.73 16.31 -12.81
C GLU K 185 33.24 16.50 -12.97
N PHE K 186 32.78 17.65 -13.49
CA PHE K 186 31.35 17.96 -13.45
C PHE K 186 30.54 16.90 -14.19
N LYS K 187 30.99 16.51 -15.38
CA LYS K 187 30.22 15.55 -16.17
C LYS K 187 30.11 14.21 -15.45
N ILE K 188 31.21 13.73 -14.89
CA ILE K 188 31.16 12.47 -14.14
C ILE K 188 30.40 12.66 -12.82
N ILE K 189 30.48 13.85 -12.23
CA ILE K 189 29.66 14.13 -11.04
C ILE K 189 28.19 14.22 -11.41
N SER K 190 27.88 14.87 -12.54
CA SER K 190 26.48 14.94 -12.99
C SER K 190 25.93 13.56 -13.29
N LYS K 191 26.77 12.67 -13.85
CA LYS K 191 26.33 11.30 -14.06
C LYS K 191 25.99 10.63 -12.73
N LEU K 192 26.83 10.84 -11.70
CA LEU K 192 26.56 10.27 -10.39
C LEU K 192 25.27 10.84 -9.80
N ILE K 193 25.06 12.16 -9.94
CA ILE K 193 23.86 12.78 -9.41
C ILE K 193 22.62 12.22 -10.10
N LYS K 194 22.68 12.07 -11.43
CA LYS K 194 21.53 11.54 -12.16
C LYS K 194 21.27 10.07 -11.80
N GLU K 195 22.33 9.30 -11.53
CA GLU K 195 22.15 7.96 -10.97
C GLU K 195 21.48 8.02 -9.61
N HIS K 196 21.87 8.99 -8.78
CA HIS K 196 21.33 9.09 -7.43
C HIS K 196 19.84 9.41 -7.44
N LEU K 197 19.40 10.29 -8.33
CA LEU K 197 17.99 10.66 -8.34
C LEU K 197 17.09 9.59 -8.94
N LYS K 198 17.65 8.51 -9.48
CA LYS K 198 16.81 7.47 -10.07
C LYS K 198 15.97 6.74 -9.03
N VAL K 199 16.48 6.61 -7.80
CA VAL K 199 15.71 5.98 -6.74
C VAL K 199 15.14 7.08 -5.84
N GLY K 200 14.02 6.77 -5.20
CA GLY K 200 13.32 7.79 -4.43
C GLY K 200 13.97 8.05 -3.09
N ASN K 201 13.92 9.31 -2.67
CA ASN K 201 14.34 9.72 -1.35
C ASN K 201 13.25 9.34 -0.36
N GLY K 202 13.52 8.33 0.48
CA GLY K 202 12.54 7.91 1.47
C GLY K 202 12.15 9.00 2.45
N PHE K 203 12.90 10.10 2.51
CA PHE K 203 12.59 11.20 3.41
C PHE K 203 11.73 12.30 2.75
N ASP K 204 11.40 12.16 1.45
CA ASP K 204 10.65 13.18 0.73
C ASP K 204 9.16 12.91 0.91
N THR K 205 8.66 13.25 2.10
CA THR K 205 7.24 13.12 2.41
C THR K 205 6.63 14.48 2.70
N LYS L 8 23.06 43.42 15.32
CA LYS L 8 21.64 43.40 14.97
C LYS L 8 21.42 42.89 13.55
N ARG L 9 20.54 41.90 13.41
CA ARG L 9 20.21 41.29 12.12
C ARG L 9 18.74 41.54 11.85
N LEU L 10 18.44 42.72 11.29
CA LEU L 10 17.06 43.12 11.07
C LEU L 10 16.55 42.76 9.68
N GLY L 11 17.38 42.96 8.65
CA GLY L 11 16.96 42.71 7.29
C GLY L 11 15.91 43.67 6.76
N HIS L 12 16.09 44.96 7.03
CA HIS L 12 15.24 45.98 6.43
C HIS L 12 15.45 46.04 4.93
N LEU L 13 14.41 46.45 4.22
CA LEU L 13 14.42 46.52 2.75
C LEU L 13 14.05 47.93 2.32
N LEU L 14 15.01 48.63 1.70
CA LEU L 14 14.79 49.94 1.13
C LEU L 14 15.02 49.88 -0.38
N PRO L 15 14.11 50.42 -1.20
CA PRO L 15 14.26 50.27 -2.66
C PRO L 15 15.60 50.78 -3.18
N GLN L 16 16.10 51.90 -2.66
CA GLN L 16 17.35 52.47 -3.14
C GLN L 16 18.55 51.63 -2.76
N SER L 17 18.40 50.70 -1.81
CA SER L 17 19.50 49.85 -1.36
C SER L 17 19.29 48.38 -1.71
N SER L 18 18.36 48.07 -2.62
CA SER L 18 17.97 46.70 -2.89
C SER L 18 18.19 46.36 -4.36
N ILE L 19 18.25 45.05 -4.64
CA ILE L 19 18.46 44.56 -5.99
C ILE L 19 17.86 43.15 -6.08
N LEU L 20 17.32 42.83 -7.25
CA LEU L 20 16.66 41.55 -7.50
C LEU L 20 17.58 40.60 -8.26
N PHE L 21 17.66 39.36 -7.81
CA PHE L 21 18.46 38.31 -8.43
C PHE L 21 17.57 37.16 -8.88
N VAL L 22 17.79 36.68 -10.09
CA VAL L 22 17.01 35.57 -10.66
C VAL L 22 17.98 34.45 -11.04
N CYS L 23 17.85 33.28 -10.39
CA CYS L 23 18.78 32.17 -10.57
C CYS L 23 18.24 31.20 -11.62
N ASP L 24 18.83 31.23 -12.81
CA ASP L 24 18.83 30.13 -13.78
C ASP L 24 17.46 29.48 -13.96
N VAL L 25 16.43 30.30 -14.18
CA VAL L 25 15.08 29.77 -14.42
C VAL L 25 15.00 29.49 -15.91
N GLN L 26 15.50 28.31 -16.29
CA GLN L 26 15.70 27.94 -17.69
C GLN L 26 14.69 26.88 -18.12
N GLU L 27 14.70 26.63 -19.44
CA GLU L 27 13.64 25.81 -20.04
C GLU L 27 13.78 24.34 -19.72
N VAL L 28 15.01 23.85 -19.55
CA VAL L 28 15.23 22.42 -19.32
C VAL L 28 14.53 21.97 -18.05
N PHE L 29 14.50 22.82 -17.03
CA PHE L 29 13.92 22.47 -15.74
C PHE L 29 12.40 22.40 -15.76
N ARG L 30 11.76 22.67 -16.89
CA ARG L 30 10.32 22.52 -16.99
C ARG L 30 9.95 21.04 -16.87
N GLY L 31 8.93 20.76 -16.07
CA GLY L 31 8.56 19.39 -15.79
C GLY L 31 9.48 18.67 -14.81
N LEU L 32 10.51 19.33 -14.32
CA LEU L 32 11.46 18.74 -13.38
C LEU L 32 11.45 19.42 -12.03
N THR L 33 11.26 20.73 -11.99
CA THR L 33 11.35 21.49 -10.76
C THR L 33 10.01 21.45 -10.01
N PHE L 34 10.07 21.15 -8.71
CA PHE L 34 8.89 21.02 -7.88
C PHE L 34 8.17 22.36 -7.78
N GLN L 35 6.88 22.35 -8.16
CA GLN L 35 6.04 23.56 -8.18
C GLN L 35 6.67 24.67 -9.00
N LEU L 36 7.22 24.31 -10.16
CA LEU L 36 7.85 25.31 -11.03
C LEU L 36 6.90 26.43 -11.46
N PRO L 37 5.63 26.19 -11.82
CA PRO L 37 4.77 27.33 -12.19
C PRO L 37 4.69 28.40 -11.13
N THR L 38 4.60 28.01 -9.86
CA THR L 38 4.61 29.00 -8.78
C THR L 38 5.93 29.75 -8.75
N VAL L 39 7.04 29.04 -8.98
CA VAL L 39 8.35 29.70 -9.02
C VAL L 39 8.37 30.73 -10.14
N ILE L 40 7.88 30.35 -11.33
CA ILE L 40 7.86 31.28 -12.46
C ILE L 40 6.93 32.46 -12.16
N HIS L 41 5.73 32.17 -11.65
CA HIS L 41 4.78 33.23 -11.35
C HIS L 41 5.33 34.18 -10.31
N SER L 42 5.87 33.64 -9.21
CA SER L 42 6.36 34.47 -8.11
C SER L 42 7.55 35.32 -8.56
N THR L 43 8.44 34.75 -9.36
CA THR L 43 9.57 35.52 -9.88
C THR L 43 9.10 36.67 -10.75
N ASN L 44 8.05 36.43 -11.55
CA ASN L 44 7.53 37.48 -12.41
C ASN L 44 6.92 38.61 -11.60
N THR L 45 6.24 38.29 -10.49
CA THR L 45 5.74 39.33 -9.61
C THR L 45 6.89 40.19 -9.07
N MET L 46 7.99 39.55 -8.66
CA MET L 46 9.16 40.30 -8.21
C MET L 46 9.69 41.21 -9.31
N VAL L 47 9.79 40.68 -10.53
CA VAL L 47 10.27 41.48 -11.67
C VAL L 47 9.35 42.66 -11.90
N SER L 48 8.03 42.43 -11.87
CA SER L 48 7.08 43.52 -12.04
C SER L 48 7.21 44.55 -10.92
N ALA L 49 7.39 44.08 -9.69
CA ALA L 49 7.59 45.00 -8.57
C ALA L 49 8.89 45.78 -8.72
N ALA L 50 9.94 45.14 -9.24
CA ALA L 50 11.20 45.84 -9.46
C ALA L 50 11.02 47.00 -10.43
N LYS L 51 10.15 46.83 -11.43
CA LYS L 51 9.84 47.94 -12.34
C LYS L 51 9.18 49.09 -11.59
N LEU L 52 8.20 48.78 -10.74
CA LEU L 52 7.44 49.83 -10.07
C LEU L 52 8.31 50.57 -9.06
N LEU L 53 9.19 49.87 -8.36
CA LEU L 53 10.02 50.46 -7.32
C LEU L 53 11.42 50.79 -7.79
N ASN L 54 11.68 50.72 -9.10
CA ASN L 54 12.96 51.09 -9.70
C ASN L 54 14.13 50.33 -9.06
N LEU L 55 14.04 48.99 -9.13
CA LEU L 55 15.12 48.12 -8.67
C LEU L 55 15.88 47.56 -9.86
N PRO L 56 17.22 47.53 -9.79
CA PRO L 56 17.98 46.80 -10.80
C PRO L 56 17.72 45.32 -10.68
N VAL L 57 17.76 44.64 -11.82
CA VAL L 57 17.55 43.19 -11.88
C VAL L 57 18.79 42.56 -12.50
N VAL L 58 19.28 41.50 -11.88
CA VAL L 58 20.41 40.73 -12.38
C VAL L 58 19.92 39.32 -12.66
N VAL L 59 20.05 38.88 -13.91
CA VAL L 59 19.58 37.58 -14.34
C VAL L 59 20.78 36.78 -14.85
N THR L 60 20.89 35.54 -14.38
CA THR L 60 21.97 34.66 -14.80
C THR L 60 21.39 33.39 -15.42
N THR L 61 22.17 32.81 -16.35
CA THR L 61 21.85 31.53 -16.96
C THR L 61 23.02 30.60 -16.72
N GLN L 62 22.73 29.34 -16.39
CA GLN L 62 23.73 28.31 -16.21
C GLN L 62 23.79 27.46 -17.46
N TYR L 63 24.98 27.33 -18.05
CA TYR L 63 25.21 26.52 -19.25
C TYR L 63 24.17 26.85 -20.33
N GLY L 64 24.18 28.11 -20.76
CA GLY L 64 23.19 28.56 -21.73
C GLY L 64 23.20 27.79 -23.03
N SER L 65 24.33 27.18 -23.38
CA SER L 65 24.42 26.42 -24.63
C SER L 65 23.54 25.17 -24.58
N ARG L 66 23.63 24.41 -23.50
CA ARG L 66 22.93 23.13 -23.38
C ARG L 66 21.59 23.26 -22.66
N LEU L 67 21.56 23.90 -21.49
CA LEU L 67 20.32 23.98 -20.73
C LEU L 67 19.39 25.10 -21.19
N GLY L 68 19.75 25.84 -22.24
CA GLY L 68 18.87 26.84 -22.78
C GLY L 68 18.89 28.15 -22.02
N SER L 69 18.00 29.05 -22.43
CA SER L 69 17.93 30.39 -21.89
C SER L 69 16.78 30.49 -20.89
N THR L 70 16.56 31.71 -20.38
CA THR L 70 15.46 31.94 -19.44
C THR L 70 14.13 31.62 -20.10
N VAL L 71 13.21 31.05 -19.32
CA VAL L 71 11.92 30.66 -19.87
C VAL L 71 11.19 31.90 -20.40
N SER L 72 10.29 31.67 -21.36
CA SER L 72 9.66 32.76 -22.08
C SER L 72 8.87 33.68 -21.16
N GLU L 73 8.26 33.12 -20.10
CA GLU L 73 7.37 33.90 -19.25
C GLU L 73 8.12 35.07 -18.61
N ILE L 74 9.31 34.83 -18.10
CA ILE L 74 10.09 35.88 -17.47
C ILE L 74 10.88 36.70 -18.49
N SER L 75 11.25 36.10 -19.63
CA SER L 75 11.96 36.85 -20.66
C SER L 75 11.14 38.02 -21.15
N LYS L 76 9.83 37.80 -21.40
CA LYS L 76 8.98 38.88 -21.90
C LYS L 76 8.77 39.96 -20.84
N ASN L 77 8.65 39.57 -19.57
CA ASN L 77 8.49 40.56 -18.52
C ASN L 77 9.73 41.43 -18.39
N LEU L 78 10.92 40.87 -18.60
CA LEU L 78 12.16 41.61 -18.44
C LEU L 78 12.38 42.65 -19.53
N GLU L 79 11.60 42.63 -20.62
CA GLU L 79 11.86 43.55 -21.72
C GLU L 79 11.59 44.99 -21.34
N ASN L 80 10.67 45.24 -20.41
CA ASN L 80 10.32 46.59 -19.99
C ASN L 80 11.09 47.07 -18.77
N VAL L 81 12.02 46.27 -18.24
CA VAL L 81 12.80 46.67 -17.09
C VAL L 81 13.87 47.65 -17.54
N ASN L 82 14.00 48.76 -16.81
CA ASN L 82 14.98 49.79 -17.18
C ASN L 82 16.40 49.29 -16.98
N ASP L 83 16.75 48.95 -15.74
CA ASP L 83 18.10 48.49 -15.40
C ASP L 83 18.07 46.97 -15.25
N VAL L 84 18.26 46.27 -16.36
CA VAL L 84 18.35 44.82 -16.38
C VAL L 84 19.61 44.45 -17.16
N LYS L 85 20.40 43.55 -16.60
CA LYS L 85 21.57 43.05 -17.31
C LYS L 85 21.68 41.55 -17.03
N ILE L 86 21.82 40.78 -18.10
CA ILE L 86 21.75 39.31 -18.05
C ILE L 86 23.14 38.74 -18.25
N PHE L 87 23.48 37.73 -17.43
CA PHE L 87 24.77 37.08 -17.49
C PHE L 87 24.62 35.62 -17.88
N ASP L 88 25.69 35.08 -18.47
CA ASP L 88 25.83 33.65 -18.67
C ASP L 88 27.04 33.20 -17.85
N LYS L 89 26.88 32.13 -17.08
CA LYS L 89 27.88 31.74 -16.10
C LYS L 89 28.14 30.24 -16.15
N MET L 90 29.24 29.83 -15.51
CA MET L 90 29.56 28.43 -15.32
C MET L 90 29.65 28.03 -13.85
N LYS L 91 30.09 28.92 -12.95
CA LYS L 91 29.97 28.64 -11.53
C LYS L 91 28.51 28.53 -11.15
N PHE L 92 28.22 27.67 -10.17
CA PHE L 92 26.85 27.54 -9.70
C PHE L 92 26.37 28.82 -9.01
N SER L 93 27.28 29.52 -8.33
CA SER L 93 26.94 30.79 -7.70
C SER L 93 26.75 31.88 -8.75
N MET L 94 25.81 32.78 -8.48
CA MET L 94 25.67 33.94 -9.35
C MET L 94 26.80 34.95 -9.17
N LEU L 95 27.43 34.97 -8.01
CA LEU L 95 28.44 35.99 -7.70
C LEU L 95 29.74 35.68 -8.44
N VAL L 96 29.63 35.58 -9.76
CA VAL L 96 30.80 35.45 -10.63
C VAL L 96 31.52 36.80 -10.57
N PRO L 97 32.83 36.84 -10.84
CA PRO L 97 33.54 38.13 -10.78
C PRO L 97 32.93 39.20 -11.65
N GLU L 98 32.37 38.82 -12.80
CA GLU L 98 31.77 39.82 -13.68
C GLU L 98 30.51 40.42 -13.05
N VAL L 99 29.70 39.58 -12.39
CA VAL L 99 28.53 40.08 -11.66
C VAL L 99 28.96 40.97 -10.51
N GLU L 100 29.97 40.54 -9.75
CA GLU L 100 30.41 41.31 -8.59
C GLU L 100 30.93 42.69 -8.99
N HIS L 101 31.66 42.77 -10.10
CA HIS L 101 32.12 44.08 -10.57
C HIS L 101 30.95 44.98 -10.93
N HIS L 102 29.90 44.40 -11.54
CA HIS L 102 28.73 45.19 -11.91
C HIS L 102 28.07 45.77 -10.66
N LEU L 103 27.99 44.99 -9.59
CA LEU L 103 27.40 45.48 -8.35
C LEU L 103 28.29 46.47 -7.63
N THR L 104 29.59 46.46 -7.89
CA THR L 104 30.54 47.34 -7.20
C THR L 104 30.81 48.63 -7.96
N SER L 105 30.91 48.58 -9.28
CA SER L 105 31.20 49.76 -10.06
C SER L 105 29.95 50.52 -10.51
N ASN L 106 28.76 49.97 -10.31
CA ASN L 106 27.54 50.62 -10.72
C ASN L 106 26.53 50.83 -9.61
N MET L 107 26.59 50.04 -8.54
CA MET L 107 25.65 50.20 -7.44
C MET L 107 26.26 49.76 -6.12
N PRO L 108 27.31 50.44 -5.64
CA PRO L 108 27.91 50.06 -4.34
C PRO L 108 26.94 50.22 -3.17
N GLN L 109 25.91 51.05 -3.29
CA GLN L 109 24.99 51.34 -2.20
C GLN L 109 23.95 50.24 -1.98
N ARG L 110 23.87 49.26 -2.88
CA ARG L 110 22.83 48.23 -2.83
C ARG L 110 23.41 46.98 -2.22
N LYS L 111 23.31 46.88 -0.89
CA LYS L 111 23.82 45.75 -0.14
C LYS L 111 22.73 44.77 0.27
N SER L 112 21.50 44.98 -0.19
CA SER L 112 20.38 44.08 0.06
C SER L 112 19.97 43.43 -1.25
N VAL L 113 19.92 42.09 -1.27
CA VAL L 113 19.63 41.35 -2.49
C VAL L 113 18.43 40.44 -2.25
N LEU L 114 17.43 40.55 -3.14
CA LEU L 114 16.29 39.63 -3.16
C LEU L 114 16.63 38.49 -4.12
N LEU L 115 16.54 37.26 -3.64
CA LEU L 115 17.02 36.10 -4.37
C LEU L 115 15.84 35.22 -4.78
N CYS L 116 15.70 34.98 -6.09
CA CYS L 116 14.74 34.04 -6.63
C CYS L 116 15.46 33.07 -7.56
N GLY L 117 14.75 32.02 -7.98
CA GLY L 117 15.30 31.11 -8.95
C GLY L 117 15.39 29.67 -8.52
N ILE L 118 16.19 28.88 -9.23
CA ILE L 118 16.32 27.45 -9.01
C ILE L 118 17.77 27.06 -9.26
N GLU L 119 18.24 26.02 -8.57
CA GLU L 119 17.53 25.27 -7.54
C GLU L 119 17.91 25.78 -6.15
N THR L 120 17.01 25.60 -5.18
CA THR L 120 17.23 26.15 -3.85
C THR L 120 18.53 25.67 -3.25
N HIS L 121 18.94 24.44 -3.55
CA HIS L 121 20.10 23.84 -2.90
C HIS L 121 21.36 23.91 -3.74
N VAL L 122 21.30 24.46 -4.95
CA VAL L 122 22.52 24.52 -5.76
C VAL L 122 22.87 25.95 -6.18
N CYS L 123 22.06 26.56 -7.03
N CYS L 123 22.04 26.53 -7.05
CA CYS L 123 22.41 27.88 -7.50
CA CYS L 123 22.26 27.87 -7.59
C CYS L 123 21.92 28.99 -6.59
C CYS L 123 21.94 28.93 -6.54
N VAL L 124 20.75 28.83 -5.97
CA VAL L 124 20.30 29.79 -4.97
C VAL L 124 21.23 29.74 -3.75
N LEU L 125 21.55 28.53 -3.29
CA LEU L 125 22.27 28.39 -2.03
C LEU L 125 23.68 28.95 -2.12
N GLN L 126 24.42 28.58 -3.17
CA GLN L 126 25.82 29.03 -3.26
C GLN L 126 25.90 30.52 -3.53
N THR L 127 24.94 31.07 -4.29
CA THR L 127 24.85 32.52 -4.45
C THR L 127 24.63 33.22 -3.12
N CYS L 128 23.74 32.67 -2.29
CA CYS L 128 23.45 33.28 -0.99
C CYS L 128 24.68 33.24 -0.08
N LEU L 129 25.41 32.11 -0.08
CA LEU L 129 26.59 32.01 0.77
C LEU L 129 27.67 32.99 0.33
N ASP L 130 27.92 33.08 -0.99
CA ASP L 130 28.92 34.01 -1.50
C ASP L 130 28.54 35.45 -1.17
N LEU L 131 27.26 35.80 -1.34
CA LEU L 131 26.81 37.16 -1.03
C LEU L 131 26.98 37.46 0.46
N LEU L 132 26.67 36.50 1.32
CA LEU L 132 26.86 36.71 2.75
C LEU L 132 28.32 36.94 3.09
N ASP L 133 29.22 36.26 2.37
CA ASP L 133 30.65 36.44 2.61
C ASP L 133 31.08 37.87 2.34
N LYS L 134 30.56 38.47 1.26
CA LYS L 134 30.93 39.82 0.86
C LYS L 134 30.07 40.90 1.50
N GLY L 135 29.43 40.60 2.64
CA GLY L 135 28.76 41.62 3.43
C GLY L 135 27.38 42.01 2.96
N TYR L 136 26.79 41.29 2.02
CA TYR L 136 25.46 41.57 1.53
C TYR L 136 24.40 40.94 2.43
N ASP L 137 23.25 41.60 2.53
CA ASP L 137 22.06 41.02 3.13
C ASP L 137 21.34 40.22 2.07
N VAL L 138 21.01 38.96 2.37
CA VAL L 138 20.37 38.06 1.42
C VAL L 138 18.95 37.79 1.88
N HIS L 139 17.98 38.17 1.05
CA HIS L 139 16.56 37.97 1.32
C HIS L 139 16.05 36.94 0.33
N VAL L 140 15.93 35.70 0.79
CA VAL L 140 15.51 34.61 -0.09
C VAL L 140 13.99 34.66 -0.20
N VAL L 141 13.49 34.86 -1.42
CA VAL L 141 12.05 34.92 -1.69
C VAL L 141 11.54 33.48 -1.76
N SER L 142 10.99 32.99 -0.65
CA SER L 142 10.72 31.57 -0.52
C SER L 142 9.64 31.07 -1.49
N ASP L 143 8.71 31.95 -1.91
CA ASP L 143 7.69 31.57 -2.89
C ASP L 143 8.27 31.40 -4.29
N ALA L 144 9.47 31.91 -4.54
CA ALA L 144 10.03 31.98 -5.88
C ALA L 144 11.28 31.11 -6.04
N VAL L 145 11.49 30.16 -5.14
CA VAL L 145 12.62 29.24 -5.20
C VAL L 145 12.12 27.83 -5.01
N SER L 146 12.71 26.88 -5.73
CA SER L 146 12.36 25.48 -5.56
C SER L 146 13.50 24.63 -6.10
N SER L 147 13.46 23.36 -5.75
CA SER L 147 14.42 22.37 -6.21
C SER L 147 13.68 21.26 -6.95
N SER L 148 14.42 20.23 -7.37
CA SER L 148 13.79 19.11 -8.06
C SER L 148 12.91 18.30 -7.11
N THR L 149 13.23 18.31 -5.82
CA THR L 149 12.39 17.70 -4.80
C THR L 149 12.02 18.74 -3.75
N SER L 150 10.89 18.50 -3.08
CA SER L 150 10.48 19.36 -1.97
C SER L 150 11.47 19.27 -0.82
N TYR L 151 12.07 18.09 -0.60
CA TYR L 151 13.02 17.91 0.49
C TYR L 151 14.21 18.86 0.36
N ASN L 152 14.77 18.98 -0.85
CA ASN L 152 15.93 19.84 -1.00
C ASN L 152 15.55 21.32 -0.94
N ARG L 153 14.32 21.67 -1.31
CA ARG L 153 13.88 23.06 -1.16
C ARG L 153 13.73 23.42 0.31
N SER L 154 13.02 22.57 1.07
CA SER L 154 12.85 22.82 2.50
C SER L 154 14.18 22.81 3.22
N MET L 155 15.05 21.85 2.87
CA MET L 155 16.37 21.80 3.49
C MET L 155 17.15 23.08 3.20
N ALA L 156 17.13 23.53 1.95
CA ALA L 156 17.99 24.65 1.57
C ALA L 156 17.54 25.95 2.22
N LEU L 157 16.22 26.15 2.38
CA LEU L 157 15.73 27.34 3.05
C LEU L 157 16.32 27.47 4.45
N GLU L 158 16.27 26.38 5.23
CA GLU L 158 16.81 26.43 6.59
C GLU L 158 18.33 26.47 6.58
N ARG L 159 18.97 25.82 5.60
CA ARG L 159 20.42 25.86 5.48
C ARG L 159 20.91 27.27 5.24
N MET L 160 20.18 28.04 4.43
CA MET L 160 20.53 29.43 4.19
C MET L 160 20.21 30.31 5.40
N ARG L 161 19.04 30.12 6.02
CA ARG L 161 18.68 30.91 7.20
C ARG L 161 19.72 30.76 8.30
N GLN L 162 20.22 29.54 8.49
CA GLN L 162 21.24 29.25 9.49
C GLN L 162 22.55 29.99 9.20
N SER L 163 22.78 30.41 7.96
CA SER L 163 23.96 31.21 7.64
C SER L 163 23.69 32.71 7.75
N GLY L 164 22.46 33.12 8.03
CA GLY L 164 22.12 34.52 8.15
C GLY L 164 21.13 35.05 7.12
N ALA L 165 20.84 34.30 6.05
CA ALA L 165 19.91 34.77 5.04
C ALA L 165 18.51 34.92 5.60
N TYR L 166 17.82 35.98 5.18
CA TYR L 166 16.45 36.23 5.60
C TYR L 166 15.49 35.50 4.69
N ILE L 167 14.68 34.61 5.26
CA ILE L 167 13.70 33.83 4.51
C ILE L 167 12.41 34.64 4.49
N THR L 168 12.13 35.27 3.34
CA THR L 168 10.96 36.12 3.18
C THR L 168 10.00 35.50 2.17
N SER L 169 9.00 36.27 1.77
CA SER L 169 8.02 35.85 0.78
C SER L 169 7.80 36.97 -0.23
N VAL L 170 7.08 36.65 -1.31
CA VAL L 170 6.83 37.62 -2.37
C VAL L 170 6.09 38.82 -1.81
N GLU L 171 4.98 38.58 -1.11
CA GLU L 171 4.19 39.67 -0.56
C GLU L 171 4.95 40.41 0.54
N SER L 172 5.57 39.65 1.45
CA SER L 172 6.26 40.28 2.59
C SER L 172 7.36 41.21 2.11
N ALA L 173 8.23 40.74 1.21
CA ALA L 173 9.31 41.57 0.72
C ALA L 173 8.79 42.81 0.00
N ILE L 174 7.75 42.64 -0.83
CA ILE L 174 7.23 43.76 -1.61
C ILE L 174 6.66 44.83 -0.69
N PHE L 175 5.94 44.41 0.35
CA PHE L 175 5.37 45.39 1.27
C PHE L 175 6.45 46.03 2.15
N GLN L 176 7.54 45.32 2.42
CA GLN L 176 8.68 45.96 3.08
C GLN L 176 9.24 47.09 2.23
N LEU L 177 9.42 46.85 0.93
CA LEU L 177 9.93 47.89 0.05
C LEU L 177 8.95 49.04 -0.08
N ALA L 178 7.65 48.76 -0.14
CA ALA L 178 6.67 49.83 -0.25
C ALA L 178 6.69 50.72 0.98
N ASN L 179 6.66 50.11 2.18
CA ASN L 179 6.90 50.75 3.46
C ASN L 179 5.79 51.69 3.93
N ASP L 180 4.88 52.08 3.04
CA ASP L 180 3.90 53.11 3.36
C ASP L 180 2.83 53.19 2.28
N ALA L 181 1.56 53.15 2.68
CA ALA L 181 0.46 53.21 1.72
C ALA L 181 0.14 54.63 1.27
N SER L 182 0.76 55.66 1.87
CA SER L 182 0.59 57.01 1.36
C SER L 182 1.55 57.35 0.23
N ASN L 183 2.48 56.45 -0.09
CA ASN L 183 3.38 56.67 -1.21
C ASN L 183 2.61 56.60 -2.52
N PRO L 184 3.03 57.38 -3.53
CA PRO L 184 2.26 57.44 -4.79
C PRO L 184 2.12 56.11 -5.51
N GLU L 185 3.07 55.19 -5.35
CA GLU L 185 3.07 53.93 -6.08
C GLU L 185 2.32 52.82 -5.37
N PHE L 186 1.74 53.07 -4.19
CA PHE L 186 1.07 52.01 -3.46
C PHE L 186 -0.13 51.47 -4.23
N LYS L 187 -0.88 52.34 -4.90
CA LYS L 187 -2.06 51.90 -5.63
C LYS L 187 -1.68 50.88 -6.71
N ILE L 188 -0.63 51.17 -7.47
CA ILE L 188 -0.19 50.25 -8.52
C ILE L 188 0.44 49.01 -7.91
N ILE L 189 1.18 49.18 -6.80
CA ILE L 189 1.71 48.03 -6.07
C ILE L 189 0.58 47.18 -5.53
N SER L 190 -0.47 47.82 -4.99
CA SER L 190 -1.58 47.07 -4.42
C SER L 190 -2.28 46.22 -5.48
N LYS L 191 -2.43 46.76 -6.69
CA LYS L 191 -3.05 46.00 -7.77
C LYS L 191 -2.19 44.81 -8.19
N LEU L 192 -0.87 44.94 -8.14
CA LEU L 192 0.01 43.82 -8.47
C LEU L 192 -0.18 42.66 -7.50
N ILE L 193 -0.45 42.96 -6.22
CA ILE L 193 -0.63 41.90 -5.23
C ILE L 193 -1.94 41.17 -5.47
N LYS L 194 -3.02 41.89 -5.79
CA LYS L 194 -4.28 41.23 -6.10
C LYS L 194 -4.14 40.35 -7.33
N GLU L 195 -3.42 40.83 -8.35
CA GLU L 195 -3.14 39.99 -9.51
C GLU L 195 -2.39 38.73 -9.09
N HIS L 196 -1.38 38.89 -8.24
CA HIS L 196 -0.54 37.77 -7.86
C HIS L 196 -1.34 36.70 -7.12
N LEU L 197 -2.30 37.12 -6.30
CA LEU L 197 -3.00 36.19 -5.43
C LEU L 197 -3.99 35.29 -6.18
N LYS L 198 -4.26 35.53 -7.46
CA LYS L 198 -5.35 34.82 -8.13
C LYS L 198 -4.99 33.38 -8.46
N VAL L 199 -3.73 33.11 -8.81
CA VAL L 199 -3.36 31.73 -9.16
C VAL L 199 -3.12 30.88 -7.92
N GLY L 200 -2.90 31.50 -6.77
CA GLY L 200 -2.65 30.75 -5.55
C GLY L 200 -1.19 30.39 -5.38
N ASN L 201 -0.86 29.96 -4.17
CA ASN L 201 0.50 29.61 -3.80
C ASN L 201 0.60 28.09 -3.77
N GLY L 202 1.37 27.52 -4.70
CA GLY L 202 1.53 26.08 -4.75
C GLY L 202 2.21 25.51 -3.51
N PHE L 203 3.05 26.32 -2.86
CA PHE L 203 3.77 25.86 -1.68
C PHE L 203 2.94 25.90 -0.41
N ASP L 204 1.79 26.58 -0.43
CA ASP L 204 0.95 26.69 0.77
C ASP L 204 0.19 25.38 0.97
N THR L 205 0.88 24.42 1.56
CA THR L 205 0.28 23.13 1.90
C THR L 205 0.43 22.87 3.40
N LYS M 8 -20.40 -10.20 2.16
CA LYS M 8 -19.65 -11.08 1.28
C LYS M 8 -18.21 -11.24 1.78
N ARG M 9 -17.67 -12.44 1.63
CA ARG M 9 -16.32 -12.76 2.09
C ARG M 9 -15.52 -13.26 0.88
N LEU M 10 -14.96 -12.33 0.12
CA LEU M 10 -14.27 -12.67 -1.12
C LEU M 10 -12.76 -12.85 -0.95
N GLY M 11 -12.15 -12.03 -0.10
CA GLY M 11 -10.72 -12.13 0.11
C GLY M 11 -9.88 -11.75 -1.09
N HIS M 12 -10.24 -10.67 -1.77
CA HIS M 12 -9.39 -10.14 -2.83
C HIS M 12 -8.09 -9.58 -2.24
N LEU M 13 -7.04 -9.60 -3.05
CA LEU M 13 -5.73 -9.12 -2.64
C LEU M 13 -5.22 -8.12 -3.69
N LEU M 14 -4.93 -6.90 -3.25
CA LEU M 14 -4.29 -5.89 -4.08
C LEU M 14 -3.06 -5.36 -3.38
N PRO M 15 -2.00 -5.04 -4.14
CA PRO M 15 -0.69 -4.77 -3.51
C PRO M 15 -0.69 -3.63 -2.50
N GLN M 16 -1.40 -2.54 -2.79
CA GLN M 16 -1.26 -1.33 -2.00
C GLN M 16 -2.06 -1.37 -0.70
N SER M 17 -2.94 -2.36 -0.50
CA SER M 17 -3.60 -2.56 0.77
C SER M 17 -3.22 -3.90 1.40
N SER M 18 -2.02 -4.38 1.12
CA SER M 18 -1.58 -5.67 1.62
C SER M 18 -0.24 -5.53 2.33
N ILE M 19 -0.03 -6.39 3.33
CA ILE M 19 1.21 -6.42 4.10
C ILE M 19 1.56 -7.86 4.41
N LEU M 20 2.86 -8.16 4.44
CA LEU M 20 3.36 -9.49 4.75
C LEU M 20 3.84 -9.56 6.20
N PHE M 21 3.35 -10.55 6.93
CA PHE M 21 3.73 -10.81 8.31
C PHE M 21 4.54 -12.10 8.36
N VAL M 22 5.72 -12.05 8.96
CA VAL M 22 6.54 -13.23 9.19
C VAL M 22 6.62 -13.46 10.69
N CYS M 23 6.11 -14.60 11.14
CA CYS M 23 5.92 -14.89 12.55
C CYS M 23 6.98 -15.88 13.04
N ASP M 24 7.98 -15.34 13.76
CA ASP M 24 8.83 -16.12 14.68
C ASP M 24 9.44 -17.37 14.04
N VAL M 25 10.02 -17.21 12.85
CA VAL M 25 10.77 -18.32 12.22
C VAL M 25 12.20 -18.20 12.73
N GLN M 26 12.43 -18.76 13.91
CA GLN M 26 13.67 -18.57 14.65
C GLN M 26 14.52 -19.83 14.63
N GLU M 27 15.80 -19.66 14.97
CA GLU M 27 16.78 -20.73 14.84
C GLU M 27 16.46 -21.93 15.73
N VAL M 28 15.75 -21.70 16.85
CA VAL M 28 15.57 -22.76 17.83
C VAL M 28 14.68 -23.87 17.30
N PHE M 29 13.77 -23.57 16.38
CA PHE M 29 12.83 -24.57 15.90
C PHE M 29 13.39 -25.40 14.75
N ARG M 30 14.64 -25.17 14.36
CA ARG M 30 15.27 -26.02 13.36
C ARG M 30 15.36 -27.44 13.88
N GLY M 31 14.80 -28.39 13.12
CA GLY M 31 14.68 -29.76 13.57
C GLY M 31 13.46 -30.04 14.42
N LEU M 32 12.69 -29.03 14.78
CA LEU M 32 11.45 -29.21 15.53
C LEU M 32 10.20 -28.98 14.71
N THR M 33 10.22 -28.02 13.80
CA THR M 33 9.03 -27.67 13.04
C THR M 33 8.81 -28.66 11.90
N PHE M 34 7.61 -29.22 11.83
CA PHE M 34 7.27 -30.20 10.80
C PHE M 34 7.40 -29.57 9.42
N GLN M 35 8.17 -30.22 8.55
CA GLN M 35 8.43 -29.72 7.19
C GLN M 35 8.98 -28.31 7.20
N LEU M 36 9.89 -28.03 8.13
CA LEU M 36 10.48 -26.69 8.23
C LEU M 36 11.14 -26.22 6.93
N PRO M 37 11.88 -27.04 6.16
CA PRO M 37 12.49 -26.49 4.94
C PRO M 37 11.48 -25.87 3.98
N THR M 38 10.29 -26.46 3.87
CA THR M 38 9.24 -25.84 3.05
C THR M 38 8.81 -24.50 3.64
N VAL M 39 8.65 -24.42 4.97
CA VAL M 39 8.20 -23.18 5.60
C VAL M 39 9.17 -22.05 5.28
N ILE M 40 10.47 -22.32 5.43
CA ILE M 40 11.48 -21.30 5.15
C ILE M 40 11.46 -20.94 3.67
N HIS M 41 11.44 -21.96 2.80
CA HIS M 41 11.44 -21.69 1.37
C HIS M 41 10.19 -20.92 0.94
N SER M 42 9.02 -21.33 1.44
CA SER M 42 7.79 -20.64 1.08
C SER M 42 7.78 -19.20 1.59
N THR M 43 8.28 -18.97 2.81
CA THR M 43 8.29 -17.62 3.35
C THR M 43 9.21 -16.72 2.55
N ASN M 44 10.35 -17.25 2.10
CA ASN M 44 11.28 -16.45 1.31
C ASN M 44 10.69 -16.05 -0.03
N THR M 45 9.91 -16.95 -0.66
CA THR M 45 9.21 -16.57 -1.88
C THR M 45 8.21 -15.44 -1.62
N MET M 46 7.49 -15.52 -0.50
CA MET M 46 6.59 -14.42 -0.13
C MET M 46 7.36 -13.12 0.08
N VAL M 47 8.50 -13.19 0.77
CA VAL M 47 9.30 -12.00 1.00
C VAL M 47 9.82 -11.44 -0.32
N SER M 48 10.29 -12.32 -1.21
CA SER M 48 10.75 -11.88 -2.52
C SER M 48 9.61 -11.26 -3.32
N ALA M 49 8.42 -11.85 -3.24
CA ALA M 49 7.26 -11.25 -3.88
C ALA M 49 6.95 -9.88 -3.32
N ALA M 50 7.18 -9.68 -2.02
CA ALA M 50 6.96 -8.39 -1.39
C ALA M 50 7.86 -7.31 -2.00
N LYS M 51 9.11 -7.66 -2.28
CA LYS M 51 10.00 -6.74 -2.96
C LYS M 51 9.47 -6.38 -4.35
N LEU M 52 9.01 -7.39 -5.10
CA LEU M 52 8.53 -7.14 -6.44
C LEU M 52 7.24 -6.32 -6.44
N LEU M 53 6.38 -6.50 -5.44
CA LEU M 53 5.09 -5.85 -5.39
C LEU M 53 5.04 -4.69 -4.40
N ASN M 54 6.17 -4.27 -3.86
CA ASN M 54 6.25 -3.15 -2.92
C ASN M 54 5.33 -3.36 -1.72
N LEU M 55 5.28 -4.56 -1.23
CA LEU M 55 4.55 -4.87 0.00
C LEU M 55 5.41 -4.56 1.21
N PRO M 56 4.87 -3.90 2.24
CA PRO M 56 5.60 -3.82 3.50
C PRO M 56 5.68 -5.17 4.18
N VAL M 57 6.72 -5.36 4.99
CA VAL M 57 6.96 -6.61 5.69
C VAL M 57 7.10 -6.32 7.18
N VAL M 58 6.39 -7.11 7.99
CA VAL M 58 6.49 -7.03 9.44
C VAL M 58 7.00 -8.38 9.93
N VAL M 59 8.11 -8.37 10.67
CA VAL M 59 8.75 -9.57 11.18
C VAL M 59 8.83 -9.47 12.70
N THR M 60 8.50 -10.57 13.38
CA THR M 60 8.62 -10.66 14.83
C THR M 60 9.49 -11.84 15.21
N THR M 61 10.15 -11.69 16.36
CA THR M 61 10.83 -12.78 17.04
C THR M 61 10.26 -12.91 18.43
N GLN M 62 10.09 -14.15 18.88
CA GLN M 62 9.58 -14.44 20.22
C GLN M 62 10.77 -14.70 21.14
N TYR M 63 10.92 -13.86 22.17
CA TYR M 63 11.99 -13.99 23.16
C TYR M 63 13.35 -14.19 22.49
N GLY M 64 13.69 -13.25 21.60
CA GLY M 64 14.89 -13.38 20.79
C GLY M 64 16.18 -13.47 21.59
N SER M 65 16.15 -13.08 22.86
CA SER M 65 17.33 -13.26 23.72
C SER M 65 17.61 -14.74 23.95
N ARG M 66 16.58 -15.57 24.05
CA ARG M 66 16.73 -16.98 24.41
C ARG M 66 16.47 -17.94 23.26
N LEU M 67 15.61 -17.56 22.31
CA LEU M 67 15.19 -18.46 21.23
C LEU M 67 15.90 -18.19 19.91
N GLY M 68 16.85 -17.25 19.89
CA GLY M 68 17.59 -16.93 18.70
C GLY M 68 16.88 -15.93 17.80
N SER M 69 17.63 -15.42 16.83
CA SER M 69 17.07 -14.50 15.84
C SER M 69 16.41 -15.28 14.71
N THR M 70 15.86 -14.55 13.75
CA THR M 70 15.28 -15.16 12.57
C THR M 70 16.34 -15.94 11.81
N VAL M 71 15.92 -17.07 11.21
CA VAL M 71 16.88 -17.94 10.53
C VAL M 71 17.60 -17.16 9.44
N SER M 72 18.89 -17.46 9.27
CA SER M 72 19.74 -16.69 8.35
C SER M 72 19.20 -16.71 6.93
N GLU M 73 18.52 -17.80 6.52
CA GLU M 73 17.99 -17.86 5.17
C GLU M 73 16.99 -16.73 4.92
N ILE M 74 16.09 -16.51 5.88
CA ILE M 74 15.10 -15.43 5.75
C ILE M 74 15.75 -14.08 6.00
N SER M 75 16.66 -14.00 6.97
CA SER M 75 17.31 -12.73 7.29
C SER M 75 18.08 -12.18 6.10
N LYS M 76 18.77 -13.05 5.37
CA LYS M 76 19.49 -12.60 4.17
C LYS M 76 18.53 -12.02 3.14
N ASN M 77 17.39 -12.69 2.92
CA ASN M 77 16.43 -12.23 1.94
C ASN M 77 15.77 -10.91 2.33
N LEU M 78 15.77 -10.56 3.62
CA LEU M 78 15.15 -9.32 4.09
C LEU M 78 16.05 -8.11 3.97
N GLU M 79 17.34 -8.30 3.69
CA GLU M 79 18.27 -7.18 3.63
C GLU M 79 17.85 -6.14 2.59
N ASN M 80 17.21 -6.58 1.51
CA ASN M 80 16.93 -5.73 0.36
C ASN M 80 15.52 -5.14 0.38
N VAL M 81 14.64 -5.63 1.25
CA VAL M 81 13.25 -5.18 1.24
C VAL M 81 13.17 -3.72 1.65
N ASN M 82 12.38 -2.94 0.90
CA ASN M 82 12.34 -1.50 1.08
C ASN M 82 11.73 -1.11 2.42
N ASP M 83 10.66 -1.79 2.82
CA ASP M 83 9.94 -1.43 4.06
C ASP M 83 9.80 -2.67 4.94
N VAL M 84 10.76 -2.85 5.85
CA VAL M 84 10.80 -3.96 6.77
C VAL M 84 11.00 -3.43 8.19
N LYS M 85 10.18 -3.90 9.12
CA LYS M 85 10.35 -3.60 10.54
C LYS M 85 10.37 -4.91 11.31
N ILE M 86 11.41 -5.09 12.13
CA ILE M 86 11.59 -6.29 12.93
C ILE M 86 11.29 -5.94 14.38
N PHE M 87 10.43 -6.73 15.01
CA PHE M 87 9.99 -6.49 16.38
C PHE M 87 10.32 -7.71 17.24
N ASP M 88 10.64 -7.45 18.50
CA ASP M 88 10.83 -8.49 19.50
C ASP M 88 9.69 -8.43 20.50
N LYS M 89 9.10 -9.58 20.79
CA LYS M 89 7.89 -9.65 21.59
C LYS M 89 7.94 -10.85 22.51
N MET M 90 7.12 -10.80 23.56
CA MET M 90 6.88 -11.95 24.40
C MET M 90 5.45 -12.44 24.36
N LYS M 91 4.51 -11.59 23.91
CA LYS M 91 3.15 -12.04 23.64
C LYS M 91 3.15 -12.96 22.42
N PHE M 92 2.31 -13.99 22.48
CA PHE M 92 2.26 -14.95 21.39
C PHE M 92 1.74 -14.30 20.11
N SER M 93 0.68 -13.50 20.22
CA SER M 93 0.17 -12.79 19.06
C SER M 93 1.15 -11.71 18.63
N MET M 94 1.31 -11.56 17.31
CA MET M 94 2.20 -10.52 16.80
C MET M 94 1.64 -9.12 17.03
N LEU M 95 0.37 -9.02 17.37
CA LEU M 95 -0.32 -7.73 17.51
C LEU M 95 -0.07 -7.15 18.89
N VAL M 96 1.21 -6.84 19.12
CA VAL M 96 1.58 -6.11 20.33
C VAL M 96 1.38 -4.63 20.04
N PRO M 97 1.14 -3.82 21.07
CA PRO M 97 0.87 -2.39 20.84
C PRO M 97 1.95 -1.67 20.08
N GLU M 98 3.20 -2.12 20.19
CA GLU M 98 4.26 -1.55 19.37
C GLU M 98 4.04 -1.86 17.89
N VAL M 99 3.61 -3.09 17.56
CA VAL M 99 3.32 -3.43 16.18
C VAL M 99 2.04 -2.77 15.73
N GLU M 100 1.02 -2.73 16.59
CA GLU M 100 -0.25 -2.11 16.22
C GLU M 100 -0.09 -0.63 15.88
N HIS M 101 0.74 0.09 16.65
CA HIS M 101 1.02 1.50 16.35
C HIS M 101 1.62 1.66 14.96
N HIS M 102 2.55 0.76 14.59
CA HIS M 102 3.16 0.80 13.27
C HIS M 102 2.12 0.65 12.17
N LEU M 103 1.18 -0.27 12.34
CA LEU M 103 0.18 -0.52 11.30
C LEU M 103 -0.75 0.68 11.13
N THR M 104 -1.21 1.29 12.22
CA THR M 104 -2.21 2.35 12.12
C THR M 104 -1.60 3.71 11.83
N SER M 105 -0.39 3.99 12.32
CA SER M 105 0.21 5.30 12.09
C SER M 105 1.01 5.38 10.80
N ASN M 106 1.38 4.24 10.21
CA ASN M 106 2.17 4.24 8.98
C ASN M 106 1.47 3.64 7.77
N MET M 107 0.42 2.84 7.98
CA MET M 107 -0.24 2.19 6.86
C MET M 107 -1.67 1.81 7.21
N PRO M 108 -2.53 2.78 7.52
CA PRO M 108 -3.89 2.44 7.98
C PRO M 108 -4.79 1.86 6.90
N GLN M 109 -4.44 2.04 5.63
CA GLN M 109 -5.28 1.51 4.56
C GLN M 109 -4.99 0.06 4.21
N ARG M 110 -3.84 -0.47 4.63
CA ARG M 110 -3.48 -1.86 4.36
C ARG M 110 -4.19 -2.75 5.37
N LYS M 111 -5.33 -3.30 4.95
CA LYS M 111 -6.16 -4.12 5.82
C LYS M 111 -6.08 -5.61 5.48
N SER M 112 -5.27 -6.00 4.50
CA SER M 112 -5.10 -7.39 4.11
C SER M 112 -3.71 -7.83 4.57
N VAL M 113 -3.67 -8.87 5.40
CA VAL M 113 -2.42 -9.36 5.97
C VAL M 113 -2.16 -10.77 5.43
N LEU M 114 -0.96 -10.97 4.90
CA LEU M 114 -0.48 -12.28 4.49
C LEU M 114 0.34 -12.85 5.63
N LEU M 115 -0.12 -13.96 6.21
CA LEU M 115 0.45 -14.51 7.43
C LEU M 115 1.32 -15.74 7.11
N CYS M 116 2.60 -15.64 7.44
CA CYS M 116 3.56 -16.73 7.33
C CYS M 116 4.24 -16.95 8.67
N GLY M 117 4.79 -18.15 8.87
CA GLY M 117 5.61 -18.43 10.02
C GLY M 117 5.07 -19.55 10.87
N ILE M 118 5.62 -19.65 12.09
CA ILE M 118 5.33 -20.75 13.00
C ILE M 118 5.13 -20.19 14.41
N GLU M 119 4.38 -20.93 15.23
CA GLU M 119 3.67 -22.18 14.99
C GLU M 119 2.22 -21.92 14.60
N THR M 120 1.69 -22.76 13.69
CA THR M 120 0.34 -22.54 13.18
C THR M 120 -0.67 -22.36 14.30
N HIS M 121 -0.57 -23.19 15.34
CA HIS M 121 -1.59 -23.27 16.36
C HIS M 121 -1.32 -22.37 17.56
N VAL M 122 -0.20 -21.64 17.60
CA VAL M 122 0.10 -20.81 18.76
C VAL M 122 0.20 -19.34 18.38
N CYS M 123 1.24 -18.98 17.64
CA CYS M 123 1.44 -17.56 17.38
C CYS M 123 0.78 -17.12 16.08
N VAL M 124 0.78 -17.99 15.08
CA VAL M 124 0.05 -17.70 13.85
C VAL M 124 -1.44 -17.58 14.13
N LEU M 125 -1.99 -18.54 14.87
CA LEU M 125 -3.43 -18.52 15.14
C LEU M 125 -3.81 -17.28 15.94
N GLN M 126 -3.08 -17.00 17.01
CA GLN M 126 -3.43 -15.86 17.86
C GLN M 126 -3.21 -14.53 17.14
N THR M 127 -2.19 -14.42 16.29
CA THR M 127 -2.06 -13.24 15.44
C THR M 127 -3.28 -13.13 14.51
N CYS M 128 -3.71 -14.25 13.96
CA CYS M 128 -4.86 -14.26 13.06
C CYS M 128 -6.13 -13.79 13.76
N LEU M 129 -6.40 -14.33 14.95
CA LEU M 129 -7.62 -13.97 15.69
C LEU M 129 -7.59 -12.50 16.10
N ASP M 130 -6.45 -11.99 16.54
CA ASP M 130 -6.34 -10.59 16.92
C ASP M 130 -6.55 -9.68 15.71
N LEU M 131 -5.94 -10.03 14.57
CA LEU M 131 -6.12 -9.24 13.36
C LEU M 131 -7.57 -9.25 12.90
N LEU M 132 -8.22 -10.42 12.99
CA LEU M 132 -9.63 -10.50 12.64
C LEU M 132 -10.48 -9.62 13.55
N ASP M 133 -10.04 -9.44 14.80
CA ASP M 133 -10.80 -8.61 15.73
C ASP M 133 -10.78 -7.14 15.35
N LYS M 134 -9.67 -6.67 14.79
CA LYS M 134 -9.52 -5.27 14.41
C LYS M 134 -9.91 -5.00 12.95
N GLY M 135 -10.71 -5.87 12.35
CA GLY M 135 -11.24 -5.63 11.02
C GLY M 135 -10.31 -5.92 9.86
N TYR M 136 -9.26 -6.70 10.07
CA TYR M 136 -8.33 -7.05 9.00
C TYR M 136 -8.80 -8.29 8.26
N ASP M 137 -8.47 -8.36 6.97
CA ASP M 137 -8.61 -9.61 6.22
C ASP M 137 -7.31 -10.40 6.35
N VAL M 138 -7.41 -11.64 6.82
CA VAL M 138 -6.23 -12.44 7.11
C VAL M 138 -6.15 -13.56 6.08
N HIS M 139 -5.04 -13.59 5.35
CA HIS M 139 -4.77 -14.63 4.37
C HIS M 139 -3.63 -15.49 4.92
N VAL M 140 -3.97 -16.71 5.36
CA VAL M 140 -2.95 -17.63 5.86
C VAL M 140 -2.30 -18.32 4.66
N VAL M 141 -0.99 -18.14 4.53
CA VAL M 141 -0.23 -18.81 3.46
C VAL M 141 0.07 -20.21 3.97
N SER M 142 -0.77 -21.18 3.58
CA SER M 142 -0.69 -22.51 4.15
C SER M 142 0.62 -23.23 3.79
N ASP M 143 1.30 -22.78 2.74
CA ASP M 143 2.60 -23.30 2.36
C ASP M 143 3.71 -22.86 3.29
N ALA M 144 3.48 -21.81 4.08
CA ALA M 144 4.54 -21.16 4.85
C ALA M 144 4.25 -21.14 6.34
N VAL M 145 3.34 -22.00 6.81
CA VAL M 145 3.04 -22.14 8.23
C VAL M 145 3.12 -23.62 8.59
N SER M 146 3.61 -23.91 9.79
CA SER M 146 3.67 -25.27 10.27
C SER M 146 3.84 -25.25 11.78
N SER M 147 3.67 -26.42 12.39
CA SER M 147 3.83 -26.59 13.83
C SER M 147 4.84 -27.70 14.12
N SER M 148 5.00 -28.06 15.39
CA SER M 148 5.87 -29.16 15.73
C SER M 148 5.32 -30.49 15.21
N THR M 149 4.00 -30.59 15.04
CA THR M 149 3.36 -31.77 14.50
C THR M 149 2.45 -31.38 13.35
N SER M 150 2.26 -32.32 12.42
CA SER M 150 1.32 -32.09 11.33
C SER M 150 -0.10 -31.91 11.86
N TYR M 151 -0.46 -32.65 12.90
CA TYR M 151 -1.82 -32.59 13.44
C TYR M 151 -2.20 -31.17 13.86
N ASN M 152 -1.28 -30.48 14.54
CA ASN M 152 -1.61 -29.13 15.02
C ASN M 152 -1.62 -28.11 13.89
N ARG M 153 -0.82 -28.34 12.84
CA ARG M 153 -0.88 -27.44 11.68
C ARG M 153 -2.22 -27.55 10.96
N SER M 154 -2.65 -28.78 10.67
CA SER M 154 -3.92 -28.97 9.96
C SER M 154 -5.10 -28.48 10.79
N MET M 155 -5.08 -28.77 12.10
CA MET M 155 -6.13 -28.29 12.98
C MET M 155 -6.22 -26.77 12.93
N ALA M 156 -5.07 -26.09 13.01
CA ALA M 156 -5.07 -24.64 13.06
C ALA M 156 -5.54 -24.02 11.75
N LEU M 157 -5.21 -24.65 10.62
CA LEU M 157 -5.68 -24.11 9.33
C LEU M 157 -7.20 -24.07 9.27
N GLU M 158 -7.85 -25.16 9.69
CA GLU M 158 -9.31 -25.18 9.71
C GLU M 158 -9.87 -24.36 10.86
N ARG M 159 -9.13 -24.26 11.97
CA ARG M 159 -9.57 -23.43 13.09
C ARG M 159 -9.58 -21.96 12.70
N MET M 160 -8.60 -21.54 11.89
CA MET M 160 -8.57 -20.15 11.41
C MET M 160 -9.60 -19.93 10.31
N ARG M 161 -9.76 -20.89 9.39
CA ARG M 161 -10.76 -20.74 8.33
C ARG M 161 -12.15 -20.58 8.93
N GLN M 162 -12.45 -21.37 9.95
CA GLN M 162 -13.74 -21.31 10.61
C GLN M 162 -14.01 -19.94 11.24
N SER M 163 -12.97 -19.16 11.53
CA SER M 163 -13.11 -17.81 12.06
C SER M 163 -13.13 -16.74 10.97
N GLY M 164 -13.03 -17.13 9.70
CA GLY M 164 -13.07 -16.18 8.61
C GLY M 164 -11.76 -15.99 7.88
N ALA M 165 -10.67 -16.58 8.36
CA ALA M 165 -9.39 -16.48 7.67
C ALA M 165 -9.45 -17.14 6.30
N TYR M 166 -8.80 -16.53 5.32
CA TYR M 166 -8.72 -17.09 3.98
C TYR M 166 -7.47 -17.98 3.89
N ILE M 167 -7.67 -19.27 3.62
CA ILE M 167 -6.59 -20.23 3.57
C ILE M 167 -6.08 -20.27 2.12
N THR M 168 -4.96 -19.60 1.87
CA THR M 168 -4.36 -19.48 0.56
C THR M 168 -3.04 -20.25 0.49
N SER M 169 -2.30 -20.06 -0.59
CA SER M 169 -0.98 -20.64 -0.75
C SER M 169 -0.05 -19.58 -1.31
N VAL M 170 1.23 -19.97 -1.46
CA VAL M 170 2.23 -19.05 -2.01
C VAL M 170 1.85 -18.65 -3.43
N GLU M 171 1.61 -19.63 -4.29
CA GLU M 171 1.30 -19.31 -5.69
C GLU M 171 -0.02 -18.57 -5.82
N SER M 172 -1.05 -19.03 -5.12
CA SER M 172 -2.37 -18.45 -5.26
C SER M 172 -2.39 -17.00 -4.81
N ALA M 173 -1.74 -16.71 -3.67
CA ALA M 173 -1.74 -15.34 -3.16
C ALA M 173 -0.94 -14.42 -4.09
N ILE M 174 0.23 -14.87 -4.53
CA ILE M 174 1.09 -14.03 -5.37
C ILE M 174 0.37 -13.70 -6.68
N PHE M 175 -0.27 -14.70 -7.30
CA PHE M 175 -1.00 -14.44 -8.54
C PHE M 175 -2.28 -13.66 -8.29
N GLN M 176 -2.81 -13.66 -7.07
CA GLN M 176 -3.90 -12.74 -6.75
C GLN M 176 -3.39 -11.31 -6.70
N LEU M 177 -2.25 -11.10 -6.03
CA LEU M 177 -1.68 -9.76 -5.94
C LEU M 177 -1.32 -9.22 -7.32
N ALA M 178 -0.72 -10.06 -8.17
CA ALA M 178 -0.47 -9.70 -9.56
C ALA M 178 -1.77 -9.91 -10.32
N ASN M 179 -2.53 -8.84 -10.56
CA ASN M 179 -3.85 -9.04 -11.16
C ASN M 179 -3.75 -9.50 -12.61
N ASP M 180 -2.79 -8.98 -13.35
CA ASP M 180 -2.79 -9.06 -14.80
C ASP M 180 -1.39 -9.39 -15.32
N ALA M 181 -1.34 -10.20 -16.39
CA ALA M 181 -0.06 -10.54 -16.99
C ALA M 181 0.52 -9.44 -17.85
N SER M 182 -0.29 -8.44 -18.23
CA SER M 182 0.22 -7.31 -18.99
C SER M 182 0.80 -6.21 -18.11
N ASN M 183 0.67 -6.35 -16.79
CA ASN M 183 1.31 -5.40 -15.87
C ASN M 183 2.83 -5.47 -16.03
N PRO M 184 3.55 -4.37 -15.79
CA PRO M 184 5.01 -4.39 -16.00
C PRO M 184 5.75 -5.37 -15.11
N GLU M 185 5.18 -5.75 -13.96
CA GLU M 185 5.88 -6.64 -13.03
C GLU M 185 5.69 -8.11 -13.35
N PHE M 186 4.88 -8.47 -14.35
CA PHE M 186 4.50 -9.86 -14.49
C PHE M 186 5.68 -10.75 -14.85
N LYS M 187 6.58 -10.27 -15.72
CA LYS M 187 7.69 -11.11 -16.14
C LYS M 187 8.61 -11.46 -14.97
N ILE M 188 8.94 -10.48 -14.13
CA ILE M 188 9.81 -10.77 -12.98
C ILE M 188 9.08 -11.64 -11.95
N ILE M 189 7.77 -11.48 -11.79
CA ILE M 189 7.00 -12.36 -10.91
C ILE M 189 6.97 -13.77 -11.47
N SER M 190 6.86 -13.91 -12.79
CA SER M 190 6.89 -15.24 -13.39
C SER M 190 8.20 -15.94 -13.10
N LYS M 191 9.31 -15.21 -13.19
CA LYS M 191 10.62 -15.78 -12.86
C LYS M 191 10.66 -16.24 -11.40
N LEU M 192 10.05 -15.46 -10.50
CA LEU M 192 10.04 -15.85 -9.09
C LEU M 192 9.25 -17.13 -8.86
N ILE M 193 8.10 -17.26 -9.54
CA ILE M 193 7.31 -18.49 -9.41
C ILE M 193 8.06 -19.67 -10.01
N LYS M 194 8.74 -19.45 -11.14
CA LYS M 194 9.63 -20.46 -11.71
C LYS M 194 10.69 -20.92 -10.72
N GLU M 195 11.33 -19.97 -10.04
CA GLU M 195 12.33 -20.36 -9.05
C GLU M 195 11.69 -21.12 -7.88
N HIS M 196 10.52 -20.66 -7.43
CA HIS M 196 9.84 -21.32 -6.32
C HIS M 196 9.47 -22.76 -6.66
N LEU M 197 9.15 -23.02 -7.92
CA LEU M 197 8.72 -24.33 -8.36
C LEU M 197 9.88 -25.30 -8.59
N LYS M 198 11.13 -24.85 -8.40
CA LYS M 198 12.29 -25.73 -8.57
C LYS M 198 12.30 -26.86 -7.54
N VAL M 199 11.56 -26.73 -6.44
CA VAL M 199 11.52 -27.76 -5.41
C VAL M 199 10.08 -28.09 -5.11
N GLY M 200 9.83 -29.34 -4.74
CA GLY M 200 8.48 -29.76 -4.42
C GLY M 200 8.00 -29.21 -3.09
N ASN M 201 6.69 -29.25 -2.92
CA ASN M 201 6.02 -28.75 -1.71
C ASN M 201 6.01 -29.85 -0.66
N GLY M 202 6.60 -29.57 0.51
CA GLY M 202 6.67 -30.56 1.57
C GLY M 202 5.32 -30.94 2.16
N PHE M 203 4.29 -30.14 1.93
CA PHE M 203 2.95 -30.48 2.36
C PHE M 203 2.12 -31.15 1.25
N ASP M 204 2.70 -31.37 0.08
CA ASP M 204 1.96 -31.91 -1.07
C ASP M 204 2.04 -33.44 -1.02
N THR M 205 1.19 -34.02 -0.19
CA THR M 205 1.16 -35.46 -0.01
C THR M 205 -0.10 -36.08 -0.63
N LYS N 8 -29.76 -19.77 14.51
CA LYS N 8 -28.74 -20.75 14.88
C LYS N 8 -28.88 -22.01 14.03
N ARG N 9 -27.76 -22.71 13.81
CA ARG N 9 -27.77 -23.95 13.03
C ARG N 9 -27.29 -25.08 13.94
N LEU N 10 -28.20 -25.62 14.74
CA LEU N 10 -27.84 -26.63 15.72
C LEU N 10 -28.16 -28.04 15.27
N GLY N 11 -29.25 -28.24 14.54
CA GLY N 11 -29.63 -29.56 14.10
C GLY N 11 -30.02 -30.52 15.20
N HIS N 12 -30.79 -30.05 16.19
CA HIS N 12 -31.35 -30.94 17.19
C HIS N 12 -32.32 -31.92 16.54
N LEU N 13 -32.47 -33.08 17.16
CA LEU N 13 -33.31 -34.15 16.62
C LEU N 13 -34.31 -34.61 17.67
N LEU N 14 -35.61 -34.49 17.35
CA LEU N 14 -36.66 -34.99 18.20
C LEU N 14 -37.49 -36.02 17.45
N PRO N 15 -37.88 -37.12 18.11
CA PRO N 15 -38.65 -38.17 17.41
C PRO N 15 -39.96 -37.67 16.82
N GLN N 16 -40.64 -36.74 17.50
CA GLN N 16 -41.94 -36.27 17.03
C GLN N 16 -41.81 -35.39 15.80
N SER N 17 -40.63 -34.82 15.53
CA SER N 17 -40.43 -33.88 14.44
C SER N 17 -39.57 -34.45 13.32
N SER N 18 -39.41 -35.77 13.26
CA SER N 18 -38.43 -36.38 12.37
C SER N 18 -39.08 -37.39 11.43
N ILE N 19 -38.48 -37.50 10.23
CA ILE N 19 -38.86 -38.45 9.21
C ILE N 19 -37.60 -39.15 8.72
N LEU N 20 -37.75 -40.39 8.26
CA LEU N 20 -36.67 -41.10 7.60
C LEU N 20 -36.96 -41.17 6.10
N PHE N 21 -35.98 -40.76 5.28
CA PHE N 21 -36.08 -40.77 3.83
C PHE N 21 -35.10 -41.78 3.27
N VAL N 22 -35.60 -42.78 2.55
CA VAL N 22 -34.76 -43.79 1.89
C VAL N 22 -34.86 -43.56 0.39
N CYS N 23 -33.73 -43.32 -0.25
CA CYS N 23 -33.69 -42.84 -1.63
C CYS N 23 -33.12 -43.91 -2.56
N ASP N 24 -34.01 -44.58 -3.29
CA ASP N 24 -33.68 -45.34 -4.50
C ASP N 24 -32.54 -46.36 -4.29
N VAL N 25 -32.68 -47.21 -3.28
CA VAL N 25 -31.73 -48.29 -3.06
C VAL N 25 -32.28 -49.51 -3.79
N GLN N 26 -31.97 -49.61 -5.07
CA GLN N 26 -32.65 -50.55 -5.96
C GLN N 26 -31.71 -51.69 -6.37
N GLU N 27 -32.28 -52.62 -7.15
CA GLU N 27 -31.56 -53.83 -7.54
C GLU N 27 -30.41 -53.52 -8.48
N VAL N 28 -30.59 -52.58 -9.41
CA VAL N 28 -29.60 -52.33 -10.47
C VAL N 28 -28.26 -51.90 -9.87
N PHE N 29 -28.27 -51.33 -8.66
CA PHE N 29 -27.08 -50.73 -8.09
C PHE N 29 -26.17 -51.73 -7.39
N ARG N 30 -26.54 -53.01 -7.36
CA ARG N 30 -25.63 -54.03 -6.85
C ARG N 30 -24.44 -54.19 -7.77
N GLY N 31 -23.24 -54.09 -7.20
CA GLY N 31 -22.02 -54.13 -7.98
C GLY N 31 -21.61 -52.81 -8.60
N LEU N 32 -22.42 -51.76 -8.47
CA LEU N 32 -22.09 -50.45 -8.98
C LEU N 32 -21.81 -49.43 -7.90
N THR N 33 -22.60 -49.43 -6.82
CA THR N 33 -22.46 -48.42 -5.79
C THR N 33 -21.24 -48.71 -4.92
N PHE N 34 -20.42 -47.68 -4.71
CA PHE N 34 -19.26 -47.80 -3.84
C PHE N 34 -19.70 -48.11 -2.41
N GLN N 35 -19.15 -49.18 -1.84
CA GLN N 35 -19.45 -49.62 -0.48
C GLN N 35 -20.95 -49.83 -0.26
N LEU N 36 -21.63 -50.33 -1.27
CA LEU N 36 -23.07 -50.58 -1.16
C LEU N 36 -23.46 -51.43 0.05
N PRO N 37 -22.74 -52.50 0.43
CA PRO N 37 -23.18 -53.26 1.62
C PRO N 37 -23.32 -52.40 2.87
N THR N 38 -22.43 -51.44 3.08
CA THR N 38 -22.56 -50.56 4.24
C THR N 38 -23.81 -49.69 4.12
N VAL N 39 -24.08 -49.19 2.91
CA VAL N 39 -25.26 -48.35 2.71
C VAL N 39 -26.53 -49.15 3.00
N ILE N 40 -26.59 -50.40 2.53
CA ILE N 40 -27.76 -51.24 2.79
C ILE N 40 -27.88 -51.50 4.28
N HIS N 41 -26.78 -51.90 4.92
CA HIS N 41 -26.84 -52.21 6.34
C HIS N 41 -27.15 -50.98 7.18
N SER N 42 -26.51 -49.85 6.87
CA SER N 42 -26.78 -48.61 7.61
C SER N 42 -28.24 -48.19 7.47
N THR N 43 -28.78 -48.26 6.26
CA THR N 43 -30.19 -47.91 6.04
C THR N 43 -31.11 -48.85 6.81
N ASN N 44 -30.75 -50.12 6.92
CA ASN N 44 -31.57 -51.06 7.67
C ASN N 44 -31.56 -50.73 9.16
N THR N 45 -30.38 -50.38 9.70
CA THR N 45 -30.33 -49.89 11.08
C THR N 45 -31.19 -48.65 11.26
N MET N 46 -31.23 -47.78 10.24
CA MET N 46 -32.08 -46.60 10.30
C MET N 46 -33.56 -46.96 10.29
N VAL N 47 -33.95 -47.96 9.49
CA VAL N 47 -35.35 -48.38 9.45
C VAL N 47 -35.77 -49.00 10.76
N SER N 48 -34.93 -49.87 11.33
CA SER N 48 -35.22 -50.46 12.64
C SER N 48 -35.34 -49.38 13.71
N ALA N 49 -34.43 -48.40 13.68
CA ALA N 49 -34.51 -47.28 14.61
C ALA N 49 -35.80 -46.49 14.43
N ALA N 50 -36.30 -46.41 13.20
CA ALA N 50 -37.57 -45.71 12.96
C ALA N 50 -38.74 -46.45 13.58
N LYS N 51 -38.68 -47.79 13.63
CA LYS N 51 -39.73 -48.57 14.27
C LYS N 51 -39.75 -48.31 15.78
N LEU N 52 -38.58 -48.34 16.42
CA LEU N 52 -38.51 -48.18 17.87
C LEU N 52 -38.85 -46.79 18.34
N LEU N 53 -38.68 -45.77 17.50
CA LEU N 53 -38.98 -44.40 17.85
C LEU N 53 -40.25 -43.87 17.17
N ASN N 54 -40.96 -44.74 16.44
CA ASN N 54 -42.19 -44.37 15.73
C ASN N 54 -41.96 -43.30 14.68
N LEU N 55 -40.79 -43.30 14.06
CA LEU N 55 -40.51 -42.37 12.97
C LEU N 55 -41.17 -42.84 11.68
N PRO N 56 -41.99 -42.03 11.03
CA PRO N 56 -42.51 -42.41 9.71
C PRO N 56 -41.39 -42.49 8.69
N VAL N 57 -41.59 -43.33 7.67
CA VAL N 57 -40.59 -43.57 6.64
C VAL N 57 -41.19 -43.24 5.29
N VAL N 58 -40.44 -42.50 4.48
CA VAL N 58 -40.77 -42.24 3.08
C VAL N 58 -39.72 -42.95 2.23
N VAL N 59 -40.17 -43.88 1.40
CA VAL N 59 -39.29 -44.63 0.52
C VAL N 59 -39.67 -44.32 -0.93
N THR N 60 -38.66 -44.31 -1.79
CA THR N 60 -38.87 -43.98 -3.19
C THR N 60 -38.08 -44.93 -4.09
N THR N 61 -38.58 -45.13 -5.30
CA THR N 61 -37.94 -45.94 -6.32
C THR N 61 -37.87 -45.14 -7.62
N GLN N 62 -36.68 -45.08 -8.22
CA GLN N 62 -36.49 -44.39 -9.49
C GLN N 62 -36.62 -45.39 -10.63
N TYR N 63 -37.64 -45.20 -11.47
CA TYR N 63 -37.86 -46.03 -12.66
C TYR N 63 -37.84 -47.52 -12.30
N GLY N 64 -38.69 -47.88 -11.35
CA GLY N 64 -38.69 -49.24 -10.81
C GLY N 64 -39.04 -50.32 -11.80
N SER N 65 -39.64 -49.96 -12.95
CA SER N 65 -39.99 -50.98 -13.94
C SER N 65 -38.75 -51.64 -14.53
N ARG N 66 -37.72 -50.85 -14.86
CA ARG N 66 -36.51 -51.38 -15.47
C ARG N 66 -35.27 -51.26 -14.59
N LEU N 67 -35.25 -50.33 -13.64
CA LEU N 67 -34.14 -50.22 -12.71
C LEU N 67 -34.32 -51.11 -11.48
N GLY N 68 -35.43 -51.83 -11.40
CA GLY N 68 -35.69 -52.72 -10.28
C GLY N 68 -36.30 -52.01 -9.10
N SER N 69 -36.76 -52.83 -8.15
CA SER N 69 -37.38 -52.33 -6.93
C SER N 69 -36.34 -52.27 -5.81
N THR N 70 -36.81 -51.92 -4.61
CA THR N 70 -35.92 -51.84 -3.46
C THR N 70 -35.29 -53.20 -3.16
N VAL N 71 -34.04 -53.17 -2.69
CA VAL N 71 -33.34 -54.41 -2.41
C VAL N 71 -34.07 -55.16 -1.29
N SER N 72 -33.97 -56.49 -1.33
CA SER N 72 -34.77 -57.34 -0.46
C SER N 72 -34.48 -57.09 1.02
N GLU N 73 -33.22 -56.81 1.35
CA GLU N 73 -32.87 -56.60 2.76
C GLU N 73 -33.62 -55.42 3.35
N ILE N 74 -33.62 -54.28 2.65
CA ILE N 74 -34.39 -53.13 3.14
C ILE N 74 -35.88 -53.37 2.98
N SER N 75 -36.31 -54.00 1.88
CA SER N 75 -37.74 -54.23 1.68
C SER N 75 -38.33 -55.12 2.76
N LYS N 76 -37.64 -56.21 3.12
CA LYS N 76 -38.16 -57.11 4.13
C LYS N 76 -38.15 -56.50 5.52
N ASN N 77 -37.32 -55.50 5.76
CA ASN N 77 -37.35 -54.79 7.05
C ASN N 77 -38.52 -53.81 7.14
N LEU N 78 -39.00 -53.30 6.00
CA LEU N 78 -40.08 -52.31 6.01
C LEU N 78 -41.46 -52.94 6.14
N GLU N 79 -41.56 -54.27 6.13
CA GLU N 79 -42.87 -54.91 6.14
C GLU N 79 -43.63 -54.64 7.44
N ASN N 80 -42.94 -54.69 8.58
CA ASN N 80 -43.57 -54.54 9.88
C ASN N 80 -43.54 -53.11 10.41
N VAL N 81 -43.02 -52.15 9.65
CA VAL N 81 -43.02 -50.75 10.05
C VAL N 81 -44.41 -50.17 9.82
N ASN N 82 -44.87 -49.35 10.78
CA ASN N 82 -46.26 -48.91 10.78
C ASN N 82 -46.53 -47.89 9.67
N ASP N 83 -45.74 -46.83 9.61
CA ASP N 83 -46.00 -45.71 8.70
C ASP N 83 -44.91 -45.69 7.63
N VAL N 84 -45.13 -46.47 6.57
CA VAL N 84 -44.21 -46.54 5.45
C VAL N 84 -45.01 -46.34 4.18
N LYS N 85 -44.63 -45.35 3.38
CA LYS N 85 -45.22 -45.11 2.07
C LYS N 85 -44.12 -45.17 1.03
N ILE N 86 -44.38 -45.91 -0.05
CA ILE N 86 -43.41 -46.11 -1.12
C ILE N 86 -43.94 -45.41 -2.38
N PHE N 87 -43.07 -44.60 -3.00
CA PHE N 87 -43.46 -43.77 -4.13
C PHE N 87 -42.50 -44.04 -5.29
N ASP N 88 -43.05 -44.43 -6.44
CA ASP N 88 -42.27 -44.53 -7.65
C ASP N 88 -42.19 -43.17 -8.33
N LYS N 89 -41.04 -42.85 -8.91
CA LYS N 89 -40.82 -41.52 -9.44
C LYS N 89 -39.91 -41.57 -10.66
N MET N 90 -39.99 -40.51 -11.45
CA MET N 90 -39.05 -40.23 -12.54
C MET N 90 -38.18 -39.02 -12.26
N LYS N 91 -38.68 -38.07 -11.47
CA LYS N 91 -37.87 -36.93 -11.07
C LYS N 91 -36.79 -37.39 -10.11
N PHE N 92 -35.58 -36.82 -10.25
CA PHE N 92 -34.46 -37.24 -9.42
C PHE N 92 -34.70 -36.92 -7.96
N SER N 93 -35.22 -35.73 -7.67
CA SER N 93 -35.51 -35.36 -6.30
C SER N 93 -36.66 -36.20 -5.74
N MET N 94 -36.59 -36.49 -4.44
CA MET N 94 -37.67 -37.23 -3.80
C MET N 94 -38.92 -36.37 -3.60
N LEU N 95 -38.78 -35.05 -3.70
CA LEU N 95 -39.89 -34.14 -3.42
C LEU N 95 -40.81 -34.01 -4.63
N VAL N 96 -41.29 -35.15 -5.12
CA VAL N 96 -42.28 -35.18 -6.19
C VAL N 96 -43.62 -34.76 -5.60
N PRO N 97 -44.62 -34.33 -6.40
CA PRO N 97 -45.84 -33.76 -5.81
C PRO N 97 -46.55 -34.68 -4.84
N GLU N 98 -46.61 -35.98 -5.14
CA GLU N 98 -47.25 -36.91 -4.21
C GLU N 98 -46.51 -36.96 -2.87
N VAL N 99 -45.17 -36.95 -2.91
CA VAL N 99 -44.41 -36.94 -1.67
C VAL N 99 -44.65 -35.65 -0.91
N GLU N 100 -44.62 -34.51 -1.60
CA GLU N 100 -44.85 -33.23 -0.94
C GLU N 100 -46.24 -33.18 -0.33
N HIS N 101 -47.24 -33.68 -1.05
CA HIS N 101 -48.59 -33.77 -0.50
C HIS N 101 -48.61 -34.64 0.75
N HIS N 102 -47.92 -35.79 0.70
CA HIS N 102 -47.84 -36.67 1.86
C HIS N 102 -47.18 -35.96 3.03
N LEU N 103 -46.14 -35.16 2.76
CA LEU N 103 -45.46 -34.44 3.83
C LEU N 103 -46.36 -33.35 4.43
N THR N 104 -46.97 -32.53 3.57
CA THR N 104 -47.74 -31.39 4.07
C THR N 104 -49.02 -31.85 4.76
N SER N 105 -49.76 -32.76 4.12
CA SER N 105 -51.09 -33.12 4.61
C SER N 105 -51.07 -34.18 5.70
N ASN N 106 -50.08 -35.07 5.70
CA ASN N 106 -50.03 -36.14 6.69
C ASN N 106 -49.07 -35.86 7.84
N MET N 107 -48.22 -34.85 7.73
CA MET N 107 -47.30 -34.58 8.82
C MET N 107 -46.66 -33.20 8.72
N PRO N 108 -47.45 -32.13 8.80
CA PRO N 108 -46.86 -30.78 8.75
C PRO N 108 -45.92 -30.48 9.91
N GLN N 109 -46.05 -31.19 11.03
CA GLN N 109 -45.26 -30.89 12.21
C GLN N 109 -43.84 -31.44 12.16
N ARG N 110 -43.55 -32.36 11.24
CA ARG N 110 -42.23 -32.98 11.12
C ARG N 110 -41.39 -32.18 10.12
N LYS N 111 -40.45 -31.40 10.63
CA LYS N 111 -39.60 -30.58 9.77
C LYS N 111 -38.16 -31.09 9.70
N SER N 112 -37.83 -32.18 10.36
CA SER N 112 -36.50 -32.78 10.30
C SER N 112 -36.56 -34.06 9.47
N VAL N 113 -35.66 -34.18 8.51
CA VAL N 113 -35.59 -35.34 7.64
C VAL N 113 -34.20 -35.97 7.79
N LEU N 114 -34.19 -37.29 8.03
CA LEU N 114 -32.98 -38.09 7.97
C LEU N 114 -32.91 -38.72 6.58
N LEU N 115 -31.81 -38.46 5.89
CA LEU N 115 -31.67 -38.80 4.47
C LEU N 115 -30.70 -39.96 4.31
N CYS N 116 -31.20 -41.08 3.80
CA CYS N 116 -30.40 -42.24 3.44
C CYS N 116 -30.62 -42.57 1.97
N GLY N 117 -29.76 -43.41 1.43
CA GLY N 117 -29.92 -43.91 0.08
C GLY N 117 -28.84 -43.41 -0.86
N ILE N 118 -29.07 -43.66 -2.15
CA ILE N 118 -28.09 -43.36 -3.19
C ILE N 118 -28.83 -42.88 -4.44
N GLU N 119 -28.14 -42.11 -5.28
CA GLU N 119 -26.75 -41.68 -5.22
C GLU N 119 -26.59 -40.33 -4.51
N THR N 120 -25.47 -40.20 -3.78
CA THR N 120 -25.23 -38.99 -2.98
C THR N 120 -25.29 -37.74 -3.82
N HIS N 121 -24.72 -37.78 -5.02
CA HIS N 121 -24.56 -36.59 -5.84
C HIS N 121 -25.70 -36.36 -6.82
N VAL N 122 -26.68 -37.26 -6.90
CA VAL N 122 -27.77 -37.02 -7.83
C VAL N 122 -29.10 -36.95 -7.09
N CYS N 123 -29.57 -38.09 -6.59
CA CYS N 123 -30.92 -38.09 -6.03
C CYS N 123 -30.93 -37.65 -4.57
N VAL N 124 -29.93 -38.05 -3.80
CA VAL N 124 -29.83 -37.59 -2.42
C VAL N 124 -29.56 -36.09 -2.37
N LEU N 125 -28.65 -35.61 -3.22
CA LEU N 125 -28.33 -34.18 -3.26
C LEU N 125 -29.55 -33.35 -3.61
N GLN N 126 -30.23 -33.72 -4.71
CA GLN N 126 -31.36 -32.92 -5.16
C GLN N 126 -32.53 -33.00 -4.18
N THR N 127 -32.72 -34.14 -3.53
CA THR N 127 -33.71 -34.20 -2.46
C THR N 127 -33.32 -33.26 -1.31
N CYS N 128 -32.03 -33.23 -0.98
CA CYS N 128 -31.57 -32.38 0.11
C CYS N 128 -31.84 -30.90 -0.18
N LEU N 129 -31.49 -30.46 -1.39
CA LEU N 129 -31.66 -29.05 -1.76
C LEU N 129 -33.14 -28.68 -1.82
N ASP N 130 -33.99 -29.59 -2.30
CA ASP N 130 -35.41 -29.30 -2.36
C ASP N 130 -36.01 -29.21 -0.96
N LEU N 131 -35.57 -30.07 -0.05
CA LEU N 131 -36.07 -30.03 1.32
C LEU N 131 -35.64 -28.74 2.01
N LEU N 132 -34.39 -28.32 1.80
CA LEU N 132 -33.91 -27.08 2.41
C LEU N 132 -34.71 -25.88 1.91
N ASP N 133 -35.11 -25.88 0.64
CA ASP N 133 -35.89 -24.79 0.08
C ASP N 133 -37.25 -24.65 0.77
N LYS N 134 -37.81 -25.77 1.23
CA LYS N 134 -39.09 -25.76 1.94
C LYS N 134 -38.93 -25.56 3.44
N GLY N 135 -37.74 -25.18 3.89
CA GLY N 135 -37.52 -24.93 5.31
C GLY N 135 -37.33 -26.16 6.17
N TYR N 136 -36.92 -27.28 5.58
CA TYR N 136 -36.66 -28.49 6.35
C TYR N 136 -35.22 -28.51 6.84
N ASP N 137 -35.01 -29.23 7.93
CA ASP N 137 -33.67 -29.61 8.37
C ASP N 137 -33.33 -30.94 7.73
N VAL N 138 -32.24 -30.99 6.96
CA VAL N 138 -31.82 -32.21 6.29
C VAL N 138 -30.61 -32.77 7.04
N HIS N 139 -30.77 -33.98 7.56
CA HIS N 139 -29.69 -34.68 8.25
C HIS N 139 -29.23 -35.82 7.34
N VAL N 140 -28.11 -35.61 6.67
CA VAL N 140 -27.56 -36.64 5.78
C VAL N 140 -26.90 -37.71 6.63
N VAL N 141 -27.41 -38.94 6.54
CA VAL N 141 -26.80 -40.07 7.23
C VAL N 141 -25.62 -40.54 6.39
N SER N 142 -24.44 -39.99 6.67
CA SER N 142 -23.28 -40.23 5.80
C SER N 142 -22.93 -41.71 5.72
N ASP N 143 -23.20 -42.46 6.79
CA ASP N 143 -23.05 -43.90 6.78
C ASP N 143 -23.94 -44.58 5.74
N ALA N 144 -25.07 -43.95 5.38
CA ALA N 144 -26.10 -44.62 4.60
C ALA N 144 -26.29 -44.01 3.22
N VAL N 145 -25.30 -43.28 2.71
CA VAL N 145 -25.35 -42.68 1.39
C VAL N 145 -24.05 -42.97 0.65
N SER N 146 -24.14 -43.21 -0.65
CA SER N 146 -22.96 -43.47 -1.46
C SER N 146 -23.30 -43.19 -2.92
N SER N 147 -22.28 -43.29 -3.77
CA SER N 147 -22.41 -43.06 -5.19
C SER N 147 -21.68 -44.19 -5.91
N SER N 148 -21.64 -44.08 -7.24
CA SER N 148 -20.87 -45.02 -8.05
C SER N 148 -19.38 -44.95 -7.73
N THR N 149 -18.89 -43.75 -7.39
CA THR N 149 -17.50 -43.57 -7.00
C THR N 149 -17.43 -42.87 -5.65
N SER N 150 -16.36 -43.19 -4.91
CA SER N 150 -16.12 -42.51 -3.63
C SER N 150 -15.97 -41.01 -3.83
N TYR N 151 -15.42 -40.59 -4.97
CA TYR N 151 -15.22 -39.18 -5.23
C TYR N 151 -16.54 -38.41 -5.24
N ASN N 152 -17.58 -38.96 -5.88
CA ASN N 152 -18.86 -38.26 -5.92
C ASN N 152 -19.59 -38.31 -4.58
N ARG N 153 -19.35 -39.35 -3.78
CA ARG N 153 -19.96 -39.39 -2.46
C ARG N 153 -19.38 -38.32 -1.55
N SER N 154 -18.05 -38.24 -1.48
CA SER N 154 -17.39 -37.24 -0.63
C SER N 154 -17.68 -35.84 -1.12
N MET N 155 -17.68 -35.63 -2.44
CA MET N 155 -17.99 -34.31 -3.00
C MET N 155 -19.39 -33.88 -2.60
N ALA N 156 -20.36 -34.80 -2.71
CA ALA N 156 -21.76 -34.47 -2.42
C ALA N 156 -21.99 -34.19 -0.93
N LEU N 157 -21.27 -34.88 -0.05
CA LEU N 157 -21.45 -34.62 1.38
C LEU N 157 -21.09 -33.17 1.71
N GLU N 158 -19.92 -32.72 1.25
CA GLU N 158 -19.53 -31.33 1.49
C GLU N 158 -20.36 -30.36 0.65
N ARG N 159 -20.81 -30.78 -0.54
CA ARG N 159 -21.70 -29.93 -1.32
C ARG N 159 -23.01 -29.68 -0.58
N MET N 160 -23.53 -30.72 0.09
CA MET N 160 -24.75 -30.57 0.88
C MET N 160 -24.49 -29.82 2.18
N ARG N 161 -23.35 -30.09 2.84
CA ARG N 161 -23.04 -29.38 4.09
C ARG N 161 -22.90 -27.90 3.85
N GLN N 162 -22.31 -27.53 2.71
CA GLN N 162 -22.15 -26.13 2.32
C GLN N 162 -23.48 -25.42 2.13
N SER N 163 -24.56 -26.17 1.88
CA SER N 163 -25.89 -25.59 1.72
C SER N 163 -26.68 -25.56 3.02
N GLY N 164 -26.08 -26.00 4.13
CA GLY N 164 -26.77 -26.00 5.41
C GLY N 164 -27.19 -27.36 5.92
N ALA N 165 -27.02 -28.43 5.15
CA ALA N 165 -27.40 -29.75 5.61
C ALA N 165 -26.45 -30.23 6.68
N TYR N 166 -27.00 -30.94 7.67
CA TYR N 166 -26.22 -31.52 8.75
C TYR N 166 -25.68 -32.87 8.33
N ILE N 167 -24.35 -33.04 8.40
CA ILE N 167 -23.71 -34.29 8.03
C ILE N 167 -23.57 -35.12 9.30
N THR N 168 -24.49 -36.06 9.49
CA THR N 168 -24.52 -36.94 10.65
C THR N 168 -24.14 -38.37 10.22
N SER N 169 -24.29 -39.30 11.16
CA SER N 169 -24.02 -40.72 10.91
C SER N 169 -25.15 -41.55 11.51
N VAL N 170 -25.06 -42.87 11.31
CA VAL N 170 -26.09 -43.77 11.82
C VAL N 170 -26.17 -43.69 13.33
N GLU N 171 -25.03 -43.85 14.00
CA GLU N 171 -25.03 -43.88 15.46
C GLU N 171 -25.35 -42.52 16.05
N SER N 172 -24.78 -41.46 15.48
CA SER N 172 -24.94 -40.13 16.06
C SER N 172 -26.37 -39.64 15.94
N ALA N 173 -27.02 -39.90 14.79
CA ALA N 173 -28.41 -39.51 14.64
C ALA N 173 -29.31 -40.29 15.58
N ILE N 174 -29.08 -41.59 15.72
CA ILE N 174 -29.95 -42.43 16.55
C ILE N 174 -29.91 -41.96 18.00
N PHE N 175 -28.71 -41.75 18.53
CA PHE N 175 -28.58 -41.33 19.92
C PHE N 175 -29.10 -39.91 20.13
N GLN N 176 -29.07 -39.08 19.09
CA GLN N 176 -29.72 -37.78 19.16
C GLN N 176 -31.22 -37.93 19.40
N LEU N 177 -31.83 -38.92 18.73
CA LEU N 177 -33.26 -39.16 18.91
C LEU N 177 -33.55 -39.80 20.27
N ALA N 178 -32.65 -40.67 20.74
CA ALA N 178 -32.86 -41.33 22.04
C ALA N 178 -32.77 -40.33 23.19
N ASN N 179 -31.72 -39.51 23.20
CA ASN N 179 -31.62 -38.32 24.05
C ASN N 179 -31.43 -38.63 25.53
N ASP N 180 -31.64 -39.88 25.96
CA ASP N 180 -31.62 -40.17 27.39
C ASP N 180 -31.58 -41.66 27.68
N ALA N 181 -30.70 -42.09 28.58
CA ALA N 181 -30.58 -43.50 28.91
C ALA N 181 -31.65 -43.98 29.87
N SER N 182 -32.39 -43.06 30.49
CA SER N 182 -33.53 -43.44 31.34
C SER N 182 -34.80 -43.67 30.55
N ASN N 183 -34.84 -43.30 29.28
CA ASN N 183 -36.01 -43.52 28.45
C ASN N 183 -36.24 -45.02 28.28
N PRO N 184 -37.50 -45.46 28.21
CA PRO N 184 -37.80 -46.91 28.22
C PRO N 184 -37.23 -47.66 27.02
N GLU N 185 -37.05 -46.98 25.89
CA GLU N 185 -36.60 -47.63 24.66
C GLU N 185 -35.09 -47.73 24.54
N PHE N 186 -34.35 -47.25 25.56
CA PHE N 186 -32.89 -47.21 25.47
C PHE N 186 -32.28 -48.60 25.36
N LYS N 187 -32.81 -49.56 26.10
CA LYS N 187 -32.21 -50.89 26.15
C LYS N 187 -32.23 -51.56 24.77
N ILE N 188 -33.37 -51.50 24.09
CA ILE N 188 -33.46 -52.13 22.76
C ILE N 188 -32.69 -51.32 21.73
N ILE N 189 -32.61 -50.00 21.91
CA ILE N 189 -31.84 -49.17 20.98
C ILE N 189 -30.35 -49.42 21.12
N SER N 190 -29.85 -49.52 22.36
CA SER N 190 -28.43 -49.80 22.54
C SER N 190 -28.05 -51.14 21.94
N LYS N 191 -28.92 -52.14 22.08
CA LYS N 191 -28.68 -53.44 21.46
C LYS N 191 -28.63 -53.30 19.93
N LEU N 192 -29.50 -52.46 19.37
CA LEU N 192 -29.45 -52.22 17.93
C LEU N 192 -28.15 -51.55 17.52
N ILE N 193 -27.69 -50.56 18.28
CA ILE N 193 -26.44 -49.88 17.98
C ILE N 193 -25.24 -50.83 18.09
N LYS N 194 -25.16 -51.56 19.20
CA LYS N 194 -24.10 -52.55 19.42
C LYS N 194 -24.05 -53.61 18.31
N GLU N 195 -25.22 -54.09 17.91
CA GLU N 195 -25.27 -55.03 16.80
C GLU N 195 -24.81 -54.37 15.52
N HIS N 196 -25.19 -53.10 15.32
CA HIS N 196 -24.72 -52.36 14.14
C HIS N 196 -23.21 -52.18 14.14
N LEU N 197 -22.61 -52.00 15.33
CA LEU N 197 -21.17 -51.78 15.44
C LEU N 197 -20.36 -53.00 15.02
N LYS N 198 -20.97 -54.19 15.01
CA LYS N 198 -20.21 -55.40 14.72
C LYS N 198 -19.84 -55.53 13.25
N VAL N 199 -20.50 -54.80 12.36
CA VAL N 199 -20.14 -54.85 10.94
C VAL N 199 -19.11 -53.76 10.70
N GLY N 200 -18.15 -54.05 9.83
CA GLY N 200 -17.14 -53.07 9.51
C GLY N 200 -17.73 -51.94 8.68
N ASN N 201 -17.50 -50.70 9.11
CA ASN N 201 -17.89 -49.54 8.32
C ASN N 201 -16.98 -49.43 7.10
N GLY N 202 -17.57 -49.51 5.91
CA GLY N 202 -16.79 -49.47 4.69
C GLY N 202 -16.18 -48.11 4.40
N PHE N 203 -16.69 -47.06 5.05
CA PHE N 203 -16.14 -45.71 4.89
C PHE N 203 -15.13 -45.35 5.97
N ASP N 204 -14.87 -46.26 6.91
CA ASP N 204 -13.95 -46.00 8.03
C ASP N 204 -12.55 -46.50 7.65
N THR N 205 -11.84 -45.65 6.91
CA THR N 205 -10.50 -46.00 6.45
C THR N 205 -9.42 -45.25 7.22
N LYS O 8 -19.07 -11.52 14.55
CA LYS O 8 -17.76 -12.17 14.43
C LYS O 8 -17.69 -13.43 15.28
N ARG O 9 -16.96 -14.44 14.78
CA ARG O 9 -16.81 -15.73 15.47
C ARG O 9 -15.32 -16.01 15.63
N LEU O 10 -14.71 -15.41 16.66
CA LEU O 10 -13.27 -15.49 16.84
C LEU O 10 -12.86 -16.63 17.75
N GLY O 11 -13.60 -16.87 18.82
CA GLY O 11 -13.25 -17.94 19.73
C GLY O 11 -12.04 -17.64 20.59
N HIS O 12 -11.87 -16.40 21.02
CA HIS O 12 -10.84 -16.07 22.00
C HIS O 12 -11.08 -16.82 23.30
N LEU O 13 -10.00 -17.14 23.98
CA LEU O 13 -10.07 -17.87 25.25
C LEU O 13 -9.42 -17.03 26.34
N LEU O 14 -10.20 -16.70 27.37
CA LEU O 14 -9.72 -15.99 28.53
C LEU O 14 -9.96 -16.83 29.78
N PRO O 15 -8.96 -16.98 30.65
CA PRO O 15 -9.15 -17.83 31.84
C PRO O 15 -10.30 -17.39 32.73
N GLN O 16 -10.55 -16.08 32.81
CA GLN O 16 -11.64 -15.57 33.64
C GLN O 16 -13.00 -16.05 33.14
N SER O 17 -13.14 -16.28 31.84
CA SER O 17 -14.41 -16.61 31.22
C SER O 17 -14.50 -18.06 30.77
N SER O 18 -13.55 -18.90 31.16
CA SER O 18 -13.45 -20.25 30.63
C SER O 18 -13.75 -21.28 31.70
N ILE O 19 -14.09 -22.48 31.24
CA ILE O 19 -14.39 -23.60 32.13
C ILE O 19 -14.17 -24.90 31.34
N LEU O 20 -13.63 -25.91 32.03
CA LEU O 20 -13.28 -27.18 31.40
C LEU O 20 -14.33 -28.23 31.72
N PHE O 21 -14.86 -28.85 30.66
CA PHE O 21 -15.80 -29.95 30.80
C PHE O 21 -15.08 -31.26 30.49
N VAL O 22 -15.29 -32.26 31.35
CA VAL O 22 -14.80 -33.62 31.12
C VAL O 22 -16.01 -34.54 31.06
N CYS O 23 -16.19 -35.20 29.93
CA CYS O 23 -17.42 -35.90 29.59
C CYS O 23 -17.21 -37.41 29.62
N ASP O 24 -17.69 -38.05 30.70
CA ASP O 24 -17.94 -39.49 30.75
C ASP O 24 -16.71 -40.34 30.37
N VAL O 25 -15.56 -39.98 30.91
CA VAL O 25 -14.32 -40.74 30.64
C VAL O 25 -14.24 -41.82 31.72
N GLN O 26 -14.95 -42.92 31.47
CA GLN O 26 -15.13 -43.97 32.46
C GLN O 26 -14.38 -45.23 32.08
N GLU O 27 -14.37 -46.19 33.00
CA GLU O 27 -13.53 -47.37 32.86
C GLU O 27 -14.06 -48.35 31.82
N VAL O 28 -15.38 -48.37 31.60
CA VAL O 28 -15.97 -49.32 30.67
C VAL O 28 -15.43 -49.11 29.26
N PHE O 29 -15.19 -47.85 28.88
CA PHE O 29 -14.71 -47.53 27.54
C PHE O 29 -13.26 -47.92 27.30
N ARG O 30 -12.56 -48.44 28.31
CA ARG O 30 -11.17 -48.85 28.12
C ARG O 30 -11.10 -50.04 27.17
N GLY O 31 -10.32 -49.90 26.09
CA GLY O 31 -10.18 -50.94 25.11
C GLY O 31 -11.14 -50.85 23.94
N LEU O 32 -12.21 -50.06 24.05
CA LEU O 32 -13.19 -49.93 22.99
C LEU O 32 -13.19 -48.57 22.30
N THR O 33 -12.54 -47.57 22.88
CA THR O 33 -12.51 -46.23 22.30
C THR O 33 -11.27 -46.07 21.45
N PHE O 34 -11.45 -45.54 20.24
CA PHE O 34 -10.34 -45.28 19.34
C PHE O 34 -9.37 -44.29 19.97
N GLN O 35 -8.12 -44.72 20.13
CA GLN O 35 -7.03 -43.87 20.65
C GLN O 35 -7.33 -43.34 22.05
N LEU O 36 -7.97 -44.17 22.87
CA LEU O 36 -8.28 -43.76 24.23
C LEU O 36 -7.08 -43.28 25.04
N PRO O 37 -5.90 -43.93 25.01
CA PRO O 37 -4.78 -43.40 25.81
C PRO O 37 -4.47 -41.95 25.51
N THR O 38 -4.50 -41.57 24.22
CA THR O 38 -4.30 -40.17 23.88
C THR O 38 -5.41 -39.30 24.45
N VAL O 39 -6.65 -39.80 24.42
CA VAL O 39 -7.77 -39.06 25.00
C VAL O 39 -7.53 -38.86 26.50
N ILE O 40 -7.11 -39.91 27.19
CA ILE O 40 -6.87 -39.79 28.63
C ILE O 40 -5.72 -38.83 28.89
N HIS O 41 -4.61 -38.98 28.16
CA HIS O 41 -3.47 -38.10 28.37
C HIS O 41 -3.80 -36.65 28.05
N SER O 42 -4.51 -36.41 26.95
CA SER O 42 -4.90 -35.05 26.58
C SER O 42 -5.82 -34.42 27.63
N THR O 43 -6.79 -35.18 28.12
CA THR O 43 -7.68 -34.67 29.14
C THR O 43 -6.92 -34.32 30.41
N ASN O 44 -5.94 -35.14 30.78
CA ASN O 44 -5.16 -34.89 31.98
C ASN O 44 -4.36 -33.59 31.86
N THR O 45 -3.79 -33.34 30.68
CA THR O 45 -3.08 -32.07 30.48
C THR O 45 -4.04 -30.89 30.60
N MET O 46 -5.26 -31.04 30.08
CA MET O 46 -6.28 -30.00 30.22
C MET O 46 -6.60 -29.74 31.70
N VAL O 47 -6.73 -30.81 32.49
CA VAL O 47 -7.03 -30.65 33.91
C VAL O 47 -5.86 -30.02 34.66
N SER O 48 -4.63 -30.43 34.32
CA SER O 48 -3.47 -29.80 34.93
C SER O 48 -3.39 -28.32 34.58
N ALA O 49 -3.73 -27.96 33.34
CA ALA O 49 -3.75 -26.56 32.95
C ALA O 49 -4.89 -25.81 33.64
N ALA O 50 -5.99 -26.50 33.96
CA ALA O 50 -7.07 -25.86 34.70
C ALA O 50 -6.62 -25.41 36.07
N LYS O 51 -5.68 -26.14 36.69
CA LYS O 51 -5.17 -25.75 38.00
C LYS O 51 -4.24 -24.55 37.90
N LEU O 52 -3.37 -24.53 36.89
CA LEU O 52 -2.41 -23.43 36.76
C LEU O 52 -3.10 -22.11 36.46
N LEU O 53 -4.21 -22.14 35.72
CA LEU O 53 -4.91 -20.93 35.33
C LEU O 53 -6.19 -20.68 36.13
N ASN O 54 -6.36 -21.39 37.26
CA ASN O 54 -7.53 -21.23 38.12
C ASN O 54 -8.83 -21.36 37.31
N LEU O 55 -8.92 -22.44 36.55
CA LEU O 55 -10.12 -22.72 35.79
C LEU O 55 -11.00 -23.71 36.55
N PRO O 56 -12.31 -23.49 36.58
CA PRO O 56 -13.19 -24.49 37.19
C PRO O 56 -13.42 -25.65 36.24
N VAL O 57 -13.67 -26.83 36.82
CA VAL O 57 -13.87 -28.06 36.06
C VAL O 57 -15.22 -28.65 36.42
N VAL O 58 -15.98 -29.03 35.40
CA VAL O 58 -17.21 -29.78 35.57
C VAL O 58 -16.99 -31.16 34.95
N VAL O 59 -17.12 -32.20 35.77
CA VAL O 59 -16.94 -33.58 35.35
C VAL O 59 -18.28 -34.28 35.43
N THR O 60 -18.46 -35.27 34.57
CA THR O 60 -19.72 -35.99 34.48
C THR O 60 -19.46 -37.48 34.24
N THR O 61 -20.36 -38.31 34.74
CA THR O 61 -20.32 -39.75 34.52
C THR O 61 -21.70 -40.19 34.03
N GLN O 62 -21.71 -41.15 33.11
CA GLN O 62 -22.93 -41.69 32.53
C GLN O 62 -23.25 -43.02 33.20
N TYR O 63 -24.36 -43.05 33.95
CA TYR O 63 -24.84 -44.25 34.63
C TYR O 63 -23.72 -44.90 35.46
N GLY O 64 -23.16 -44.10 36.37
CA GLY O 64 -22.03 -44.56 37.18
C GLY O 64 -22.32 -45.72 38.11
N SER O 65 -23.55 -46.24 38.12
CA SER O 65 -23.86 -47.36 39.01
C SER O 65 -23.07 -48.61 38.61
N ARG O 66 -23.10 -48.96 37.32
CA ARG O 66 -22.31 -50.10 36.86
C ARG O 66 -21.59 -49.80 35.55
N LEU O 67 -21.56 -48.55 35.08
CA LEU O 67 -20.71 -48.15 33.98
C LEU O 67 -19.36 -47.62 34.46
N GLY O 68 -19.10 -47.69 35.77
CA GLY O 68 -17.82 -47.29 36.33
C GLY O 68 -17.72 -45.80 36.57
N SER O 69 -16.86 -45.41 37.49
CA SER O 69 -16.59 -44.00 37.74
C SER O 69 -15.52 -43.53 36.76
N THR O 70 -15.06 -42.28 36.92
CA THR O 70 -14.01 -41.76 36.07
C THR O 70 -12.75 -42.60 36.19
N VAL O 71 -12.01 -42.73 35.08
CA VAL O 71 -10.78 -43.52 35.09
C VAL O 71 -9.82 -42.95 36.11
N SER O 72 -9.07 -43.84 36.77
CA SER O 72 -8.26 -43.44 37.92
C SER O 72 -7.19 -42.43 37.54
N GLU O 73 -6.65 -42.51 36.32
CA GLU O 73 -5.63 -41.55 35.90
C GLU O 73 -6.14 -40.12 35.98
N ILE O 74 -7.36 -39.89 35.49
CA ILE O 74 -7.94 -38.55 35.53
C ILE O 74 -8.49 -38.23 36.92
N SER O 75 -9.09 -39.22 37.59
CA SER O 75 -9.64 -38.99 38.92
C SER O 75 -8.56 -38.56 39.91
N LYS O 76 -7.38 -39.16 39.81
CA LYS O 76 -6.27 -38.78 40.68
C LYS O 76 -5.87 -37.33 40.43
N ASN O 77 -5.88 -36.89 39.18
CA ASN O 77 -5.52 -35.52 38.85
C ASN O 77 -6.57 -34.52 39.32
N LEU O 78 -7.81 -34.95 39.53
CA LEU O 78 -8.89 -34.04 39.89
C LEU O 78 -8.90 -33.71 41.37
N GLU O 79 -8.05 -34.34 42.19
CA GLU O 79 -8.08 -34.13 43.63
C GLU O 79 -7.59 -32.73 44.00
N ASN O 80 -6.48 -32.28 43.40
CA ASN O 80 -5.89 -31.00 43.73
C ASN O 80 -6.53 -29.83 42.99
N VAL O 81 -7.65 -30.04 42.32
CA VAL O 81 -8.32 -28.96 41.60
C VAL O 81 -9.12 -28.14 42.59
N ASN O 82 -8.93 -26.81 42.55
CA ASN O 82 -9.57 -25.91 43.50
C ASN O 82 -11.10 -25.98 43.38
N ASP O 83 -11.61 -25.86 42.16
CA ASP O 83 -13.04 -25.82 41.91
C ASP O 83 -13.39 -26.94 40.93
N VAL O 84 -13.82 -28.08 41.46
CA VAL O 84 -14.21 -29.22 40.63
C VAL O 84 -15.52 -29.78 41.17
N LYS O 85 -16.53 -29.86 40.32
CA LYS O 85 -17.82 -30.44 40.64
C LYS O 85 -18.09 -31.62 39.70
N ILE O 86 -18.47 -32.76 40.27
CA ILE O 86 -18.73 -33.97 39.52
C ILE O 86 -20.22 -34.29 39.61
N PHE O 87 -20.85 -34.52 38.47
CA PHE O 87 -22.28 -34.77 38.39
C PHE O 87 -22.54 -36.10 37.71
N ASP O 88 -23.47 -36.88 38.26
CA ASP O 88 -23.89 -38.15 37.68
C ASP O 88 -25.17 -37.91 36.87
N LYS O 89 -25.14 -38.29 35.60
CA LYS O 89 -26.23 -38.00 34.67
C LYS O 89 -26.68 -39.28 33.98
N MET O 90 -27.83 -39.19 33.33
CA MET O 90 -28.31 -40.28 32.46
C MET O 90 -28.62 -39.74 31.06
N LYS O 91 -28.98 -38.46 30.97
CA LYS O 91 -29.07 -37.80 29.68
C LYS O 91 -27.68 -37.77 29.03
N PHE O 92 -27.64 -37.97 27.71
CA PHE O 92 -26.35 -37.96 27.01
C PHE O 92 -25.68 -36.60 27.12
N SER O 93 -26.45 -35.53 26.97
CA SER O 93 -25.91 -34.19 27.08
C SER O 93 -25.48 -33.89 28.51
N MET O 94 -24.36 -33.18 28.65
CA MET O 94 -23.89 -32.78 29.97
C MET O 94 -24.73 -31.69 30.61
N LEU O 95 -25.49 -30.94 29.82
CA LEU O 95 -26.23 -29.77 30.32
C LEU O 95 -27.54 -30.21 30.98
N VAL O 96 -27.39 -31.00 32.05
CA VAL O 96 -28.51 -31.43 32.87
C VAL O 96 -28.85 -30.30 33.85
N PRO O 97 -30.05 -30.28 34.44
CA PRO O 97 -30.41 -29.12 35.29
C PRO O 97 -29.41 -28.83 36.40
N GLU O 98 -28.87 -29.87 37.05
CA GLU O 98 -27.89 -29.63 38.12
C GLU O 98 -26.65 -28.95 37.59
N VAL O 99 -26.15 -29.38 36.43
CA VAL O 99 -25.01 -28.72 35.81
C VAL O 99 -25.40 -27.31 35.36
N GLU O 100 -26.59 -27.16 34.77
CA GLU O 100 -27.02 -25.85 34.30
C GLU O 100 -27.20 -24.87 35.45
N HIS O 101 -27.75 -25.34 36.57
CA HIS O 101 -27.88 -24.49 37.74
C HIS O 101 -26.51 -24.10 38.30
N HIS O 102 -25.56 -25.04 38.29
CA HIS O 102 -24.21 -24.73 38.78
C HIS O 102 -23.57 -23.63 37.95
N LEU O 103 -23.70 -23.70 36.63
CA LEU O 103 -23.08 -22.71 35.76
C LEU O 103 -23.69 -21.33 35.98
N THR O 104 -25.02 -21.24 35.99
CA THR O 104 -25.67 -19.93 36.05
C THR O 104 -25.54 -19.31 37.44
N SER O 105 -25.73 -20.10 38.50
CA SER O 105 -25.74 -19.53 39.83
C SER O 105 -24.34 -19.28 40.39
N ASN O 106 -23.34 -20.04 39.94
CA ASN O 106 -22.00 -19.93 40.51
C ASN O 106 -20.95 -19.36 39.56
N MET O 107 -21.23 -19.31 38.25
CA MET O 107 -20.26 -18.74 37.32
C MET O 107 -20.93 -18.23 36.05
N PRO O 108 -21.87 -17.28 36.15
CA PRO O 108 -22.57 -16.81 34.94
C PRO O 108 -21.68 -16.05 33.97
N GLN O 109 -20.50 -15.60 34.42
CA GLN O 109 -19.59 -14.84 33.57
C GLN O 109 -18.71 -15.70 32.68
N ARG O 110 -18.67 -17.02 32.91
CA ARG O 110 -17.84 -17.93 32.12
C ARG O 110 -18.70 -18.56 31.04
N LYS O 111 -18.57 -18.06 29.81
CA LYS O 111 -19.32 -18.58 28.68
C LYS O 111 -18.45 -19.34 27.68
N SER O 112 -17.19 -19.61 28.02
CA SER O 112 -16.29 -20.39 27.17
C SER O 112 -16.10 -21.76 27.80
N VAL O 113 -16.47 -22.81 27.06
CA VAL O 113 -16.41 -24.18 27.55
C VAL O 113 -15.39 -24.95 26.74
N LEU O 114 -14.38 -25.49 27.42
CA LEU O 114 -13.43 -26.42 26.81
C LEU O 114 -13.94 -27.84 27.00
N LEU O 115 -14.24 -28.52 25.89
CA LEU O 115 -14.95 -29.79 25.93
C LEU O 115 -13.99 -30.95 25.65
N CYS O 116 -13.91 -31.88 26.60
CA CYS O 116 -13.13 -33.10 26.46
C CYS O 116 -14.02 -34.28 26.84
N GLY O 117 -13.65 -35.47 26.34
CA GLY O 117 -14.28 -36.68 26.79
C GLY O 117 -14.79 -37.52 25.64
N ILE O 118 -15.66 -38.48 25.98
CA ILE O 118 -16.17 -39.44 25.02
C ILE O 118 -17.67 -39.60 25.25
N GLU O 119 -18.39 -39.99 24.20
CA GLU O 119 -17.97 -40.19 22.81
C GLU O 119 -18.20 -38.92 22.00
N THR O 120 -17.36 -38.70 20.98
CA THR O 120 -17.46 -37.48 20.19
C THR O 120 -18.86 -37.31 19.60
N HIS O 121 -19.43 -38.39 19.07
CA HIS O 121 -20.66 -38.31 18.32
C HIS O 121 -21.90 -38.55 19.17
N VAL O 122 -21.75 -38.81 20.46
CA VAL O 122 -22.93 -39.03 21.29
C VAL O 122 -23.01 -38.01 22.42
N CYS O 123 -22.09 -38.09 23.38
CA CYS O 123 -22.23 -37.23 24.55
C CYS O 123 -21.55 -35.89 24.35
N VAL O 124 -20.37 -35.89 23.70
CA VAL O 124 -19.71 -34.63 23.36
C VAL O 124 -20.56 -33.82 22.42
N LEU O 125 -21.11 -34.46 21.38
CA LEU O 125 -21.92 -33.74 20.39
C LEU O 125 -23.17 -33.14 21.01
N GLN O 126 -23.91 -33.93 21.79
CA GLN O 126 -25.16 -33.44 22.37
C GLN O 126 -24.91 -32.39 23.44
N THR O 127 -23.79 -32.48 24.14
CA THR O 127 -23.42 -31.41 25.08
C THR O 127 -23.13 -30.11 24.34
N CYS O 128 -22.37 -30.21 23.24
CA CYS O 128 -21.98 -29.01 22.50
C CYS O 128 -23.19 -28.31 21.90
N LEU O 129 -24.15 -29.08 21.38
CA LEU O 129 -25.34 -28.47 20.81
C LEU O 129 -26.17 -27.74 21.87
N ASP O 130 -26.33 -28.36 23.05
CA ASP O 130 -27.10 -27.72 24.12
C ASP O 130 -26.38 -26.47 24.62
N LEU O 131 -25.05 -26.53 24.74
CA LEU O 131 -24.29 -25.37 25.16
C LEU O 131 -24.42 -24.24 24.15
N LEU O 132 -24.35 -24.56 22.85
CA LEU O 132 -24.53 -23.54 21.82
C LEU O 132 -25.93 -22.95 21.85
N ASP O 133 -26.93 -23.76 22.24
CA ASP O 133 -28.29 -23.26 22.36
C ASP O 133 -28.41 -22.19 23.44
N LYS O 134 -27.54 -22.23 24.44
CA LYS O 134 -27.57 -21.31 25.57
C LYS O 134 -26.59 -20.17 25.43
N GLY O 135 -26.00 -19.97 24.25
CA GLY O 135 -25.11 -18.85 24.03
C GLY O 135 -23.68 -19.03 24.48
N TYR O 136 -23.28 -20.25 24.83
CA TYR O 136 -21.90 -20.52 25.20
C TYR O 136 -21.03 -20.65 23.95
N ASP O 137 -19.75 -20.32 24.11
CA ASP O 137 -18.75 -20.64 23.09
C ASP O 137 -18.15 -22.00 23.44
N VAL O 138 -18.19 -22.92 22.48
CA VAL O 138 -17.76 -24.30 22.71
C VAL O 138 -16.44 -24.53 21.98
N HIS O 139 -15.42 -24.88 22.75
CA HIS O 139 -14.08 -25.14 22.22
C HIS O 139 -13.80 -26.63 22.38
N VAL O 140 -14.07 -27.40 21.31
CA VAL O 140 -13.86 -28.84 21.36
C VAL O 140 -12.37 -29.13 21.28
N VAL O 141 -11.84 -29.82 22.29
CA VAL O 141 -10.42 -30.17 22.33
C VAL O 141 -10.26 -31.45 21.52
N SER O 142 -9.93 -31.30 20.23
CA SER O 142 -9.92 -32.44 19.32
C SER O 142 -8.94 -33.51 19.77
N ASP O 143 -7.90 -33.11 20.51
CA ASP O 143 -6.95 -34.04 21.10
C ASP O 143 -7.56 -34.95 22.17
N ALA O 144 -8.69 -34.55 22.76
CA ALA O 144 -9.19 -35.16 23.97
C ALA O 144 -10.59 -35.75 23.79
N VAL O 145 -11.01 -35.99 22.55
CA VAL O 145 -12.30 -36.56 22.25
C VAL O 145 -12.11 -37.68 21.24
N SER O 146 -12.91 -38.74 21.37
CA SER O 146 -12.84 -39.86 20.44
C SER O 146 -14.11 -40.67 20.57
N SER O 147 -14.28 -41.60 19.63
CA SER O 147 -15.44 -42.47 19.57
C SER O 147 -14.96 -43.91 19.43
N SER O 148 -15.91 -44.85 19.41
CA SER O 148 -15.56 -46.25 19.23
C SER O 148 -14.95 -46.51 17.85
N THR O 149 -15.23 -45.65 16.87
CA THR O 149 -14.58 -45.73 15.56
C THR O 149 -14.01 -44.38 15.19
N SER O 150 -12.93 -44.42 14.40
CA SER O 150 -12.34 -43.18 13.89
C SER O 150 -13.34 -42.40 13.05
N TYR O 151 -14.20 -43.11 12.30
CA TYR O 151 -15.15 -42.45 11.42
C TYR O 151 -16.10 -41.53 12.20
N ASN O 152 -16.60 -42.01 13.33
CA ASN O 152 -17.54 -41.21 14.10
C ASN O 152 -16.87 -40.10 14.88
N ARG O 153 -15.57 -40.21 15.18
CA ARG O 153 -14.88 -39.07 15.79
C ARG O 153 -14.68 -37.95 14.78
N SER O 154 -14.20 -38.29 13.58
CA SER O 154 -13.99 -37.28 12.54
C SER O 154 -15.31 -36.65 12.11
N MET O 155 -16.35 -37.46 11.90
CA MET O 155 -17.65 -36.92 11.53
C MET O 155 -18.14 -35.93 12.57
N ALA O 156 -18.02 -36.30 13.85
CA ALA O 156 -18.54 -35.47 14.92
C ALA O 156 -17.85 -34.11 14.96
N LEU O 157 -16.54 -34.08 14.72
CA LEU O 157 -15.79 -32.82 14.79
C LEU O 157 -16.31 -31.83 13.75
N GLU O 158 -16.51 -32.30 12.51
CA GLU O 158 -17.06 -31.42 11.50
C GLU O 158 -18.55 -31.17 11.70
N ARG O 159 -19.28 -32.13 12.27
CA ARG O 159 -20.68 -31.89 12.59
C ARG O 159 -20.82 -30.80 13.64
N MET O 160 -19.94 -30.81 14.64
CA MET O 160 -19.93 -29.73 15.64
C MET O 160 -19.44 -28.42 15.04
N ARG O 161 -18.36 -28.47 14.24
CA ARG O 161 -17.85 -27.23 13.64
C ARG O 161 -18.91 -26.57 12.78
N GLN O 162 -19.71 -27.38 12.08
CA GLN O 162 -20.77 -26.86 11.23
C GLN O 162 -21.84 -26.11 12.02
N SER O 163 -21.97 -26.40 13.32
CA SER O 163 -22.93 -25.72 14.18
C SER O 163 -22.32 -24.51 14.91
N GLY O 164 -21.06 -24.18 14.65
CA GLY O 164 -20.42 -23.05 15.28
C GLY O 164 -19.38 -23.38 16.34
N ALA O 165 -19.19 -24.64 16.71
CA ALA O 165 -18.18 -24.99 17.68
C ALA O 165 -16.78 -24.77 17.12
N TYR O 166 -15.86 -24.41 18.01
CA TYR O 166 -14.46 -24.20 17.65
C TYR O 166 -13.68 -25.49 17.92
N ILE O 167 -13.05 -26.03 16.87
CA ILE O 167 -12.28 -27.25 16.98
C ILE O 167 -10.83 -26.88 17.26
N THR O 168 -10.42 -27.01 18.51
CA THR O 168 -9.09 -26.61 18.95
C THR O 168 -8.29 -27.87 19.31
N SER O 169 -7.11 -27.67 19.89
CA SER O 169 -6.29 -28.77 20.38
C SER O 169 -5.76 -28.42 21.76
N VAL O 170 -5.11 -29.41 22.39
CA VAL O 170 -4.62 -29.22 23.76
C VAL O 170 -3.66 -28.04 23.83
N GLU O 171 -2.62 -28.06 22.99
CA GLU O 171 -1.64 -26.98 23.01
C GLU O 171 -2.24 -25.66 22.57
N SER O 172 -3.06 -25.69 21.51
CA SER O 172 -3.62 -24.46 20.98
C SER O 172 -4.50 -23.77 22.01
N ALA O 173 -5.40 -24.54 22.64
CA ALA O 173 -6.30 -23.98 23.65
C ALA O 173 -5.52 -23.47 24.86
N ILE O 174 -4.54 -24.24 25.33
CA ILE O 174 -3.79 -23.82 26.52
C ILE O 174 -3.00 -22.54 26.22
N PHE O 175 -2.37 -22.47 25.05
CA PHE O 175 -1.59 -21.29 24.71
C PHE O 175 -2.47 -20.10 24.37
N GLN O 176 -3.74 -20.32 24.05
CA GLN O 176 -4.67 -19.21 23.96
C GLN O 176 -4.97 -18.64 25.34
N LEU O 177 -5.15 -19.52 26.34
CA LEU O 177 -5.46 -19.07 27.69
C LEU O 177 -4.33 -18.25 28.28
N ALA O 178 -3.10 -18.77 28.22
CA ALA O 178 -1.96 -17.90 28.42
C ALA O 178 -1.85 -16.94 27.25
N ASN O 179 -1.33 -15.76 27.48
CA ASN O 179 -1.25 -14.82 26.37
C ASN O 179 0.17 -14.36 26.07
N ASP O 180 0.94 -14.04 27.10
CA ASP O 180 2.35 -13.66 26.98
C ASP O 180 3.19 -14.70 27.69
N ALA O 181 4.41 -14.91 27.21
CA ALA O 181 5.38 -15.68 27.95
C ALA O 181 6.00 -14.89 29.10
N SER O 182 5.69 -13.59 29.20
CA SER O 182 6.12 -12.75 30.32
C SER O 182 5.19 -12.84 31.53
N ASN O 183 4.05 -13.50 31.39
CA ASN O 183 3.13 -13.70 32.50
C ASN O 183 3.77 -14.60 33.57
N PRO O 184 3.41 -14.40 34.84
CA PRO O 184 4.03 -15.23 35.91
C PRO O 184 3.79 -16.72 35.76
N GLU O 185 2.64 -17.11 35.21
CA GLU O 185 2.28 -18.51 35.12
C GLU O 185 2.90 -19.23 33.93
N PHE O 186 3.66 -18.53 33.09
CA PHE O 186 4.10 -19.13 31.84
C PHE O 186 5.11 -20.26 32.06
N LYS O 187 6.09 -20.06 32.96
CA LYS O 187 7.13 -21.07 33.11
C LYS O 187 6.55 -22.41 33.55
N ILE O 188 5.62 -22.40 34.51
CA ILE O 188 4.99 -23.65 34.92
C ILE O 188 4.09 -24.21 33.83
N ILE O 189 3.45 -23.34 33.03
CA ILE O 189 2.66 -23.83 31.91
C ILE O 189 3.58 -24.43 30.85
N SER O 190 4.71 -23.78 30.58
CA SER O 190 5.68 -24.33 29.62
C SER O 190 6.15 -25.70 30.07
N LYS O 191 6.34 -25.88 31.38
CA LYS O 191 6.73 -27.18 31.93
C LYS O 191 5.67 -28.24 31.66
N LEU O 192 4.40 -27.89 31.84
CA LEU O 192 3.33 -28.84 31.57
C LEU O 192 3.26 -29.20 30.08
N ILE O 193 3.45 -28.20 29.21
CA ILE O 193 3.40 -28.46 27.77
C ILE O 193 4.55 -29.38 27.34
N LYS O 194 5.75 -29.14 27.87
CA LYS O 194 6.91 -29.93 27.46
C LYS O 194 6.74 -31.40 27.86
N GLU O 195 6.21 -31.64 29.06
CA GLU O 195 5.88 -33.00 29.51
C GLU O 195 4.81 -33.63 28.62
N HIS O 196 3.80 -32.84 28.24
CA HIS O 196 2.74 -33.35 27.37
C HIS O 196 3.28 -33.80 26.02
N LEU O 197 4.24 -33.05 25.48
CA LEU O 197 4.82 -33.39 24.18
C LEU O 197 5.66 -34.66 24.23
N LYS O 198 6.06 -35.13 25.41
CA LYS O 198 6.96 -36.28 25.47
C LYS O 198 6.31 -37.54 24.91
N VAL O 199 5.04 -37.75 25.19
CA VAL O 199 4.32 -38.90 24.65
C VAL O 199 3.68 -38.49 23.33
N GLY O 200 3.69 -39.42 22.37
CA GLY O 200 3.16 -39.11 21.06
C GLY O 200 1.65 -38.98 21.05
N ASN O 201 1.16 -38.22 20.08
CA ASN O 201 -0.26 -38.02 19.85
C ASN O 201 -0.75 -39.11 18.88
N GLY O 202 -1.61 -40.00 19.37
CA GLY O 202 -2.08 -41.11 18.55
C GLY O 202 -2.93 -40.70 17.36
N PHE O 203 -3.43 -39.46 17.36
CA PHE O 203 -4.20 -38.95 16.24
C PHE O 203 -3.33 -38.35 15.14
N ASP O 204 -2.02 -38.22 15.35
CA ASP O 204 -1.13 -37.61 14.37
C ASP O 204 -0.59 -38.70 13.45
N THR O 205 -1.31 -38.96 12.36
CA THR O 205 -0.90 -39.99 11.41
C THR O 205 -0.61 -39.38 10.03
N LYS P 8 -30.44 -17.93 2.11
CA LYS P 8 -30.13 -19.34 1.87
C LYS P 8 -29.17 -19.49 0.68
N ARG P 9 -28.34 -20.54 0.73
CA ARG P 9 -27.36 -20.84 -0.32
C ARG P 9 -27.59 -22.28 -0.80
N LEU P 10 -28.51 -22.45 -1.74
CA LEU P 10 -28.91 -23.77 -2.18
C LEU P 10 -28.16 -24.24 -3.41
N GLY P 11 -27.83 -23.33 -4.33
CA GLY P 11 -27.12 -23.71 -5.55
C GLY P 11 -27.94 -24.53 -6.52
N HIS P 12 -29.22 -24.20 -6.69
CA HIS P 12 -30.02 -24.85 -7.72
C HIS P 12 -29.46 -24.52 -9.09
N LEU P 13 -29.69 -25.43 -10.04
CA LEU P 13 -29.19 -25.27 -11.40
C LEU P 13 -30.34 -25.41 -12.36
N LEU P 14 -30.60 -24.36 -13.15
CA LEU P 14 -31.63 -24.39 -14.17
C LEU P 14 -31.00 -24.07 -15.52
N PRO P 15 -31.32 -24.83 -16.57
CA PRO P 15 -30.65 -24.59 -17.86
C PRO P 15 -30.85 -23.19 -18.41
N GLN P 16 -32.04 -22.61 -18.22
CA GLN P 16 -32.33 -21.29 -18.77
C GLN P 16 -31.46 -20.20 -18.15
N SER P 17 -31.01 -20.38 -16.90
CA SER P 17 -30.23 -19.38 -16.21
C SER P 17 -28.77 -19.78 -16.03
N SER P 18 -28.32 -20.84 -16.71
CA SER P 18 -26.99 -21.38 -16.52
C SER P 18 -26.13 -21.12 -17.76
N ILE P 19 -24.83 -20.98 -17.52
CA ILE P 19 -23.86 -20.77 -18.60
C ILE P 19 -22.57 -21.51 -18.24
N LEU P 20 -21.92 -22.08 -19.25
CA LEU P 20 -20.71 -22.87 -19.06
C LEU P 20 -19.48 -22.02 -19.34
N PHE P 21 -18.57 -21.97 -18.37
CA PHE P 21 -17.31 -21.25 -18.48
C PHE P 21 -16.18 -22.26 -18.60
N VAL P 22 -15.31 -22.06 -19.61
CA VAL P 22 -14.12 -22.88 -19.81
C VAL P 22 -12.92 -21.95 -19.71
N CYS P 23 -12.01 -22.25 -18.77
CA CYS P 23 -10.91 -21.34 -18.41
C CYS P 23 -9.57 -21.90 -18.88
N ASP P 24 -9.05 -21.33 -19.97
CA ASP P 24 -7.61 -21.42 -20.33
C ASP P 24 -7.09 -22.85 -20.36
N VAL P 25 -7.83 -23.75 -20.99
CA VAL P 25 -7.37 -25.14 -21.17
C VAL P 25 -6.62 -25.16 -22.50
N GLN P 26 -5.34 -24.82 -22.45
CA GLN P 26 -4.54 -24.60 -23.65
C GLN P 26 -3.38 -25.59 -23.73
N GLU P 27 -2.73 -25.59 -24.89
CA GLU P 27 -1.69 -26.57 -25.19
C GLU P 27 -0.52 -26.47 -24.22
N VAL P 28 -0.25 -25.27 -23.68
CA VAL P 28 0.91 -25.08 -22.81
C VAL P 28 0.82 -25.98 -21.59
N PHE P 29 -0.39 -26.24 -21.10
CA PHE P 29 -0.57 -26.97 -19.85
C PHE P 29 -0.52 -28.48 -20.05
N ARG P 30 -0.24 -28.97 -21.26
CA ARG P 30 -0.24 -30.40 -21.49
C ARG P 30 0.87 -31.13 -20.74
N GLY P 31 1.91 -30.43 -20.32
CA GLY P 31 2.94 -31.06 -19.53
C GLY P 31 3.11 -30.42 -18.16
N LEU P 32 2.06 -29.77 -17.67
CA LEU P 32 2.17 -29.08 -16.37
C LEU P 32 1.08 -29.49 -15.40
N THR P 33 -0.12 -29.75 -15.89
CA THR P 33 -1.31 -29.86 -15.03
C THR P 33 -1.47 -31.28 -14.48
N PHE P 34 -1.72 -31.35 -13.17
CA PHE P 34 -2.02 -32.61 -12.50
C PHE P 34 -3.34 -33.19 -12.99
N GLN P 35 -3.32 -34.46 -13.39
CA GLN P 35 -4.51 -35.18 -13.88
C GLN P 35 -5.15 -34.48 -15.08
N LEU P 36 -4.32 -33.94 -15.96
CA LEU P 36 -4.84 -33.22 -17.12
C LEU P 36 -5.79 -34.04 -17.99
N PRO P 37 -5.58 -35.34 -18.24
CA PRO P 37 -6.57 -36.07 -19.05
C PRO P 37 -7.97 -36.01 -18.48
N THR P 38 -8.12 -36.14 -17.16
CA THR P 38 -9.45 -36.06 -16.57
C THR P 38 -10.05 -34.67 -16.74
N VAL P 39 -9.23 -33.62 -16.64
CA VAL P 39 -9.75 -32.27 -16.79
C VAL P 39 -10.27 -32.06 -18.20
N ILE P 40 -9.49 -32.47 -19.19
CA ILE P 40 -9.93 -32.34 -20.59
C ILE P 40 -11.19 -33.16 -20.83
N HIS P 41 -11.18 -34.42 -20.39
CA HIS P 41 -12.33 -35.29 -20.61
C HIS P 41 -13.59 -34.75 -19.92
N SER P 42 -13.45 -34.30 -18.67
CA SER P 42 -14.60 -33.78 -17.94
C SER P 42 -15.13 -32.49 -18.57
N THR P 43 -14.23 -31.60 -19.02
CA THR P 43 -14.68 -30.38 -19.67
C THR P 43 -15.41 -30.68 -20.97
N ASN P 44 -14.94 -31.66 -21.74
CA ASN P 44 -15.63 -32.03 -22.96
C ASN P 44 -17.03 -32.54 -22.68
N THR P 45 -17.19 -33.30 -21.59
CA THR P 45 -18.53 -33.76 -21.23
C THR P 45 -19.45 -32.58 -20.93
N MET P 46 -18.93 -31.56 -20.24
CA MET P 46 -19.76 -30.40 -19.94
C MET P 46 -20.02 -29.56 -21.19
N VAL P 47 -19.05 -29.48 -22.10
CA VAL P 47 -19.31 -28.83 -23.38
C VAL P 47 -20.38 -29.59 -24.15
N SER P 48 -20.28 -30.93 -24.16
CA SER P 48 -21.30 -31.74 -24.83
C SER P 48 -22.66 -31.58 -24.18
N ALA P 49 -22.69 -31.55 -22.85
CA ALA P 49 -23.96 -31.36 -22.14
C ALA P 49 -24.54 -29.98 -22.41
N ALA P 50 -23.69 -28.95 -22.48
CA ALA P 50 -24.19 -27.60 -22.73
C ALA P 50 -24.92 -27.52 -24.06
N LYS P 51 -24.55 -28.37 -25.03
CA LYS P 51 -25.29 -28.43 -26.28
C LYS P 51 -26.65 -29.09 -26.09
N LEU P 52 -26.69 -30.18 -25.33
CA LEU P 52 -27.95 -30.87 -25.09
C LEU P 52 -28.94 -29.98 -24.33
N LEU P 53 -28.47 -29.28 -23.29
CA LEU P 53 -29.32 -28.40 -22.50
C LEU P 53 -29.45 -26.99 -23.07
N ASN P 54 -28.95 -26.75 -24.29
CA ASN P 54 -28.98 -25.41 -24.90
C ASN P 54 -28.30 -24.38 -24.01
N LEU P 55 -27.15 -24.74 -23.46
CA LEU P 55 -26.45 -23.78 -22.62
C LEU P 55 -25.43 -22.99 -23.44
N PRO P 56 -25.36 -21.68 -23.25
CA PRO P 56 -24.26 -20.92 -23.86
C PRO P 56 -22.94 -21.27 -23.20
N VAL P 57 -21.87 -21.13 -23.97
CA VAL P 57 -20.52 -21.46 -23.52
C VAL P 57 -19.62 -20.25 -23.76
N VAL P 58 -18.85 -19.89 -22.73
CA VAL P 58 -17.85 -18.84 -22.84
C VAL P 58 -16.49 -19.48 -22.59
N VAL P 59 -15.62 -19.41 -23.58
CA VAL P 59 -14.29 -20.00 -23.53
C VAL P 59 -13.27 -18.89 -23.57
N THR P 60 -12.19 -19.04 -22.81
CA THR P 60 -11.18 -18.02 -22.70
C THR P 60 -9.80 -18.63 -22.93
N THR P 61 -8.90 -17.81 -23.45
CA THR P 61 -7.50 -18.17 -23.60
C THR P 61 -6.63 -17.10 -22.97
N GLN P 62 -5.58 -17.53 -22.26
CA GLN P 62 -4.59 -16.63 -21.69
C GLN P 62 -3.39 -16.58 -22.62
N TYR P 63 -3.10 -15.40 -23.17
CA TYR P 63 -1.96 -15.17 -24.04
C TYR P 63 -1.89 -16.21 -25.15
N GLY P 64 -2.93 -16.22 -25.99
CA GLY P 64 -3.01 -17.20 -27.06
C GLY P 64 -1.83 -17.15 -28.01
N SER P 65 -1.20 -15.99 -28.14
CA SER P 65 -0.05 -15.86 -29.04
C SER P 65 1.12 -16.73 -28.58
N ARG P 66 1.35 -16.79 -27.27
CA ARG P 66 2.46 -17.56 -26.72
C ARG P 66 2.00 -18.87 -26.08
N LEU P 67 0.95 -18.83 -25.29
CA LEU P 67 0.52 -20.02 -24.56
C LEU P 67 -0.37 -20.94 -25.39
N GLY P 68 -0.74 -20.55 -26.60
CA GLY P 68 -1.44 -21.43 -27.51
C GLY P 68 -2.95 -21.35 -27.40
N SER P 69 -3.61 -22.03 -28.34
CA SER P 69 -5.06 -22.07 -28.41
C SER P 69 -5.61 -23.17 -27.49
N THR P 70 -6.94 -23.21 -27.37
CA THR P 70 -7.59 -24.27 -26.61
C THR P 70 -7.24 -25.62 -27.22
N VAL P 71 -7.06 -26.62 -26.35
CA VAL P 71 -6.62 -27.94 -26.81
C VAL P 71 -7.60 -28.50 -27.84
N SER P 72 -7.06 -29.26 -28.80
CA SER P 72 -7.84 -29.68 -29.96
C SER P 72 -9.00 -30.59 -29.55
N GLU P 73 -8.86 -31.36 -28.47
CA GLU P 73 -9.94 -32.23 -28.01
C GLU P 73 -11.19 -31.43 -27.71
N ILE P 74 -11.04 -30.31 -27.00
CA ILE P 74 -12.20 -29.49 -26.66
C ILE P 74 -12.62 -28.62 -27.84
N SER P 75 -11.64 -28.08 -28.57
CA SER P 75 -11.96 -27.22 -29.71
C SER P 75 -12.78 -27.96 -30.75
N LYS P 76 -12.47 -29.24 -30.98
CA LYS P 76 -13.27 -30.05 -31.89
C LYS P 76 -14.72 -30.16 -31.42
N ASN P 77 -14.92 -30.31 -30.11
CA ASN P 77 -16.26 -30.42 -29.55
C ASN P 77 -16.97 -29.07 -29.55
N LEU P 78 -16.22 -27.97 -29.45
CA LEU P 78 -16.81 -26.63 -29.47
C LEU P 78 -17.29 -26.20 -30.84
N GLU P 79 -16.96 -26.96 -31.91
CA GLU P 79 -17.23 -26.49 -33.27
C GLU P 79 -18.72 -26.33 -33.53
N ASN P 80 -19.54 -27.27 -33.05
CA ASN P 80 -20.95 -27.32 -33.39
C ASN P 80 -21.85 -26.86 -32.24
N VAL P 81 -21.30 -26.17 -31.25
CA VAL P 81 -22.11 -25.57 -30.19
C VAL P 81 -22.78 -24.32 -30.72
N ASN P 82 -24.01 -24.08 -30.28
CA ASN P 82 -24.80 -22.98 -30.83
C ASN P 82 -24.27 -21.63 -30.37
N ASP P 83 -24.21 -21.41 -29.06
CA ASP P 83 -23.80 -20.12 -28.50
C ASP P 83 -22.42 -20.29 -27.86
N VAL P 84 -21.39 -19.89 -28.58
CA VAL P 84 -20.00 -19.99 -28.11
C VAL P 84 -19.27 -18.71 -28.47
N LYS P 85 -18.54 -18.15 -27.50
CA LYS P 85 -17.65 -17.03 -27.75
C LYS P 85 -16.31 -17.32 -27.10
N ILE P 86 -15.22 -16.96 -27.80
CA ILE P 86 -13.85 -17.17 -27.33
C ILE P 86 -13.21 -15.80 -27.14
N PHE P 87 -12.61 -15.58 -25.98
CA PHE P 87 -11.98 -14.31 -25.64
C PHE P 87 -10.55 -14.54 -25.22
N ASP P 88 -9.63 -13.77 -25.81
CA ASP P 88 -8.23 -13.78 -25.40
C ASP P 88 -7.99 -12.69 -24.36
N LYS P 89 -7.19 -13.02 -23.35
CA LYS P 89 -7.04 -12.13 -22.20
C LYS P 89 -5.62 -12.17 -21.67
N MET P 90 -5.24 -11.07 -21.01
CA MET P 90 -4.04 -10.99 -20.20
C MET P 90 -4.35 -11.09 -18.72
N LYS P 91 -5.51 -10.59 -18.29
CA LYS P 91 -5.93 -10.70 -16.91
C LYS P 91 -6.25 -12.16 -16.59
N PHE P 92 -5.88 -12.59 -15.38
CA PHE P 92 -6.10 -13.99 -15.01
C PHE P 92 -7.58 -14.32 -14.91
N SER P 93 -8.38 -13.42 -14.36
CA SER P 93 -9.81 -13.67 -14.26
C SER P 93 -10.46 -13.65 -15.65
N MET P 94 -11.52 -14.44 -15.79
CA MET P 94 -12.26 -14.45 -17.05
C MET P 94 -13.14 -13.21 -17.23
N LEU P 95 -13.47 -12.53 -16.14
CA LEU P 95 -14.40 -11.40 -16.19
C LEU P 95 -13.69 -10.13 -16.70
N VAL P 96 -13.16 -10.24 -17.92
CA VAL P 96 -12.58 -9.10 -18.63
C VAL P 96 -13.75 -8.29 -19.20
N PRO P 97 -13.58 -7.01 -19.56
CA PRO P 97 -14.75 -6.24 -20.01
C PRO P 97 -15.44 -6.82 -21.24
N GLU P 98 -14.70 -7.45 -22.15
CA GLU P 98 -15.31 -8.07 -23.32
C GLU P 98 -16.27 -9.18 -22.93
N VAL P 99 -15.95 -9.93 -21.87
CA VAL P 99 -16.85 -10.99 -21.40
C VAL P 99 -17.97 -10.41 -20.55
N GLU P 100 -17.66 -9.42 -19.72
CA GLU P 100 -18.67 -8.82 -18.85
C GLU P 100 -19.81 -8.26 -19.68
N HIS P 101 -19.49 -7.46 -20.70
CA HIS P 101 -20.53 -6.88 -21.54
C HIS P 101 -21.27 -7.96 -22.34
N HIS P 102 -20.58 -9.03 -22.72
CA HIS P 102 -21.26 -10.16 -23.34
C HIS P 102 -22.24 -10.80 -22.36
N LEU P 103 -21.84 -10.93 -21.10
CA LEU P 103 -22.73 -11.50 -20.09
C LEU P 103 -23.96 -10.62 -19.86
N THR P 104 -23.77 -9.31 -19.81
CA THR P 104 -24.87 -8.43 -19.44
C THR P 104 -25.78 -8.11 -20.62
N SER P 105 -25.21 -7.80 -21.78
CA SER P 105 -26.03 -7.38 -22.90
C SER P 105 -26.74 -8.55 -23.59
N ASN P 106 -26.14 -9.74 -23.57
CA ASN P 106 -26.71 -10.88 -24.29
C ASN P 106 -27.42 -11.89 -23.39
N MET P 107 -27.11 -11.93 -22.11
CA MET P 107 -27.72 -12.92 -21.24
C MET P 107 -27.74 -12.47 -19.78
N PRO P 108 -28.43 -11.36 -19.47
CA PRO P 108 -28.46 -10.91 -18.07
C PRO P 108 -29.27 -11.82 -17.15
N GLN P 109 -30.17 -12.63 -17.71
CA GLN P 109 -30.99 -13.53 -16.90
C GLN P 109 -30.23 -14.76 -16.43
N ARG P 110 -29.03 -15.00 -16.93
CA ARG P 110 -28.25 -16.18 -16.59
C ARG P 110 -27.24 -15.81 -15.49
N LYS P 111 -27.49 -16.28 -14.27
CA LYS P 111 -26.64 -15.95 -13.13
C LYS P 111 -26.03 -17.18 -12.48
N SER P 112 -26.13 -18.35 -13.10
CA SER P 112 -25.50 -19.59 -12.64
C SER P 112 -24.38 -19.94 -13.61
N VAL P 113 -23.14 -19.91 -13.12
CA VAL P 113 -21.96 -20.14 -13.94
C VAL P 113 -21.33 -21.46 -13.54
N LEU P 114 -21.20 -22.38 -14.50
CA LEU P 114 -20.46 -23.62 -14.29
C LEU P 114 -19.04 -23.39 -14.77
N LEU P 115 -18.07 -23.62 -13.87
CA LEU P 115 -16.69 -23.22 -14.09
C LEU P 115 -15.81 -24.45 -14.27
N CYS P 116 -15.05 -24.47 -15.36
CA CYS P 116 -14.06 -25.51 -15.63
C CYS P 116 -12.76 -24.85 -16.04
N GLY P 117 -11.66 -25.59 -15.88
CA GLY P 117 -10.44 -25.15 -16.54
C GLY P 117 -9.26 -25.09 -15.58
N ILE P 118 -8.26 -24.32 -16.00
CA ILE P 118 -6.91 -24.34 -15.45
C ILE P 118 -6.42 -22.90 -15.33
N GLU P 119 -5.74 -22.57 -14.23
CA GLU P 119 -5.43 -23.35 -13.02
C GLU P 119 -6.45 -23.06 -11.92
N THR P 120 -6.69 -24.06 -11.07
CA THR P 120 -7.65 -23.91 -9.99
C THR P 120 -7.32 -22.70 -9.13
N HIS P 121 -6.05 -22.59 -8.74
CA HIS P 121 -5.63 -21.56 -7.79
C HIS P 121 -5.27 -20.25 -8.44
N VAL P 122 -5.30 -20.14 -9.78
CA VAL P 122 -4.96 -18.85 -10.39
C VAL P 122 -6.11 -18.26 -11.20
N CYS P 123 -6.43 -18.88 -12.34
CA CYS P 123 -7.42 -18.27 -13.24
C CYS P 123 -8.84 -18.71 -12.90
N VAL P 124 -9.01 -19.97 -12.47
CA VAL P 124 -10.31 -20.42 -12.01
C VAL P 124 -10.74 -19.67 -10.75
N LEU P 125 -9.81 -19.53 -9.79
CA LEU P 125 -10.11 -18.89 -8.52
C LEU P 125 -10.48 -17.42 -8.70
N GLN P 126 -9.68 -16.69 -9.50
CA GLN P 126 -9.91 -15.26 -9.64
C GLN P 126 -11.16 -14.96 -10.45
N THR P 127 -11.47 -15.82 -11.43
CA THR P 127 -12.76 -15.72 -12.10
C THR P 127 -13.89 -15.94 -11.10
N CYS P 128 -13.75 -16.95 -10.25
CA CYS P 128 -14.79 -17.27 -9.29
C CYS P 128 -15.05 -16.12 -8.33
N LEU P 129 -14.00 -15.47 -7.85
CA LEU P 129 -14.18 -14.36 -6.92
C LEU P 129 -14.83 -13.16 -7.61
N ASP P 130 -14.45 -12.87 -8.85
CA ASP P 130 -15.05 -11.74 -9.56
C ASP P 130 -16.52 -12.01 -9.86
N LEU P 131 -16.87 -13.25 -10.20
CA LEU P 131 -18.26 -13.58 -10.46
C LEU P 131 -19.11 -13.44 -9.21
N LEU P 132 -18.58 -13.88 -8.06
CA LEU P 132 -19.31 -13.74 -6.80
C LEU P 132 -19.53 -12.27 -6.45
N ASP P 133 -18.54 -11.41 -6.73
CA ASP P 133 -18.67 -9.99 -6.46
C ASP P 133 -19.82 -9.36 -7.23
N LYS P 134 -20.21 -9.93 -8.37
CA LYS P 134 -21.27 -9.39 -9.21
C LYS P 134 -22.60 -10.11 -9.03
N GLY P 135 -22.74 -10.95 -8.00
CA GLY P 135 -24.00 -11.60 -7.72
C GLY P 135 -24.27 -12.87 -8.50
N TYR P 136 -23.27 -13.42 -9.17
CA TYR P 136 -23.41 -14.69 -9.85
C TYR P 136 -23.27 -15.85 -8.87
N ASP P 137 -23.94 -16.95 -9.17
CA ASP P 137 -23.72 -18.22 -8.49
C ASP P 137 -22.63 -18.96 -9.24
N VAL P 138 -21.56 -19.35 -8.53
CA VAL P 138 -20.43 -20.04 -9.14
C VAL P 138 -20.50 -21.51 -8.74
N HIS P 139 -20.51 -22.38 -9.75
CA HIS P 139 -20.51 -23.83 -9.56
C HIS P 139 -19.21 -24.36 -10.13
N VAL P 140 -18.25 -24.63 -9.25
CA VAL P 140 -16.93 -25.11 -9.66
C VAL P 140 -17.04 -26.61 -9.93
N VAL P 141 -16.88 -26.99 -11.20
CA VAL P 141 -16.92 -28.41 -11.57
C VAL P 141 -15.56 -28.99 -11.15
N SER P 142 -15.51 -29.58 -9.97
CA SER P 142 -14.23 -30.02 -9.42
C SER P 142 -13.58 -31.11 -10.25
N ASP P 143 -14.36 -31.90 -11.00
CA ASP P 143 -13.80 -32.88 -11.93
C ASP P 143 -13.07 -32.24 -13.08
N ALA P 144 -13.36 -30.96 -13.39
CA ALA P 144 -12.85 -30.32 -14.59
C ALA P 144 -11.95 -29.13 -14.27
N VAL P 145 -11.38 -29.10 -13.07
CA VAL P 145 -10.39 -28.08 -12.70
C VAL P 145 -9.21 -28.78 -12.04
N SER P 146 -8.01 -28.27 -12.31
CA SER P 146 -6.79 -28.80 -11.70
C SER P 146 -5.70 -27.74 -11.79
N SER P 147 -4.60 -28.00 -11.10
CA SER P 147 -3.43 -27.13 -11.07
C SER P 147 -2.18 -27.96 -11.34
N SER P 148 -1.02 -27.29 -11.31
CA SER P 148 0.23 -28.00 -11.51
C SER P 148 0.51 -28.99 -10.39
N THR P 149 0.03 -28.72 -9.17
CA THR P 149 0.14 -29.65 -8.06
C THR P 149 -1.23 -29.96 -7.48
N SER P 150 -1.37 -31.19 -6.98
CA SER P 150 -2.58 -31.58 -6.27
C SER P 150 -2.84 -30.67 -5.08
N TYR P 151 -1.79 -30.21 -4.39
CA TYR P 151 -1.97 -29.38 -3.20
C TYR P 151 -2.69 -28.08 -3.53
N ASN P 152 -2.32 -27.43 -4.64
CA ASN P 152 -2.91 -26.14 -4.98
C ASN P 152 -4.32 -26.29 -5.55
N ARG P 153 -4.63 -27.43 -6.17
CA ARG P 153 -6.01 -27.70 -6.57
C ARG P 153 -6.90 -27.88 -5.35
N SER P 154 -6.46 -28.68 -4.38
CA SER P 154 -7.26 -28.93 -3.18
C SER P 154 -7.45 -27.64 -2.38
N MET P 155 -6.38 -26.86 -2.22
CA MET P 155 -6.52 -25.59 -1.50
C MET P 155 -7.49 -24.66 -2.21
N ALA P 156 -7.38 -24.56 -3.53
CA ALA P 156 -8.24 -23.64 -4.29
C ALA P 156 -9.70 -24.04 -4.20
N LEU P 157 -9.99 -25.34 -4.18
CA LEU P 157 -11.38 -25.78 -4.09
C LEU P 157 -12.03 -25.30 -2.79
N GLU P 158 -11.32 -25.47 -1.67
CA GLU P 158 -11.85 -25.01 -0.39
C GLU P 158 -11.76 -23.49 -0.22
N ARG P 159 -10.75 -22.86 -0.82
CA ARG P 159 -10.68 -21.41 -0.80
C ARG P 159 -11.86 -20.78 -1.53
N MET P 160 -12.28 -21.41 -2.63
CA MET P 160 -13.46 -20.94 -3.36
C MET P 160 -14.73 -21.24 -2.57
N ARG P 161 -14.80 -22.40 -1.92
CA ARG P 161 -15.95 -22.74 -1.09
C ARG P 161 -16.10 -21.78 0.09
N GLN P 162 -14.97 -21.30 0.63
CA GLN P 162 -15.01 -20.29 1.69
C GLN P 162 -15.85 -19.09 1.29
N SER P 163 -15.72 -18.64 0.04
CA SER P 163 -16.35 -17.42 -0.43
C SER P 163 -17.78 -17.62 -0.91
N GLY P 164 -18.28 -18.86 -0.90
CA GLY P 164 -19.65 -19.14 -1.29
C GLY P 164 -19.81 -19.92 -2.59
N ALA P 165 -18.71 -20.28 -3.25
CA ALA P 165 -18.81 -21.05 -4.48
C ALA P 165 -19.24 -22.48 -4.19
N TYR P 166 -20.13 -22.99 -5.02
CA TYR P 166 -20.60 -24.38 -4.88
C TYR P 166 -19.61 -25.32 -5.58
N ILE P 167 -19.11 -26.29 -4.83
CA ILE P 167 -18.15 -27.27 -5.35
C ILE P 167 -18.95 -28.50 -5.79
N THR P 168 -19.07 -28.68 -7.10
CA THR P 168 -19.89 -29.74 -7.67
C THR P 168 -19.01 -30.70 -8.49
N SER P 169 -19.66 -31.59 -9.24
CA SER P 169 -18.97 -32.54 -10.12
C SER P 169 -19.69 -32.61 -11.45
N VAL P 170 -19.04 -33.28 -12.41
CA VAL P 170 -19.57 -33.38 -13.77
C VAL P 170 -20.92 -34.07 -13.77
N GLU P 171 -21.01 -35.25 -13.12
CA GLU P 171 -22.28 -35.94 -13.05
C GLU P 171 -23.30 -35.16 -12.25
N SER P 172 -22.88 -34.63 -11.09
CA SER P 172 -23.83 -33.95 -10.21
C SER P 172 -24.40 -32.70 -10.86
N ALA P 173 -23.56 -31.93 -11.56
CA ALA P 173 -24.04 -30.72 -12.22
C ALA P 173 -24.96 -31.06 -13.39
N ILE P 174 -24.59 -32.05 -14.20
CA ILE P 174 -25.42 -32.42 -15.34
C ILE P 174 -26.78 -32.94 -14.86
N PHE P 175 -26.77 -33.80 -13.85
CA PHE P 175 -28.02 -34.31 -13.30
C PHE P 175 -28.76 -33.28 -12.47
N GLN P 176 -28.17 -32.13 -12.18
CA GLN P 176 -28.94 -31.01 -11.63
C GLN P 176 -29.65 -30.26 -12.75
N LEU P 177 -28.93 -29.93 -13.81
CA LEU P 177 -29.53 -29.27 -14.97
C LEU P 177 -30.62 -30.11 -15.58
N ALA P 178 -30.36 -31.41 -15.75
CA ALA P 178 -31.46 -32.35 -15.95
C ALA P 178 -32.22 -32.50 -14.64
N ASN P 179 -33.48 -32.56 -14.72
CA ASN P 179 -34.19 -32.60 -13.44
C ASN P 179 -35.09 -33.82 -13.32
N ASP P 180 -35.71 -34.24 -14.43
CA ASP P 180 -36.65 -35.34 -14.47
C ASP P 180 -36.17 -36.32 -15.54
N ALA P 181 -36.10 -37.60 -15.19
CA ALA P 181 -35.72 -38.62 -16.16
C ALA P 181 -36.76 -38.77 -17.27
N SER P 182 -38.00 -38.34 -17.04
CA SER P 182 -39.03 -38.37 -18.07
C SER P 182 -38.95 -37.22 -19.05
N ASN P 183 -38.05 -36.27 -18.82
CA ASN P 183 -37.84 -35.19 -19.78
C ASN P 183 -37.39 -35.77 -21.11
N PRO P 184 -37.83 -35.21 -22.24
CA PRO P 184 -37.51 -35.82 -23.54
C PRO P 184 -36.02 -35.83 -23.85
N GLU P 185 -35.23 -34.97 -23.20
CA GLU P 185 -33.79 -34.91 -23.46
C GLU P 185 -32.98 -35.84 -22.57
N PHE P 186 -33.62 -36.59 -21.67
CA PHE P 186 -32.84 -37.37 -20.71
C PHE P 186 -32.11 -38.53 -21.38
N LYS P 187 -32.76 -39.21 -22.32
CA LYS P 187 -32.16 -40.42 -22.90
C LYS P 187 -30.86 -40.10 -23.62
N ILE P 188 -30.75 -38.92 -24.23
CA ILE P 188 -29.48 -38.55 -24.85
C ILE P 188 -28.48 -38.06 -23.81
N ILE P 189 -28.97 -37.48 -22.71
CA ILE P 189 -28.08 -37.13 -21.60
C ILE P 189 -27.54 -38.39 -20.94
N SER P 190 -28.41 -39.38 -20.72
CA SER P 190 -27.98 -40.64 -20.12
C SER P 190 -26.91 -41.31 -20.97
N LYS P 191 -27.07 -41.26 -22.30
CA LYS P 191 -26.06 -41.80 -23.18
C LYS P 191 -24.73 -41.06 -23.01
N LEU P 192 -24.78 -39.74 -22.89
CA LEU P 192 -23.56 -38.97 -22.64
C LEU P 192 -22.92 -39.37 -21.32
N ILE P 193 -23.73 -39.54 -20.27
CA ILE P 193 -23.20 -39.94 -18.97
C ILE P 193 -22.60 -41.33 -19.05
N LYS P 194 -23.26 -42.24 -19.78
CA LYS P 194 -22.75 -43.61 -19.93
C LYS P 194 -21.39 -43.61 -20.61
N GLU P 195 -21.22 -42.79 -21.65
CA GLU P 195 -19.93 -42.67 -22.31
C GLU P 195 -18.90 -41.99 -21.41
N HIS P 196 -19.34 -41.06 -20.56
CA HIS P 196 -18.41 -40.38 -19.67
C HIS P 196 -17.87 -41.32 -18.61
N LEU P 197 -18.66 -42.30 -18.17
CA LEU P 197 -18.23 -43.22 -17.13
C LEU P 197 -17.33 -44.34 -17.66
N LYS P 198 -17.13 -44.43 -18.98
CA LYS P 198 -16.33 -45.52 -19.54
C LYS P 198 -14.85 -45.39 -19.20
N VAL P 199 -14.38 -44.17 -18.94
CA VAL P 199 -13.00 -43.92 -18.54
C VAL P 199 -13.01 -43.41 -17.10
N GLY P 200 -12.22 -44.05 -16.24
CA GLY P 200 -12.28 -43.75 -14.81
C GLY P 200 -11.80 -42.34 -14.51
N ASN P 201 -12.45 -41.73 -13.52
CA ASN P 201 -12.06 -40.40 -13.04
C ASN P 201 -10.71 -40.48 -12.34
N GLY P 202 -9.77 -39.64 -12.78
CA GLY P 202 -8.42 -39.68 -12.23
C GLY P 202 -8.32 -39.20 -10.79
N PHE P 203 -9.27 -38.37 -10.35
CA PHE P 203 -9.26 -37.88 -8.98
C PHE P 203 -9.90 -38.86 -8.00
N ASP P 204 -10.38 -40.01 -8.48
CA ASP P 204 -11.07 -40.97 -7.63
C ASP P 204 -10.03 -41.87 -6.98
N THR P 205 -9.48 -41.39 -5.87
CA THR P 205 -8.45 -42.13 -5.13
C THR P 205 -8.89 -42.42 -3.69
#